data_8DY7
#
_entry.id   8DY7
#
_cell.length_a   1.00
_cell.length_b   1.00
_cell.length_c   1.00
_cell.angle_alpha   90.00
_cell.angle_beta   90.00
_cell.angle_gamma   90.00
#
_symmetry.space_group_name_H-M   'P 1'
#
loop_
_entity.id
_entity.type
_entity.pdbx_description
1 polymer 'DNA-directed RNA polymerase subunit alpha'
2 polymer 'DNA-directed RNA polymerase subunit beta'
3 polymer "DNA-directed RNA polymerase subunit beta'"
4 polymer 'DNA-directed RNA polymerase subunit omega'
5 polymer 'RNA polymerase sigma factor SigA'
6 polymer 'RNA polymerase-binding protein RbpA'
7 polymer 'Transcriptional regulator WhiB'
8 polymer 'Probable cell division protein WhiA'
9 polymer 'DNA (78-MER)'
10 polymer 'DNA (71-MER)'
11 non-polymer 'ZINC ION'
12 non-polymer 'MAGNESIUM ION'
13 non-polymer 'IRON/SULFUR CLUSTER'
#
loop_
_entity_poly.entity_id
_entity_poly.type
_entity_poly.pdbx_seq_one_letter_code
_entity_poly.pdbx_strand_id
1 'polypeptide(L)'
;MLIAQRPSLTEEVVDEFRSRFVIEPLEPGFGYTLGNSLRRTLLSSIPGAAVTSIRIDGVLHEFTTVPGVKEDVTDLILNI
KQLVVSSEHDEPVVMYLRKQGPGLVTAADIAPPAGVEVHNPDLVLATLNGKGKLEMELTVERGRGYVSAVQNKQVGQEIG
RIPVDSIYSPVLKVTYKVEATRVEQRTDFDKLIVDVETKQAMRPRDAMASAGKTLVELFGLARELNIDAEGIDMGPSPTD
AALAADLALPIEELELTVRSYNCLKREGIHSVGELVARSEADLLDIRNFGAKSIDEVKAKLAGMGLALKDSPPGFDPTAA
ADAFGADDDADAGFVETEQY
;
A,B
2 'polypeptide(L)'
;MQGTGTRVVSPSPRKDPLLAASRNASTNTNNGASTAPLRISFAKIKEPLEVPNLLALQTESFDWLLGNAAWKARVEAALE
SGQDVPTKSGLEEIFEEISPIEDFSGSMSLTFRDHRFEPPKNSIDECKDRDFTYGAPLFVTAEFTNNETGEIKSQTVFMG
DFPLMTNKGTFVINGTERVVVSQLVRSPGVYFDSSIDKTSDKDIFSAKIIPSRGAWLEMEIDKRDLVGVRIDRKRKQSVT
VLLKALGWTTEQILQEFGEYESMRATLEKDHTQGQDDALLDIYRKLRPGEPPTREAAQTLLENLYFNPKRYDLAKVGRYK
VNKKLGADEPLDAGVLTTDDVIATIKYLVKLHAGETETIGENGNEIVVETDDIDHFGNRRLRNVGELIQNQVRTGLARME
RVVRERMTTQDVEAITPQTLINIRPVVASIKEFFGTSQLSQFMDQNNPLSGLTHKRRLSALGPGGLSRERAGFEVRDVHP
SHYGRMCPIETPEGPNIGLIGSLASYGRVNAFGFIETPYRKVVDGQVTDEVDYVTADEEDRFVIAQANAALDEELRFSEN
RVLVRKRGGEVDYVEPSDVDYMDVSPRQMVSVATAMIPFLEHDDANRALMGANMMRQAVPLIKSEAPLVGTGMEYRCATD
AGDVLKAEKDGVVQELSADYITVANDDGTYITYRLHKFSRSNQGTSVNQKVVVDEGDRVIEGQVLADGPATEDGEMALGK
NLLVAFMPWEGHNYEDAIILSQRLVQDDVLSSIHIEEHEVDARDTKLGPEEITRDIPNVSEEVLADLDERGIIRIGAEVV
AGDILVGKVTPKGETELTPEERLLRAIFGEKAREVRDTSLKVPHGEIGKIIGVRVFDREEGDELPPGVNQLVRVYVAQKR
KITDGDKLAGRHGNKGVISKILPIEDMPFLEDGTPVDIILNPLGVPSRMNPGQVLEIHLGWLASRGWDVSGLADEWAQRL
QAIGADKVAPGTNVATPVFDGAREDELAGLLNHTIPNRDGERMVLPTGKARLFDGRSGEPFPDPISVGYMYILKLHHLVD
DKLHARSTGPYSMITQQPLGGKAQFGGQRFGEMEVWALEAYGAAYALQELLTIKSDDVTGRVKVYEAIVKGENIPEPGIP
ESFKVLIKEMQSLCLNVEVLSSDGMSIEMRDTDEDVFRAAEELGIDLSRREPSSVEEV
;
C
3 'polypeptide(L)'
;DDVNFFDELRIGLATADDIRQWSHGEVKKPETINYRTLKPEKDGLFCEKIFGPTRDWECYCGKYKRVRFKGIICERCGVE
VTRAKVRRERMGHIELAAPVTHIWYFKGVPSRLGYLLDLAPKDLEKVIYFAAYMITYVDDERRTRDLPSLEAHVSVERQQ
IENRRDSDLEARAKKLENDLGELEAEGAKADVRRKVREGAEREMKQLRDRAQREIDRLDEVWSRFKNLKVQDLEGDELLY
RELRDRFGTYFDGSMGAAALQKRLESFDLEEEAERLREIIRTGKGQKKTRALKRLKVVSAFLQTANSPKGMVLDCVPVIP
PDLRPMVQLDGGRFATSDLNDLYRRVINRNNRLKRLLDLGAPEIIVNNEKRMLQEAVDALFDNGRRGRPVTGPGNRPLKS
LSDMLKGKQGRFRQNLLGKRVDYSARSVIVVGPQLKLHQCGLPKAMALELFKPFVMKRLVDLNHAQNIKSAKRMVERGRT
VVYDVLEEVIAEHPVLLNRAPTLHRLGIQAFEPQLVEGKAIQIHPLVCTAFNADFDGDQMAVHLPLSAEAQAEARILMLS
SNNILKPADGRPVTMPTQDMVLGLFFLTTDGELRDTKGEGRAFGSTAEAIMAFDAGELALQSQIDIRFPVGTVAPRGWVP
PVTEEGEPEWQQGDSFRLRTSLGRALFNELLPEDYPFVDYSVGKKQLSEIVNDLAERYPKVIVAATLDNLKAAGFYWATR
SGVTVAISDVVVPEAKKAIVKGYEEQDEKVQKQYERGLITKEERTQELIAIWTKATNEVAEAMNANFPKTNPIFMMVDSG
ARGNMMQMRQIAGMRGLVSNAKNETIPRPIKASFREGLTVLEYFISTHGARKGLADTALRTADSGYLTRRLVDVSQDVII
REEDCGTERGLKLRIAERGADGVLRKTDDVETSVYARMLAEDVVVDGKVIAPANVDLGDVLIDALVGAGVEEVKTRSVLT
CESAVGTCAFCYGRSLATGKLVDIGEAVGIIAAQSIGEPGTQLTMRTFHTGGVAGDDITQGLPRVVELFEARQPKGVAPI
SEAAGRVRIEETEKTKKIVVTPDDGTDETAFPISKRARLLVGEGDHVEVGQKLTVGATNPHDVLRILGQRAVQVHLVAEV
QKVYNSQGVSIHDKHIEIIIRQMLRRVTIIESGDAELLPGELVERSKFETENRRVVTEGGHPASGRPQLMGITKASLATE
SWLSAASFQETTRVLTDAAINAKSDSLIGLKENVIIGKLIPAGTGLSRYRNIRVEPTEEAKAAMYSAVGYDDIDYSPFGS
GSGQAVPLEDYDYGPYNQ
;
D
4 'polypeptide(L)'
;VSSSITAPEGIINPPIDELLEATDSKYSLVIYAAKRARQINAYYSQLGEGLLEYVGPLVDTHVHEKPLSIALREINAGLL
TSEAIEGPAQ
;
E
5 'polypeptide(L)'
;MVSASTSRTLPPEIAESESVMALIERGKADGQIAGDDVRRAFEADQIPPTQWKNVLRSLNQILEEEGVTLMVSAAESPKR
ARKSVAAKSPAKRTATKTVTARTTVTKTTVTAAPASAAEDADPADEAGSAAKKTAAKKTVAKKTVAKKTVAKKTAAKKTT
SKKDADELVEGEELLEDVAPGKGEEEETEGESKGFVLSDEDEDDAPAQQVAVAGATADPVKDYLKQIGKVPLLNAEQEVE
LAKRIEAGLFAEDKLANSDKLAPKLKRELEIIAEDGRRAKNHLLEANLRLVVSLAKRYTGRGMLFLDLIQEGNLGLIRAV
EKFDYTKGYKFSTYATWWIRQAITRAMADQARTIRIPVHMVEVINKLARVQRQMLQDLGREPTPEELAKELDMTPEKVIE
VQKYGREPISLHTPLGEDGDSEFGDLIEDSEAVVPADAVSFTLLQEQLHSVLDTLSEREAGVVSMRFGLTDGQPKTLDEI
GKVYGVTRERIRQIESKTMSKLRHPSRSQVLRDYLD
;
F
6 'polypeptide(L)'
;MSERALRGTRLVVTSYETDRGIDLAPRQAVEYACEKGHRFEMPFSVEAEIPPEWECKVCGIQALLVDGDGPEEKKGKPAR
THWDMLMERRTREELEEVLAERLAVLRSGAMNIAVHPRDSRKSA
;
G
7 'polypeptide(L)'
;MTELFQELLVEDADEELGWQERALCAQTDPESFFPEKGGSTREAKKVCLACEVRSECLEYALQNDERFGIWGGLSERERR
RLKKKAV
;
H
8 'polypeptide(L)'
;MGSSHHHHHHHHHHSSGLEVLFQGPHMTAAVKDEISRLPVTRTCCRKAEVSSILRFAGGLHLVSGRIVIEAELDTAMAAR
RLKRDILEIFGHSSELIVMAPGGLRRGSRFVVRVVAGGDQLARQTGLVDGRGRPIRGLPPQVVSGATCDAEAAWRGAFLA
HGSLTEPGRSSSLEVTCPGPEAALALVGAARRLSIAAKAREVRGVDRVVVRDGDAIGALLTRLGAHESVLAWEERRMRRE
VRATANRLANFDDANLRRSARAAVAAGARVQRALEILGEEVPEHLAAAGRLRMEHKQASLEELGALADPPLTKDAVAGRI
RRLLAMADKRAQDLGIPGTESNLTEELDDSLVG
;
I
9 'polydeoxyribonucleotide'
;(DG)(DT)(DG)(DA)(DT)(DA)(DT)(DC)(DA)(DG)(DC)(DC)(DA)(DG)(DA)(DT)(DC)(DG)(DT)(DG)
(DC)(DG)(DA)(DC)(DA)(DC)(DA)(DC)(DC)(DG)(DG)(DG)(DC)(DC)(DA)(DA)(DT)(DT)(DG)(DG)
(DC)(DC)(DG)(DA)(DT)(DG)(DC)(DC)(DG)(DT)(DC)(DC)(DC)(DG)(DC)(DG)(DA)(DA)(DC)(DC)
(DC)(DC)(DT)(DC)(DT)(DA)(DC)(DC)(DG)(DT)(DG)(DT)(DG)(DA)(DG)(DG)(DC)(DG)(DT)(DG)
(DA)(DG)(DC)(DA)(DG)(DC)(DA)(DG)(DC)(DG)(DG)(DC)(DC)(DT)(DC)(DA)(DT)(DC)(DT)(DA)
;
O
10 'polydeoxyribonucleotide'
;(DT)(DA)(DG)(DA)(DT)(DG)(DA)(DG)(DG)(DC)(DC)(DG)(DC)(DT)(DG)(DC)(DT)(DG)(DC)(DT)
(DC)(DA)(DC)(DG)(DC)(DC)(DT)(DC)(DA)(DC)(DA)(DC)(DG)(DG)(DT)(DA)(DG)(DA)(DG)(DG)
(DG)(DG)(DT)(DT)(DC)(DG)(DC)(DG)(DG)(DG)(DA)(DC)(DG)(DG)(DC)(DA)(DT)(DC)(DG)(DG)
(DC)(DC)(DA)(DA)(DT)(DT)(DG)(DG)(DC)(DC)(DC)(DG)(DG)(DT)(DG)(DT)(DG)(DT)(DC)(DG)
(DC)(DA)(DC)(DG)(DA)(DT)(DC)(DT)(DG)(DG)(DC)(DT)(DG)(DA)(DT)(DA)(DT)(DC)(DA)(DC)
;
P
#
loop_
_chem_comp.id
_chem_comp.type
_chem_comp.name
_chem_comp.formula
DA DNA linking 2'-DEOXYADENOSINE-5'-MONOPHOSPHATE 'C10 H14 N5 O6 P'
DC DNA linking 2'-DEOXYCYTIDINE-5'-MONOPHOSPHATE 'C9 H14 N3 O7 P'
DG DNA linking 2'-DEOXYGUANOSINE-5'-MONOPHOSPHATE 'C10 H14 N5 O7 P'
DT DNA linking THYMIDINE-5'-MONOPHOSPHATE 'C10 H15 N2 O8 P'
MG non-polymer 'MAGNESIUM ION' 'Mg 2'
SF4 non-polymer 'IRON/SULFUR CLUSTER' 'Fe4 S4'
ZN non-polymer 'ZINC ION' 'Zn 2'
#
# COMPACT_ATOMS: atom_id res chain seq x y z
N LEU A 2 54.73 44.45 5.86
CA LEU A 2 55.91 45.19 5.44
C LEU A 2 55.72 45.84 4.07
N ILE A 3 54.71 45.37 3.33
CA ILE A 3 54.41 45.89 2.01
C ILE A 3 53.40 47.02 2.15
N ALA A 4 53.78 48.21 1.70
CA ALA A 4 52.96 49.41 1.90
C ALA A 4 51.93 49.63 0.79
N GLN A 5 52.12 49.02 -0.38
CA GLN A 5 51.16 49.22 -1.46
C GLN A 5 49.79 48.70 -1.07
N ARG A 6 48.76 49.49 -1.40
CA ARG A 6 47.37 49.15 -1.10
C ARG A 6 46.62 48.83 -2.39
N PRO A 7 45.52 48.08 -2.30
CA PRO A 7 44.80 47.70 -3.52
C PRO A 7 44.22 48.91 -4.23
N SER A 8 43.79 48.68 -5.46
CA SER A 8 43.19 49.71 -6.29
C SER A 8 42.37 49.03 -7.38
N LEU A 9 41.31 49.71 -7.81
CA LEU A 9 40.33 49.17 -8.74
C LEU A 9 40.24 50.07 -9.97
N THR A 10 40.28 49.47 -11.15
CA THR A 10 40.15 50.21 -12.41
C THR A 10 39.19 49.48 -13.32
N GLU A 11 38.60 50.22 -14.26
CA GLU A 11 37.55 49.70 -15.14
C GLU A 11 38.04 49.63 -16.57
N GLU A 12 37.52 48.64 -17.30
CA GLU A 12 37.72 48.51 -18.74
C GLU A 12 36.37 48.16 -19.36
N VAL A 13 36.07 48.76 -20.51
CA VAL A 13 34.77 48.60 -21.16
C VAL A 13 34.96 47.68 -22.35
N VAL A 14 34.35 46.49 -22.31
CA VAL A 14 34.43 45.59 -23.45
C VAL A 14 33.48 46.03 -24.55
N ASP A 15 32.22 46.27 -24.18
CA ASP A 15 31.22 46.81 -25.10
C ASP A 15 30.24 47.64 -24.27
N GLU A 16 29.07 47.93 -24.84
CA GLU A 16 28.14 48.84 -24.18
C GLU A 16 27.73 48.31 -22.81
N PHE A 17 27.43 47.02 -22.71
CA PHE A 17 26.92 46.45 -21.47
C PHE A 17 27.79 45.29 -20.98
N ARG A 18 29.10 45.46 -21.01
CA ARG A 18 30.01 44.47 -20.45
C ARG A 18 31.28 45.16 -20.00
N SER A 19 31.68 44.93 -18.75
CA SER A 19 32.83 45.59 -18.17
C SER A 19 33.72 44.59 -17.47
N ARG A 20 34.98 44.99 -17.30
CA ARG A 20 36.00 44.19 -16.65
C ARG A 20 36.73 45.07 -15.66
N PHE A 21 36.62 44.73 -14.37
CA PHE A 21 37.20 45.52 -13.29
C PHE A 21 38.42 44.79 -12.75
N VAL A 22 39.56 45.49 -12.74
CA VAL A 22 40.83 44.93 -12.29
C VAL A 22 41.12 45.50 -10.91
N ILE A 23 41.30 44.60 -9.94
CA ILE A 23 41.66 44.96 -8.57
C ILE A 23 43.05 44.38 -8.29
N GLU A 24 43.96 45.23 -7.85
CA GLU A 24 45.32 44.78 -7.59
C GLU A 24 46.05 45.85 -6.79
N PRO A 25 47.11 45.48 -6.04
CA PRO A 25 47.63 44.12 -5.79
C PRO A 25 47.13 43.53 -4.47
N LEU A 26 46.43 42.40 -4.54
CA LEU A 26 45.88 41.77 -3.35
C LEU A 26 46.90 40.83 -2.70
N GLU A 27 46.60 40.42 -1.48
CA GLU A 27 47.42 39.45 -0.78
C GLU A 27 47.27 38.07 -1.43
N PRO A 28 48.29 37.22 -1.33
CA PRO A 28 48.20 35.91 -1.99
C PRO A 28 47.08 35.06 -1.41
N GLY A 29 46.43 34.29 -2.30
CA GLY A 29 45.36 33.42 -1.89
C GLY A 29 44.10 34.14 -1.47
N PHE A 30 43.93 35.41 -1.86
CA PHE A 30 42.85 36.24 -1.38
C PHE A 30 41.93 36.70 -2.50
N GLY A 31 42.33 36.56 -3.76
CA GLY A 31 41.50 37.04 -4.86
C GLY A 31 40.22 36.25 -5.03
N TYR A 32 40.30 34.92 -4.89
CA TYR A 32 39.13 34.09 -5.15
C TYR A 32 37.98 34.42 -4.20
N THR A 33 38.28 34.64 -2.92
CA THR A 33 37.23 34.90 -1.95
C THR A 33 36.52 36.22 -2.25
N LEU A 34 37.29 37.28 -2.54
CA LEU A 34 36.66 38.56 -2.89
C LEU A 34 35.85 38.43 -4.17
N GLY A 35 36.40 37.75 -5.17
CA GLY A 35 35.67 37.58 -6.42
C GLY A 35 34.35 36.88 -6.21
N ASN A 36 34.36 35.79 -5.43
CA ASN A 36 33.13 35.05 -5.21
C ASN A 36 32.14 35.83 -4.35
N SER A 37 32.62 36.59 -3.37
CA SER A 37 31.72 37.42 -2.58
C SER A 37 31.02 38.44 -3.47
N LEU A 38 31.77 39.13 -4.32
CA LEU A 38 31.17 40.09 -5.23
C LEU A 38 30.20 39.41 -6.19
N ARG A 39 30.57 38.22 -6.70
CA ARG A 39 29.69 37.54 -7.64
C ARG A 39 28.37 37.15 -6.98
N ARG A 40 28.43 36.61 -5.76
CA ARG A 40 27.21 36.25 -5.05
C ARG A 40 26.34 37.47 -4.79
N THR A 41 26.94 38.56 -4.33
CA THR A 41 26.15 39.77 -4.07
C THR A 41 25.52 40.30 -5.35
N LEU A 42 26.26 40.31 -6.46
CA LEU A 42 25.73 40.79 -7.71
C LEU A 42 24.58 39.92 -8.20
N LEU A 43 24.73 38.60 -8.09
CA LEU A 43 23.69 37.69 -8.55
C LEU A 43 22.52 37.57 -7.58
N SER A 44 22.60 38.16 -6.40
CA SER A 44 21.55 38.03 -5.39
C SER A 44 20.77 39.31 -5.15
N SER A 45 21.45 40.41 -4.84
CA SER A 45 20.84 41.54 -4.12
C SER A 45 21.04 42.85 -4.86
N ILE A 46 20.74 42.88 -6.15
CA ILE A 46 20.73 44.12 -6.94
C ILE A 46 19.27 44.46 -7.25
N PRO A 47 18.75 45.61 -6.82
CA PRO A 47 17.34 45.90 -7.04
C PRO A 47 17.04 46.28 -8.48
N GLY A 48 15.79 46.05 -8.86
CA GLY A 48 15.33 46.39 -10.20
C GLY A 48 13.83 46.58 -10.21
N ALA A 49 13.20 46.20 -11.32
CA ALA A 49 11.75 46.28 -11.46
C ALA A 49 11.30 45.25 -12.49
N ALA A 50 10.02 44.89 -12.40
CA ALA A 50 9.47 43.89 -13.31
C ALA A 50 7.95 43.92 -13.23
N VAL A 51 7.32 43.38 -14.27
CA VAL A 51 5.87 43.31 -14.33
C VAL A 51 5.38 42.26 -13.35
N THR A 52 4.41 42.63 -12.52
CA THR A 52 3.92 41.75 -11.45
C THR A 52 2.46 41.34 -11.64
N SER A 53 1.80 41.79 -12.69
CA SER A 53 0.42 41.38 -12.94
C SER A 53 -0.04 41.94 -14.27
N ILE A 54 -1.00 41.26 -14.89
CA ILE A 54 -1.63 41.73 -16.12
C ILE A 54 -3.12 41.45 -16.05
N ARG A 55 -3.88 42.19 -16.86
CA ARG A 55 -5.28 41.87 -17.08
C ARG A 55 -5.65 42.25 -18.50
N ILE A 56 -6.32 41.33 -19.19
CA ILE A 56 -6.74 41.52 -20.57
C ILE A 56 -8.25 41.76 -20.56
N ASP A 57 -8.74 42.40 -21.63
CA ASP A 57 -10.12 42.88 -21.65
C ASP A 57 -11.11 41.73 -21.51
N GLY A 58 -10.94 40.68 -22.31
CA GLY A 58 -11.91 39.61 -22.36
C GLY A 58 -11.41 38.27 -21.87
N VAL A 59 -10.65 38.26 -20.78
CA VAL A 59 -10.02 37.06 -20.25
C VAL A 59 -10.33 36.96 -18.77
N LEU A 60 -10.55 35.73 -18.30
CA LEU A 60 -10.84 35.45 -16.90
C LEU A 60 -9.73 34.72 -16.17
N HIS A 61 -8.94 33.92 -16.87
CA HIS A 61 -7.87 33.15 -16.23
C HIS A 61 -6.77 32.90 -17.25
N GLU A 62 -5.71 32.22 -16.80
CA GLU A 62 -4.55 31.98 -17.65
C GLU A 62 -4.81 30.91 -18.70
N PHE A 63 -5.66 29.94 -18.39
CA PHE A 63 -5.85 28.76 -19.25
C PHE A 63 -7.00 29.01 -20.21
N THR A 64 -6.80 30.00 -21.08
CA THR A 64 -7.75 30.31 -22.15
C THR A 64 -7.03 31.09 -23.23
N THR A 65 -7.73 31.29 -24.34
CA THR A 65 -7.19 32.01 -25.49
C THR A 65 -8.15 33.14 -25.87
N VAL A 66 -7.59 34.20 -26.46
CA VAL A 66 -8.39 35.34 -26.89
C VAL A 66 -8.57 35.26 -28.40
N PRO A 67 -9.69 35.76 -28.95
CA PRO A 67 -9.88 35.67 -30.40
C PRO A 67 -8.86 36.50 -31.15
N GLY A 68 -8.44 35.99 -32.31
CA GLY A 68 -7.63 36.75 -33.24
C GLY A 68 -6.15 36.79 -32.95
N VAL A 69 -5.65 35.98 -32.01
CA VAL A 69 -4.22 35.93 -31.72
C VAL A 69 -3.76 34.48 -31.91
N LYS A 70 -2.47 34.35 -32.19
CA LYS A 70 -1.87 33.05 -32.52
C LYS A 70 -1.40 32.29 -31.28
N GLU A 71 -1.55 32.84 -30.09
CA GLU A 71 -0.96 32.28 -28.89
C GLU A 71 -1.95 32.28 -27.74
N ASP A 72 -1.77 31.35 -26.81
CA ASP A 72 -2.58 31.31 -25.61
C ASP A 72 -2.16 32.41 -24.64
N VAL A 73 -2.97 32.60 -23.59
CA VAL A 73 -2.60 33.54 -22.54
C VAL A 73 -1.41 33.02 -21.76
N THR A 74 -1.36 31.69 -21.54
CA THR A 74 -0.24 31.13 -20.78
C THR A 74 1.07 31.23 -21.55
N ASP A 75 1.01 31.20 -22.88
CA ASP A 75 2.20 31.39 -23.71
C ASP A 75 2.49 32.84 -24.00
N LEU A 76 1.64 33.76 -23.57
CA LEU A 76 1.91 35.19 -23.64
C LEU A 76 2.47 35.71 -22.32
N ILE A 77 2.09 35.08 -21.21
CA ILE A 77 2.69 35.41 -19.92
C ILE A 77 4.19 35.13 -19.95
N LEU A 78 4.58 34.01 -20.57
CA LEU A 78 6.00 33.69 -20.68
C LEU A 78 6.74 34.69 -21.56
N ASN A 79 6.07 35.29 -22.54
CA ASN A 79 6.69 36.31 -23.38
C ASN A 79 6.83 37.64 -22.65
N ILE A 80 5.85 38.04 -21.85
CA ILE A 80 5.95 39.28 -21.09
C ILE A 80 6.78 39.14 -19.83
N LYS A 81 7.11 37.90 -19.42
CA LYS A 81 8.01 37.73 -18.29
C LYS A 81 9.44 38.14 -18.62
N GLN A 82 9.77 38.30 -19.89
CA GLN A 82 11.11 38.69 -20.31
C GLN A 82 11.25 40.19 -20.55
N LEU A 83 10.19 40.96 -20.33
CA LEU A 83 10.28 42.40 -20.49
C LEU A 83 11.30 42.97 -19.51
N VAL A 84 12.19 43.80 -20.03
CA VAL A 84 13.23 44.44 -19.22
C VAL A 84 12.78 45.89 -19.01
N VAL A 85 12.10 46.12 -17.89
CA VAL A 85 11.55 47.43 -17.57
C VAL A 85 12.33 48.03 -16.41
N SER A 86 12.34 49.36 -16.34
CA SER A 86 12.97 50.09 -15.24
C SER A 86 12.00 51.15 -14.75
N SER A 87 11.77 51.18 -13.45
CA SER A 87 10.78 52.07 -12.84
C SER A 87 11.44 52.90 -11.74
N GLU A 88 10.93 54.12 -11.56
CA GLU A 88 11.41 55.04 -10.54
C GLU A 88 10.36 55.32 -9.46
N HIS A 89 9.19 54.71 -9.53
CA HIS A 89 8.11 54.96 -8.59
C HIS A 89 8.09 53.87 -7.52
N ASP A 90 8.00 54.29 -6.26
CA ASP A 90 7.91 53.32 -5.17
C ASP A 90 6.62 52.51 -5.26
N GLU A 91 5.51 53.16 -5.58
CA GLU A 91 4.22 52.49 -5.65
C GLU A 91 4.04 51.80 -6.99
N PRO A 92 3.12 50.85 -7.09
CA PRO A 92 2.86 50.19 -8.38
C PRO A 92 2.41 51.20 -9.44
N VAL A 93 2.83 50.95 -10.67
CA VAL A 93 2.50 51.79 -11.81
C VAL A 93 1.84 50.92 -12.87
N VAL A 94 1.07 51.55 -13.75
CA VAL A 94 0.26 50.84 -14.75
C VAL A 94 0.67 51.28 -16.14
N MET A 95 0.72 50.32 -17.06
CA MET A 95 0.98 50.56 -18.47
C MET A 95 -0.12 49.91 -19.29
N TYR A 96 -0.32 50.43 -20.51
CA TYR A 96 -1.39 49.95 -21.39
C TYR A 96 -0.79 49.54 -22.72
N LEU A 97 -1.28 48.41 -23.25
CA LEU A 97 -0.91 47.92 -24.57
C LEU A 97 -2.17 47.77 -25.40
N ARG A 98 -2.22 48.49 -26.52
CA ARG A 98 -3.39 48.46 -27.40
C ARG A 98 -2.91 48.28 -28.84
N LYS A 99 -3.40 47.23 -29.50
CA LYS A 99 -3.05 46.97 -30.88
C LYS A 99 -4.27 46.43 -31.62
N GLN A 100 -4.42 46.86 -32.87
CA GLN A 100 -5.52 46.45 -33.72
C GLN A 100 -4.98 46.09 -35.10
N GLY A 101 -5.63 45.12 -35.73
CA GLY A 101 -5.29 44.73 -37.08
C GLY A 101 -4.16 43.73 -37.14
N PRO A 102 -3.84 43.27 -38.34
CA PRO A 102 -2.80 42.25 -38.48
C PRO A 102 -1.41 42.81 -38.18
N GLY A 103 -0.53 41.92 -37.74
CA GLY A 103 0.87 42.27 -37.56
C GLY A 103 1.44 41.65 -36.30
N LEU A 104 2.52 42.26 -35.81
CA LEU A 104 3.22 41.81 -34.62
C LEU A 104 3.03 42.85 -33.52
N VAL A 105 2.74 42.38 -32.31
CA VAL A 105 2.64 43.26 -31.14
C VAL A 105 4.03 43.29 -30.51
N THR A 106 4.89 44.16 -31.05
CA THR A 106 6.23 44.31 -30.53
C THR A 106 6.19 45.08 -29.20
N ALA A 107 7.20 44.84 -28.36
CA ALA A 107 7.24 45.49 -27.05
C ALA A 107 7.26 47.01 -27.15
N ALA A 108 7.74 47.56 -28.27
CA ALA A 108 7.74 49.00 -28.45
C ALA A 108 6.33 49.58 -28.45
N ASP A 109 5.32 48.78 -28.80
CA ASP A 109 3.95 49.27 -28.83
C ASP A 109 3.42 49.61 -27.45
N ILE A 110 4.05 49.12 -26.39
CA ILE A 110 3.63 49.46 -25.03
C ILE A 110 3.86 50.94 -24.80
N ALA A 111 2.85 51.62 -24.26
CA ALA A 111 2.93 53.04 -23.98
C ALA A 111 3.07 53.23 -22.48
N PRO A 112 4.26 53.45 -21.94
CA PRO A 112 4.42 53.56 -20.50
C PRO A 112 4.20 54.99 -20.01
N PRO A 113 3.80 55.18 -18.76
CA PRO A 113 3.66 56.53 -18.24
C PRO A 113 5.00 57.22 -18.05
N ALA A 114 5.00 58.45 -17.55
CA ALA A 114 6.23 59.17 -17.29
C ALA A 114 6.85 58.68 -15.99
N GLY A 115 8.06 58.14 -16.07
CA GLY A 115 8.75 57.62 -14.90
C GLY A 115 9.32 56.24 -15.12
N VAL A 116 8.66 55.43 -15.95
CA VAL A 116 9.10 54.07 -16.22
C VAL A 116 9.54 53.99 -17.68
N GLU A 117 10.29 52.93 -18.00
CA GLU A 117 10.81 52.75 -19.35
C GLU A 117 10.91 51.25 -19.65
N VAL A 118 10.81 50.93 -20.93
CA VAL A 118 10.98 49.57 -21.43
C VAL A 118 12.20 49.57 -22.34
N HIS A 119 13.18 48.71 -22.04
CA HIS A 119 14.50 48.83 -22.61
C HIS A 119 14.78 47.89 -23.78
N ASN A 120 13.98 46.85 -23.96
CA ASN A 120 14.11 45.98 -25.12
C ASN A 120 12.89 46.17 -26.01
N PRO A 121 12.87 47.18 -26.88
CA PRO A 121 11.69 47.44 -27.70
C PRO A 121 11.57 46.59 -28.95
N ASP A 122 12.35 45.51 -29.07
CA ASP A 122 12.27 44.60 -30.21
C ASP A 122 11.74 43.23 -29.82
N LEU A 123 11.31 43.05 -28.58
CA LEU A 123 10.72 41.77 -28.17
C LEU A 123 9.39 41.55 -28.85
N VAL A 124 9.12 40.30 -29.22
CA VAL A 124 7.89 39.93 -29.91
C VAL A 124 6.97 39.25 -28.90
N LEU A 125 5.81 39.85 -28.65
CA LEU A 125 4.87 39.33 -27.67
C LEU A 125 3.83 38.42 -28.31
N ALA A 126 3.17 38.88 -29.38
CA ALA A 126 2.09 38.13 -29.99
C ALA A 126 1.96 38.53 -31.45
N THR A 127 1.21 37.73 -32.20
CA THR A 127 0.91 38.01 -33.60
C THR A 127 -0.60 38.05 -33.76
N LEU A 128 -1.09 39.09 -34.45
CA LEU A 128 -2.52 39.31 -34.64
C LEU A 128 -2.88 39.15 -36.11
N ASN A 129 -4.03 38.53 -36.36
CA ASN A 129 -4.59 38.43 -37.70
C ASN A 129 -5.55 39.61 -37.93
N GLY A 130 -6.34 39.54 -38.99
CA GLY A 130 -7.19 40.64 -39.40
C GLY A 130 -8.46 40.83 -38.61
N LYS A 131 -8.77 39.94 -37.67
CA LYS A 131 -9.97 40.04 -36.84
C LYS A 131 -9.62 39.96 -35.37
N GLY A 132 -8.48 40.53 -34.98
CA GLY A 132 -8.03 40.47 -33.61
C GLY A 132 -7.55 41.81 -33.09
N LYS A 133 -7.90 42.13 -31.85
CA LYS A 133 -7.45 43.33 -31.16
C LYS A 133 -7.01 42.96 -29.76
N LEU A 134 -5.82 43.42 -29.37
CA LEU A 134 -5.25 43.15 -28.07
C LEU A 134 -5.30 44.42 -27.24
N GLU A 135 -6.06 44.39 -26.14
CA GLU A 135 -6.11 45.49 -25.18
C GLU A 135 -5.77 44.90 -23.81
N MET A 136 -4.61 45.29 -23.27
CA MET A 136 -4.08 44.66 -22.07
C MET A 136 -3.49 45.72 -21.16
N GLU A 137 -3.52 45.44 -19.86
CA GLU A 137 -3.04 46.36 -18.84
C GLU A 137 -2.01 45.65 -17.98
N LEU A 138 -0.86 46.28 -17.78
CA LEU A 138 0.27 45.70 -17.07
C LEU A 138 0.58 46.50 -15.82
N THR A 139 1.04 45.82 -14.77
CA THR A 139 1.40 46.45 -13.50
C THR A 139 2.88 46.24 -13.24
N VAL A 140 3.57 47.29 -12.82
CA VAL A 140 5.00 47.28 -12.60
C VAL A 140 5.29 47.74 -11.18
N GLU A 141 6.19 47.03 -10.50
CA GLU A 141 6.60 47.33 -9.13
C GLU A 141 8.12 47.25 -9.05
N ARG A 142 8.64 47.35 -7.83
CA ARG A 142 10.07 47.32 -7.58
C ARG A 142 10.42 46.26 -6.55
N GLY A 143 11.67 45.82 -6.58
CA GLY A 143 12.11 44.80 -5.64
C GLY A 143 13.46 44.25 -6.06
N ARG A 144 13.75 43.03 -5.59
CA ARG A 144 15.00 42.36 -5.90
C ARG A 144 14.81 40.86 -5.74
N GLY A 145 15.33 40.10 -6.69
CA GLY A 145 15.30 38.65 -6.61
C GLY A 145 14.19 38.06 -7.46
N TYR A 146 13.45 37.10 -6.89
CA TYR A 146 12.40 36.41 -7.62
C TYR A 146 11.19 36.25 -6.70
N VAL A 147 10.02 36.56 -7.24
CA VAL A 147 8.75 36.48 -6.51
C VAL A 147 7.79 35.62 -7.33
N SER A 148 7.19 34.63 -6.67
CA SER A 148 6.66 33.45 -7.35
C SER A 148 5.18 33.55 -7.68
N ALA A 149 4.62 34.76 -7.77
CA ALA A 149 3.26 34.98 -8.28
C ALA A 149 2.18 34.51 -7.32
N VAL A 150 2.54 33.87 -6.21
CA VAL A 150 1.61 33.67 -5.11
C VAL A 150 1.88 34.68 -4.00
N GLN A 151 3.05 35.31 -3.98
CA GLN A 151 3.24 36.50 -3.16
C GLN A 151 2.59 37.71 -3.81
N ASN A 152 2.44 37.70 -5.14
CA ASN A 152 1.81 38.80 -5.85
C ASN A 152 0.29 38.75 -5.81
N LYS A 153 -0.29 37.71 -5.19
CA LYS A 153 -1.74 37.57 -5.11
C LYS A 153 -2.24 38.43 -3.95
N GLN A 154 -3.06 39.43 -4.25
CA GLN A 154 -3.61 40.31 -3.23
C GLN A 154 -4.86 39.69 -2.61
N VAL A 155 -5.32 40.31 -1.52
CA VAL A 155 -6.48 39.80 -0.80
C VAL A 155 -7.76 40.01 -1.62
N GLY A 156 -7.90 41.18 -2.23
CA GLY A 156 -9.12 41.52 -2.95
C GLY A 156 -9.02 41.28 -4.44
N GLN A 157 -8.40 40.17 -4.83
CA GLN A 157 -8.22 39.88 -6.25
C GLN A 157 -9.55 39.76 -6.97
N GLU A 158 -9.67 40.43 -8.10
CA GLU A 158 -10.80 40.24 -8.99
C GLU A 158 -10.63 38.94 -9.76
N ILE A 159 -11.74 38.45 -10.33
CA ILE A 159 -11.67 37.26 -11.16
C ILE A 159 -10.81 37.49 -12.40
N GLY A 160 -10.73 38.75 -12.87
CA GLY A 160 -10.01 39.07 -14.08
C GLY A 160 -8.54 39.38 -13.94
N ARG A 161 -8.03 39.51 -12.71
CA ARG A 161 -6.64 39.86 -12.48
C ARG A 161 -5.78 38.61 -12.48
N ILE A 162 -4.71 38.63 -13.26
CA ILE A 162 -3.82 37.49 -13.45
C ILE A 162 -2.45 37.84 -12.85
N PRO A 163 -2.09 37.32 -11.68
CA PRO A 163 -0.73 37.56 -11.17
C PRO A 163 0.31 36.82 -11.98
N VAL A 164 1.53 37.33 -11.96
CA VAL A 164 2.61 36.84 -12.81
C VAL A 164 3.90 36.79 -12.00
N ASP A 165 4.77 35.83 -12.34
CA ASP A 165 6.07 35.73 -11.70
C ASP A 165 6.88 36.99 -11.98
N SER A 166 7.63 37.45 -10.97
CA SER A 166 8.43 38.65 -11.07
C SER A 166 9.90 38.29 -10.89
N ILE A 167 10.75 38.82 -11.76
CA ILE A 167 12.19 38.55 -11.75
C ILE A 167 12.90 39.89 -11.78
N TYR A 168 13.25 40.42 -10.60
CA TYR A 168 13.97 41.69 -10.50
C TYR A 168 15.45 41.36 -10.43
N SER A 169 16.14 41.46 -11.57
CA SER A 169 17.56 41.17 -11.60
C SER A 169 18.23 41.83 -12.80
N PRO A 170 18.86 42.99 -12.63
CA PRO A 170 19.52 43.65 -13.77
C PRO A 170 20.78 42.95 -14.25
N VAL A 171 21.35 42.02 -13.49
CA VAL A 171 22.62 41.40 -13.82
C VAL A 171 22.36 40.10 -14.57
N LEU A 172 23.17 39.85 -15.60
CA LEU A 172 22.98 38.72 -16.49
C LEU A 172 24.06 37.64 -16.33
N LYS A 173 25.33 38.01 -16.33
CA LYS A 173 26.40 37.02 -16.20
C LYS A 173 27.62 37.65 -15.55
N VAL A 174 28.11 37.02 -14.48
CA VAL A 174 29.26 37.49 -13.72
C VAL A 174 30.27 36.37 -13.60
N THR A 175 31.54 36.69 -13.82
CA THR A 175 32.61 35.73 -13.59
C THR A 175 33.85 36.47 -13.12
N TYR A 176 34.88 35.71 -12.75
CA TYR A 176 36.11 36.32 -12.24
C TYR A 176 37.29 35.42 -12.56
N LYS A 177 38.46 36.04 -12.65
CA LYS A 177 39.72 35.36 -12.92
C LYS A 177 40.79 35.96 -12.03
N VAL A 178 41.50 35.12 -11.28
CA VAL A 178 42.51 35.58 -10.34
C VAL A 178 43.87 35.26 -10.98
N GLU A 179 44.42 36.24 -11.68
CA GLU A 179 45.74 36.06 -12.27
C GLU A 179 46.79 36.08 -11.16
N ALA A 180 47.50 34.97 -11.01
CA ALA A 180 48.66 34.91 -10.11
C ALA A 180 49.85 35.56 -10.80
N THR A 181 49.68 36.86 -11.10
CA THR A 181 50.64 37.57 -11.94
C THR A 181 52.01 37.65 -11.30
N ARG A 182 52.12 37.39 -9.99
CA ARG A 182 53.37 37.60 -9.26
C ARG A 182 53.79 39.06 -9.43
N VAL A 183 52.86 39.97 -9.11
CA VAL A 183 53.12 41.40 -9.26
C VAL A 183 54.43 41.74 -8.60
N GLU A 184 55.30 42.43 -9.33
CA GLU A 184 56.68 42.58 -8.89
C GLU A 184 56.75 43.46 -7.65
N GLN A 185 56.69 42.83 -6.48
CA GLN A 185 56.80 43.52 -5.20
C GLN A 185 57.78 42.80 -4.28
N ARG A 186 58.67 41.98 -4.85
CA ARG A 186 59.65 41.15 -4.17
C ARG A 186 59.02 39.91 -3.52
N THR A 187 57.70 39.76 -3.59
CA THR A 187 57.01 38.62 -2.98
C THR A 187 55.89 38.18 -3.93
N ASP A 188 55.00 37.33 -3.44
CA ASP A 188 53.87 36.82 -4.20
C ASP A 188 52.63 37.66 -3.93
N PHE A 189 51.85 37.89 -4.99
CA PHE A 189 50.61 38.65 -4.88
C PHE A 189 49.65 38.17 -5.98
N ASP A 190 48.48 38.80 -6.05
CA ASP A 190 47.41 38.38 -6.95
C ASP A 190 46.93 39.58 -7.75
N LYS A 191 46.07 39.29 -8.72
CA LYS A 191 45.42 40.34 -9.52
C LYS A 191 44.04 39.83 -9.90
N LEU A 192 43.00 40.37 -9.29
CA LEU A 192 41.64 39.92 -9.53
C LEU A 192 41.05 40.67 -10.71
N ILE A 193 40.29 39.97 -11.55
CA ILE A 193 39.66 40.53 -12.73
C ILE A 193 38.23 40.03 -12.78
N VAL A 194 37.28 40.93 -12.51
CA VAL A 194 35.86 40.57 -12.42
C VAL A 194 35.17 41.07 -13.68
N ASP A 195 34.53 40.16 -14.41
CA ASP A 195 33.84 40.47 -15.65
C ASP A 195 32.34 40.42 -15.39
N VAL A 196 31.66 41.53 -15.69
CA VAL A 196 30.25 41.70 -15.37
C VAL A 196 29.50 42.09 -16.64
N GLU A 197 28.36 41.43 -16.88
CA GLU A 197 27.47 41.75 -17.99
C GLU A 197 26.06 41.85 -17.46
N THR A 198 25.44 43.02 -17.64
CA THR A 198 24.07 43.29 -17.21
C THR A 198 23.13 43.25 -18.42
N LYS A 199 21.84 43.08 -18.14
CA LYS A 199 20.84 42.89 -19.18
C LYS A 199 20.19 44.24 -19.52
N GLN A 200 21.01 45.12 -20.09
CA GLN A 200 20.57 46.36 -20.73
C GLN A 200 19.49 47.10 -19.95
N ALA A 201 19.53 47.02 -18.62
CA ALA A 201 18.68 47.82 -17.75
C ALA A 201 19.48 48.84 -16.96
N MET A 202 20.71 48.50 -16.55
CA MET A 202 21.64 49.44 -15.98
C MET A 202 23.02 49.11 -16.54
N ARG A 203 23.99 49.91 -16.18
CA ARG A 203 25.34 49.70 -16.65
C ARG A 203 26.17 49.03 -15.57
N PRO A 204 27.19 48.25 -15.94
CA PRO A 204 27.89 47.44 -14.92
C PRO A 204 28.48 48.25 -13.79
N ARG A 205 28.85 49.51 -14.03
CA ARG A 205 29.39 50.34 -12.95
C ARG A 205 28.37 50.51 -11.83
N ASP A 206 27.10 50.76 -12.19
CA ASP A 206 26.07 50.91 -11.19
C ASP A 206 25.85 49.62 -10.40
N ALA A 207 25.88 48.48 -11.10
CA ALA A 207 25.72 47.19 -10.42
C ALA A 207 26.86 46.95 -9.43
N MET A 208 28.10 47.24 -9.84
CA MET A 208 29.22 47.06 -8.93
C MET A 208 29.11 48.01 -7.74
N ALA A 209 28.70 49.25 -7.98
CA ALA A 209 28.54 50.20 -6.88
C ALA A 209 27.49 49.71 -5.90
N SER A 210 26.36 49.21 -6.40
CA SER A 210 25.32 48.71 -5.51
C SER A 210 25.81 47.49 -4.72
N ALA A 211 26.54 46.59 -5.37
CA ALA A 211 27.09 45.44 -4.66
C ALA A 211 28.05 45.87 -3.56
N GLY A 212 28.93 46.83 -3.86
CA GLY A 212 29.83 47.32 -2.84
C GLY A 212 29.10 47.98 -1.68
N LYS A 213 28.06 48.75 -1.99
CA LYS A 213 27.29 49.40 -0.93
C LYS A 213 26.59 48.36 -0.06
N THR A 214 26.08 47.29 -0.65
CA THR A 214 25.46 46.23 0.15
C THR A 214 26.50 45.53 1.01
N LEU A 215 27.69 45.26 0.47
CA LEU A 215 28.68 44.46 1.20
C LEU A 215 29.39 45.27 2.28
N VAL A 216 29.50 46.59 2.13
CA VAL A 216 30.22 47.36 3.13
C VAL A 216 29.46 47.41 4.44
N GLU A 217 28.12 47.32 4.41
CA GLU A 217 27.33 47.47 5.63
C GLU A 217 27.54 46.31 6.59
N LEU A 218 27.61 45.08 6.07
CA LEU A 218 27.77 43.92 6.93
C LEU A 218 29.12 43.93 7.64
N PHE A 219 30.18 44.22 6.89
CA PHE A 219 31.48 44.34 7.54
C PHE A 219 31.56 45.60 8.40
N GLY A 220 30.71 46.59 8.13
CA GLY A 220 30.60 47.72 9.05
C GLY A 220 30.05 47.30 10.40
N LEU A 221 29.00 46.49 10.42
CA LEU A 221 28.51 46.00 11.70
C LEU A 221 29.46 44.97 12.30
N ALA A 222 30.36 44.40 11.49
CA ALA A 222 31.40 43.53 12.03
C ALA A 222 32.48 44.35 12.75
N ARG A 223 32.86 45.49 12.18
CA ARG A 223 33.99 46.24 12.74
C ARG A 223 33.61 46.99 14.02
N GLU A 224 32.33 47.26 14.24
CA GLU A 224 31.92 48.01 15.42
C GLU A 224 32.04 47.22 16.71
N LEU A 225 32.54 45.98 16.66
CA LEU A 225 32.67 45.17 17.87
C LEU A 225 33.61 45.81 18.89
N ASN A 226 34.46 46.75 18.47
CA ASN A 226 35.37 47.45 19.36
C ASN A 226 36.44 46.50 19.90
N MET B 1 16.57 49.51 -1.29
CA MET B 1 15.57 48.74 -0.50
C MET B 1 15.90 48.83 0.99
N LEU B 2 15.16 48.05 1.79
CA LEU B 2 15.37 48.00 3.24
C LEU B 2 15.64 46.56 3.65
N ILE B 3 16.54 46.39 4.63
CA ILE B 3 16.92 45.06 5.06
C ILE B 3 15.73 44.34 5.71
N ALA B 4 14.96 45.07 6.51
CA ALA B 4 13.74 44.63 7.18
C ALA B 4 14.01 43.72 8.38
N GLN B 5 15.26 43.33 8.63
CA GLN B 5 15.59 42.59 9.85
C GLN B 5 17.10 42.71 10.03
N ARG B 6 17.51 43.56 10.98
CA ARG B 6 18.92 43.90 11.12
C ARG B 6 19.69 42.76 11.79
N PRO B 7 20.70 42.18 11.16
CA PRO B 7 21.51 41.18 11.84
C PRO B 7 22.36 41.79 12.94
N SER B 8 22.68 40.96 13.93
CA SER B 8 23.50 41.36 15.06
C SER B 8 24.57 40.32 15.32
N LEU B 9 25.68 40.78 15.91
CA LEU B 9 26.84 39.97 16.22
C LEU B 9 26.98 39.86 17.73
N THR B 10 27.22 38.64 18.22
CA THR B 10 27.38 38.36 19.64
C THR B 10 28.61 37.50 19.85
N GLU B 11 29.23 37.65 21.02
CA GLU B 11 30.47 36.96 21.33
C GLU B 11 30.29 36.03 22.53
N GLU B 12 31.02 34.92 22.50
CA GLU B 12 31.18 34.04 23.64
C GLU B 12 32.66 33.76 23.82
N VAL B 13 33.10 33.63 25.07
CA VAL B 13 34.51 33.42 25.41
C VAL B 13 34.64 32.03 26.01
N VAL B 14 35.55 31.22 25.45
CA VAL B 14 35.71 29.85 25.92
C VAL B 14 36.93 29.80 26.84
N ASP B 15 38.10 30.17 26.32
CA ASP B 15 39.33 30.25 27.07
C ASP B 15 39.82 31.70 27.05
N GLU B 16 41.01 31.92 27.60
CA GLU B 16 41.59 33.25 27.58
C GLU B 16 41.82 33.73 26.15
N PHE B 17 42.00 32.81 25.20
CA PHE B 17 42.36 33.13 23.83
C PHE B 17 41.56 32.31 22.83
N ARG B 18 40.31 31.99 23.17
CA ARG B 18 39.41 31.33 22.24
C ARG B 18 38.02 31.96 22.35
N SER B 19 37.42 32.25 21.19
CA SER B 19 36.13 32.91 21.16
C SER B 19 35.25 32.28 20.09
N ARG B 20 33.94 32.50 20.24
CA ARG B 20 32.94 32.00 19.31
C ARG B 20 31.95 33.14 19.06
N PHE B 21 31.94 33.66 17.85
CA PHE B 21 31.05 34.75 17.46
C PHE B 21 29.87 34.18 16.67
N VAL B 22 28.70 34.77 16.88
CA VAL B 22 27.48 34.37 16.19
C VAL B 22 26.85 35.61 15.58
N ILE B 23 26.61 35.57 14.27
CA ILE B 23 25.98 36.66 13.54
C ILE B 23 24.65 36.13 13.02
N GLU B 24 23.56 36.77 13.41
CA GLU B 24 22.23 36.32 13.02
C GLU B 24 21.24 37.45 13.25
N PRO B 25 20.09 37.44 12.55
CA PRO B 25 19.70 36.53 11.46
C PRO B 25 20.03 37.08 10.08
N LEU B 26 20.94 36.41 9.36
CA LEU B 26 21.32 36.85 8.03
C LEU B 26 20.27 36.45 7.01
N GLU B 27 20.18 37.23 5.93
CA GLU B 27 19.24 36.98 4.85
C GLU B 27 19.50 35.60 4.26
N PRO B 28 18.59 35.06 3.44
CA PRO B 28 18.92 33.81 2.73
C PRO B 28 20.19 34.01 1.93
N GLY B 29 21.03 32.97 1.92
CA GLY B 29 22.39 33.20 1.49
C GLY B 29 23.11 34.04 2.53
N PHE B 30 24.13 34.77 2.07
CA PHE B 30 24.85 35.72 2.91
C PHE B 30 25.52 35.07 4.11
N GLY B 31 25.50 33.74 4.20
CA GLY B 31 26.22 33.03 5.23
C GLY B 31 27.56 32.59 4.70
N TYR B 32 27.60 32.23 3.42
CA TYR B 32 28.84 31.94 2.73
C TYR B 32 29.42 33.15 2.02
N THR B 33 28.63 34.20 1.84
CA THR B 33 29.14 35.41 1.20
C THR B 33 30.22 36.07 2.07
N LEU B 34 30.01 36.11 3.38
CA LEU B 34 30.91 36.78 4.30
C LEU B 34 31.50 35.84 5.34
N GLY B 35 31.40 34.53 5.12
CA GLY B 35 32.05 33.57 5.99
C GLY B 35 33.47 33.29 5.56
N ASN B 36 33.65 32.87 4.31
CA ASN B 36 34.99 32.56 3.82
C ASN B 36 35.85 33.82 3.74
N SER B 37 35.24 34.96 3.40
CA SER B 37 35.99 36.21 3.41
C SER B 37 36.46 36.56 4.81
N LEU B 38 35.59 36.38 5.82
CA LEU B 38 36.00 36.61 7.20
C LEU B 38 37.17 35.71 7.58
N ARG B 39 37.07 34.42 7.25
CA ARG B 39 38.14 33.49 7.60
C ARG B 39 39.45 33.90 6.94
N ARG B 40 39.41 34.20 5.64
CA ARG B 40 40.62 34.53 4.91
C ARG B 40 41.25 35.81 5.45
N THR B 41 40.45 36.85 5.69
CA THR B 41 41.00 38.11 6.16
C THR B 41 41.51 37.99 7.59
N LEU B 42 40.88 37.17 8.42
CA LEU B 42 41.41 36.92 9.76
C LEU B 42 42.74 36.20 9.70
N LEU B 43 42.86 35.23 8.81
CA LEU B 43 44.05 34.38 8.80
C LEU B 43 45.25 35.02 8.11
N SER B 44 45.03 35.88 7.11
CA SER B 44 46.15 36.35 6.31
C SER B 44 46.11 37.84 5.97
N SER B 45 45.39 38.67 6.73
CA SER B 45 45.31 40.09 6.45
C SER B 45 45.41 40.90 7.74
N ILE B 46 46.37 40.53 8.58
CA ILE B 46 46.57 41.23 9.86
C ILE B 46 48.06 41.22 10.18
N PRO B 47 48.70 42.37 10.42
CA PRO B 47 50.16 42.38 10.56
C PRO B 47 50.62 41.71 11.84
N GLY B 48 51.87 41.26 11.81
CA GLY B 48 52.49 40.67 12.99
C GLY B 48 53.99 40.65 12.82
N ALA B 49 54.66 40.08 13.81
CA ALA B 49 56.12 39.94 13.80
C ALA B 49 56.48 38.52 14.20
N ALA B 50 57.61 38.03 13.68
CA ALA B 50 58.02 36.66 13.96
C ALA B 50 59.49 36.49 13.60
N VAL B 51 60.03 35.35 14.04
CA VAL B 51 61.42 34.98 13.73
C VAL B 51 61.49 34.49 12.29
N THR B 52 62.61 34.77 11.64
CA THR B 52 62.83 34.39 10.25
C THR B 52 63.98 33.42 10.07
N SER B 53 65.03 33.53 10.87
CA SER B 53 66.18 32.65 10.75
C SER B 53 66.94 32.65 12.07
N ILE B 54 67.77 31.62 12.24
CA ILE B 54 68.60 31.47 13.43
C ILE B 54 70.01 31.13 12.99
N ARG B 55 70.96 31.26 13.94
CA ARG B 55 72.34 30.83 13.71
C ARG B 55 72.86 30.26 15.02
N ILE B 56 72.73 28.95 15.18
CA ILE B 56 73.24 28.27 16.36
C ILE B 56 74.74 28.08 16.22
N ASP B 57 75.49 28.46 17.25
CA ASP B 57 76.94 28.42 17.19
C ASP B 57 77.43 26.97 17.22
N GLY B 58 78.43 26.67 16.39
CA GLY B 58 79.06 25.38 16.37
C GLY B 58 78.34 24.31 15.58
N VAL B 59 77.24 24.65 14.91
CA VAL B 59 76.46 23.70 14.12
C VAL B 59 76.24 24.28 12.74
N LEU B 60 76.55 23.50 11.71
CA LEU B 60 76.33 23.89 10.33
C LEU B 60 74.89 23.60 9.94
N HIS B 61 74.57 23.70 8.66
CA HIS B 61 73.22 23.38 8.20
C HIS B 61 72.89 21.90 8.36
N GLU B 62 73.89 21.04 8.59
CA GLU B 62 73.61 19.65 8.91
C GLU B 62 72.89 19.57 10.25
N PHE B 63 71.82 18.78 10.30
CA PHE B 63 70.98 18.65 11.48
C PHE B 63 71.17 17.30 12.16
N THR B 64 72.41 16.80 12.18
CA THR B 64 72.68 15.52 12.82
C THR B 64 72.30 15.57 14.30
N THR B 65 72.83 16.57 15.02
CA THR B 65 72.52 16.76 16.44
C THR B 65 73.24 18.02 16.90
N VAL B 66 72.77 18.55 18.02
CA VAL B 66 73.37 19.73 18.66
C VAL B 66 74.22 19.23 19.83
N PRO B 67 75.54 19.32 19.78
CA PRO B 67 76.35 18.86 20.91
C PRO B 67 76.01 19.64 22.18
N GLY B 68 75.90 18.92 23.29
CA GLY B 68 75.63 19.53 24.58
C GLY B 68 74.16 19.82 24.84
N VAL B 69 73.27 19.50 23.92
CA VAL B 69 71.84 19.75 24.06
C VAL B 69 71.11 18.44 23.85
N LYS B 70 70.17 18.12 24.76
CA LYS B 70 69.44 16.86 24.66
C LYS B 70 68.61 16.79 23.39
N GLU B 71 67.92 17.88 23.05
CA GLU B 71 67.02 17.88 21.90
C GLU B 71 67.81 18.07 20.61
N ASP B 72 67.25 17.52 19.52
CA ASP B 72 67.87 17.62 18.21
C ASP B 72 67.47 18.95 17.55
N VAL B 73 68.01 19.18 16.35
CA VAL B 73 67.84 20.48 15.70
C VAL B 73 66.37 20.71 15.33
N THR B 74 65.68 19.66 14.89
CA THR B 74 64.27 19.83 14.53
C THR B 74 63.44 20.25 15.73
N ASP B 75 63.70 19.66 16.90
CA ASP B 75 62.99 20.08 18.10
C ASP B 75 63.32 21.53 18.45
N LEU B 76 64.58 21.92 18.30
CA LEU B 76 64.95 23.30 18.58
C LEU B 76 64.20 24.27 17.66
N ILE B 77 64.14 23.95 16.37
CA ILE B 77 63.46 24.82 15.42
C ILE B 77 61.97 24.90 15.74
N LEU B 78 61.36 23.75 16.05
CA LEU B 78 59.94 23.75 16.40
C LEU B 78 59.68 24.57 17.66
N ASN B 79 60.56 24.45 18.66
CA ASN B 79 60.41 25.25 19.87
C ASN B 79 60.53 26.74 19.56
N ILE B 80 61.49 27.11 18.72
CA ILE B 80 61.65 28.51 18.35
C ILE B 80 60.41 29.02 17.63
N LYS B 81 59.79 28.16 16.82
CA LYS B 81 58.62 28.59 16.05
C LYS B 81 57.46 29.00 16.96
N GLN B 82 57.28 28.29 18.08
CA GLN B 82 56.18 28.60 18.99
C GLN B 82 56.36 29.93 19.71
N LEU B 83 57.54 30.54 19.64
CA LEU B 83 57.77 31.82 20.30
C LEU B 83 56.91 32.90 19.66
N VAL B 84 56.27 33.70 20.52
CA VAL B 84 55.45 34.84 20.09
C VAL B 84 56.19 36.12 20.47
N VAL B 85 56.41 36.98 19.48
CA VAL B 85 57.18 38.20 19.66
C VAL B 85 56.43 39.37 19.01
N SER B 86 56.75 40.56 19.49
CA SER B 86 56.25 41.80 18.91
C SER B 86 57.45 42.69 18.59
N SER B 87 57.35 43.45 17.50
CA SER B 87 58.46 44.27 17.03
C SER B 87 57.93 45.58 16.49
N GLU B 88 58.87 46.50 16.24
CA GLU B 88 58.55 47.83 15.71
C GLU B 88 59.43 48.26 14.54
N HIS B 89 60.61 47.67 14.37
CA HIS B 89 61.51 48.08 13.30
C HIS B 89 61.21 47.29 12.03
N ASP B 90 61.07 47.99 10.91
CA ASP B 90 60.77 47.33 9.65
C ASP B 90 61.87 46.35 9.27
N GLU B 91 63.12 46.78 9.38
CA GLU B 91 64.24 45.91 9.04
C GLU B 91 64.37 44.78 10.06
N PRO B 92 64.93 43.65 9.67
CA PRO B 92 65.13 42.57 10.65
C PRO B 92 66.08 43.01 11.76
N VAL B 93 65.81 42.52 12.96
CA VAL B 93 66.62 42.84 14.13
C VAL B 93 67.07 41.55 14.80
N VAL B 94 68.31 41.54 15.30
CA VAL B 94 68.96 40.35 15.82
C VAL B 94 69.07 40.48 17.33
N MET B 95 68.76 39.39 18.04
CA MET B 95 68.95 39.31 19.48
C MET B 95 69.69 38.01 19.82
N TYR B 96 70.33 38.01 20.98
CA TYR B 96 71.27 36.97 21.37
C TYR B 96 70.74 36.13 22.52
N LEU B 97 70.86 34.82 22.39
CA LEU B 97 70.58 33.86 23.46
C LEU B 97 71.91 33.33 23.97
N ARG B 98 72.14 33.50 25.29
CA ARG B 98 73.46 33.33 25.89
C ARG B 98 73.43 32.34 27.07
N LYS B 99 72.38 31.54 27.20
CA LYS B 99 72.27 30.65 28.35
C LYS B 99 73.39 29.61 28.33
N GLN B 100 73.77 29.17 29.52
CA GLN B 100 74.90 28.26 29.67
C GLN B 100 74.71 27.42 30.94
N GLY B 101 75.45 26.31 30.99
CA GLY B 101 75.46 25.44 32.14
C GLY B 101 74.30 24.46 32.13
N PRO B 102 74.39 23.41 32.95
CA PRO B 102 73.31 22.43 32.99
C PRO B 102 72.03 23.05 33.54
N GLY B 103 70.90 22.56 33.02
CA GLY B 103 69.61 23.06 33.46
C GLY B 103 68.61 23.20 32.33
N LEU B 104 67.75 24.20 32.43
CA LEU B 104 66.65 24.41 31.49
C LEU B 104 66.81 25.80 30.87
N VAL B 105 66.90 25.85 29.54
CA VAL B 105 66.99 27.13 28.83
C VAL B 105 65.60 27.46 28.29
N THR B 106 65.08 28.60 28.70
CA THR B 106 63.74 29.07 28.40
C THR B 106 63.82 30.43 27.69
N ALA B 107 62.65 30.94 27.30
CA ALA B 107 62.62 32.21 26.58
C ALA B 107 62.90 33.40 27.48
N ALA B 108 62.84 33.23 28.80
CA ALA B 108 63.08 34.33 29.71
C ALA B 108 64.54 34.76 29.76
N ASP B 109 65.45 33.97 29.19
CA ASP B 109 66.87 34.28 29.21
C ASP B 109 67.34 35.06 27.99
N ILE B 110 66.43 35.40 27.07
CA ILE B 110 66.82 36.18 25.91
C ILE B 110 67.00 37.65 26.31
N ALA B 111 67.75 38.39 25.50
CA ALA B 111 68.08 39.78 25.75
C ALA B 111 67.63 40.62 24.56
N PRO B 112 66.32 40.80 24.39
CA PRO B 112 65.81 41.55 23.24
C PRO B 112 66.28 43.00 23.30
N PRO B 113 66.58 43.62 22.16
CA PRO B 113 66.89 45.04 22.14
C PRO B 113 65.62 45.88 22.28
N ALA B 114 65.79 47.20 22.18
CA ALA B 114 64.67 48.11 22.29
C ALA B 114 63.74 47.94 21.10
N GLY B 115 62.43 48.03 21.37
CA GLY B 115 61.42 47.95 20.33
C GLY B 115 60.90 46.56 20.05
N VAL B 116 61.49 45.52 20.63
CA VAL B 116 61.03 44.15 20.45
C VAL B 116 60.78 43.53 21.81
N GLU B 117 59.66 42.82 21.93
CA GLU B 117 59.21 42.25 23.20
C GLU B 117 58.80 40.80 22.99
N VAL B 118 58.97 40.00 24.05
CA VAL B 118 58.56 38.60 24.09
C VAL B 118 57.40 38.47 25.06
N HIS B 119 56.30 37.90 24.60
CA HIS B 119 55.05 37.89 25.36
C HIS B 119 54.83 36.60 26.14
N ASN B 120 55.78 35.68 26.15
CA ASN B 120 55.69 34.45 26.95
C ASN B 120 57.10 34.04 27.37
N PRO B 121 57.68 34.73 28.35
CA PRO B 121 59.04 34.35 28.80
C PRO B 121 59.12 32.96 29.40
N ASP B 122 57.99 32.37 29.79
CA ASP B 122 57.99 31.06 30.43
C ASP B 122 58.07 29.90 29.43
N LEU B 123 58.13 30.19 28.13
CA LEU B 123 58.23 29.12 27.14
C LEU B 123 59.56 28.39 27.30
N VAL B 124 59.53 27.08 27.09
CA VAL B 124 60.71 26.23 27.20
C VAL B 124 61.36 26.13 25.83
N LEU B 125 62.67 26.36 25.76
CA LEU B 125 63.41 26.25 24.51
C LEU B 125 64.22 24.96 24.41
N ALA B 126 64.92 24.56 25.47
CA ALA B 126 65.70 23.33 25.41
C ALA B 126 66.20 23.00 26.81
N THR B 127 66.95 21.89 26.89
CA THR B 127 67.58 21.46 28.13
C THR B 127 69.08 21.30 27.89
N LEU B 128 69.89 21.76 28.85
CA LEU B 128 71.33 21.67 28.79
C LEU B 128 71.82 20.64 29.81
N ASN B 129 72.79 19.83 29.40
CA ASN B 129 73.37 18.82 30.26
C ASN B 129 74.87 18.75 30.02
N GLY B 130 75.60 18.31 31.04
CA GLY B 130 77.03 18.15 30.93
C GLY B 130 77.79 19.45 30.73
N LYS B 131 77.35 20.53 31.37
CA LYS B 131 78.03 21.82 31.30
C LYS B 131 78.21 22.26 29.85
N GLY B 132 77.20 22.04 29.03
CA GLY B 132 77.24 22.49 27.65
C GLY B 132 76.98 23.98 27.54
N LYS B 133 77.19 24.49 26.32
CA LYS B 133 76.99 25.90 26.01
C LYS B 133 75.99 26.03 24.87
N LEU B 134 75.08 27.00 25.00
CA LEU B 134 74.09 27.28 23.98
C LEU B 134 74.20 28.76 23.61
N GLU B 135 74.70 29.03 22.40
CA GLU B 135 74.83 30.37 21.86
C GLU B 135 73.99 30.45 20.60
N MET B 136 73.03 31.38 20.57
CA MET B 136 72.15 31.49 19.41
C MET B 136 71.90 32.95 19.08
N GLU B 137 71.61 33.19 17.80
CA GLU B 137 71.19 34.49 17.30
C GLU B 137 69.83 34.33 16.63
N LEU B 138 68.87 35.17 17.03
CA LEU B 138 67.51 35.12 16.51
C LEU B 138 67.21 36.42 15.77
N THR B 139 66.80 36.30 14.51
CA THR B 139 66.42 37.44 13.69
C THR B 139 64.90 37.49 13.60
N VAL B 140 64.33 38.66 13.90
CA VAL B 140 62.89 38.85 13.89
C VAL B 140 62.54 40.02 12.98
N GLU B 141 61.41 39.88 12.28
CA GLU B 141 60.93 40.93 11.38
C GLU B 141 59.42 40.80 11.25
N ARG B 142 58.82 41.78 10.57
CA ARG B 142 57.38 41.91 10.48
C ARG B 142 56.86 41.38 9.14
N GLY B 143 55.57 41.07 9.13
CA GLY B 143 54.95 40.51 7.94
C GLY B 143 53.47 40.25 8.16
N ARG B 144 52.89 39.51 7.22
CA ARG B 144 51.48 39.14 7.25
C ARG B 144 51.33 37.68 6.87
N GLY B 145 50.44 36.99 7.57
CA GLY B 145 50.14 35.61 7.21
C GLY B 145 51.29 34.66 7.50
N TYR B 146 51.24 33.51 6.85
CA TYR B 146 52.23 32.45 7.00
C TYR B 146 53.06 32.32 5.74
N VAL B 147 54.37 32.42 5.88
CA VAL B 147 55.31 32.29 4.77
C VAL B 147 56.28 31.16 5.10
N SER B 148 56.42 30.21 4.18
CA SER B 148 57.29 29.07 4.40
C SER B 148 58.74 29.53 4.47
N ALA B 149 59.64 28.59 4.76
CA ALA B 149 61.06 28.90 4.93
C ALA B 149 61.63 29.55 3.69
N VAL B 150 62.01 30.82 3.79
CA VAL B 150 62.65 31.50 2.66
C VAL B 150 63.96 30.78 2.39
N GLN B 151 64.12 30.26 1.17
CA GLN B 151 65.27 29.45 0.84
C GLN B 151 66.53 30.31 0.83
N ASN B 152 67.66 29.66 0.53
CA ASN B 152 68.96 30.32 0.60
C ASN B 152 68.98 31.58 -0.26
N LYS B 153 69.07 32.74 0.40
CA LYS B 153 69.15 34.00 -0.34
C LYS B 153 70.49 34.13 -1.06
N GLN B 154 71.59 33.89 -0.33
CA GLN B 154 72.93 33.85 -0.90
C GLN B 154 73.64 32.63 -0.35
N VAL B 155 74.15 31.79 -1.25
CA VAL B 155 74.76 30.53 -0.83
C VAL B 155 76.02 30.80 -0.01
N GLY B 156 76.85 31.73 -0.46
CA GLY B 156 78.12 32.01 0.18
C GLY B 156 78.08 33.06 1.28
N GLN B 157 76.88 33.50 1.69
CA GLN B 157 76.80 34.53 2.71
C GLN B 157 77.40 34.08 4.02
N GLU B 158 77.08 32.87 4.46
CA GLU B 158 77.62 32.30 5.70
C GLU B 158 77.40 30.79 5.66
N ILE B 159 77.60 30.15 6.81
CA ILE B 159 77.58 28.70 6.90
C ILE B 159 76.43 28.20 7.76
N GLY B 160 76.17 28.85 8.90
CA GLY B 160 75.29 28.28 9.89
C GLY B 160 73.88 28.84 9.95
N ARG B 161 73.56 29.85 9.13
CA ARG B 161 72.25 30.47 9.20
C ARG B 161 71.20 29.50 8.69
N ILE B 162 70.35 29.02 9.60
CA ILE B 162 69.26 28.12 9.27
C ILE B 162 67.99 28.96 9.14
N PRO B 163 67.36 29.03 7.96
CA PRO B 163 66.04 29.67 7.87
C PRO B 163 64.95 28.78 8.44
N VAL B 164 63.87 29.44 8.88
CA VAL B 164 62.73 28.76 9.50
C VAL B 164 61.45 29.35 8.95
N ASP B 165 60.37 28.58 9.08
CA ASP B 165 59.05 29.08 8.73
C ASP B 165 58.64 30.18 9.71
N SER B 166 57.84 31.12 9.21
CA SER B 166 57.42 32.27 9.99
C SER B 166 55.90 32.33 10.04
N ILE B 167 55.36 32.42 11.25
CA ILE B 167 53.92 32.58 11.46
C ILE B 167 53.73 33.99 11.99
N TYR B 168 53.30 34.90 11.11
CA TYR B 168 53.14 36.30 11.49
C TYR B 168 51.77 36.59 12.06
N SER B 169 50.72 35.97 11.53
CA SER B 169 49.37 36.33 11.91
C SER B 169 49.12 35.99 13.38
N PRO B 170 48.65 36.95 14.20
CA PRO B 170 48.24 36.58 15.57
C PRO B 170 47.22 35.45 15.61
N VAL B 171 46.28 35.41 14.67
CA VAL B 171 45.25 34.37 14.68
C VAL B 171 45.86 33.07 14.19
N LEU B 172 45.68 32.01 14.96
CA LEU B 172 46.23 30.69 14.63
C LEU B 172 45.22 29.79 13.93
N LYS B 173 43.99 29.70 14.45
CA LYS B 173 42.99 28.81 13.89
C LYS B 173 41.66 29.54 13.76
N VAL B 174 40.97 29.30 12.64
CA VAL B 174 39.65 29.88 12.40
C VAL B 174 38.80 28.84 11.69
N THR B 175 37.53 28.77 12.07
CA THR B 175 36.57 27.90 11.40
C THR B 175 35.22 28.59 11.40
N TYR B 176 34.33 28.14 10.51
CA TYR B 176 33.01 28.75 10.42
C TYR B 176 32.00 27.73 9.94
N LYS B 177 30.74 28.00 10.23
CA LYS B 177 29.64 27.19 9.71
C LYS B 177 28.37 28.03 9.73
N VAL B 178 27.38 27.58 8.96
CA VAL B 178 26.11 28.30 8.85
C VAL B 178 24.97 27.34 9.08
N GLU B 179 23.87 27.86 9.63
CA GLU B 179 22.71 27.05 9.98
C GLU B 179 21.45 27.85 9.70
N ALA B 180 20.31 27.17 9.80
CA ALA B 180 19.01 27.82 9.69
C ALA B 180 18.56 28.28 11.08
N THR B 181 17.94 29.46 11.13
CA THR B 181 17.65 30.10 12.41
C THR B 181 16.18 30.45 12.62
N ARG B 182 15.50 30.92 11.58
CA ARG B 182 14.18 31.52 11.77
C ARG B 182 13.10 30.46 11.88
N VAL B 183 12.15 30.71 12.77
CA VAL B 183 11.05 29.79 13.05
C VAL B 183 9.69 30.44 12.84
N GLU B 184 9.49 31.65 13.38
CA GLU B 184 8.19 32.31 13.31
C GLU B 184 7.75 32.53 11.87
N GLN B 185 8.48 33.37 11.13
CA GLN B 185 8.16 33.65 9.74
C GLN B 185 8.76 32.54 8.87
N ARG B 186 8.83 32.77 7.57
CA ARG B 186 9.44 31.80 6.68
C ARG B 186 10.86 31.48 7.14
N THR B 187 11.20 30.19 7.13
CA THR B 187 12.51 29.73 7.58
C THR B 187 13.54 29.97 6.48
N ASP B 188 14.71 29.34 6.64
CA ASP B 188 15.90 29.33 5.76
C ASP B 188 16.77 30.56 5.95
N PHE B 189 16.48 31.44 6.91
CA PHE B 189 17.37 32.53 7.22
C PHE B 189 18.66 31.99 7.83
N ASP B 190 19.78 32.60 7.47
CA ASP B 190 21.10 32.08 7.83
C ASP B 190 21.57 32.62 9.16
N LYS B 191 22.26 31.78 9.91
CA LYS B 191 22.99 32.15 11.12
C LYS B 191 24.42 31.65 10.97
N LEU B 192 25.39 32.54 11.18
CA LEU B 192 26.80 32.22 10.97
C LEU B 192 27.50 32.11 12.32
N ILE B 193 28.25 31.03 12.51
CA ILE B 193 29.03 30.80 13.73
C ILE B 193 30.48 30.72 13.32
N VAL B 194 31.32 31.57 13.92
CA VAL B 194 32.75 31.64 13.62
C VAL B 194 33.51 31.35 14.91
N ASP B 195 34.36 30.33 14.87
CA ASP B 195 35.20 29.97 16.00
C ASP B 195 36.63 30.43 15.74
N VAL B 196 37.19 31.21 16.66
CA VAL B 196 38.48 31.84 16.50
C VAL B 196 39.39 31.46 17.66
N GLU B 197 40.65 31.14 17.35
CA GLU B 197 41.65 30.80 18.35
C GLU B 197 42.95 31.51 17.97
N THR B 198 43.37 32.44 18.81
CA THR B 198 44.55 33.27 18.57
C THR B 198 45.66 32.83 19.52
N LYS B 199 46.78 33.56 19.48
CA LYS B 199 47.92 33.29 20.34
C LYS B 199 47.90 34.24 21.53
N GLN B 200 48.95 34.16 22.35
CA GLN B 200 48.95 34.84 23.65
C GLN B 200 48.94 36.35 23.53
N ALA B 201 49.37 36.92 22.40
CA ALA B 201 49.49 38.37 22.30
C ALA B 201 48.13 39.04 22.13
N MET B 202 47.45 38.74 21.03
CA MET B 202 46.22 39.43 20.66
C MET B 202 44.99 38.69 21.20
N ARG B 203 43.88 39.44 21.36
CA ARG B 203 42.60 38.89 21.74
C ARG B 203 41.71 38.71 20.51
N PRO B 204 40.79 37.75 20.53
CA PRO B 204 39.95 37.55 19.33
C PRO B 204 39.14 38.77 18.93
N ARG B 205 38.69 39.57 19.90
CA ARG B 205 37.86 40.73 19.57
C ARG B 205 38.62 41.72 18.71
N ASP B 206 39.88 41.98 19.05
CA ASP B 206 40.68 42.90 18.23
C ASP B 206 40.88 42.36 16.83
N ALA B 207 41.10 41.05 16.70
CA ALA B 207 41.24 40.45 15.38
C ALA B 207 39.97 40.63 14.56
N MET B 208 38.80 40.41 15.18
CA MET B 208 37.55 40.61 14.46
C MET B 208 37.38 42.06 14.02
N ALA B 209 37.72 43.00 14.90
CA ALA B 209 37.61 44.41 14.55
C ALA B 209 38.52 44.76 13.38
N SER B 210 39.76 44.28 13.41
CA SER B 210 40.68 44.57 12.32
C SER B 210 40.21 43.96 11.01
N ALA B 211 39.70 42.73 11.06
CA ALA B 211 39.16 42.11 9.85
C ALA B 211 38.00 42.92 9.30
N GLY B 212 37.10 43.36 10.17
CA GLY B 212 35.99 44.19 9.71
C GLY B 212 36.47 45.47 9.05
N LYS B 213 37.44 46.14 9.65
CA LYS B 213 37.97 47.37 9.06
C LYS B 213 38.58 47.10 7.69
N THR B 214 39.39 46.05 7.58
CA THR B 214 40.03 45.75 6.30
C THR B 214 39.00 45.48 5.22
N LEU B 215 37.99 44.64 5.53
CA LEU B 215 36.99 44.32 4.52
C LEU B 215 36.15 45.53 4.15
N VAL B 216 35.83 46.37 5.14
CA VAL B 216 35.06 47.59 4.86
C VAL B 216 35.83 48.47 3.87
N GLU B 217 37.14 48.64 4.11
CA GLU B 217 37.94 49.44 3.19
C GLU B 217 37.98 48.81 1.80
N LEU B 218 38.19 47.49 1.75
CA LEU B 218 38.31 46.81 0.46
C LEU B 218 37.05 46.97 -0.37
N PHE B 219 35.89 46.85 0.26
CA PHE B 219 34.64 46.95 -0.51
C PHE B 219 34.17 48.38 -0.71
N GLY B 220 34.57 49.32 0.16
CA GLY B 220 34.38 50.72 -0.18
C GLY B 220 35.17 51.11 -1.40
N LEU B 221 36.30 50.44 -1.64
CA LEU B 221 37.04 50.63 -2.88
C LEU B 221 36.11 50.48 -4.09
N ALA B 222 35.29 49.43 -4.11
CA ALA B 222 34.36 49.21 -5.20
C ALA B 222 33.15 50.14 -5.11
N ARG B 223 32.69 50.42 -3.89
CA ARG B 223 31.54 51.32 -3.73
C ARG B 223 31.84 52.71 -4.28
N GLU B 224 33.11 53.11 -4.29
CA GLU B 224 33.47 54.46 -4.74
C GLU B 224 33.19 54.68 -6.23
N LEU B 225 32.91 53.63 -7.00
CA LEU B 225 32.68 53.80 -8.43
C LEU B 225 31.51 54.74 -8.69
N ASN B 226 30.42 54.58 -7.93
CA ASN B 226 29.25 55.45 -8.06
C ASN B 226 28.58 55.51 -6.69
N ILE B 227 28.85 56.58 -5.95
CA ILE B 227 28.38 56.67 -4.57
C ILE B 227 26.86 56.67 -4.50
N ASP B 228 26.19 57.31 -5.48
CA ASP B 228 24.74 57.45 -5.46
C ASP B 228 24.08 56.25 -6.15
N ALA B 229 24.35 55.06 -5.59
CA ALA B 229 23.78 53.81 -6.08
C ALA B 229 22.99 53.16 -4.95
N GLU B 230 21.77 52.72 -5.25
CA GLU B 230 20.91 52.14 -4.24
C GLU B 230 21.38 50.73 -3.89
N GLY B 231 21.49 50.46 -2.60
CA GLY B 231 21.86 49.16 -2.10
C GLY B 231 20.85 48.66 -1.08
N ILE B 232 21.34 47.87 -0.14
CA ILE B 232 20.54 47.35 0.95
C ILE B 232 20.79 48.22 2.17
N ASP B 233 19.91 49.17 2.41
CA ASP B 233 20.01 50.06 3.56
C ASP B 233 19.53 49.34 4.81
N MET B 234 19.96 49.84 5.97
CA MET B 234 19.79 49.12 7.22
C MET B 234 19.07 49.92 8.30
N GLY B 235 19.20 51.24 8.30
CA GLY B 235 18.47 52.09 9.22
C GLY B 235 19.34 52.60 10.36
N PRO B 236 19.18 52.03 11.57
CA PRO B 236 19.99 52.49 12.72
C PRO B 236 21.49 52.49 12.45
N ALA C 33 8.65 12.43 -44.37
CA ALA C 33 8.22 13.56 -45.19
C ALA C 33 9.38 14.51 -45.45
N SER C 34 9.32 15.21 -46.59
CA SER C 34 10.37 16.16 -46.93
C SER C 34 10.34 17.39 -46.03
N THR C 35 9.19 17.71 -45.45
CA THR C 35 9.06 18.86 -44.56
C THR C 35 9.28 18.49 -43.10
N ALA C 36 10.43 17.85 -42.82
CA ALA C 36 10.79 17.45 -41.48
C ALA C 36 11.87 18.38 -40.93
N PRO C 37 11.91 18.59 -39.61
CA PRO C 37 12.96 19.45 -39.04
C PRO C 37 14.33 18.84 -39.24
N LEU C 38 15.33 19.72 -39.34
CA LEU C 38 16.69 19.28 -39.60
C LEU C 38 17.25 18.49 -38.42
N ARG C 39 17.93 17.40 -38.72
CA ARG C 39 18.59 16.58 -37.70
C ARG C 39 19.69 15.80 -38.37
N ILE C 40 20.95 16.18 -38.10
CA ILE C 40 22.09 15.54 -38.75
C ILE C 40 22.29 14.15 -38.19
N SER C 41 22.59 13.19 -39.07
CA SER C 41 22.64 11.78 -38.72
C SER C 41 24.07 11.26 -38.85
N PHE C 42 24.48 10.42 -37.90
CA PHE C 42 25.77 9.75 -37.92
C PHE C 42 25.69 8.36 -38.53
N ALA C 43 24.54 7.98 -39.08
CA ALA C 43 24.37 6.64 -39.63
C ALA C 43 25.34 6.41 -40.76
N LYS C 44 25.86 5.18 -40.84
CA LYS C 44 26.79 4.78 -41.89
C LYS C 44 26.29 3.59 -42.69
N ILE C 45 25.08 3.11 -42.43
CA ILE C 45 24.46 2.02 -43.19
C ILE C 45 23.17 2.55 -43.79
N LYS C 46 23.01 2.39 -45.10
CA LYS C 46 21.83 2.88 -45.80
C LYS C 46 20.75 1.80 -45.79
N GLU C 47 19.58 2.14 -45.26
CA GLU C 47 18.50 1.17 -45.13
C GLU C 47 17.70 1.08 -46.43
N PRO C 48 17.32 -0.12 -46.87
CA PRO C 48 16.51 -0.25 -48.08
C PRO C 48 15.01 -0.34 -47.84
N LEU C 49 14.54 -0.20 -46.61
CA LEU C 49 13.13 -0.37 -46.30
C LEU C 49 12.72 0.63 -45.21
N GLU C 50 11.54 1.22 -45.39
CA GLU C 50 10.99 2.14 -44.42
C GLU C 50 10.15 1.39 -43.40
N VAL C 51 10.04 1.96 -42.21
CA VAL C 51 9.23 1.32 -41.16
C VAL C 51 7.77 1.32 -41.60
N PRO C 52 7.00 0.25 -41.39
CA PRO C 52 5.62 0.24 -41.86
C PRO C 52 4.72 1.17 -41.06
N ASN C 53 3.43 1.19 -41.37
CA ASN C 53 2.48 1.94 -40.58
C ASN C 53 2.36 1.31 -39.21
N LEU C 54 2.69 2.08 -38.16
CA LEU C 54 2.78 1.50 -36.82
C LEU C 54 1.42 1.10 -36.26
N LEU C 55 0.33 1.65 -36.78
CA LEU C 55 -1.00 1.36 -36.28
C LEU C 55 -1.77 0.36 -37.16
N ALA C 56 -1.13 -0.19 -38.19
CA ALA C 56 -1.84 -1.11 -39.07
C ALA C 56 -2.33 -2.35 -38.33
N LEU C 57 -1.65 -2.71 -37.24
CA LEU C 57 -1.97 -3.96 -36.53
C LEU C 57 -3.43 -4.04 -36.12
N GLN C 58 -4.07 -2.90 -35.85
CA GLN C 58 -5.45 -2.86 -35.41
C GLN C 58 -6.40 -2.36 -36.49
N THR C 59 -5.99 -1.34 -37.26
CA THR C 59 -6.84 -0.83 -38.32
C THR C 59 -7.10 -1.90 -39.37
N GLU C 60 -6.08 -2.65 -39.76
CA GLU C 60 -6.28 -3.70 -40.76
C GLU C 60 -7.24 -4.77 -40.25
N SER C 61 -7.09 -5.17 -38.99
CA SER C 61 -7.96 -6.19 -38.43
C SER C 61 -9.41 -5.73 -38.41
N PHE C 62 -9.65 -4.49 -37.97
CA PHE C 62 -11.03 -4.03 -37.91
C PHE C 62 -11.60 -3.80 -39.31
N ASP C 63 -10.79 -3.35 -40.26
CA ASP C 63 -11.26 -3.22 -41.63
C ASP C 63 -11.65 -4.58 -42.19
N TRP C 64 -10.87 -5.62 -41.91
CA TRP C 64 -11.27 -6.96 -42.31
C TRP C 64 -12.58 -7.36 -41.66
N LEU C 65 -12.74 -7.07 -40.37
CA LEU C 65 -13.97 -7.46 -39.68
C LEU C 65 -15.19 -6.79 -40.31
N LEU C 66 -15.12 -5.47 -40.53
CA LEU C 66 -16.27 -4.77 -41.09
C LEU C 66 -16.49 -5.13 -42.55
N GLY C 67 -15.42 -5.12 -43.34
CA GLY C 67 -15.54 -5.31 -44.77
C GLY C 67 -15.58 -3.97 -45.49
N ASN C 68 -14.79 -3.02 -44.98
CA ASN C 68 -14.79 -1.66 -45.51
C ASN C 68 -14.31 -1.62 -46.95
N ALA C 69 -14.31 -0.44 -47.56
CA ALA C 69 -13.73 -0.29 -48.89
C ALA C 69 -12.21 -0.41 -48.85
N ALA C 70 -11.59 -0.06 -47.72
CA ALA C 70 -10.15 -0.20 -47.60
C ALA C 70 -9.73 -1.66 -47.70
N TRP C 71 -10.46 -2.56 -47.04
CA TRP C 71 -10.13 -3.97 -47.12
C TRP C 71 -10.33 -4.51 -48.53
N LYS C 72 -11.39 -4.05 -49.21
CA LYS C 72 -11.61 -4.46 -50.59
C LYS C 72 -10.47 -3.98 -51.49
N ALA C 73 -10.01 -2.75 -51.27
CA ALA C 73 -8.87 -2.26 -52.05
C ALA C 73 -7.62 -3.09 -51.77
N ARG C 74 -7.38 -3.43 -50.51
CA ARG C 74 -6.20 -4.23 -50.17
C ARG C 74 -6.26 -5.60 -50.83
N VAL C 75 -7.40 -6.29 -50.71
CA VAL C 75 -7.49 -7.64 -51.27
C VAL C 75 -7.44 -7.59 -52.79
N GLU C 76 -7.99 -6.53 -53.40
CA GLU C 76 -7.90 -6.40 -54.85
C GLU C 76 -6.45 -6.33 -55.31
N ALA C 77 -5.63 -5.52 -54.63
CA ALA C 77 -4.22 -5.47 -54.97
C ALA C 77 -3.50 -6.76 -54.60
N ALA C 78 -4.02 -7.49 -53.61
CA ALA C 78 -3.39 -8.74 -53.19
C ALA C 78 -3.36 -9.75 -54.33
N LEU C 79 -4.41 -9.78 -55.14
CA LEU C 79 -4.43 -10.68 -56.29
C LEU C 79 -3.26 -10.38 -57.21
N GLU C 80 -2.51 -11.43 -57.56
CA GLU C 80 -1.35 -11.40 -58.44
C GLU C 80 -0.10 -10.87 -57.73
N SER C 81 -0.17 -10.58 -56.43
CA SER C 81 1.00 -10.07 -55.71
C SER C 81 0.80 -10.26 -54.22
N GLY C 82 1.64 -11.07 -53.59
CA GLY C 82 1.58 -11.27 -52.16
C GLY C 82 0.45 -12.19 -51.74
N GLN C 83 0.20 -12.21 -50.43
CA GLN C 83 -0.87 -13.02 -49.85
C GLN C 83 -1.61 -12.19 -48.80
N ASP C 84 -2.65 -11.49 -49.25
CA ASP C 84 -3.69 -10.94 -48.40
C ASP C 84 -5.05 -11.43 -48.90
N VAL C 85 -5.11 -12.72 -49.20
CA VAL C 85 -6.17 -13.32 -50.02
C VAL C 85 -7.53 -13.39 -49.33
N PRO C 86 -7.64 -13.55 -47.97
CA PRO C 86 -8.97 -13.81 -47.39
C PRO C 86 -10.07 -12.92 -47.94
N THR C 87 -11.02 -13.53 -48.63
CA THR C 87 -12.01 -12.82 -49.42
C THR C 87 -13.32 -12.58 -48.69
N LYS C 88 -13.42 -12.97 -47.42
CA LYS C 88 -14.65 -12.86 -46.65
C LYS C 88 -14.39 -12.06 -45.39
N SER C 89 -15.15 -11.00 -45.20
CA SER C 89 -15.08 -10.25 -43.95
C SER C 89 -15.63 -11.10 -42.81
N GLY C 90 -15.30 -10.70 -41.58
CA GLY C 90 -15.70 -11.49 -40.43
C GLY C 90 -17.21 -11.62 -40.31
N LEU C 91 -17.92 -10.50 -40.43
CA LEU C 91 -19.38 -10.54 -40.31
C LEU C 91 -19.99 -11.38 -41.42
N GLU C 92 -19.48 -11.25 -42.65
CA GLU C 92 -19.97 -12.08 -43.74
C GLU C 92 -19.72 -13.56 -43.46
N GLU C 93 -18.54 -13.87 -42.93
CA GLU C 93 -18.23 -15.27 -42.60
C GLU C 93 -19.21 -15.81 -41.56
N ILE C 94 -19.48 -15.04 -40.51
CA ILE C 94 -20.40 -15.51 -39.48
C ILE C 94 -21.81 -15.70 -40.04
N PHE C 95 -22.28 -14.73 -40.83
CA PHE C 95 -23.63 -14.85 -41.38
C PHE C 95 -23.74 -16.03 -42.35
N GLU C 96 -22.70 -16.26 -43.15
CA GLU C 96 -22.73 -17.41 -44.05
C GLU C 96 -22.69 -18.72 -43.28
N GLU C 97 -21.86 -18.79 -42.24
CA GLU C 97 -21.74 -20.02 -41.46
C GLU C 97 -23.03 -20.34 -40.72
N ILE C 98 -23.67 -19.34 -40.12
CA ILE C 98 -24.81 -19.60 -39.24
C ILE C 98 -26.01 -20.07 -40.05
N SER C 99 -26.23 -19.48 -41.22
CA SER C 99 -27.34 -19.88 -42.07
C SER C 99 -26.99 -21.18 -42.80
N PRO C 100 -28.01 -21.96 -43.22
CA PRO C 100 -29.44 -21.76 -43.00
C PRO C 100 -29.92 -22.33 -41.66
N ILE C 101 -31.06 -21.85 -41.17
CA ILE C 101 -31.70 -22.37 -39.98
C ILE C 101 -32.95 -23.10 -40.44
N GLU C 102 -32.99 -24.42 -40.21
CA GLU C 102 -34.04 -25.27 -40.73
C GLU C 102 -34.73 -26.01 -39.59
N ASP C 103 -36.02 -26.28 -39.79
CA ASP C 103 -36.80 -27.05 -38.85
C ASP C 103 -36.47 -28.53 -38.99
N PHE C 104 -36.88 -29.32 -37.99
CA PHE C 104 -36.69 -30.77 -38.07
C PHE C 104 -37.44 -31.34 -39.27
N SER C 105 -38.68 -30.88 -39.50
CA SER C 105 -39.42 -31.33 -40.66
C SER C 105 -38.73 -30.93 -41.95
N GLY C 106 -37.96 -29.84 -41.94
CA GLY C 106 -37.29 -29.38 -43.14
C GLY C 106 -38.18 -28.70 -44.15
N SER C 107 -39.41 -28.35 -43.76
CA SER C 107 -40.35 -27.72 -44.67
C SER C 107 -40.15 -26.22 -44.80
N MET C 108 -39.20 -25.64 -44.08
CA MET C 108 -39.11 -24.18 -43.99
C MET C 108 -37.72 -23.81 -43.47
N SER C 109 -37.24 -22.64 -43.91
CA SER C 109 -35.90 -22.22 -43.56
C SER C 109 -35.81 -20.70 -43.57
N LEU C 110 -34.77 -20.18 -42.91
CA LEU C 110 -34.49 -18.75 -42.82
C LEU C 110 -33.00 -18.54 -43.07
N THR C 111 -32.66 -17.52 -43.86
CA THR C 111 -31.27 -17.28 -44.22
C THR C 111 -30.95 -15.80 -44.10
N PHE C 112 -29.71 -15.51 -43.70
CA PHE C 112 -29.17 -14.16 -43.66
C PHE C 112 -28.09 -14.01 -44.71
N ARG C 113 -27.87 -12.77 -45.16
CA ARG C 113 -26.75 -12.44 -46.04
C ARG C 113 -26.76 -10.94 -46.27
N ASP C 114 -25.73 -10.46 -46.97
CA ASP C 114 -25.66 -9.10 -47.48
C ASP C 114 -25.80 -8.07 -46.36
N HIS C 115 -24.80 -8.07 -45.47
CA HIS C 115 -24.78 -7.10 -44.39
C HIS C 115 -24.38 -5.72 -44.90
N ARG C 116 -24.85 -4.69 -44.21
CA ARG C 116 -24.60 -3.31 -44.60
C ARG C 116 -24.55 -2.44 -43.36
N PHE C 117 -23.91 -1.27 -43.51
CA PHE C 117 -23.73 -0.32 -42.44
C PHE C 117 -24.26 1.04 -42.86
N GLU C 118 -24.72 1.82 -41.88
CA GLU C 118 -25.25 3.14 -42.07
C GLU C 118 -24.36 4.18 -41.40
N PRO C 119 -24.40 5.44 -41.84
CA PRO C 119 -23.54 6.44 -41.22
C PRO C 119 -23.87 6.61 -39.76
N PRO C 120 -22.87 6.89 -38.92
CA PRO C 120 -23.13 6.99 -37.47
C PRO C 120 -24.05 8.16 -37.15
N LYS C 121 -24.83 7.99 -36.09
CA LYS C 121 -25.80 9.01 -35.70
C LYS C 121 -25.13 10.22 -35.06
N ASN C 122 -23.95 10.07 -34.47
CA ASN C 122 -23.26 11.15 -33.79
C ASN C 122 -21.79 11.14 -34.16
N SER C 123 -21.15 12.30 -34.06
CA SER C 123 -19.72 12.42 -34.32
C SER C 123 -18.92 12.03 -33.08
N ILE C 124 -17.61 11.98 -33.23
CA ILE C 124 -16.74 11.57 -32.12
C ILE C 124 -16.81 12.59 -30.98
N ASP C 125 -16.75 13.88 -31.33
CA ASP C 125 -16.75 14.90 -30.29
C ASP C 125 -18.04 14.87 -29.48
N GLU C 126 -19.19 14.74 -30.15
CA GLU C 126 -20.45 14.67 -29.43
C GLU C 126 -20.51 13.44 -28.54
N CYS C 127 -20.02 12.30 -29.03
CA CYS C 127 -20.03 11.09 -28.22
C CYS C 127 -19.16 11.24 -26.98
N LYS C 128 -17.99 11.87 -27.12
CA LYS C 128 -17.13 12.08 -25.96
C LYS C 128 -17.67 13.15 -25.02
N ASP C 129 -18.49 14.07 -25.53
CA ASP C 129 -19.01 15.14 -24.69
C ASP C 129 -20.23 14.70 -23.89
N ARG C 130 -21.17 14.01 -24.53
CA ARG C 130 -22.43 13.63 -23.91
C ARG C 130 -22.43 12.19 -23.40
N ASP C 131 -21.28 11.52 -23.40
CA ASP C 131 -21.15 10.17 -22.86
C ASP C 131 -22.01 9.17 -23.64
N PHE C 132 -21.83 9.16 -24.96
CA PHE C 132 -22.43 8.17 -25.84
C PHE C 132 -21.36 7.22 -26.36
N THR C 133 -21.81 6.13 -26.96
CA THR C 133 -20.94 5.13 -27.56
C THR C 133 -20.91 5.33 -29.07
N TYR C 134 -19.72 5.51 -29.63
CA TYR C 134 -19.58 5.71 -31.06
C TYR C 134 -19.82 4.38 -31.78
N GLY C 135 -20.83 4.37 -32.65
CA GLY C 135 -21.18 3.15 -33.36
C GLY C 135 -22.03 3.47 -34.58
N ALA C 136 -22.33 2.43 -35.34
CA ALA C 136 -23.11 2.55 -36.55
C ALA C 136 -24.17 1.45 -36.60
N PRO C 137 -25.34 1.72 -37.18
CA PRO C 137 -26.34 0.66 -37.32
C PRO C 137 -25.90 -0.43 -38.29
N LEU C 138 -26.32 -1.65 -38.02
CA LEU C 138 -26.01 -2.80 -38.85
C LEU C 138 -27.30 -3.41 -39.38
N PHE C 139 -27.39 -3.57 -40.70
CA PHE C 139 -28.55 -4.16 -41.35
C PHE C 139 -28.15 -5.45 -42.05
N VAL C 140 -29.05 -6.43 -42.03
CA VAL C 140 -28.84 -7.69 -42.73
C VAL C 140 -30.14 -8.08 -43.43
N THR C 141 -30.04 -8.42 -44.71
CA THR C 141 -31.20 -8.83 -45.50
C THR C 141 -31.41 -10.33 -45.33
N ALA C 142 -32.58 -10.72 -44.86
CA ALA C 142 -32.89 -12.10 -44.57
C ALA C 142 -34.03 -12.59 -45.45
N GLU C 143 -33.88 -13.79 -46.01
CA GLU C 143 -34.94 -14.45 -46.76
C GLU C 143 -35.60 -15.52 -45.90
N PHE C 144 -36.86 -15.80 -46.23
CA PHE C 144 -37.78 -16.59 -45.39
C PHE C 144 -38.47 -17.60 -46.32
N THR C 145 -37.83 -18.75 -46.49
CA THR C 145 -38.22 -19.70 -47.52
C THR C 145 -39.15 -20.77 -46.95
N ASN C 146 -40.21 -21.09 -47.68
CA ASN C 146 -41.14 -22.15 -47.33
C ASN C 146 -41.15 -23.19 -48.43
N ASN C 147 -40.96 -24.46 -48.05
CA ASN C 147 -40.96 -25.54 -49.04
C ASN C 147 -42.30 -25.71 -49.71
N GLU C 148 -43.38 -25.20 -49.12
CA GLU C 148 -44.72 -25.31 -49.69
C GLU C 148 -45.07 -24.00 -50.38
N THR C 149 -45.40 -24.09 -51.67
CA THR C 149 -45.82 -22.97 -52.53
C THR C 149 -44.66 -22.06 -52.91
N GLY C 150 -43.45 -22.30 -52.42
CA GLY C 150 -42.31 -21.47 -52.76
C GLY C 150 -42.45 -20.04 -52.30
N GLU C 151 -42.49 -19.84 -50.99
CA GLU C 151 -42.64 -18.52 -50.41
C GLU C 151 -41.28 -17.87 -50.17
N ILE C 152 -41.26 -16.54 -50.23
CA ILE C 152 -40.04 -15.77 -49.97
C ILE C 152 -40.46 -14.42 -49.41
N LYS C 153 -39.84 -14.03 -48.30
CA LYS C 153 -40.16 -12.80 -47.58
C LYS C 153 -38.90 -11.96 -47.38
N SER C 154 -38.13 -11.78 -48.45
CA SER C 154 -36.90 -10.99 -48.38
C SER C 154 -37.19 -9.61 -47.81
N GLN C 155 -36.58 -9.32 -46.65
CA GLN C 155 -36.81 -8.05 -45.98
C GLN C 155 -35.60 -7.74 -45.11
N THR C 156 -35.49 -6.46 -44.74
CA THR C 156 -34.35 -5.97 -43.97
C THR C 156 -34.58 -6.17 -42.48
N VAL C 157 -33.47 -6.39 -41.76
CA VAL C 157 -33.50 -6.58 -40.31
C VAL C 157 -32.42 -5.70 -39.70
N PHE C 158 -32.75 -5.08 -38.56
CA PHE C 158 -31.82 -4.22 -37.83
C PHE C 158 -31.19 -5.05 -36.71
N MET C 159 -29.89 -5.33 -36.85
CA MET C 159 -29.19 -6.22 -35.93
C MET C 159 -28.53 -5.49 -34.77
N GLY C 160 -28.56 -4.16 -34.74
CA GLY C 160 -28.09 -3.39 -33.62
C GLY C 160 -27.04 -2.37 -34.01
N ASP C 161 -26.59 -1.63 -33.00
CA ASP C 161 -25.56 -0.61 -33.17
C ASP C 161 -24.20 -1.25 -32.89
N PHE C 162 -23.43 -1.47 -33.94
CA PHE C 162 -22.11 -2.07 -33.82
C PHE C 162 -21.10 -0.96 -33.55
N PRO C 163 -20.30 -1.05 -32.47
CA PRO C 163 -19.29 -0.01 -32.23
C PRO C 163 -18.27 0.05 -33.36
N LEU C 164 -17.77 1.25 -33.61
CA LEU C 164 -16.77 1.49 -34.65
C LEU C 164 -15.45 1.90 -34.02
N MET C 165 -14.39 1.78 -34.82
CA MET C 165 -13.04 2.14 -34.42
C MET C 165 -12.68 3.47 -35.05
N THR C 166 -12.16 4.40 -34.25
CA THR C 166 -11.81 5.72 -34.75
C THR C 166 -10.58 5.62 -35.65
N ASN C 167 -10.13 6.78 -36.14
CA ASN C 167 -8.97 6.82 -37.02
C ASN C 167 -7.67 6.51 -36.29
N LYS C 168 -7.69 6.51 -34.96
CA LYS C 168 -6.48 6.29 -34.16
C LYS C 168 -6.44 4.92 -33.51
N GLY C 169 -7.27 3.99 -33.97
CA GLY C 169 -7.28 2.66 -33.40
C GLY C 169 -7.76 2.59 -31.96
N THR C 170 -8.76 3.40 -31.61
CA THR C 170 -9.34 3.37 -30.28
C THR C 170 -10.85 3.43 -30.38
N PHE C 171 -11.52 2.82 -29.40
CA PHE C 171 -12.97 2.84 -29.32
C PHE C 171 -13.41 3.90 -28.33
N VAL C 172 -14.59 4.48 -28.59
CA VAL C 172 -15.19 5.45 -27.67
C VAL C 172 -16.40 4.80 -27.02
N ILE C 173 -16.20 4.19 -25.86
CA ILE C 173 -17.24 3.44 -25.16
C ILE C 173 -17.69 4.26 -23.97
N ASN C 174 -18.99 4.58 -23.92
CA ASN C 174 -19.56 5.35 -22.82
C ASN C 174 -18.81 6.65 -22.57
N GLY C 175 -18.28 7.24 -23.64
CA GLY C 175 -17.58 8.50 -23.54
C GLY C 175 -16.11 8.40 -23.21
N THR C 176 -15.59 7.21 -22.94
CA THR C 176 -14.19 7.03 -22.59
C THR C 176 -13.46 6.28 -23.70
N GLU C 177 -12.19 6.63 -23.91
CA GLU C 177 -11.39 5.99 -24.94
C GLU C 177 -10.81 4.69 -24.41
N ARG C 178 -10.94 3.62 -25.19
CA ARG C 178 -10.53 2.28 -24.79
C ARG C 178 -9.74 1.64 -25.93
N VAL C 179 -8.83 0.73 -25.55
CA VAL C 179 -7.97 0.05 -26.50
C VAL C 179 -8.11 -1.45 -26.29
N VAL C 180 -8.21 -2.19 -27.39
CA VAL C 180 -8.25 -3.65 -27.36
C VAL C 180 -6.87 -4.17 -27.73
N VAL C 181 -6.29 -5.00 -26.87
CA VAL C 181 -4.93 -5.49 -27.02
C VAL C 181 -4.95 -6.91 -27.55
N SER C 182 -4.09 -7.21 -28.51
CA SER C 182 -4.01 -8.53 -29.09
C SER C 182 -3.56 -9.54 -28.04
N GLN C 183 -3.92 -10.81 -28.26
CA GLN C 183 -3.68 -11.88 -27.30
C GLN C 183 -2.79 -12.94 -27.92
N LEU C 184 -1.77 -13.37 -27.18
CA LEU C 184 -0.91 -14.47 -27.59
C LEU C 184 -1.48 -15.78 -27.05
N VAL C 185 -1.82 -16.71 -27.94
CA VAL C 185 -2.40 -17.98 -27.54
C VAL C 185 -1.67 -19.10 -28.24
N ARG C 186 -1.87 -20.31 -27.72
CA ARG C 186 -1.31 -21.51 -28.33
C ARG C 186 -2.22 -21.95 -29.46
N SER C 187 -1.67 -22.04 -30.67
CA SER C 187 -2.48 -22.35 -31.83
C SER C 187 -3.00 -23.78 -31.77
N PRO C 188 -4.19 -24.05 -32.30
CA PRO C 188 -4.71 -25.41 -32.28
C PRO C 188 -3.94 -26.32 -33.23
N GLY C 189 -3.92 -27.60 -32.90
CA GLY C 189 -3.25 -28.57 -33.75
C GLY C 189 -2.87 -29.81 -32.95
N VAL C 190 -1.91 -30.54 -33.49
CA VAL C 190 -1.42 -31.78 -32.90
C VAL C 190 0.00 -31.52 -32.39
N TYR C 191 0.25 -31.89 -31.13
CA TYR C 191 1.53 -31.63 -30.49
C TYR C 191 2.03 -32.89 -29.80
N PHE C 192 3.26 -33.27 -30.10
CA PHE C 192 3.92 -34.44 -29.52
C PHE C 192 4.98 -33.99 -28.52
N ASP C 193 5.15 -34.76 -27.46
CA ASP C 193 6.10 -34.41 -26.42
C ASP C 193 6.64 -35.67 -25.78
N SER C 194 7.80 -35.56 -25.14
CA SER C 194 8.44 -36.67 -24.45
C SER C 194 9.06 -36.17 -23.16
N SER C 195 9.00 -36.99 -22.12
CA SER C 195 9.58 -36.67 -20.82
C SER C 195 10.24 -37.93 -20.26
N ILE C 196 10.88 -37.78 -19.11
CA ILE C 196 11.61 -38.86 -18.46
C ILE C 196 10.80 -39.34 -17.26
N ASP C 197 10.66 -40.67 -17.14
CA ASP C 197 9.96 -41.25 -16.00
C ASP C 197 10.93 -41.34 -14.83
N LYS C 198 10.58 -40.69 -13.71
CA LYS C 198 11.50 -40.57 -12.61
C LYS C 198 11.86 -41.92 -12.01
N THR C 199 10.87 -42.81 -11.87
CA THR C 199 11.10 -44.05 -11.14
C THR C 199 12.04 -44.98 -11.90
N SER C 200 11.77 -45.19 -13.20
CA SER C 200 12.47 -46.21 -13.97
C SER C 200 13.49 -45.63 -14.95
N ASP C 201 13.63 -44.31 -15.01
CA ASP C 201 14.54 -43.68 -15.98
C ASP C 201 14.19 -44.09 -17.40
N LYS C 202 12.88 -44.12 -17.69
CA LYS C 202 12.37 -44.55 -18.99
C LYS C 202 11.59 -43.41 -19.62
N ASP C 203 11.76 -43.24 -20.93
CA ASP C 203 11.09 -42.15 -21.63
C ASP C 203 9.60 -42.46 -21.78
N ILE C 204 8.78 -41.42 -21.61
CA ILE C 204 7.33 -41.51 -21.77
C ILE C 204 6.92 -40.45 -22.79
N PHE C 205 6.16 -40.86 -23.80
CA PHE C 205 5.78 -40.00 -24.90
C PHE C 205 4.27 -39.78 -24.90
N SER C 206 3.86 -38.60 -25.33
CA SER C 206 2.45 -38.22 -25.38
C SER C 206 2.19 -37.39 -26.63
N ALA C 207 0.92 -37.36 -27.04
CA ALA C 207 0.53 -36.67 -28.26
C ALA C 207 -0.90 -36.19 -28.10
N LYS C 208 -1.08 -34.87 -28.07
CA LYS C 208 -2.40 -34.27 -27.88
C LYS C 208 -2.90 -33.66 -29.18
N ILE C 209 -4.22 -33.61 -29.34
CA ILE C 209 -4.85 -32.90 -30.44
C ILE C 209 -5.79 -31.89 -29.81
N ILE C 210 -5.41 -30.62 -29.82
CA ILE C 210 -6.18 -29.56 -29.16
C ILE C 210 -6.81 -28.70 -30.24
N PRO C 211 -8.15 -28.67 -30.36
CA PRO C 211 -8.81 -27.74 -31.29
C PRO C 211 -9.25 -26.46 -30.60
N SER C 212 -9.83 -25.55 -31.37
CA SER C 212 -10.58 -24.42 -30.83
C SER C 212 -12.06 -24.76 -30.86
N ARG C 213 -12.74 -24.56 -29.73
CA ARG C 213 -14.15 -24.92 -29.60
C ARG C 213 -14.35 -26.42 -29.86
N GLY C 214 -13.80 -27.22 -28.95
CA GLY C 214 -13.94 -28.65 -29.06
C GLY C 214 -13.35 -29.35 -27.87
N ALA C 215 -13.39 -30.68 -27.91
CA ALA C 215 -12.84 -31.52 -26.86
C ALA C 215 -11.43 -31.97 -27.23
N TRP C 216 -10.70 -32.46 -26.23
CA TRP C 216 -9.33 -32.92 -26.39
C TRP C 216 -9.29 -34.44 -26.43
N LEU C 217 -8.31 -34.96 -27.19
CA LEU C 217 -7.94 -36.36 -27.10
C LEU C 217 -6.43 -36.45 -27.14
N GLU C 218 -5.87 -37.29 -26.28
CA GLU C 218 -4.42 -37.38 -26.15
C GLU C 218 -4.01 -38.84 -25.98
N MET C 219 -3.13 -39.30 -26.86
CA MET C 219 -2.51 -40.61 -26.74
C MET C 219 -1.24 -40.50 -25.90
N GLU C 220 -0.83 -41.63 -25.33
CA GLU C 220 0.41 -41.65 -24.56
C GLU C 220 0.90 -43.09 -24.44
N ILE C 221 2.21 -43.27 -24.63
CA ILE C 221 2.85 -44.56 -24.49
C ILE C 221 3.55 -44.55 -23.13
N ASP C 222 2.93 -45.20 -22.14
CA ASP C 222 3.41 -45.15 -20.77
C ASP C 222 4.71 -45.95 -20.65
N LYS C 223 5.20 -46.05 -19.41
CA LYS C 223 6.48 -46.70 -19.16
C LYS C 223 6.47 -48.16 -19.57
N ARG C 224 5.33 -48.85 -19.39
CA ARG C 224 5.21 -50.26 -19.72
C ARG C 224 4.98 -50.51 -21.21
N ASP C 225 5.20 -49.52 -22.06
CA ASP C 225 5.01 -49.62 -23.51
C ASP C 225 3.55 -49.84 -23.88
N LEU C 226 2.63 -49.57 -22.95
CA LEU C 226 1.20 -49.63 -23.23
C LEU C 226 0.71 -48.28 -23.72
N VAL C 227 -0.21 -48.32 -24.69
CA VAL C 227 -0.66 -47.12 -25.40
C VAL C 227 -2.06 -46.81 -24.93
N GLY C 228 -2.21 -45.69 -24.22
CA GLY C 228 -3.51 -45.18 -23.83
C GLY C 228 -3.96 -44.09 -24.78
N VAL C 229 -5.27 -43.95 -24.90
CA VAL C 229 -5.89 -43.09 -25.92
C VAL C 229 -6.79 -42.06 -25.24
N ARG C 230 -6.37 -41.56 -24.09
CA ARG C 230 -7.22 -40.80 -23.17
C ARG C 230 -8.15 -39.85 -23.90
N ILE C 231 -9.45 -40.00 -23.66
CA ILE C 231 -10.51 -39.28 -24.37
C ILE C 231 -11.13 -38.29 -23.41
N ASP C 232 -11.04 -37.00 -23.75
CA ASP C 232 -11.67 -35.94 -22.96
C ASP C 232 -11.24 -35.99 -21.50
N ARG C 233 -9.96 -36.31 -21.29
CA ARG C 233 -9.38 -36.50 -19.96
C ARG C 233 -10.32 -37.29 -19.05
N LYS C 234 -10.65 -38.50 -19.49
CA LYS C 234 -11.52 -39.41 -18.76
C LYS C 234 -10.74 -40.71 -18.51
N ARG C 235 -9.98 -40.74 -17.42
CA ARG C 235 -9.27 -41.93 -16.97
C ARG C 235 -8.35 -42.42 -18.08
N LYS C 236 -8.49 -43.64 -18.58
CA LYS C 236 -7.50 -44.21 -19.49
C LYS C 236 -8.11 -45.44 -20.16
N GLN C 237 -7.96 -45.53 -21.47
CA GLN C 237 -8.43 -46.67 -22.24
C GLN C 237 -7.35 -47.09 -23.23
N SER C 238 -7.36 -48.38 -23.59
CA SER C 238 -6.43 -48.87 -24.59
C SER C 238 -6.81 -48.37 -25.97
N VAL C 239 -5.82 -47.90 -26.73
CA VAL C 239 -6.09 -47.37 -28.06
C VAL C 239 -6.63 -48.46 -28.98
N THR C 240 -6.25 -49.72 -28.73
CA THR C 240 -6.80 -50.82 -29.52
C THR C 240 -8.31 -50.88 -29.39
N VAL C 241 -8.84 -50.57 -28.21
CA VAL C 241 -10.29 -50.55 -28.03
C VAL C 241 -10.92 -49.50 -28.93
N LEU C 242 -10.32 -48.31 -29.00
CA LEU C 242 -10.85 -47.28 -29.88
C LEU C 242 -10.78 -47.71 -31.34
N LEU C 243 -9.67 -48.33 -31.74
CA LEU C 243 -9.57 -48.80 -33.13
C LEU C 243 -10.64 -49.83 -33.44
N LYS C 244 -10.89 -50.75 -32.51
CA LYS C 244 -11.95 -51.73 -32.70
C LYS C 244 -13.31 -51.04 -32.82
N ALA C 245 -13.56 -50.03 -31.98
CA ALA C 245 -14.84 -49.33 -32.02
C ALA C 245 -15.04 -48.66 -33.37
N LEU C 246 -13.99 -48.09 -33.96
CA LEU C 246 -14.12 -47.43 -35.24
C LEU C 246 -14.33 -48.39 -36.39
N GLY C 247 -14.18 -49.70 -36.17
CA GLY C 247 -14.45 -50.69 -37.20
C GLY C 247 -13.22 -51.29 -37.82
N TRP C 248 -12.21 -51.59 -37.01
CA TRP C 248 -10.98 -52.22 -37.46
C TRP C 248 -10.88 -53.61 -36.85
N THR C 249 -10.64 -54.61 -37.69
CA THR C 249 -10.48 -55.97 -37.21
C THR C 249 -9.04 -56.20 -36.74
N THR C 250 -8.82 -57.35 -36.10
CA THR C 250 -7.50 -57.66 -35.57
C THR C 250 -6.47 -57.78 -36.70
N GLU C 251 -6.88 -58.31 -37.86
CA GLU C 251 -5.94 -58.58 -38.93
C GLU C 251 -5.38 -57.28 -39.52
N GLN C 252 -6.23 -56.28 -39.71
CA GLN C 252 -5.74 -55.01 -40.25
C GLN C 252 -4.72 -54.39 -39.32
N ILE C 253 -5.01 -54.37 -38.01
CA ILE C 253 -4.08 -53.82 -37.04
C ILE C 253 -2.77 -54.61 -37.04
N LEU C 254 -2.87 -55.94 -37.09
CA LEU C 254 -1.67 -56.76 -37.06
C LEU C 254 -0.79 -56.51 -38.29
N GLN C 255 -1.41 -56.40 -39.47
CA GLN C 255 -0.60 -56.21 -40.67
C GLN C 255 -0.02 -54.80 -40.75
N GLU C 256 -0.77 -53.81 -40.26
CA GLU C 256 -0.29 -52.43 -40.35
C GLU C 256 0.75 -52.14 -39.26
N PHE C 257 0.35 -52.25 -37.99
CA PHE C 257 1.26 -52.04 -36.88
C PHE C 257 2.00 -53.33 -36.53
N GLY C 258 2.78 -53.82 -37.49
CA GLY C 258 3.48 -55.08 -37.33
C GLY C 258 4.91 -54.92 -36.85
N GLU C 259 5.68 -54.03 -37.50
CA GLU C 259 7.09 -53.91 -37.19
C GLU C 259 7.36 -53.46 -35.76
N TYR C 260 6.40 -52.80 -35.13
CA TYR C 260 6.58 -52.22 -33.81
C TYR C 260 6.06 -53.16 -32.73
N GLU C 261 6.57 -52.99 -31.51
CA GLU C 261 6.26 -53.91 -30.43
C GLU C 261 5.20 -53.36 -29.48
N SER C 262 5.09 -52.04 -29.34
CA SER C 262 4.10 -51.47 -28.44
C SER C 262 2.69 -51.85 -28.88
N MET C 263 2.42 -51.73 -30.18
CA MET C 263 1.07 -52.05 -30.68
C MET C 263 0.76 -53.52 -30.51
N ARG C 264 1.73 -54.40 -30.80
CA ARG C 264 1.50 -55.84 -30.61
C ARG C 264 1.25 -56.16 -29.14
N ALA C 265 2.04 -55.58 -28.25
CA ALA C 265 1.86 -55.84 -26.82
C ALA C 265 0.50 -55.36 -26.34
N THR C 266 0.06 -54.18 -26.79
CA THR C 266 -1.25 -53.70 -26.41
C THR C 266 -2.35 -54.60 -26.98
N LEU C 267 -2.21 -55.03 -28.23
CA LEU C 267 -3.24 -55.85 -28.85
C LEU C 267 -3.38 -57.19 -28.14
N GLU C 268 -2.26 -57.83 -27.82
CA GLU C 268 -2.33 -59.13 -27.14
C GLU C 268 -2.95 -58.98 -25.75
N LYS C 269 -2.61 -57.91 -25.04
CA LYS C 269 -3.11 -57.68 -23.69
C LYS C 269 -4.41 -56.88 -23.70
N ASP C 270 -5.39 -57.37 -24.47
CA ASP C 270 -6.69 -56.73 -24.60
C ASP C 270 -7.81 -57.59 -24.05
N HIS C 271 -7.84 -58.89 -24.40
CA HIS C 271 -8.87 -59.81 -23.92
C HIS C 271 -10.27 -59.36 -24.32
N THR C 272 -10.38 -58.69 -25.48
CA THR C 272 -11.67 -58.25 -25.97
C THR C 272 -11.66 -58.31 -27.49
N GLN C 273 -12.85 -58.48 -28.07
CA GLN C 273 -13.00 -58.55 -29.51
C GLN C 273 -14.38 -58.05 -29.89
N GLY C 274 -14.52 -57.64 -31.14
CA GLY C 274 -15.80 -57.19 -31.66
C GLY C 274 -15.96 -55.68 -31.63
N GLN C 275 -16.44 -55.12 -32.73
CA GLN C 275 -16.68 -53.67 -32.79
C GLN C 275 -17.75 -53.27 -31.78
N ASP C 276 -18.85 -54.00 -31.73
CA ASP C 276 -19.95 -53.65 -30.84
C ASP C 276 -19.53 -53.77 -29.38
N ASP C 277 -18.79 -54.82 -29.04
CA ASP C 277 -18.34 -54.99 -27.66
C ASP C 277 -17.42 -53.86 -27.24
N ALA C 278 -16.46 -53.50 -28.11
CA ALA C 278 -15.55 -52.41 -27.78
C ALA C 278 -16.30 -51.09 -27.65
N LEU C 279 -17.27 -50.85 -28.53
CA LEU C 279 -18.04 -49.61 -28.47
C LEU C 279 -18.85 -49.53 -27.18
N LEU C 280 -19.48 -50.63 -26.79
CA LEU C 280 -20.23 -50.65 -25.54
C LEU C 280 -19.30 -50.46 -24.34
N ASP C 281 -18.11 -51.07 -24.40
CA ASP C 281 -17.14 -50.87 -23.31
C ASP C 281 -16.72 -49.41 -23.21
N ILE C 282 -16.52 -48.75 -24.36
CA ILE C 282 -16.15 -47.35 -24.35
C ILE C 282 -17.26 -46.51 -23.73
N TYR C 283 -18.51 -46.80 -24.09
CA TYR C 283 -19.62 -46.08 -23.48
C TYR C 283 -19.65 -46.30 -21.98
N ARG C 284 -19.49 -47.56 -21.54
CA ARG C 284 -19.50 -47.84 -20.11
C ARG C 284 -18.39 -47.10 -19.39
N LYS C 285 -17.23 -46.94 -20.04
CA LYS C 285 -16.11 -46.26 -19.41
C LYS C 285 -16.36 -44.76 -19.30
N LEU C 286 -16.71 -44.11 -20.42
CA LEU C 286 -16.73 -42.65 -20.43
C LEU C 286 -17.95 -42.10 -19.68
N ARG C 287 -19.13 -42.70 -19.90
CA ARG C 287 -20.39 -42.20 -19.34
C ARG C 287 -21.12 -43.34 -18.65
N PRO C 288 -20.72 -43.71 -17.44
CA PRO C 288 -21.44 -44.73 -16.70
C PRO C 288 -22.78 -44.23 -16.20
N GLY C 289 -23.67 -45.17 -15.91
CA GLY C 289 -24.98 -44.85 -15.37
C GLY C 289 -26.10 -45.70 -15.92
N GLU C 290 -25.97 -46.17 -17.16
CA GLU C 290 -26.98 -47.00 -17.79
C GLU C 290 -26.31 -48.11 -18.57
N PRO C 291 -26.97 -49.25 -18.77
CA PRO C 291 -26.48 -50.24 -19.72
C PRO C 291 -26.75 -49.79 -21.14
N PRO C 292 -25.73 -49.36 -21.88
CA PRO C 292 -25.99 -48.64 -23.14
C PRO C 292 -26.23 -49.59 -24.31
N THR C 293 -26.80 -49.01 -25.37
CA THR C 293 -26.94 -49.68 -26.65
C THR C 293 -25.87 -49.18 -27.60
N ARG C 294 -25.48 -50.05 -28.54
CA ARG C 294 -24.40 -49.70 -29.46
C ARG C 294 -24.73 -48.47 -30.30
N GLU C 295 -26.02 -48.15 -30.49
CA GLU C 295 -26.38 -46.97 -31.26
C GLU C 295 -26.18 -45.69 -30.48
N ALA C 296 -26.36 -45.73 -29.15
CA ALA C 296 -26.16 -44.53 -28.34
C ALA C 296 -24.70 -44.10 -28.37
N ALA C 297 -23.77 -45.06 -28.25
CA ALA C 297 -22.35 -44.73 -28.25
C ALA C 297 -21.91 -44.13 -29.58
N GLN C 298 -22.42 -44.67 -30.69
CA GLN C 298 -22.01 -44.17 -32.00
C GLN C 298 -22.40 -42.71 -32.17
N THR C 299 -23.66 -42.37 -31.88
CA THR C 299 -24.08 -40.98 -31.98
C THR C 299 -23.40 -40.11 -30.94
N LEU C 300 -23.11 -40.66 -29.76
CA LEU C 300 -22.36 -39.89 -28.76
C LEU C 300 -21.00 -39.48 -29.30
N LEU C 301 -20.25 -40.43 -29.85
CA LEU C 301 -18.93 -40.11 -30.40
C LEU C 301 -19.05 -39.16 -31.58
N GLU C 302 -20.04 -39.38 -32.45
CA GLU C 302 -20.21 -38.51 -33.60
C GLU C 302 -20.49 -37.07 -33.16
N ASN C 303 -21.32 -36.90 -32.14
CA ASN C 303 -21.60 -35.56 -31.63
C ASN C 303 -20.38 -34.97 -30.92
N LEU C 304 -19.57 -35.83 -30.29
CA LEU C 304 -18.42 -35.33 -29.54
C LEU C 304 -17.31 -34.84 -30.45
N TYR C 305 -17.00 -35.59 -31.51
CA TYR C 305 -15.88 -35.26 -32.39
C TYR C 305 -16.30 -34.95 -33.81
N PHE C 306 -17.09 -35.82 -34.44
CA PHE C 306 -17.36 -35.72 -35.86
C PHE C 306 -18.47 -34.73 -36.21
N ASN C 307 -19.12 -34.12 -35.21
CA ASN C 307 -20.21 -33.19 -35.48
C ASN C 307 -19.65 -31.78 -35.60
N PRO C 308 -19.79 -31.11 -36.74
CA PRO C 308 -19.20 -29.77 -36.87
C PRO C 308 -19.73 -28.75 -35.87
N LYS C 309 -21.00 -28.88 -35.46
CA LYS C 309 -21.58 -27.90 -34.57
C LYS C 309 -20.86 -27.85 -33.23
N ARG C 310 -20.54 -29.02 -32.67
CA ARG C 310 -19.93 -29.12 -31.35
C ARG C 310 -18.42 -29.31 -31.40
N TYR C 311 -17.83 -29.33 -32.60
CA TYR C 311 -16.39 -29.55 -32.73
C TYR C 311 -15.95 -28.95 -34.06
N ASP C 312 -15.06 -27.97 -34.02
CA ASP C 312 -14.58 -27.34 -35.26
C ASP C 312 -13.21 -26.75 -35.00
N LEU C 313 -12.17 -27.44 -35.45
CA LEU C 313 -10.85 -26.83 -35.55
C LEU C 313 -10.84 -25.90 -36.76
N ALA C 314 -10.34 -24.68 -36.57
CA ALA C 314 -10.51 -23.63 -37.57
C ALA C 314 -9.55 -23.85 -38.73
N LYS C 315 -9.41 -22.83 -39.58
CA LYS C 315 -8.51 -22.94 -40.73
C LYS C 315 -7.08 -23.17 -40.27
N VAL C 316 -6.64 -22.45 -39.23
CA VAL C 316 -5.28 -22.59 -38.74
C VAL C 316 -5.03 -24.00 -38.23
N GLY C 317 -6.01 -24.59 -37.54
CA GLY C 317 -5.83 -25.94 -37.02
C GLY C 317 -5.66 -26.96 -38.13
N ARG C 318 -6.51 -26.89 -39.16
CA ARG C 318 -6.40 -27.81 -40.28
C ARG C 318 -5.08 -27.61 -41.01
N TYR C 319 -4.67 -26.36 -41.18
CA TYR C 319 -3.40 -26.07 -41.85
C TYR C 319 -2.22 -26.66 -41.09
N LYS C 320 -2.21 -26.47 -39.76
CA LYS C 320 -1.14 -27.02 -38.94
C LYS C 320 -1.13 -28.54 -38.98
N VAL C 321 -2.30 -29.17 -38.89
CA VAL C 321 -2.36 -30.63 -38.92
C VAL C 321 -1.85 -31.14 -40.26
N ASN C 322 -2.26 -30.51 -41.35
CA ASN C 322 -1.79 -30.92 -42.68
C ASN C 322 -0.28 -30.80 -42.78
N LYS C 323 0.28 -29.69 -42.29
CA LYS C 323 1.73 -29.54 -42.34
C LYS C 323 2.44 -30.62 -41.52
N LYS C 324 1.95 -30.87 -40.30
CA LYS C 324 2.68 -31.76 -39.41
C LYS C 324 2.60 -33.21 -39.87
N LEU C 325 1.39 -33.69 -40.17
CA LEU C 325 1.21 -35.11 -40.48
C LEU C 325 1.35 -35.42 -41.96
N GLY C 326 1.49 -34.41 -42.81
CA GLY C 326 1.63 -34.63 -44.24
C GLY C 326 0.33 -34.80 -44.99
N ALA C 327 -0.81 -34.88 -44.30
CA ALA C 327 -2.09 -34.96 -44.97
C ALA C 327 -2.36 -33.68 -45.75
N ASP C 328 -3.05 -33.83 -46.88
CA ASP C 328 -3.34 -32.71 -47.77
C ASP C 328 -4.84 -32.53 -47.95
N GLU C 329 -5.60 -32.77 -46.89
CA GLU C 329 -7.04 -32.55 -46.94
C GLU C 329 -7.34 -31.05 -47.08
N PRO C 330 -8.44 -30.69 -47.72
CA PRO C 330 -8.73 -29.28 -47.96
C PRO C 330 -8.94 -28.51 -46.67
N LEU C 331 -8.60 -27.23 -46.71
CA LEU C 331 -8.72 -26.34 -45.55
C LEU C 331 -10.13 -25.77 -45.39
N ASP C 332 -11.03 -26.02 -46.34
CA ASP C 332 -12.34 -25.39 -46.30
C ASP C 332 -13.12 -25.82 -45.07
N ALA C 333 -13.09 -27.12 -44.73
CA ALA C 333 -13.88 -27.67 -43.64
C ALA C 333 -12.97 -28.33 -42.64
N GLY C 334 -13.25 -28.08 -41.35
CA GLY C 334 -12.45 -28.63 -40.28
C GLY C 334 -13.23 -29.51 -39.32
N VAL C 335 -12.92 -30.80 -39.32
CA VAL C 335 -13.51 -31.75 -38.38
C VAL C 335 -12.64 -32.99 -38.37
N LEU C 336 -12.52 -33.60 -37.20
CA LEU C 336 -11.62 -34.74 -37.06
C LEU C 336 -12.09 -35.91 -37.91
N THR C 337 -11.14 -36.67 -38.44
CA THR C 337 -11.41 -37.83 -39.27
C THR C 337 -10.56 -39.00 -38.79
N THR C 338 -11.05 -40.21 -39.05
CA THR C 338 -10.33 -41.40 -38.62
C THR C 338 -8.94 -41.47 -39.22
N ASP C 339 -8.76 -40.94 -40.43
CA ASP C 339 -7.43 -40.90 -41.04
C ASP C 339 -6.47 -40.09 -40.18
N ASP C 340 -6.95 -38.96 -39.65
CA ASP C 340 -6.10 -38.13 -38.80
C ASP C 340 -5.69 -38.88 -37.53
N VAL C 341 -6.63 -39.60 -36.92
CA VAL C 341 -6.32 -40.34 -35.70
C VAL C 341 -5.30 -41.44 -35.99
N ILE C 342 -5.50 -42.17 -37.09
CA ILE C 342 -4.56 -43.23 -37.44
C ILE C 342 -3.18 -42.65 -37.72
N ALA C 343 -3.13 -41.53 -38.44
CA ALA C 343 -1.84 -40.90 -38.72
C ALA C 343 -1.17 -40.43 -37.44
N THR C 344 -1.95 -39.90 -36.50
CA THR C 344 -1.38 -39.48 -35.22
C THR C 344 -0.79 -40.66 -34.46
N ILE C 345 -1.52 -41.79 -34.44
CA ILE C 345 -1.00 -42.97 -33.75
C ILE C 345 0.27 -43.46 -34.41
N LYS C 346 0.30 -43.50 -35.75
CA LYS C 346 1.50 -43.93 -36.46
C LYS C 346 2.68 -43.01 -36.14
N TYR C 347 2.44 -41.70 -36.16
CA TYR C 347 3.50 -40.74 -35.85
C TYR C 347 4.02 -40.95 -34.43
N LEU C 348 3.12 -41.13 -33.47
CA LEU C 348 3.54 -41.29 -32.08
C LEU C 348 4.36 -42.56 -31.90
N VAL C 349 3.91 -43.68 -32.49
CA VAL C 349 4.62 -44.94 -32.31
C VAL C 349 5.98 -44.90 -33.02
N LYS C 350 6.04 -44.27 -34.19
CA LYS C 350 7.32 -44.11 -34.87
C LYS C 350 8.27 -43.25 -34.06
N LEU C 351 7.76 -42.17 -33.46
CA LEU C 351 8.59 -41.33 -32.61
C LEU C 351 9.12 -42.11 -31.41
N HIS C 352 8.26 -42.94 -30.80
CA HIS C 352 8.70 -43.74 -29.66
C HIS C 352 9.76 -44.75 -30.07
N ALA C 353 9.58 -45.38 -31.24
CA ALA C 353 10.54 -46.40 -31.67
C ALA C 353 11.93 -45.79 -31.84
N GLY C 354 12.02 -44.67 -32.54
CA GLY C 354 13.29 -44.00 -32.75
C GLY C 354 13.57 -43.62 -34.19
N GLU C 355 12.55 -43.74 -35.05
CA GLU C 355 12.71 -43.41 -36.46
C GLU C 355 12.55 -41.89 -36.64
N THR C 356 13.49 -41.28 -37.35
CA THR C 356 13.56 -39.83 -37.43
C THR C 356 12.85 -39.25 -38.65
N GLU C 357 12.47 -40.07 -39.62
CA GLU C 357 11.79 -39.57 -40.81
C GLU C 357 10.75 -40.60 -41.26
N THR C 358 9.76 -40.12 -42.00
CA THR C 358 8.65 -40.95 -42.41
C THR C 358 8.11 -40.43 -43.75
N ILE C 359 7.27 -41.24 -44.39
CA ILE C 359 6.58 -40.85 -45.61
C ILE C 359 5.11 -40.67 -45.24
N GLY C 360 4.68 -39.42 -45.07
CA GLY C 360 3.32 -39.15 -44.69
C GLY C 360 2.33 -39.43 -45.81
N GLU C 361 1.07 -39.55 -45.42
CA GLU C 361 0.02 -39.83 -46.40
C GLU C 361 -0.13 -38.66 -47.37
N ASN C 362 -0.26 -39.00 -48.65
CA ASN C 362 -0.44 -37.99 -49.70
C ASN C 362 0.68 -36.96 -49.65
N GLY C 363 1.91 -37.43 -49.45
CA GLY C 363 3.06 -36.55 -49.37
C GLY C 363 4.32 -37.32 -49.69
N ASN C 364 5.44 -36.61 -49.68
CA ASN C 364 6.74 -37.20 -49.99
C ASN C 364 7.48 -37.63 -48.73
N GLU C 365 7.77 -36.68 -47.84
CA GLU C 365 8.57 -36.97 -46.66
C GLU C 365 8.17 -36.02 -45.53
N ILE C 366 8.44 -36.46 -44.31
CA ILE C 366 8.14 -35.69 -43.11
C ILE C 366 9.16 -36.05 -42.04
N VAL C 367 9.46 -35.09 -41.17
CA VAL C 367 10.41 -35.25 -40.08
C VAL C 367 9.63 -35.63 -38.83
N VAL C 368 10.08 -36.67 -38.14
CA VAL C 368 9.46 -37.14 -36.90
C VAL C 368 10.24 -36.53 -35.74
N GLU C 369 9.60 -35.62 -35.02
CA GLU C 369 10.26 -34.92 -33.91
C GLU C 369 9.19 -34.40 -32.95
N THR C 370 9.65 -34.05 -31.75
CA THR C 370 8.77 -33.44 -30.76
C THR C 370 8.68 -31.94 -30.99
N ASP C 371 7.66 -31.32 -30.40
CA ASP C 371 7.35 -29.92 -30.62
C ASP C 371 7.70 -29.08 -29.39
N ASP C 372 8.06 -27.83 -29.64
CA ASP C 372 8.31 -26.84 -28.59
C ASP C 372 7.10 -25.91 -28.53
N ILE C 373 6.47 -25.83 -27.35
CA ILE C 373 5.20 -25.12 -27.22
C ILE C 373 5.34 -23.62 -27.07
N ASP C 374 6.57 -23.08 -27.15
CA ASP C 374 6.79 -21.65 -27.06
C ASP C 374 7.32 -21.06 -28.36
N HIS C 375 7.68 -21.89 -29.33
CA HIS C 375 8.11 -21.42 -30.64
C HIS C 375 6.99 -20.64 -31.30
N PHE C 376 7.32 -19.51 -31.96
CA PHE C 376 6.27 -18.79 -32.70
C PHE C 376 5.80 -19.53 -33.94
N GLY C 377 6.17 -20.79 -34.16
CA GLY C 377 5.41 -21.63 -35.05
C GLY C 377 4.20 -22.25 -34.40
N ASN C 378 4.11 -22.13 -33.07
CA ASN C 378 3.02 -22.71 -32.30
C ASN C 378 2.23 -21.68 -31.49
N ARG C 379 2.70 -20.44 -31.42
CA ARG C 379 1.97 -19.36 -30.77
C ARG C 379 1.44 -18.41 -31.82
N ARG C 380 0.14 -18.13 -31.77
CA ARG C 380 -0.51 -17.23 -32.70
C ARG C 380 -1.14 -16.07 -31.96
N LEU C 381 -1.65 -15.11 -32.75
CA LEU C 381 -2.11 -13.83 -32.26
C LEU C 381 -3.58 -13.65 -32.61
N ARG C 382 -4.41 -13.44 -31.59
CA ARG C 382 -5.81 -13.08 -31.75
C ARG C 382 -5.91 -11.57 -31.62
N ASN C 383 -6.19 -10.90 -32.74
CA ASN C 383 -6.27 -9.45 -32.76
C ASN C 383 -7.70 -9.02 -32.49
N VAL C 384 -8.00 -7.73 -32.66
CA VAL C 384 -9.30 -7.20 -32.24
C VAL C 384 -10.42 -7.82 -33.07
N GLY C 385 -10.19 -7.98 -34.38
CA GLY C 385 -11.24 -8.52 -35.23
C GLY C 385 -11.69 -9.90 -34.79
N GLU C 386 -10.73 -10.78 -34.49
CA GLU C 386 -11.08 -12.15 -34.11
C GLU C 386 -11.82 -12.18 -32.77
N LEU C 387 -11.41 -11.35 -31.81
CA LEU C 387 -12.08 -11.33 -30.52
C LEU C 387 -13.52 -10.85 -30.66
N ILE C 388 -13.73 -9.76 -31.40
CA ILE C 388 -15.09 -9.25 -31.58
C ILE C 388 -15.93 -10.25 -32.36
N GLN C 389 -15.31 -10.95 -33.31
CA GLN C 389 -16.03 -11.97 -34.06
C GLN C 389 -16.45 -13.13 -33.15
N ASN C 390 -15.57 -13.53 -32.23
CA ASN C 390 -15.94 -14.58 -31.29
C ASN C 390 -17.13 -14.15 -30.44
N GLN C 391 -17.12 -12.91 -29.96
CA GLN C 391 -18.25 -12.42 -29.17
C GLN C 391 -19.53 -12.42 -30.00
N VAL C 392 -19.46 -11.96 -31.25
CA VAL C 392 -20.64 -11.93 -32.11
C VAL C 392 -21.16 -13.34 -32.35
N ARG C 393 -20.24 -14.30 -32.54
CA ARG C 393 -20.65 -15.69 -32.72
C ARG C 393 -21.37 -16.21 -31.48
N THR C 394 -20.84 -15.90 -30.29
CA THR C 394 -21.50 -16.35 -29.07
C THR C 394 -22.89 -15.76 -28.95
N GLY C 395 -23.05 -14.48 -29.33
CA GLY C 395 -24.38 -13.89 -29.32
C GLY C 395 -25.33 -14.55 -30.30
N LEU C 396 -24.85 -14.77 -31.53
CA LEU C 396 -25.71 -15.34 -32.56
C LEU C 396 -26.09 -16.78 -32.24
N ALA C 397 -25.28 -17.48 -31.45
CA ALA C 397 -25.67 -18.83 -31.03
C ALA C 397 -26.98 -18.81 -30.26
N ARG C 398 -27.06 -17.97 -29.23
CA ARG C 398 -28.31 -17.84 -28.48
C ARG C 398 -29.42 -17.26 -29.34
N MET C 399 -29.08 -16.33 -30.24
CA MET C 399 -30.09 -15.79 -31.15
C MET C 399 -30.76 -16.91 -31.95
N GLU C 400 -29.96 -17.76 -32.59
CA GLU C 400 -30.54 -18.83 -33.40
C GLU C 400 -31.24 -19.87 -32.53
N ARG C 401 -30.74 -20.11 -31.31
CA ARG C 401 -31.44 -21.03 -30.42
C ARG C 401 -32.86 -20.52 -30.15
N VAL C 402 -32.98 -19.24 -29.80
CA VAL C 402 -34.30 -18.67 -29.55
C VAL C 402 -35.15 -18.73 -30.82
N VAL C 403 -34.54 -18.43 -31.97
CA VAL C 403 -35.31 -18.42 -33.22
C VAL C 403 -35.89 -19.79 -33.50
N ARG C 404 -35.07 -20.83 -33.37
CA ARG C 404 -35.56 -22.17 -33.67
C ARG C 404 -36.56 -22.67 -32.64
N GLU C 405 -36.39 -22.27 -31.37
CA GLU C 405 -37.39 -22.61 -30.37
C GLU C 405 -38.73 -21.94 -30.67
N ARG C 406 -38.70 -20.69 -31.12
CA ARG C 406 -39.92 -19.96 -31.42
C ARG C 406 -40.56 -20.41 -32.73
N MET C 407 -39.77 -20.98 -33.65
CA MET C 407 -40.30 -21.28 -34.97
C MET C 407 -41.45 -22.30 -34.90
N THR C 408 -41.34 -23.28 -34.01
CA THR C 408 -42.32 -24.36 -33.99
C THR C 408 -43.66 -23.91 -33.41
N THR C 409 -43.62 -23.12 -32.32
CA THR C 409 -44.85 -22.83 -31.59
C THR C 409 -45.82 -22.02 -32.44
N GLN C 410 -45.32 -21.06 -33.22
CA GLN C 410 -46.17 -20.19 -34.00
C GLN C 410 -46.64 -20.90 -35.26
N ASP C 411 -47.83 -20.50 -35.73
CA ASP C 411 -48.43 -21.11 -36.90
C ASP C 411 -47.62 -20.79 -38.15
N VAL C 412 -47.55 -21.77 -39.05
CA VAL C 412 -46.77 -21.64 -40.27
C VAL C 412 -47.50 -20.76 -41.27
N GLU C 413 -46.73 -20.04 -42.08
CA GLU C 413 -47.16 -19.19 -43.19
C GLU C 413 -47.76 -17.87 -42.72
N ALA C 414 -47.98 -17.68 -41.42
CA ALA C 414 -48.54 -16.45 -40.89
C ALA C 414 -47.50 -15.61 -40.15
N ILE C 415 -46.24 -15.71 -40.55
CA ILE C 415 -45.14 -15.06 -39.85
C ILE C 415 -44.21 -14.39 -40.86
N THR C 416 -43.48 -13.41 -40.37
CA THR C 416 -42.49 -12.65 -41.13
C THR C 416 -41.21 -12.61 -40.32
N PRO C 417 -40.06 -12.41 -40.96
CA PRO C 417 -38.79 -12.51 -40.21
C PRO C 417 -38.72 -11.59 -39.00
N GLN C 418 -39.35 -10.42 -39.05
CA GLN C 418 -39.25 -9.48 -37.94
C GLN C 418 -39.82 -10.05 -36.65
N THR C 419 -40.69 -11.07 -36.72
CA THR C 419 -41.26 -11.68 -35.53
C THR C 419 -40.42 -12.83 -35.00
N LEU C 420 -39.38 -13.25 -35.71
CA LEU C 420 -38.53 -14.35 -35.28
C LEU C 420 -37.20 -13.88 -34.70
N ILE C 421 -36.55 -12.90 -35.32
CA ILE C 421 -35.21 -12.48 -34.92
C ILE C 421 -35.32 -11.58 -33.69
N ASN C 422 -34.65 -11.98 -32.61
CA ASN C 422 -34.55 -11.19 -31.40
C ASN C 422 -33.09 -10.81 -31.19
N ILE C 423 -32.80 -9.50 -31.22
CA ILE C 423 -31.42 -9.02 -31.26
C ILE C 423 -30.87 -8.70 -29.87
N ARG C 424 -31.62 -8.98 -28.80
CA ARG C 424 -31.14 -8.66 -27.46
C ARG C 424 -29.85 -9.39 -27.11
N PRO C 425 -29.73 -10.71 -27.31
CA PRO C 425 -28.47 -11.37 -26.91
C PRO C 425 -27.24 -10.84 -27.63
N VAL C 426 -27.35 -10.44 -28.90
CA VAL C 426 -26.18 -9.96 -29.63
C VAL C 426 -25.66 -8.67 -29.00
N VAL C 427 -26.55 -7.69 -28.78
CA VAL C 427 -26.14 -6.43 -28.20
C VAL C 427 -25.65 -6.65 -26.78
N ALA C 428 -26.29 -7.58 -26.06
CA ALA C 428 -25.83 -7.89 -24.70
C ALA C 428 -24.40 -8.42 -24.73
N SER C 429 -24.10 -9.32 -25.67
CA SER C 429 -22.74 -9.87 -25.75
C SER C 429 -21.72 -8.80 -26.10
N ILE C 430 -22.04 -7.93 -27.06
CA ILE C 430 -21.10 -6.88 -27.44
C ILE C 430 -20.84 -5.94 -26.27
N LYS C 431 -21.91 -5.50 -25.61
CA LYS C 431 -21.75 -4.56 -24.50
C LYS C 431 -21.07 -5.22 -23.31
N GLU C 432 -21.19 -6.54 -23.18
CA GLU C 432 -20.50 -7.25 -22.12
C GLU C 432 -19.02 -7.39 -22.44
N PHE C 433 -18.67 -7.56 -23.72
CA PHE C 433 -17.26 -7.60 -24.09
C PHE C 433 -16.59 -6.25 -23.87
N PHE C 434 -17.19 -5.17 -24.38
CA PHE C 434 -16.53 -3.88 -24.32
C PHE C 434 -16.52 -3.29 -22.92
N GLY C 435 -17.22 -3.89 -21.96
CA GLY C 435 -17.14 -3.47 -20.58
C GLY C 435 -16.98 -4.66 -19.66
N THR C 436 -16.02 -4.58 -18.73
CA THR C 436 -15.72 -5.68 -17.81
C THR C 436 -15.05 -6.84 -18.54
N SER C 437 -14.10 -6.53 -19.41
CA SER C 437 -13.26 -7.53 -20.07
C SER C 437 -11.80 -7.15 -19.88
N GLN C 438 -10.94 -8.17 -19.81
CA GLN C 438 -9.53 -7.92 -19.54
C GLN C 438 -8.81 -7.35 -20.75
N LEU C 439 -9.28 -7.65 -21.96
CA LEU C 439 -8.59 -7.21 -23.17
C LEU C 439 -9.00 -5.82 -23.64
N SER C 440 -10.16 -5.32 -23.21
CA SER C 440 -10.60 -3.97 -23.53
C SER C 440 -10.24 -3.09 -22.35
N GLN C 441 -9.19 -2.30 -22.49
CA GLN C 441 -8.55 -1.62 -21.38
C GLN C 441 -8.64 -0.10 -21.53
N PHE C 442 -8.71 0.57 -20.39
CA PHE C 442 -8.68 2.03 -20.36
C PHE C 442 -7.41 2.52 -21.03
N MET C 443 -7.56 3.42 -22.00
CA MET C 443 -6.41 3.89 -22.74
C MET C 443 -5.49 4.71 -21.85
N ASP C 444 -4.18 4.59 -22.12
CA ASP C 444 -3.15 5.25 -21.33
C ASP C 444 -2.65 6.45 -22.11
N GLN C 445 -2.94 7.66 -21.62
CA GLN C 445 -2.75 8.89 -22.37
C GLN C 445 -1.83 9.87 -21.65
N ASN C 446 -0.72 9.37 -21.10
CA ASN C 446 0.27 10.28 -20.53
C ASN C 446 0.90 11.15 -21.61
N ASN C 447 1.22 10.56 -22.75
CA ASN C 447 1.92 11.26 -23.84
C ASN C 447 1.76 10.45 -25.11
N PRO C 448 2.15 10.98 -26.27
CA PRO C 448 1.97 10.22 -27.52
C PRO C 448 2.64 8.87 -27.50
N LEU C 449 3.84 8.76 -26.92
CA LEU C 449 4.55 7.48 -26.91
C LEU C 449 3.79 6.45 -26.10
N SER C 450 3.26 6.83 -24.94
CA SER C 450 2.54 5.88 -24.10
C SER C 450 1.28 5.38 -24.81
N GLY C 451 0.54 6.28 -25.46
CA GLY C 451 -0.63 5.85 -26.20
C GLY C 451 -0.29 4.93 -27.34
N LEU C 452 0.78 5.25 -28.09
CA LEU C 452 1.17 4.40 -29.20
C LEU C 452 1.62 3.02 -28.71
N THR C 453 2.33 2.97 -27.59
CA THR C 453 2.82 1.71 -27.04
C THR C 453 1.72 0.91 -26.36
N HIS C 454 0.62 1.54 -25.96
CA HIS C 454 -0.52 0.78 -25.46
C HIS C 454 -1.08 -0.11 -26.55
N LYS C 455 -1.21 0.42 -27.75
CA LYS C 455 -1.36 -0.42 -28.93
C LYS C 455 -0.02 -1.10 -29.20
N ARG C 456 0.01 -1.99 -30.19
CA ARG C 456 1.22 -2.76 -30.48
C ARG C 456 1.65 -3.60 -29.29
N ARG C 457 0.72 -3.93 -28.39
CA ARG C 457 1.01 -4.70 -27.18
C ARG C 457 0.45 -6.10 -27.36
N LEU C 458 1.25 -7.10 -27.02
CA LEU C 458 0.86 -8.51 -27.04
C LEU C 458 0.78 -8.99 -25.61
N SER C 459 -0.40 -9.46 -25.21
CA SER C 459 -0.65 -9.91 -23.85
C SER C 459 -0.94 -11.40 -23.85
N ALA C 460 -0.25 -12.13 -22.98
CA ALA C 460 -0.35 -13.59 -22.94
C ALA C 460 -1.32 -14.08 -21.88
N LEU C 461 -2.04 -13.19 -21.20
CA LEU C 461 -2.93 -13.56 -20.12
C LEU C 461 -4.27 -12.87 -20.30
N GLY C 462 -5.34 -13.62 -20.05
CA GLY C 462 -6.69 -13.11 -20.20
C GLY C 462 -7.68 -14.24 -20.41
N PRO C 463 -8.92 -13.88 -20.76
CA PRO C 463 -9.92 -14.91 -21.07
C PRO C 463 -9.43 -15.84 -22.17
N GLY C 464 -9.27 -17.12 -21.82
CA GLY C 464 -8.77 -18.11 -22.74
C GLY C 464 -7.26 -18.28 -22.73
N GLY C 465 -6.53 -17.40 -22.04
CA GLY C 465 -5.09 -17.51 -21.96
C GLY C 465 -4.64 -18.19 -20.68
N LEU C 466 -3.45 -17.85 -20.21
CA LEU C 466 -2.90 -18.43 -18.99
C LEU C 466 -2.81 -17.34 -17.92
N SER C 467 -3.11 -17.72 -16.69
CA SER C 467 -3.25 -16.75 -15.62
C SER C 467 -1.88 -16.34 -15.08
N ARG C 468 -1.89 -15.28 -14.26
CA ARG C 468 -0.64 -14.67 -13.81
C ARG C 468 0.19 -15.63 -12.98
N GLU C 469 -0.43 -16.30 -12.02
CA GLU C 469 0.34 -17.07 -11.04
C GLU C 469 0.71 -18.45 -11.53
N ARG C 470 0.29 -18.85 -12.74
CA ARG C 470 0.43 -20.23 -13.13
C ARG C 470 1.59 -20.42 -14.10
N ALA C 471 2.01 -19.36 -14.78
CA ALA C 471 3.09 -19.45 -15.76
C ALA C 471 4.37 -19.94 -15.11
N GLY C 472 5.03 -20.90 -15.76
CA GLY C 472 6.32 -21.37 -15.29
C GLY C 472 7.41 -20.37 -15.60
N PHE C 473 8.64 -20.85 -15.73
CA PHE C 473 9.76 -20.02 -16.13
C PHE C 473 10.18 -20.23 -17.57
N GLU C 474 9.50 -21.13 -18.30
CA GLU C 474 9.81 -21.36 -19.70
C GLU C 474 8.98 -20.49 -20.63
N VAL C 475 7.81 -20.05 -20.19
CA VAL C 475 6.99 -19.12 -20.96
C VAL C 475 7.33 -17.67 -20.64
N ARG C 476 8.31 -17.43 -19.77
CA ARG C 476 8.77 -16.08 -19.43
C ARG C 476 10.21 -15.85 -19.88
N ASP C 477 10.62 -16.50 -20.97
CA ASP C 477 11.99 -16.46 -21.45
C ASP C 477 12.02 -15.92 -22.88
N VAL C 478 13.21 -15.55 -23.32
CA VAL C 478 13.42 -15.00 -24.66
C VAL C 478 13.81 -16.17 -25.56
N HIS C 479 12.84 -16.71 -26.29
CA HIS C 479 13.13 -17.74 -27.26
C HIS C 479 13.95 -17.16 -28.40
N PRO C 480 14.83 -17.95 -29.03
CA PRO C 480 15.58 -17.45 -30.18
C PRO C 480 14.74 -17.16 -31.42
N SER C 481 13.44 -17.42 -31.39
CA SER C 481 12.54 -17.10 -32.50
C SER C 481 11.87 -15.74 -32.33
N HIS C 482 12.15 -15.04 -31.22
CA HIS C 482 11.63 -13.70 -31.00
C HIS C 482 12.31 -12.66 -31.88
N TYR C 483 13.38 -13.01 -32.58
CA TYR C 483 14.18 -12.02 -33.29
C TYR C 483 13.38 -11.42 -34.44
N GLY C 484 12.93 -10.18 -34.27
CA GLY C 484 12.16 -9.50 -35.28
C GLY C 484 10.66 -9.68 -35.17
N ARG C 485 10.16 -10.24 -34.07
CA ARG C 485 8.74 -10.49 -33.90
C ARG C 485 8.24 -9.97 -32.56
N MET C 486 9.14 -9.88 -31.57
CA MET C 486 8.76 -9.44 -30.24
C MET C 486 10.00 -8.86 -29.56
N CYS C 487 9.86 -7.68 -28.97
CA CYS C 487 11.00 -7.01 -28.39
C CYS C 487 11.45 -7.71 -27.11
N PRO C 488 12.74 -8.02 -26.95
CA PRO C 488 13.18 -8.71 -25.73
C PRO C 488 13.48 -7.78 -24.56
N ILE C 489 13.44 -6.46 -24.77
CA ILE C 489 13.79 -5.49 -23.72
C ILE C 489 12.54 -4.92 -23.07
N GLU C 490 11.55 -4.52 -23.86
CA GLU C 490 10.39 -3.80 -23.34
C GLU C 490 9.37 -4.79 -22.80
N THR C 491 9.38 -4.97 -21.49
CA THR C 491 8.36 -5.75 -20.79
C THR C 491 8.18 -5.16 -19.40
N PRO C 492 7.07 -5.43 -18.74
CA PRO C 492 6.89 -4.93 -17.37
C PRO C 492 7.95 -5.48 -16.44
N GLU C 493 8.03 -4.91 -15.24
CA GLU C 493 9.01 -5.28 -14.24
C GLU C 493 8.41 -5.90 -12.99
N GLY C 494 7.09 -5.87 -12.83
CA GLY C 494 6.45 -6.45 -11.68
C GLY C 494 6.34 -7.95 -11.80
N PRO C 495 5.26 -8.54 -11.31
CA PRO C 495 5.03 -9.97 -11.52
C PRO C 495 4.50 -10.33 -12.90
N ASN C 496 4.51 -9.41 -13.85
CA ASN C 496 4.15 -9.67 -15.24
C ASN C 496 5.36 -9.83 -16.14
N ILE C 497 6.55 -9.98 -15.57
CA ILE C 497 7.75 -10.12 -16.38
C ILE C 497 7.60 -11.33 -17.31
N GLY C 498 7.58 -11.06 -18.61
CA GLY C 498 7.54 -12.10 -19.62
C GLY C 498 6.16 -12.39 -20.17
N LEU C 499 5.09 -11.98 -19.49
CA LEU C 499 3.73 -12.25 -19.95
C LEU C 499 3.15 -11.14 -20.80
N ILE C 500 3.82 -10.01 -20.92
CA ILE C 500 3.38 -8.90 -21.78
C ILE C 500 4.60 -8.40 -22.56
N GLY C 501 4.39 -8.14 -23.85
CA GLY C 501 5.48 -7.68 -24.69
C GLY C 501 4.98 -6.73 -25.74
N SER C 502 5.91 -6.27 -26.58
CA SER C 502 5.61 -5.30 -27.63
C SER C 502 6.07 -5.84 -28.97
N LEU C 503 5.28 -5.59 -30.00
CA LEU C 503 5.63 -5.99 -31.35
C LEU C 503 6.88 -5.23 -31.81
N ALA C 504 7.68 -5.89 -32.63
CA ALA C 504 8.89 -5.27 -33.16
C ALA C 504 8.53 -4.17 -34.15
N SER C 505 9.55 -3.54 -34.72
CA SER C 505 9.31 -2.42 -35.61
C SER C 505 8.76 -2.88 -36.96
N TYR C 506 9.34 -3.94 -37.53
CA TYR C 506 8.95 -4.44 -38.84
C TYR C 506 7.98 -5.62 -38.75
N GLY C 507 7.53 -5.98 -37.56
CA GLY C 507 6.65 -7.13 -37.44
C GLY C 507 5.36 -6.94 -38.22
N ARG C 508 4.91 -8.01 -38.86
CA ARG C 508 3.67 -8.02 -39.61
C ARG C 508 2.95 -9.34 -39.33
N VAL C 509 1.63 -9.25 -39.12
CA VAL C 509 0.85 -10.41 -38.71
C VAL C 509 0.32 -11.12 -39.95
N ASN C 510 0.58 -12.42 -40.03
CA ASN C 510 0.09 -13.23 -41.13
C ASN C 510 -1.43 -13.31 -41.11
N ALA C 511 -2.00 -13.89 -42.17
CA ALA C 511 -3.45 -14.07 -42.21
C ALA C 511 -3.92 -15.06 -41.14
N PHE C 512 -3.11 -16.06 -40.82
CA PHE C 512 -3.48 -17.05 -39.82
C PHE C 512 -3.22 -16.59 -38.39
N GLY C 513 -2.49 -15.49 -38.21
CA GLY C 513 -2.19 -14.95 -36.89
C GLY C 513 -0.73 -15.06 -36.49
N PHE C 514 0.10 -15.71 -37.30
CA PHE C 514 1.52 -15.79 -37.00
C PHE C 514 2.23 -14.52 -37.48
N ILE C 515 3.26 -14.13 -36.75
CA ILE C 515 3.99 -12.89 -37.02
C ILE C 515 5.08 -13.17 -38.04
N GLU C 516 5.25 -12.26 -38.99
CA GLU C 516 6.26 -12.34 -40.03
C GLU C 516 7.32 -11.28 -39.81
N THR C 517 8.38 -11.35 -40.61
CA THR C 517 9.45 -10.36 -40.55
C THR C 517 10.17 -10.34 -41.88
N PRO C 518 10.64 -9.18 -42.35
CA PRO C 518 11.25 -9.11 -43.67
C PRO C 518 12.75 -9.41 -43.66
N TYR C 519 13.21 -10.09 -44.71
CA TYR C 519 14.61 -10.40 -44.90
C TYR C 519 15.01 -10.11 -46.34
N ARG C 520 16.21 -9.58 -46.52
CA ARG C 520 16.75 -9.32 -47.84
C ARG C 520 17.37 -10.58 -48.42
N LYS C 521 16.99 -10.91 -49.65
CA LYS C 521 17.49 -12.11 -50.30
C LYS C 521 18.90 -11.87 -50.82
N VAL C 522 19.79 -12.81 -50.52
CA VAL C 522 21.18 -12.76 -50.96
C VAL C 522 21.44 -14.00 -51.81
N VAL C 523 21.95 -13.78 -53.03
CA VAL C 523 22.22 -14.85 -53.98
C VAL C 523 23.63 -14.67 -54.54
N ASP C 524 24.34 -15.79 -54.66
CA ASP C 524 25.71 -15.80 -55.18
C ASP C 524 26.65 -14.97 -54.30
N GLY C 525 26.29 -14.79 -53.03
CA GLY C 525 27.07 -13.95 -52.14
C GLY C 525 26.86 -12.47 -52.33
N GLN C 526 25.96 -12.06 -53.23
CA GLN C 526 25.67 -10.66 -53.49
C GLN C 526 24.32 -10.32 -52.87
N VAL C 527 24.29 -9.26 -52.06
CA VAL C 527 23.11 -8.92 -51.29
C VAL C 527 22.14 -8.14 -52.16
N THR C 528 21.24 -8.85 -52.84
CA THR C 528 20.23 -8.19 -53.65
C THR C 528 19.20 -7.50 -52.76
N ASP C 529 18.40 -6.64 -53.37
CA ASP C 529 17.44 -5.82 -52.64
C ASP C 529 16.07 -6.47 -52.51
N GLU C 530 15.84 -7.62 -53.13
CA GLU C 530 14.54 -8.28 -53.01
C GLU C 530 14.27 -8.66 -51.57
N VAL C 531 13.07 -8.35 -51.09
CA VAL C 531 12.68 -8.54 -49.69
C VAL C 531 11.58 -9.58 -49.64
N ASP C 532 11.72 -10.55 -48.73
CA ASP C 532 10.74 -11.60 -48.52
C ASP C 532 10.30 -11.59 -47.07
N TYR C 533 9.00 -11.68 -46.84
CA TYR C 533 8.44 -11.76 -45.50
C TYR C 533 8.39 -13.22 -45.08
N VAL C 534 9.04 -13.53 -43.95
CA VAL C 534 9.29 -14.91 -43.53
C VAL C 534 8.77 -15.08 -42.11
N THR C 535 8.21 -16.25 -41.83
CA THR C 535 7.70 -16.58 -40.50
C THR C 535 8.69 -17.49 -39.78
N ALA C 536 8.29 -18.00 -38.61
CA ALA C 536 9.24 -18.69 -37.74
C ALA C 536 9.78 -19.96 -38.37
N ASP C 537 8.89 -20.78 -38.96
CA ASP C 537 9.32 -22.06 -39.50
C ASP C 537 10.27 -21.87 -40.68
N GLU C 538 9.86 -21.05 -41.65
CA GLU C 538 10.74 -20.77 -42.79
C GLU C 538 12.05 -20.16 -42.31
N GLU C 539 12.00 -19.32 -41.29
CA GLU C 539 13.24 -18.76 -40.74
C GLU C 539 14.14 -19.88 -40.21
N ASP C 540 13.57 -20.85 -39.52
CA ASP C 540 14.36 -21.98 -39.05
C ASP C 540 14.95 -22.77 -40.21
N ARG C 541 14.25 -22.79 -41.35
CA ARG C 541 14.76 -23.55 -42.49
C ARG C 541 16.08 -22.97 -43.02
N PHE C 542 16.18 -21.65 -43.09
CA PHE C 542 17.30 -20.99 -43.76
C PHE C 542 18.41 -20.63 -42.77
N VAL C 543 19.45 -19.98 -43.30
CA VAL C 543 20.54 -19.42 -42.51
C VAL C 543 20.59 -17.93 -42.78
N ILE C 544 20.52 -17.12 -41.72
CA ILE C 544 20.33 -15.68 -41.83
C ILE C 544 21.61 -14.99 -41.40
N ALA C 545 22.01 -13.97 -42.15
CA ALA C 545 23.22 -13.21 -41.86
C ALA C 545 22.92 -12.17 -40.79
N GLN C 546 23.85 -11.24 -40.58
CA GLN C 546 23.72 -10.19 -39.58
C GLN C 546 23.49 -8.85 -40.27
N ALA C 547 22.82 -7.94 -39.56
CA ALA C 547 22.45 -6.66 -40.17
C ALA C 547 23.67 -5.79 -40.44
N ASN C 548 24.54 -5.62 -39.45
CA ASN C 548 25.70 -4.73 -39.57
C ASN C 548 26.94 -5.59 -39.84
N ALA C 549 27.05 -6.03 -41.09
CA ALA C 549 28.19 -6.81 -41.56
C ALA C 549 28.89 -6.03 -42.67
N ALA C 550 30.22 -6.17 -42.71
CA ALA C 550 31.01 -5.42 -43.67
C ALA C 550 30.59 -5.72 -45.10
N LEU C 551 30.41 -4.68 -45.90
CA LEU C 551 30.07 -4.79 -47.31
C LEU C 551 31.08 -4.04 -48.14
N ASP C 552 31.44 -4.62 -49.29
CA ASP C 552 32.49 -4.07 -50.15
C ASP C 552 32.05 -2.79 -50.87
N GLU C 553 30.77 -2.42 -50.80
CA GLU C 553 30.12 -1.36 -51.57
C GLU C 553 29.77 -1.85 -52.96
N GLU C 554 30.17 -3.08 -53.33
CA GLU C 554 29.65 -3.76 -54.51
C GLU C 554 28.48 -4.67 -54.15
N LEU C 555 27.97 -4.57 -52.92
CA LEU C 555 26.95 -5.47 -52.40
C LEU C 555 27.49 -6.89 -52.26
N ARG C 556 28.73 -7.01 -51.76
CA ARG C 556 29.34 -8.30 -51.50
C ARG C 556 30.06 -8.24 -50.15
N PHE C 557 30.18 -9.39 -49.52
CA PHE C 557 30.84 -9.48 -48.22
C PHE C 557 32.35 -9.50 -48.40
N SER C 558 33.05 -8.92 -47.42
CA SER C 558 34.50 -8.76 -47.49
C SER C 558 35.25 -9.58 -46.45
N GLU C 559 34.71 -9.69 -45.22
CA GLU C 559 35.44 -10.35 -44.15
C GLU C 559 35.69 -11.83 -44.44
N ASN C 560 34.89 -12.44 -45.33
CA ASN C 560 35.01 -13.85 -45.71
C ASN C 560 34.73 -14.78 -44.53
N ARG C 561 34.16 -14.26 -43.44
CA ARG C 561 33.73 -15.11 -42.32
C ARG C 561 32.66 -14.30 -41.57
N VAL C 562 31.40 -14.63 -41.82
CA VAL C 562 30.27 -13.85 -41.31
C VAL C 562 29.56 -14.63 -40.23
N LEU C 563 29.15 -13.93 -39.18
CA LEU C 563 28.39 -14.53 -38.08
C LEU C 563 26.92 -14.60 -38.47
N VAL C 564 26.36 -15.81 -38.45
CA VAL C 564 25.02 -16.07 -38.96
C VAL C 564 24.23 -16.87 -37.93
N ARG C 565 22.92 -16.88 -38.12
CA ARG C 565 22.00 -17.66 -37.29
C ARG C 565 21.57 -18.91 -38.04
N LYS C 566 21.50 -20.02 -37.33
CA LYS C 566 21.20 -21.32 -37.89
C LYS C 566 19.89 -21.86 -37.29
N ARG C 567 19.61 -23.14 -37.56
CA ARG C 567 18.28 -23.70 -37.28
C ARG C 567 17.84 -23.45 -35.85
N GLY C 568 18.66 -23.80 -34.87
CA GLY C 568 18.24 -23.76 -33.49
C GLY C 568 18.52 -22.44 -32.82
N GLY C 569 18.66 -21.39 -33.60
CA GLY C 569 19.05 -20.10 -33.05
C GLY C 569 20.51 -20.00 -32.69
N GLU C 570 21.31 -21.01 -33.03
CA GLU C 570 22.72 -21.01 -32.70
C GLU C 570 23.48 -20.06 -33.63
N VAL C 571 24.30 -19.21 -33.05
CA VAL C 571 25.14 -18.31 -33.83
C VAL C 571 26.42 -19.04 -34.22
N ASP C 572 26.83 -18.91 -35.46
CA ASP C 572 28.00 -19.64 -35.95
C ASP C 572 28.64 -18.86 -37.09
N TYR C 573 29.94 -19.07 -37.28
CA TYR C 573 30.67 -18.43 -38.36
C TYR C 573 30.56 -19.26 -39.63
N VAL C 574 30.28 -18.59 -40.75
CA VAL C 574 30.08 -19.26 -42.02
C VAL C 574 30.70 -18.41 -43.11
N GLU C 575 31.24 -19.07 -44.14
CA GLU C 575 31.83 -18.33 -45.25
C GLU C 575 30.72 -17.71 -46.12
N PRO C 576 31.01 -16.59 -46.79
CA PRO C 576 29.99 -15.97 -47.65
C PRO C 576 29.67 -16.78 -48.90
N SER C 577 29.27 -18.04 -48.73
CA SER C 577 28.83 -18.86 -49.85
C SER C 577 27.53 -19.57 -49.50
N ASP C 578 27.28 -19.79 -48.21
CA ASP C 578 26.08 -20.49 -47.76
C ASP C 578 24.96 -19.56 -47.33
N VAL C 579 25.27 -18.30 -47.01
CA VAL C 579 24.24 -17.37 -46.56
C VAL C 579 23.21 -17.18 -47.67
N ASP C 580 21.93 -17.22 -47.29
CA ASP C 580 20.84 -17.06 -48.24
C ASP C 580 19.79 -16.05 -47.76
N TYR C 581 20.07 -15.30 -46.69
CA TYR C 581 19.21 -14.20 -46.28
C TYR C 581 20.02 -13.25 -45.41
N MET C 582 19.52 -12.03 -45.28
CA MET C 582 20.16 -11.00 -44.49
C MET C 582 19.09 -10.14 -43.84
N ASP C 583 19.46 -9.45 -42.76
CA ASP C 583 18.53 -8.54 -42.12
C ASP C 583 18.35 -7.28 -42.97
N VAL C 584 17.13 -6.74 -42.96
CA VAL C 584 16.87 -5.50 -43.70
C VAL C 584 17.64 -4.35 -43.09
N SER C 585 17.74 -4.32 -41.76
CA SER C 585 18.45 -3.24 -41.08
C SER C 585 18.74 -3.70 -39.66
N PRO C 586 19.68 -3.05 -38.97
CA PRO C 586 19.80 -3.27 -37.52
C PRO C 586 18.56 -2.75 -36.82
N ARG C 587 18.52 -2.80 -35.49
CA ARG C 587 17.34 -2.39 -34.72
C ARG C 587 16.06 -2.91 -35.34
N GLN C 588 16.13 -4.11 -35.92
CA GLN C 588 14.94 -4.81 -36.41
C GLN C 588 14.27 -5.60 -35.30
N MET C 589 14.99 -5.92 -34.23
CA MET C 589 14.45 -6.70 -33.13
C MET C 589 13.85 -5.84 -32.02
N VAL C 590 14.18 -4.55 -31.98
CA VAL C 590 13.79 -3.69 -30.88
C VAL C 590 12.46 -3.02 -31.20
N SER C 591 11.71 -2.68 -30.16
CA SER C 591 10.39 -2.11 -30.31
C SER C 591 10.50 -0.64 -30.67
N VAL C 592 9.38 0.08 -30.59
CA VAL C 592 9.37 1.50 -30.93
C VAL C 592 9.85 2.34 -29.75
N ALA C 593 9.49 1.96 -28.53
CA ALA C 593 9.94 2.71 -27.36
C ALA C 593 11.43 2.51 -27.11
N THR C 594 11.93 1.31 -27.37
CA THR C 594 13.33 1.00 -27.14
C THR C 594 14.24 1.49 -28.26
N ALA C 595 13.69 1.88 -29.40
CA ALA C 595 14.48 2.40 -30.49
C ALA C 595 14.73 3.90 -30.36
N MET C 596 14.34 4.51 -29.24
CA MET C 596 14.52 5.94 -29.00
C MET C 596 15.54 6.20 -27.90
N ILE C 597 16.35 5.21 -27.56
CA ILE C 597 17.40 5.36 -26.55
C ILE C 597 18.74 5.46 -27.28
N PRO C 598 19.40 6.62 -27.28
CA PRO C 598 20.70 6.70 -27.94
C PRO C 598 21.75 5.91 -27.18
N PHE C 599 22.69 5.33 -27.94
CA PHE C 599 23.76 4.52 -27.36
C PHE C 599 23.18 3.36 -26.56
N LEU C 600 22.35 2.56 -27.22
CA LEU C 600 21.74 1.42 -26.57
C LEU C 600 22.73 0.27 -26.39
N GLU C 601 23.60 0.06 -27.38
CA GLU C 601 24.54 -1.07 -27.30
C GLU C 601 25.52 -0.92 -26.15
N HIS C 602 25.67 0.29 -25.59
CA HIS C 602 26.57 0.52 -24.48
C HIS C 602 25.91 0.32 -23.12
N ASP C 603 24.60 0.08 -23.08
CA ASP C 603 23.88 -0.08 -21.84
C ASP C 603 23.65 -1.56 -21.53
N ASP C 604 23.50 -1.87 -20.25
CA ASP C 604 23.08 -3.20 -19.86
C ASP C 604 21.63 -3.43 -20.24
N ALA C 605 21.24 -4.70 -20.34
CA ALA C 605 19.88 -5.02 -20.74
C ALA C 605 18.88 -4.59 -19.68
N ASN C 606 19.23 -4.76 -18.39
CA ASN C 606 18.29 -4.41 -17.33
C ASN C 606 18.03 -2.91 -17.28
N ARG C 607 19.10 -2.11 -17.35
CA ARG C 607 18.92 -0.66 -17.31
C ARG C 607 18.17 -0.16 -18.53
N ALA C 608 18.42 -0.75 -19.70
CA ALA C 608 17.66 -0.38 -20.88
C ALA C 608 16.19 -0.74 -20.71
N LEU C 609 15.91 -1.89 -20.10
CA LEU C 609 14.51 -2.26 -19.83
C LEU C 609 13.83 -1.23 -18.95
N MET C 610 14.50 -0.82 -17.86
CA MET C 610 13.90 0.18 -16.99
C MET C 610 13.72 1.50 -17.70
N GLY C 611 14.70 1.91 -18.51
CA GLY C 611 14.57 3.17 -19.24
C GLY C 611 13.41 3.15 -20.22
N ALA C 612 13.25 2.05 -20.95
CA ALA C 612 12.12 1.93 -21.87
C ALA C 612 10.80 1.95 -21.13
N ASN C 613 10.73 1.29 -19.98
CA ASN C 613 9.48 1.27 -19.21
C ASN C 613 9.19 2.63 -18.60
N MET C 614 10.22 3.44 -18.32
CA MET C 614 10.03 4.73 -17.69
C MET C 614 9.82 5.86 -18.67
N MET C 615 10.19 5.69 -19.93
CA MET C 615 9.93 6.72 -20.92
C MET C 615 8.44 6.91 -21.20
N ARG C 616 7.59 5.98 -20.77
CA ARG C 616 6.16 6.05 -21.01
C ARG C 616 5.39 6.78 -19.92
N GLN C 617 6.07 7.21 -18.86
CA GLN C 617 5.44 7.92 -17.75
C GLN C 617 5.73 9.41 -17.76
N ALA C 618 6.53 9.90 -18.69
CA ALA C 618 6.85 11.32 -18.73
C ALA C 618 5.59 12.14 -18.95
N VAL C 619 5.52 13.31 -18.32
CA VAL C 619 4.37 14.19 -18.42
C VAL C 619 4.67 15.27 -19.46
N PRO C 620 3.67 15.76 -20.20
CA PRO C 620 3.93 16.88 -21.11
C PRO C 620 4.10 18.19 -20.36
N LEU C 621 5.12 18.95 -20.73
CA LEU C 621 5.39 20.25 -20.13
C LEU C 621 4.73 21.35 -20.96
N ILE C 622 4.64 22.54 -20.36
CA ILE C 622 3.94 23.63 -21.03
C ILE C 622 4.70 24.08 -22.27
N LYS C 623 6.03 23.98 -22.27
CA LYS C 623 6.85 24.36 -23.40
C LYS C 623 7.73 23.17 -23.77
N SER C 624 7.52 22.62 -24.96
CA SER C 624 8.20 21.42 -25.40
C SER C 624 9.52 21.77 -26.08
N GLU C 625 10.41 20.80 -26.13
CA GLU C 625 11.77 21.02 -26.64
C GLU C 625 12.33 19.67 -27.09
N ALA C 626 12.57 19.52 -28.38
CA ALA C 626 13.03 18.25 -28.91
C ALA C 626 14.44 17.95 -28.42
N PRO C 627 14.79 16.67 -28.28
CA PRO C 627 16.11 16.32 -27.73
C PRO C 627 17.23 16.84 -28.61
N LEU C 628 18.32 17.26 -27.97
CA LEU C 628 19.50 17.71 -28.71
C LEU C 628 20.19 16.53 -29.39
N VAL C 629 20.29 15.41 -28.70
CA VAL C 629 20.87 14.19 -29.25
C VAL C 629 19.82 13.09 -29.11
N GLY C 630 19.50 12.44 -30.22
CA GLY C 630 18.50 11.39 -30.21
C GLY C 630 18.67 10.40 -31.33
N THR C 631 17.60 9.67 -31.64
CA THR C 631 17.58 8.74 -32.76
C THR C 631 16.77 9.38 -33.90
N GLY C 632 16.65 8.66 -35.01
CA GLY C 632 15.83 9.13 -36.11
C GLY C 632 14.36 8.80 -36.02
N MET C 633 13.90 8.27 -34.88
CA MET C 633 12.54 7.78 -34.76
C MET C 633 11.55 8.78 -34.18
N GLU C 634 12.01 9.93 -33.69
CA GLU C 634 11.09 10.84 -33.01
C GLU C 634 10.00 11.32 -33.95
N TYR C 635 10.38 11.78 -35.14
CA TYR C 635 9.40 12.31 -36.08
C TYR C 635 8.38 11.25 -36.48
N ARG C 636 8.87 10.05 -36.82
CA ARG C 636 7.96 9.00 -37.26
C ARG C 636 7.01 8.60 -36.14
N CYS C 637 7.52 8.44 -34.92
CA CYS C 637 6.66 8.08 -33.81
C CYS C 637 5.61 9.16 -33.55
N ALA C 638 6.03 10.43 -33.56
CA ALA C 638 5.09 11.52 -33.28
C ALA C 638 4.00 11.58 -34.33
N THR C 639 4.36 11.44 -35.61
CA THR C 639 3.34 11.56 -36.65
C THR C 639 2.44 10.34 -36.71
N ASP C 640 3.00 9.13 -36.57
CA ASP C 640 2.21 7.91 -36.67
C ASP C 640 1.37 7.65 -35.43
N ALA C 641 1.73 8.23 -34.28
CA ALA C 641 0.90 8.08 -33.10
C ALA C 641 -0.48 8.67 -33.30
N GLY C 642 -0.58 9.73 -34.09
CA GLY C 642 -1.84 10.39 -34.38
C GLY C 642 -2.13 11.62 -33.55
N ASP C 643 -1.18 12.11 -32.77
CA ASP C 643 -1.37 13.27 -31.93
C ASP C 643 -0.93 14.57 -32.58
N VAL C 644 -0.50 14.52 -33.84
CA VAL C 644 -0.03 15.69 -34.57
C VAL C 644 -1.00 15.94 -35.72
N LEU C 645 -1.62 17.12 -35.71
CA LEU C 645 -2.54 17.47 -36.80
C LEU C 645 -1.78 17.55 -38.11
N LYS C 646 -2.35 16.96 -39.16
CA LYS C 646 -1.71 16.89 -40.46
C LYS C 646 -2.69 17.33 -41.55
N ALA C 647 -2.17 18.06 -42.54
CA ALA C 647 -2.99 18.49 -43.66
C ALA C 647 -3.44 17.29 -44.49
N GLU C 648 -4.63 17.41 -45.08
CA GLU C 648 -5.20 16.36 -45.90
C GLU C 648 -4.88 16.53 -47.38
N LYS C 649 -5.00 17.75 -47.90
CA LYS C 649 -4.68 18.06 -49.29
C LYS C 649 -3.86 19.33 -49.35
N ASP C 650 -2.96 19.39 -50.33
CA ASP C 650 -2.06 20.52 -50.44
C ASP C 650 -2.84 21.81 -50.69
N GLY C 651 -2.35 22.89 -50.11
CA GLY C 651 -3.00 24.17 -50.26
C GLY C 651 -2.18 25.28 -49.66
N VAL C 652 -2.83 26.41 -49.40
CA VAL C 652 -2.19 27.57 -48.78
C VAL C 652 -3.01 27.98 -47.56
N VAL C 653 -2.32 28.25 -46.45
CA VAL C 653 -3.00 28.65 -45.23
C VAL C 653 -3.71 29.97 -45.47
N GLN C 654 -5.05 29.95 -45.43
CA GLN C 654 -5.84 31.13 -45.69
C GLN C 654 -6.02 31.98 -44.43
N GLU C 655 -6.36 31.35 -43.31
CA GLU C 655 -6.52 32.07 -42.05
C GLU C 655 -6.04 31.18 -40.91
N LEU C 656 -5.59 31.82 -39.83
CA LEU C 656 -4.92 31.11 -38.76
C LEU C 656 -5.20 31.79 -37.44
N SER C 657 -5.46 30.98 -36.40
CA SER C 657 -5.63 31.49 -35.05
C SER C 657 -5.43 30.34 -34.09
N ALA C 658 -5.19 30.68 -32.83
CA ALA C 658 -4.85 29.67 -31.83
C ALA C 658 -5.95 28.61 -31.69
N ASP C 659 -7.15 28.89 -32.18
CA ASP C 659 -8.26 27.95 -32.09
C ASP C 659 -8.51 27.16 -33.36
N TYR C 660 -8.01 27.61 -34.51
CA TYR C 660 -8.36 26.94 -35.76
C TYR C 660 -7.40 27.37 -36.87
N ILE C 661 -7.44 26.60 -37.96
CA ILE C 661 -6.66 26.89 -39.16
C ILE C 661 -7.55 26.61 -40.36
N THR C 662 -7.77 27.62 -41.21
CA THR C 662 -8.56 27.47 -42.43
C THR C 662 -7.61 27.50 -43.62
N VAL C 663 -7.64 26.43 -44.41
CA VAL C 663 -6.74 26.22 -45.54
C VAL C 663 -7.59 26.15 -46.81
N ALA C 664 -7.16 26.87 -47.84
CA ALA C 664 -7.83 26.86 -49.13
C ALA C 664 -7.16 25.81 -50.01
N ASN C 665 -7.81 24.66 -50.15
CA ASN C 665 -7.25 23.58 -50.94
C ASN C 665 -7.13 24.00 -52.40
N ASP C 666 -6.19 23.36 -53.11
CA ASP C 666 -5.95 23.69 -54.51
C ASP C 666 -7.11 23.25 -55.39
N ASP C 667 -7.79 22.16 -55.03
CA ASP C 667 -8.87 21.65 -55.87
C ASP C 667 -10.06 22.60 -55.93
N GLY C 668 -10.14 23.57 -55.03
CA GLY C 668 -11.19 24.57 -55.04
C GLY C 668 -12.04 24.61 -53.79
N THR C 669 -11.74 23.81 -52.77
CA THR C 669 -12.51 23.77 -51.54
C THR C 669 -11.72 24.35 -50.38
N TYR C 670 -12.43 24.73 -49.33
CA TYR C 670 -11.86 25.25 -48.10
C TYR C 670 -12.10 24.25 -46.97
N ILE C 671 -11.10 24.06 -46.13
CA ILE C 671 -11.21 23.12 -45.01
C ILE C 671 -10.65 23.78 -43.76
N THR C 672 -11.39 23.64 -42.66
CA THR C 672 -11.02 24.25 -41.38
C THR C 672 -10.75 23.17 -40.35
N TYR C 673 -9.59 23.22 -39.71
CA TYR C 673 -9.20 22.30 -38.66
C TYR C 673 -9.32 23.00 -37.32
N ARG C 674 -9.90 22.31 -36.34
CA ARG C 674 -10.07 22.83 -34.99
C ARG C 674 -9.05 22.19 -34.07
N LEU C 675 -8.42 23.00 -33.23
CA LEU C 675 -7.36 22.56 -32.33
C LEU C 675 -7.89 22.41 -30.91
N HIS C 676 -7.49 21.33 -30.25
CA HIS C 676 -7.83 21.14 -28.84
C HIS C 676 -7.02 22.08 -27.97
N LYS C 677 -7.70 22.83 -27.10
CA LYS C 677 -7.04 23.76 -26.19
C LYS C 677 -7.42 23.41 -24.77
N PHE C 678 -6.45 22.96 -23.99
CA PHE C 678 -6.63 22.66 -22.57
C PHE C 678 -7.78 21.67 -22.35
N SER C 679 -7.70 20.53 -23.03
CA SER C 679 -8.59 19.42 -22.76
C SER C 679 -8.06 18.65 -21.56
N ARG C 680 -8.65 17.49 -21.27
CA ARG C 680 -8.20 16.63 -20.20
C ARG C 680 -8.07 15.21 -20.73
N SER C 681 -6.91 14.60 -20.49
CA SER C 681 -6.68 13.22 -20.87
C SER C 681 -7.14 12.29 -19.74
N ASN C 682 -7.10 10.99 -20.01
CA ASN C 682 -7.59 10.02 -19.04
C ASN C 682 -6.85 10.12 -17.71
N GLN C 683 -5.57 10.45 -17.75
CA GLN C 683 -4.72 10.45 -16.55
C GLN C 683 -4.74 11.78 -15.80
N GLY C 684 -5.41 12.80 -16.33
CA GLY C 684 -5.50 14.09 -15.66
C GLY C 684 -4.53 15.14 -16.15
N THR C 685 -3.74 14.84 -17.16
CA THR C 685 -2.79 15.81 -17.70
C THR C 685 -3.57 16.78 -18.60
N SER C 686 -2.85 17.61 -19.36
CA SER C 686 -3.45 18.59 -20.25
C SER C 686 -3.09 18.28 -21.69
N VAL C 687 -4.09 18.26 -22.56
CA VAL C 687 -3.90 18.10 -23.99
C VAL C 687 -4.08 19.47 -24.63
N ASN C 688 -3.03 19.97 -25.28
CA ASN C 688 -3.03 21.33 -25.79
C ASN C 688 -2.19 21.37 -27.06
N GLN C 689 -2.83 21.73 -28.17
CA GLN C 689 -2.19 21.72 -29.48
C GLN C 689 -1.81 23.13 -29.89
N LYS C 690 -0.53 23.34 -30.23
CA LYS C 690 -0.04 24.61 -30.71
C LYS C 690 -0.12 24.65 -32.24
N VAL C 691 0.16 25.81 -32.82
CA VAL C 691 0.18 25.98 -34.27
C VAL C 691 1.63 26.10 -34.71
N VAL C 692 1.90 25.63 -35.94
CA VAL C 692 3.24 25.66 -36.51
C VAL C 692 3.31 26.52 -37.76
N VAL C 693 2.30 26.44 -38.62
CA VAL C 693 2.32 27.11 -39.91
C VAL C 693 2.06 28.60 -39.74
N ASP C 694 2.29 29.38 -40.78
CA ASP C 694 2.06 30.81 -40.79
C ASP C 694 0.93 31.15 -41.75
N GLU C 695 0.48 32.41 -41.71
CA GLU C 695 -0.69 32.82 -42.46
C GLU C 695 -0.48 32.79 -43.96
N GLY C 696 0.77 32.71 -44.43
CA GLY C 696 1.04 32.71 -45.86
C GLY C 696 1.67 31.44 -46.37
N ASP C 697 2.11 30.57 -45.47
CA ASP C 697 2.85 29.39 -45.87
C ASP C 697 1.99 28.44 -46.71
N ARG C 698 2.66 27.68 -47.57
CA ARG C 698 2.03 26.66 -48.38
C ARG C 698 2.24 25.29 -47.74
N VAL C 699 1.17 24.49 -47.71
CA VAL C 699 1.17 23.19 -47.06
C VAL C 699 0.98 22.12 -48.11
N ILE C 700 1.77 21.05 -48.02
CA ILE C 700 1.61 19.90 -48.87
C ILE C 700 0.90 18.80 -48.06
N GLU C 701 0.45 17.76 -48.75
CA GLU C 701 -0.25 16.67 -48.08
C GLU C 701 0.66 16.03 -47.04
N GLY C 702 0.08 15.72 -45.89
CA GLY C 702 0.81 15.07 -44.81
C GLY C 702 1.64 16.00 -43.95
N GLN C 703 1.78 17.27 -44.32
CA GLN C 703 2.57 18.20 -43.54
C GLN C 703 1.91 18.46 -42.19
N VAL C 704 2.72 18.88 -41.23
CA VAL C 704 2.25 19.11 -39.86
C VAL C 704 1.78 20.55 -39.74
N LEU C 705 0.58 20.73 -39.18
CA LEU C 705 0.00 22.06 -38.95
C LEU C 705 -0.08 22.43 -37.48
N ALA C 706 -0.19 21.44 -36.58
CA ALA C 706 -0.31 21.71 -35.16
C ALA C 706 0.35 20.58 -34.39
N ASP C 707 1.10 20.94 -33.35
CA ASP C 707 1.79 19.95 -32.52
C ASP C 707 0.78 19.25 -31.62
N GLY C 708 1.29 18.45 -30.69
CA GLY C 708 0.46 17.68 -29.79
C GLY C 708 0.78 17.98 -28.34
N PRO C 709 0.40 17.07 -27.44
CA PRO C 709 0.71 17.28 -26.02
C PRO C 709 2.19 17.42 -25.74
N ALA C 710 3.02 16.52 -26.27
CA ALA C 710 4.45 16.49 -25.96
C ALA C 710 5.27 16.31 -27.23
N THR C 711 4.92 17.04 -28.29
CA THR C 711 5.69 17.08 -29.52
C THR C 711 6.16 18.50 -29.76
N GLU C 712 7.29 18.63 -30.46
CA GLU C 712 7.90 19.93 -30.73
C GLU C 712 8.27 19.97 -32.21
N ASP C 713 7.45 20.65 -33.00
CA ASP C 713 7.64 20.79 -34.44
C ASP C 713 7.33 19.50 -35.19
N GLY C 714 6.57 18.60 -34.58
CA GLY C 714 6.18 17.35 -35.21
C GLY C 714 6.97 16.14 -34.78
N GLU C 715 7.91 16.28 -33.84
CA GLU C 715 8.72 15.18 -33.35
C GLU C 715 8.65 15.11 -31.83
N MET C 716 8.80 13.90 -31.31
CA MET C 716 8.60 13.67 -29.89
C MET C 716 9.52 14.53 -29.05
N ALA C 717 9.00 15.04 -27.93
CA ALA C 717 9.78 15.87 -27.02
C ALA C 717 9.20 15.70 -25.61
N LEU C 718 9.85 14.85 -24.81
CA LEU C 718 9.31 14.46 -23.51
C LEU C 718 9.98 15.16 -22.33
N GLY C 719 11.13 15.81 -22.53
CA GLY C 719 11.89 16.39 -21.45
C GLY C 719 12.63 17.63 -21.89
N LYS C 720 13.71 17.95 -21.20
CA LYS C 720 14.49 19.16 -21.45
C LYS C 720 15.97 18.85 -21.41
N ASN C 721 16.76 19.66 -22.11
CA ASN C 721 18.22 19.51 -22.12
C ASN C 721 18.80 20.36 -20.99
N LEU C 722 19.46 19.69 -20.03
CA LEU C 722 19.99 20.34 -18.85
C LEU C 722 21.50 20.11 -18.78
N LEU C 723 22.22 21.15 -18.38
CA LEU C 723 23.67 21.06 -18.20
C LEU C 723 23.95 20.32 -16.90
N VAL C 724 24.66 19.20 -16.99
CA VAL C 724 24.87 18.27 -15.90
C VAL C 724 26.36 18.09 -15.68
N ALA C 725 26.75 18.01 -14.41
CA ALA C 725 28.10 17.66 -13.99
C ALA C 725 28.03 16.47 -13.04
N PHE C 726 28.93 15.52 -13.21
CA PHE C 726 29.01 14.35 -12.34
C PHE C 726 29.99 14.62 -11.21
N MET C 727 29.48 14.69 -9.99
CA MET C 727 30.30 14.90 -8.81
C MET C 727 29.46 14.74 -7.55
N PRO C 728 30.02 14.21 -6.46
CA PRO C 728 29.28 14.19 -5.19
C PRO C 728 29.36 15.56 -4.53
N TRP C 729 28.21 16.08 -4.12
CA TRP C 729 28.10 17.46 -3.64
C TRP C 729 27.47 17.48 -2.25
N GLU C 730 28.32 17.52 -1.23
CA GLU C 730 27.91 17.78 0.16
C GLU C 730 26.88 16.79 0.67
N GLY C 731 26.72 15.64 0.02
CA GLY C 731 25.80 14.64 0.50
C GLY C 731 24.34 14.89 0.21
N HIS C 732 24.03 15.90 -0.60
CA HIS C 732 22.64 16.17 -0.97
C HIS C 732 22.17 15.32 -2.14
N ASN C 733 23.07 14.64 -2.83
CA ASN C 733 22.73 13.68 -3.87
C ASN C 733 23.23 12.29 -3.46
N TYR C 734 23.11 11.98 -2.18
CA TYR C 734 23.55 10.70 -1.65
C TYR C 734 22.53 9.63 -1.99
N GLU C 735 23.00 8.55 -2.62
CA GLU C 735 22.17 7.36 -2.86
C GLU C 735 20.95 7.68 -3.72
N ASP C 736 21.23 8.14 -4.94
CA ASP C 736 20.27 8.35 -6.03
C ASP C 736 19.47 9.64 -5.93
N ALA C 737 19.68 10.47 -4.92
CA ALA C 737 18.97 11.74 -4.86
C ALA C 737 19.54 12.69 -5.92
N ILE C 738 18.84 13.80 -6.14
CA ILE C 738 19.17 14.74 -7.21
C ILE C 738 19.13 16.16 -6.66
N ILE C 739 20.09 16.98 -7.09
CA ILE C 739 20.17 18.39 -6.75
C ILE C 739 19.84 19.19 -8.01
N LEU C 740 18.86 20.07 -7.91
CA LEU C 740 18.46 20.94 -9.01
C LEU C 740 18.88 22.36 -8.74
N SER C 741 18.70 23.22 -9.74
CA SER C 741 18.97 24.64 -9.66
C SER C 741 17.67 25.42 -9.57
N GLN C 742 17.78 26.68 -9.15
CA GLN C 742 16.61 27.54 -9.07
C GLN C 742 16.22 28.10 -10.43
N ARG C 743 17.12 28.07 -11.41
CA ARG C 743 16.78 28.57 -12.74
C ARG C 743 15.66 27.74 -13.37
N LEU C 744 15.51 26.49 -12.97
CA LEU C 744 14.46 25.64 -13.49
C LEU C 744 13.11 25.92 -12.86
N VAL C 745 13.05 26.78 -11.84
CA VAL C 745 11.79 27.18 -11.22
C VAL C 745 11.46 28.60 -11.68
N GLN C 746 12.51 29.41 -11.91
CA GLN C 746 12.28 30.76 -12.40
C GLN C 746 11.68 30.76 -13.80
N ASP C 747 12.21 29.92 -14.69
CA ASP C 747 11.86 29.96 -16.10
C ASP C 747 10.82 28.91 -16.49
N ASP C 748 10.21 28.24 -15.52
CA ASP C 748 9.19 27.23 -15.80
C ASP C 748 9.72 26.18 -16.78
N VAL C 749 10.95 25.74 -16.55
CA VAL C 749 11.54 24.74 -17.44
C VAL C 749 10.83 23.40 -17.29
N LEU C 750 10.42 23.05 -16.06
CA LEU C 750 9.80 21.77 -15.76
C LEU C 750 8.45 21.97 -15.09
N SER C 751 7.62 22.87 -15.65
CA SER C 751 6.29 23.14 -15.15
C SER C 751 5.27 22.41 -16.01
N SER C 752 4.19 21.94 -15.39
CA SER C 752 3.15 21.21 -16.11
C SER C 752 1.78 21.57 -15.57
N ILE C 753 0.78 21.55 -16.44
CA ILE C 753 -0.59 21.90 -16.09
C ILE C 753 -1.39 20.63 -15.90
N HIS C 754 -2.06 20.51 -14.76
CA HIS C 754 -2.86 19.34 -14.41
C HIS C 754 -4.30 19.76 -14.18
N ILE C 755 -5.24 18.90 -14.58
CA ILE C 755 -6.66 19.19 -14.56
C ILE C 755 -7.38 18.03 -13.86
N GLU C 756 -8.44 18.35 -13.12
CA GLU C 756 -9.26 17.36 -12.44
C GLU C 756 -10.72 17.74 -12.57
N GLU C 757 -11.59 16.74 -12.59
CA GLU C 757 -13.02 16.93 -12.77
C GLU C 757 -13.80 16.38 -11.58
N HIS C 758 -14.76 17.17 -11.12
CA HIS C 758 -15.61 16.80 -10.00
C HIS C 758 -17.06 16.72 -10.47
N GLU C 759 -17.77 15.70 -10.00
CA GLU C 759 -19.13 15.42 -10.41
C GLU C 759 -20.07 15.51 -9.22
N VAL C 760 -21.29 15.98 -9.46
CA VAL C 760 -22.34 15.89 -8.45
C VAL C 760 -23.69 15.91 -9.14
N ASP C 761 -24.62 15.12 -8.62
CA ASP C 761 -25.95 14.96 -9.20
C ASP C 761 -27.04 15.10 -8.14
N ALA C 762 -28.16 15.68 -8.55
CA ALA C 762 -29.35 15.80 -7.73
C ALA C 762 -30.39 14.81 -8.23
N ARG C 763 -30.91 13.98 -7.32
CA ARG C 763 -31.83 12.92 -7.68
C ARG C 763 -33.07 12.96 -6.79
N ASP C 764 -33.94 11.97 -6.93
CA ASP C 764 -35.16 11.88 -6.13
C ASP C 764 -34.92 11.05 -4.87
N THR C 765 -35.67 11.37 -3.82
CA THR C 765 -35.61 10.66 -2.56
C THR C 765 -37.03 10.45 -2.05
N LYS C 766 -37.14 9.82 -0.87
CA LYS C 766 -38.45 9.58 -0.28
C LYS C 766 -39.17 10.88 0.02
N LEU C 767 -38.47 11.83 0.64
CA LEU C 767 -39.07 13.10 1.04
C LEU C 767 -38.89 14.17 -0.02
N GLY C 768 -39.29 13.86 -1.26
CA GLY C 768 -39.19 14.80 -2.34
C GLY C 768 -37.82 14.80 -2.99
N PRO C 769 -37.65 15.63 -4.02
CA PRO C 769 -36.38 15.65 -4.76
C PRO C 769 -35.35 16.60 -4.15
N GLU C 770 -34.08 16.21 -4.32
CA GLU C 770 -32.99 17.10 -3.95
C GLU C 770 -32.91 18.26 -4.93
N GLU C 771 -32.31 19.36 -4.49
CA GLU C 771 -32.22 20.58 -5.26
C GLU C 771 -30.81 21.14 -5.23
N ILE C 772 -30.38 21.68 -6.36
CA ILE C 772 -29.11 22.40 -6.48
C ILE C 772 -29.45 23.88 -6.43
N THR C 773 -29.24 24.49 -5.26
CA THR C 773 -29.63 25.87 -5.03
C THR C 773 -28.55 26.59 -4.25
N ARG C 774 -28.56 27.92 -4.35
CA ARG C 774 -27.61 28.75 -3.62
C ARG C 774 -28.00 28.97 -2.17
N ASP C 775 -29.24 28.67 -1.79
CA ASP C 775 -29.73 28.95 -0.43
C ASP C 775 -29.34 27.80 0.50
N ILE C 776 -28.05 27.76 0.81
CA ILE C 776 -27.56 26.80 1.82
C ILE C 776 -28.14 27.19 3.18
N PRO C 777 -28.58 26.23 4.02
CA PRO C 777 -29.39 26.60 5.19
C PRO C 777 -28.72 27.57 6.14
N ASN C 778 -27.57 27.19 6.71
CA ASN C 778 -26.90 27.98 7.74
C ASN C 778 -25.42 28.14 7.38
N VAL C 779 -25.12 29.14 6.57
CA VAL C 779 -23.75 29.52 6.24
C VAL C 779 -23.73 31.01 5.94
N SER C 780 -22.60 31.64 6.24
CA SER C 780 -22.46 33.07 5.99
C SER C 780 -22.49 33.35 4.50
N GLU C 781 -22.98 34.55 4.16
CA GLU C 781 -23.03 34.94 2.75
C GLU C 781 -21.65 35.00 2.13
N GLU C 782 -20.60 35.18 2.95
CA GLU C 782 -19.25 35.26 2.40
C GLU C 782 -18.88 33.96 1.69
N VAL C 783 -19.30 32.82 2.24
CA VAL C 783 -19.10 31.55 1.54
C VAL C 783 -19.88 31.54 0.24
N LEU C 784 -21.10 32.06 0.26
CA LEU C 784 -21.95 32.10 -0.94
C LEU C 784 -21.74 33.39 -1.71
N ALA C 785 -20.49 33.72 -1.99
CA ALA C 785 -20.13 34.95 -2.71
C ALA C 785 -19.75 34.69 -4.16
N ASP C 786 -18.97 33.64 -4.42
CA ASP C 786 -18.55 33.29 -5.77
C ASP C 786 -19.57 32.41 -6.49
N LEU C 787 -20.57 31.89 -5.79
CA LEU C 787 -21.58 31.05 -6.43
C LEU C 787 -22.41 31.87 -7.40
N ASP C 788 -22.83 31.22 -8.48
CA ASP C 788 -23.65 31.87 -9.50
C ASP C 788 -25.11 31.90 -9.05
N GLU C 789 -25.97 32.45 -9.91
CA GLU C 789 -27.40 32.51 -9.60
C GLU C 789 -28.02 31.12 -9.52
N ARG C 790 -27.40 30.11 -10.13
CA ARG C 790 -27.89 28.74 -10.08
C ARG C 790 -27.25 27.93 -8.96
N GLY C 791 -26.42 28.54 -8.13
CA GLY C 791 -25.74 27.81 -7.08
C GLY C 791 -24.48 27.08 -7.51
N ILE C 792 -23.97 27.36 -8.71
CA ILE C 792 -22.78 26.72 -9.24
C ILE C 792 -21.66 27.75 -9.26
N ILE C 793 -20.44 27.32 -8.91
CA ILE C 793 -19.33 28.25 -8.82
C ILE C 793 -19.08 28.91 -10.18
N ARG C 794 -18.45 30.09 -10.14
CA ARG C 794 -18.25 30.90 -11.33
C ARG C 794 -16.90 30.62 -11.97
N ILE C 795 -16.87 30.66 -13.30
CA ILE C 795 -15.63 30.39 -14.03
C ILE C 795 -14.61 31.46 -13.72
N GLY C 796 -13.34 31.07 -13.62
CA GLY C 796 -12.26 31.98 -13.34
C GLY C 796 -12.02 32.27 -11.88
N ALA C 797 -12.79 31.67 -10.98
CA ALA C 797 -12.67 31.92 -9.55
C ALA C 797 -11.78 30.87 -8.91
N GLU C 798 -10.76 31.31 -8.20
CA GLU C 798 -9.83 30.40 -7.53
C GLU C 798 -10.49 29.78 -6.30
N VAL C 799 -10.10 28.54 -6.01
CA VAL C 799 -10.64 27.79 -4.88
C VAL C 799 -9.50 27.23 -4.05
N VAL C 800 -9.81 26.95 -2.79
CA VAL C 800 -8.90 26.28 -1.86
C VAL C 800 -9.72 25.25 -1.09
N ALA C 801 -9.02 24.35 -0.41
CA ALA C 801 -9.68 23.26 0.29
C ALA C 801 -10.77 23.79 1.22
N GLY C 802 -11.97 23.22 1.09
CA GLY C 802 -13.11 23.59 1.90
C GLY C 802 -14.19 24.36 1.18
N ASP C 803 -13.85 25.07 0.11
CA ASP C 803 -14.85 25.84 -0.61
C ASP C 803 -15.88 24.93 -1.26
N ILE C 804 -17.08 25.46 -1.47
CA ILE C 804 -18.19 24.72 -2.08
C ILE C 804 -18.23 25.06 -3.56
N LEU C 805 -18.28 24.02 -4.40
CA LEU C 805 -18.36 24.20 -5.84
C LEU C 805 -19.81 24.22 -6.34
N VAL C 806 -20.66 23.37 -5.78
CA VAL C 806 -22.07 23.31 -6.14
C VAL C 806 -22.87 23.26 -4.85
N GLY C 807 -23.86 24.15 -4.73
CA GLY C 807 -24.69 24.19 -3.55
C GLY C 807 -25.91 23.29 -3.66
N LYS C 808 -25.98 22.27 -2.82
CA LYS C 808 -27.04 21.28 -2.87
C LYS C 808 -27.69 21.14 -1.50
N VAL C 809 -28.99 20.89 -1.50
CA VAL C 809 -29.77 20.71 -0.27
C VAL C 809 -30.66 19.49 -0.43
N THR C 810 -30.68 18.64 0.58
CA THR C 810 -31.49 17.43 0.59
C THR C 810 -32.47 17.48 1.76
N PRO C 811 -33.76 17.23 1.56
CA PRO C 811 -34.69 17.21 2.70
C PRO C 811 -34.43 16.01 3.60
N LYS C 812 -34.59 16.23 4.91
CA LYS C 812 -34.32 15.20 5.91
C LYS C 812 -35.57 14.75 6.66
N GLY C 813 -36.58 15.60 6.78
CA GLY C 813 -37.78 15.25 7.50
C GLY C 813 -37.67 15.50 9.00
N GLU C 814 -38.81 15.37 9.67
CA GLU C 814 -38.87 15.62 11.10
C GLU C 814 -38.04 14.59 11.85
N THR C 815 -37.31 15.06 12.87
CA THR C 815 -36.51 14.18 13.70
C THR C 815 -36.52 14.71 15.13
N GLU C 816 -36.26 13.80 16.08
CA GLU C 816 -36.20 14.18 17.48
C GLU C 816 -34.85 14.82 17.80
N LEU C 817 -34.88 15.87 18.61
CA LEU C 817 -33.69 16.63 18.97
C LEU C 817 -33.41 16.48 20.46
N THR C 818 -32.13 16.47 20.80
CA THR C 818 -31.73 16.30 22.20
C THR C 818 -32.14 17.54 23.00
N PRO C 819 -32.38 17.38 24.31
CA PRO C 819 -32.86 18.53 25.10
C PRO C 819 -31.95 19.75 25.04
N GLU C 820 -30.63 19.54 25.05
CA GLU C 820 -29.71 20.68 25.03
C GLU C 820 -29.87 21.49 23.74
N GLU C 821 -29.95 20.80 22.60
CA GLU C 821 -30.09 21.50 21.33
C GLU C 821 -31.44 22.20 21.26
N ARG C 822 -32.49 21.57 21.82
CA ARG C 822 -33.80 22.22 21.87
C ARG C 822 -33.74 23.51 22.68
N LEU C 823 -33.06 23.48 23.84
CA LEU C 823 -32.93 24.68 24.64
C LEU C 823 -32.14 25.74 23.91
N LEU C 824 -31.08 25.34 23.20
CA LEU C 824 -30.31 26.30 22.42
C LEU C 824 -31.17 26.95 21.34
N ARG C 825 -31.98 26.16 20.64
CA ARG C 825 -32.88 26.71 19.63
C ARG C 825 -33.89 27.66 20.25
N ALA C 826 -34.43 27.30 21.42
CA ALA C 826 -35.37 28.18 22.10
C ALA C 826 -34.71 29.50 22.46
N ILE C 827 -33.47 29.45 22.95
CA ILE C 827 -32.76 30.68 23.29
C ILE C 827 -32.58 31.54 22.04
N PHE C 828 -32.12 30.93 20.94
CA PHE C 828 -31.88 31.67 19.72
C PHE C 828 -33.09 31.70 18.78
N GLY C 829 -34.15 30.96 19.09
CA GLY C 829 -35.37 31.06 18.34
C GLY C 829 -35.27 30.64 16.88
N GLU C 830 -34.21 29.94 16.50
CA GLU C 830 -34.08 29.50 15.13
C GLU C 830 -35.04 28.35 14.84
N LYS C 831 -35.25 28.09 13.56
CA LYS C 831 -36.17 27.04 13.10
C LYS C 831 -35.43 26.09 12.18
N ALA C 832 -35.57 24.80 12.42
CA ALA C 832 -34.98 23.80 11.54
C ALA C 832 -35.65 23.86 10.18
N ARG C 833 -34.85 24.08 9.14
CA ARG C 833 -35.40 24.27 7.80
C ARG C 833 -36.00 22.99 7.21
N GLU C 834 -35.75 21.84 7.83
CA GLU C 834 -36.19 20.51 7.40
C GLU C 834 -35.31 20.00 6.27
N VAL C 835 -34.30 20.76 5.84
CA VAL C 835 -33.40 20.36 4.77
C VAL C 835 -31.97 20.55 5.24
N ARG C 836 -31.12 19.56 4.98
CA ARG C 836 -29.70 19.65 5.27
C ARG C 836 -28.92 19.93 4.00
N ASP C 837 -27.65 20.26 4.16
CA ASP C 837 -26.79 20.64 3.04
C ASP C 837 -25.89 19.48 2.66
N THR C 838 -25.79 19.22 1.36
CA THR C 838 -24.96 18.16 0.81
C THR C 838 -24.15 18.71 -0.37
N SER C 839 -23.70 19.94 -0.25
CA SER C 839 -22.99 20.60 -1.35
C SER C 839 -21.72 19.84 -1.71
N LEU C 840 -21.14 20.21 -2.84
CA LEU C 840 -19.91 19.62 -3.33
C LEU C 840 -18.75 20.54 -2.96
N LYS C 841 -17.78 20.00 -2.23
CA LYS C 841 -16.62 20.76 -1.76
C LYS C 841 -15.35 20.17 -2.32
N VAL C 842 -14.37 21.02 -2.59
CA VAL C 842 -13.08 20.54 -3.10
C VAL C 842 -12.42 19.67 -2.04
N PRO C 843 -11.72 18.58 -2.42
CA PRO C 843 -11.11 17.73 -1.40
C PRO C 843 -10.05 18.44 -0.58
N HIS C 844 -9.52 17.75 0.42
CA HIS C 844 -8.50 18.31 1.29
C HIS C 844 -7.15 18.37 0.56
N GLY C 845 -6.48 19.52 0.62
CA GLY C 845 -5.19 19.66 0.00
C GLY C 845 -5.23 19.96 -1.48
N GLU C 846 -6.31 20.54 -1.98
CA GLU C 846 -6.48 20.82 -3.39
C GLU C 846 -6.63 22.32 -3.62
N ILE C 847 -6.16 22.79 -4.77
CA ILE C 847 -6.22 24.19 -5.16
C ILE C 847 -6.31 24.28 -6.68
N GLY C 848 -6.53 25.50 -7.18
CA GLY C 848 -6.54 25.74 -8.61
C GLY C 848 -7.64 26.68 -9.07
N LYS C 849 -7.62 27.04 -10.34
CA LYS C 849 -8.66 27.86 -10.93
C LYS C 849 -9.83 26.98 -11.34
N ILE C 850 -10.87 27.60 -11.92
CA ILE C 850 -12.03 26.88 -12.45
C ILE C 850 -12.04 27.09 -13.95
N ILE C 851 -11.94 26.00 -14.70
CA ILE C 851 -11.85 26.08 -16.16
C ILE C 851 -13.23 26.08 -16.81
N GLY C 852 -14.12 25.20 -16.37
CA GLY C 852 -15.43 25.12 -16.98
C GLY C 852 -16.41 24.34 -16.13
N VAL C 853 -17.69 24.56 -16.42
CA VAL C 853 -18.79 23.88 -15.75
C VAL C 853 -19.77 23.40 -16.82
N ARG C 854 -20.22 22.16 -16.69
CA ARG C 854 -21.15 21.57 -17.64
C ARG C 854 -22.30 20.94 -16.87
N VAL C 855 -23.53 21.33 -17.20
CA VAL C 855 -24.71 20.92 -16.46
C VAL C 855 -25.69 20.23 -17.41
N PHE C 856 -26.21 19.09 -16.98
CA PHE C 856 -27.25 18.35 -17.70
C PHE C 856 -28.52 18.36 -16.88
N ASP C 857 -29.64 18.67 -17.52
CA ASP C 857 -30.96 18.65 -16.90
C ASP C 857 -31.80 17.57 -17.55
N ARG C 858 -32.39 16.71 -16.73
CA ARG C 858 -33.18 15.60 -17.26
C ARG C 858 -34.38 16.09 -18.05
N GLU C 859 -34.92 17.26 -17.69
CA GLU C 859 -36.08 17.81 -18.39
C GLU C 859 -35.73 18.55 -19.65
N GLU C 860 -34.43 18.70 -19.98
CA GLU C 860 -33.98 19.41 -21.16
C GLU C 860 -33.64 18.46 -22.30
N GLY C 861 -34.17 17.24 -22.27
CA GLY C 861 -33.88 16.25 -23.28
C GLY C 861 -32.59 15.49 -23.07
N ASP C 862 -31.86 15.78 -22.01
CA ASP C 862 -30.62 15.05 -21.74
C ASP C 862 -30.94 13.63 -21.28
N GLU C 863 -30.05 12.71 -21.65
CA GLU C 863 -30.26 11.28 -21.39
C GLU C 863 -29.58 10.89 -20.08
N LEU C 864 -30.08 11.46 -18.99
CA LEU C 864 -29.59 11.11 -17.67
C LEU C 864 -30.05 9.70 -17.31
N PRO C 865 -29.33 9.02 -16.42
CA PRO C 865 -29.72 7.66 -16.03
C PRO C 865 -31.05 7.67 -15.31
N PRO C 866 -31.61 6.49 -15.01
CA PRO C 866 -32.88 6.45 -14.28
C PRO C 866 -32.70 6.90 -12.84
N GLY C 867 -33.58 7.80 -12.39
CA GLY C 867 -33.57 8.29 -11.04
C GLY C 867 -32.74 9.53 -10.81
N VAL C 868 -31.99 9.99 -11.81
CA VAL C 868 -31.16 11.18 -11.69
C VAL C 868 -31.87 12.33 -12.38
N ASN C 869 -32.08 13.43 -11.67
CA ASN C 869 -32.81 14.58 -12.18
C ASN C 869 -31.90 15.68 -12.72
N GLN C 870 -30.69 15.81 -12.19
CA GLN C 870 -29.77 16.84 -12.65
C GLN C 870 -28.35 16.38 -12.38
N LEU C 871 -27.42 16.80 -13.23
CA LEU C 871 -26.01 16.44 -13.08
C LEU C 871 -25.15 17.65 -13.43
N VAL C 872 -23.98 17.74 -12.80
CA VAL C 872 -23.08 18.86 -13.07
C VAL C 872 -21.65 18.42 -12.86
N ARG C 873 -20.77 18.93 -13.71
CA ARG C 873 -19.34 18.64 -13.73
C ARG C 873 -18.56 19.95 -13.69
N VAL C 874 -17.52 19.99 -12.87
CA VAL C 874 -16.67 21.18 -12.70
C VAL C 874 -15.23 20.78 -12.94
N TYR C 875 -14.51 21.59 -13.71
CA TYR C 875 -13.11 21.31 -14.05
C TYR C 875 -12.20 22.32 -13.36
N VAL C 876 -11.19 21.80 -12.65
CA VAL C 876 -10.26 22.62 -11.87
C VAL C 876 -8.86 22.33 -12.38
N ALA C 877 -8.14 23.39 -12.75
CA ALA C 877 -6.81 23.27 -13.33
C ALA C 877 -5.79 24.02 -12.48
N GLN C 878 -4.55 23.53 -12.48
CA GLN C 878 -3.48 24.22 -11.78
C GLN C 878 -2.13 23.87 -12.41
N LYS C 879 -1.21 24.82 -12.35
CA LYS C 879 0.13 24.66 -12.90
C LYS C 879 1.11 24.36 -11.78
N ARG C 880 1.83 23.25 -11.92
CA ARG C 880 2.77 22.77 -10.91
C ARG C 880 4.19 22.99 -11.39
N LYS C 881 5.01 23.59 -10.52
CA LYS C 881 6.44 23.73 -10.74
C LYS C 881 7.17 22.59 -10.04
N ILE C 882 8.41 22.37 -10.46
CA ILE C 882 9.20 21.28 -9.90
C ILE C 882 9.59 21.63 -8.48
N THR C 883 9.41 20.67 -7.57
CA THR C 883 9.76 20.84 -6.16
C THR C 883 10.32 19.54 -5.64
N ASP C 884 11.09 19.62 -4.56
CA ASP C 884 11.74 18.44 -4.01
C ASP C 884 10.69 17.42 -3.57
N GLY C 885 11.04 16.14 -3.74
CA GLY C 885 10.10 15.06 -3.63
C GLY C 885 9.59 14.56 -4.97
N ASP C 886 9.72 15.36 -6.02
CA ASP C 886 9.34 14.94 -7.35
C ASP C 886 10.43 14.06 -7.95
N LYS C 887 10.03 13.17 -8.84
CA LYS C 887 10.91 12.15 -9.40
C LYS C 887 11.27 12.51 -10.83
N LEU C 888 12.57 12.55 -11.12
CA LEU C 888 13.10 12.75 -12.45
C LEU C 888 13.83 11.50 -12.91
N ALA C 889 14.12 11.44 -14.21
CA ALA C 889 14.78 10.29 -14.78
C ALA C 889 15.42 10.67 -16.11
N GLY C 890 16.23 9.76 -16.62
CA GLY C 890 16.80 9.90 -17.95
C GLY C 890 16.36 8.76 -18.84
N ARG C 891 16.94 8.65 -20.04
CA ARG C 891 16.58 7.61 -20.98
C ARG C 891 17.32 6.31 -20.76
N HIS C 892 18.23 6.25 -19.78
CA HIS C 892 19.08 5.09 -19.56
C HIS C 892 18.80 4.39 -18.23
N GLY C 893 17.57 4.53 -17.73
CA GLY C 893 17.21 3.88 -16.48
C GLY C 893 17.94 4.42 -15.27
N ASN C 894 18.06 5.74 -15.17
CA ASN C 894 18.70 6.40 -14.02
C ASN C 894 17.71 7.39 -13.44
N LYS C 895 16.95 6.96 -12.44
CA LYS C 895 15.90 7.75 -11.83
C LYS C 895 16.34 8.27 -10.47
N GLY C 896 15.62 9.26 -9.97
CA GLY C 896 15.91 9.81 -8.65
C GLY C 896 14.97 10.93 -8.26
N VAL C 897 14.76 11.10 -6.95
CA VAL C 897 13.83 12.11 -6.44
C VAL C 897 14.61 13.36 -6.09
N ILE C 898 14.11 14.52 -6.54
CA ILE C 898 14.76 15.78 -6.22
C ILE C 898 14.74 15.97 -4.72
N SER C 899 15.92 16.20 -4.13
CA SER C 899 16.04 16.37 -2.70
C SER C 899 16.63 17.72 -2.31
N LYS C 900 16.88 18.60 -3.26
CA LYS C 900 17.47 19.90 -2.97
C LYS C 900 17.30 20.79 -4.19
N ILE C 901 17.09 22.08 -3.94
CA ILE C 901 17.03 23.08 -5.00
C ILE C 901 17.86 24.28 -4.56
N LEU C 902 19.08 24.36 -5.06
CA LEU C 902 20.01 25.39 -4.63
C LEU C 902 19.77 26.69 -5.38
N PRO C 903 20.12 27.83 -4.78
CA PRO C 903 20.09 29.09 -5.53
C PRO C 903 21.00 29.03 -6.74
N ILE C 904 20.88 30.04 -7.60
CA ILE C 904 21.69 30.07 -8.82
C ILE C 904 23.13 30.46 -8.50
N GLU C 905 23.35 31.23 -7.45
CA GLU C 905 24.66 31.81 -7.21
C GLU C 905 25.62 30.87 -6.49
N ASP C 906 25.17 29.69 -6.06
CA ASP C 906 26.03 28.72 -5.40
C ASP C 906 26.01 27.36 -6.09
N MET C 907 25.69 27.33 -7.39
CA MET C 907 25.94 26.15 -8.19
C MET C 907 27.33 26.24 -8.80
N PRO C 908 28.03 25.12 -9.03
CA PRO C 908 29.32 25.20 -9.70
C PRO C 908 29.17 25.84 -11.08
N PHE C 909 30.13 26.71 -11.42
CA PHE C 909 30.07 27.46 -12.66
C PHE C 909 31.35 27.27 -13.45
N LEU C 910 31.22 27.21 -14.77
CA LEU C 910 32.35 27.00 -15.65
C LEU C 910 33.24 28.25 -15.66
N GLU C 911 34.31 28.19 -16.45
CA GLU C 911 35.29 29.26 -16.47
C GLU C 911 34.71 30.60 -16.91
N ASP C 912 33.61 30.60 -17.65
CA ASP C 912 32.99 31.83 -18.13
C ASP C 912 31.76 32.23 -17.31
N GLY C 913 31.43 31.48 -16.26
CA GLY C 913 30.39 31.89 -15.35
C GLY C 913 29.01 31.30 -15.61
N THR C 914 28.94 30.14 -16.27
CA THR C 914 27.67 29.50 -16.53
C THR C 914 27.40 28.45 -15.47
N PRO C 915 26.38 28.60 -14.63
CA PRO C 915 26.10 27.56 -13.63
C PRO C 915 25.60 26.27 -14.28
N VAL C 916 25.78 25.17 -13.57
CA VAL C 916 25.25 23.88 -13.99
C VAL C 916 23.82 23.77 -13.47
N ASP C 917 22.97 23.06 -14.21
CA ASP C 917 21.56 22.98 -13.90
C ASP C 917 21.19 21.77 -13.05
N ILE C 918 21.99 20.71 -13.06
CA ILE C 918 21.69 19.50 -12.31
C ILE C 918 22.99 18.81 -11.97
N ILE C 919 23.05 18.24 -10.76
CA ILE C 919 24.24 17.55 -10.26
C ILE C 919 23.85 16.10 -9.98
N LEU C 920 24.59 15.17 -10.57
CA LEU C 920 24.33 13.74 -10.42
C LEU C 920 25.52 13.06 -9.74
N ASN C 921 25.27 11.89 -9.19
CA ASN C 921 26.27 11.17 -8.43
C ASN C 921 27.03 10.22 -9.35
N PRO C 922 28.36 10.32 -9.45
CA PRO C 922 29.09 9.38 -10.32
C PRO C 922 28.98 7.93 -9.88
N LEU C 923 28.86 7.67 -8.57
CA LEU C 923 28.93 6.29 -8.07
C LEU C 923 27.89 5.40 -8.69
N GLY C 924 26.77 5.95 -9.17
CA GLY C 924 25.74 5.12 -9.76
C GLY C 924 26.02 4.62 -11.17
N VAL C 925 27.03 5.17 -11.84
CA VAL C 925 27.27 4.83 -13.24
C VAL C 925 28.00 3.50 -13.36
N PRO C 926 29.16 3.29 -12.71
CA PRO C 926 29.93 2.08 -13.00
C PRO C 926 29.30 0.81 -12.46
N SER C 927 28.72 0.85 -11.26
CA SER C 927 28.15 -0.36 -10.68
C SER C 927 26.92 -0.83 -11.44
N ARG C 928 26.18 0.09 -12.06
CA ARG C 928 24.96 -0.26 -12.77
C ARG C 928 25.21 -0.63 -14.24
N MET C 929 26.43 -0.42 -14.74
CA MET C 929 26.82 -0.85 -16.08
C MET C 929 25.93 -0.23 -17.15
N ASN C 930 25.88 1.10 -17.16
CA ASN C 930 25.27 1.86 -18.25
C ASN C 930 26.17 3.03 -18.62
N PRO C 931 27.32 2.75 -19.26
CA PRO C 931 28.16 3.84 -19.77
C PRO C 931 27.54 4.66 -20.89
N GLY C 932 26.32 4.35 -21.33
CA GLY C 932 25.72 5.10 -22.42
C GLY C 932 25.46 6.55 -22.07
N GLN C 933 25.10 6.83 -20.81
CA GLN C 933 24.74 8.19 -20.44
C GLN C 933 25.93 9.14 -20.55
N VAL C 934 27.12 8.67 -20.19
CA VAL C 934 28.31 9.52 -20.30
C VAL C 934 28.58 9.88 -21.75
N LEU C 935 28.45 8.91 -22.65
CA LEU C 935 28.61 9.20 -24.07
C LEU C 935 27.55 10.17 -24.56
N GLU C 936 26.31 10.01 -24.09
CA GLU C 936 25.26 10.96 -24.46
C GLU C 936 25.61 12.36 -24.00
N ILE C 937 26.17 12.50 -22.80
CA ILE C 937 26.57 13.80 -22.30
C ILE C 937 27.65 14.42 -23.18
N HIS C 938 28.68 13.64 -23.53
CA HIS C 938 29.75 14.19 -24.36
C HIS C 938 29.22 14.63 -25.71
N LEU C 939 28.39 13.79 -26.35
CA LEU C 939 27.85 14.16 -27.65
C LEU C 939 26.88 15.33 -27.55
N GLY C 940 26.16 15.44 -26.43
CA GLY C 940 25.27 16.58 -26.25
C GLY C 940 26.04 17.88 -26.14
N TRP C 941 27.14 17.88 -25.40
CA TRP C 941 27.99 19.08 -25.36
C TRP C 941 28.52 19.40 -26.75
N LEU C 942 28.98 18.38 -27.48
CA LEU C 942 29.50 18.63 -28.83
C LEU C 942 28.43 19.24 -29.74
N ALA C 943 27.22 18.71 -29.69
CA ALA C 943 26.14 19.24 -30.52
C ALA C 943 25.77 20.65 -30.10
N SER C 944 25.73 20.91 -28.80
CA SER C 944 25.37 22.25 -28.32
C SER C 944 26.38 23.29 -28.79
N ARG C 945 27.68 22.97 -28.71
CA ARG C 945 28.69 23.96 -29.09
C ARG C 945 28.95 24.00 -30.60
N GLY C 946 28.57 22.96 -31.34
CA GLY C 946 28.82 22.94 -32.77
C GLY C 946 30.29 22.78 -33.08
N TRP C 947 30.62 22.26 -34.25
CA TRP C 947 32.00 21.98 -34.61
C TRP C 947 32.24 22.39 -36.06
N ASP C 948 33.48 22.19 -36.52
CA ASP C 948 33.84 22.48 -37.91
C ASP C 948 35.07 21.63 -38.24
N VAL C 949 34.85 20.54 -38.96
CA VAL C 949 35.92 19.61 -39.36
C VAL C 949 35.77 19.40 -40.87
N SER C 950 36.44 20.24 -41.65
CA SER C 950 36.38 20.16 -43.11
C SER C 950 37.75 20.00 -43.75
N GLY C 951 38.77 20.66 -43.22
CA GLY C 951 40.10 20.57 -43.79
C GLY C 951 40.97 19.43 -43.25
N LEU C 952 40.52 18.77 -42.19
CA LEU C 952 41.35 17.74 -41.57
C LEU C 952 41.41 16.50 -42.46
N ALA C 953 42.63 16.06 -42.78
CA ALA C 953 42.86 14.84 -43.53
C ALA C 953 43.18 13.68 -42.58
N ASP C 954 42.24 13.42 -41.66
CA ASP C 954 42.40 12.38 -40.66
C ASP C 954 41.43 11.23 -40.94
N GLU C 955 41.79 10.05 -40.46
CA GLU C 955 41.01 8.86 -40.77
C GLU C 955 39.56 9.01 -40.30
N TRP C 956 39.36 9.51 -39.09
CA TRP C 956 38.00 9.70 -38.60
C TRP C 956 37.29 10.83 -39.33
N ALA C 957 38.02 11.87 -39.73
CA ALA C 957 37.40 12.99 -40.42
C ALA C 957 36.94 12.60 -41.81
N GLN C 958 37.56 11.58 -42.41
CA GLN C 958 37.12 11.13 -43.74
C GLN C 958 35.70 10.57 -43.69
N ARG C 959 35.38 9.81 -42.64
CA ARG C 959 34.04 9.24 -42.53
C ARG C 959 32.98 10.32 -42.42
N LEU C 960 33.25 11.35 -41.61
CA LEU C 960 32.28 12.45 -41.47
C LEU C 960 32.09 13.19 -42.80
N GLN C 961 33.17 13.41 -43.54
CA GLN C 961 33.06 14.11 -44.81
C GLN C 961 32.23 13.34 -45.82
N ALA C 962 32.04 12.04 -45.63
CA ALA C 962 31.24 11.23 -46.53
C ALA C 962 29.76 11.18 -46.14
N ILE C 963 29.39 11.74 -45.00
CA ILE C 963 28.01 11.73 -44.53
C ILE C 963 27.48 13.14 -44.27
N GLY C 964 28.22 14.17 -44.68
CA GLY C 964 27.72 15.53 -44.60
C GLY C 964 27.69 16.13 -43.21
N ALA C 965 28.47 15.60 -42.27
CA ALA C 965 28.53 16.10 -40.91
C ALA C 965 29.82 16.90 -40.67
N ASP C 966 30.24 17.67 -41.67
CA ASP C 966 31.48 18.44 -41.55
C ASP C 966 31.28 19.67 -40.68
N LYS C 967 30.42 20.58 -41.11
CA LYS C 967 30.14 21.82 -40.39
C LYS C 967 28.76 21.73 -39.78
N VAL C 968 28.67 22.04 -38.50
CA VAL C 968 27.41 21.99 -37.76
C VAL C 968 27.30 23.27 -36.94
N ALA C 969 26.31 24.09 -37.25
CA ALA C 969 26.13 25.34 -36.53
C ALA C 969 25.72 25.04 -35.08
N PRO C 970 26.10 25.91 -34.13
CA PRO C 970 25.82 25.61 -32.73
C PRO C 970 24.33 25.44 -32.46
N GLY C 971 24.01 24.48 -31.60
CA GLY C 971 22.64 24.21 -31.23
C GLY C 971 21.91 23.23 -32.12
N THR C 972 22.51 22.82 -33.24
CA THR C 972 21.84 21.91 -34.15
C THR C 972 21.67 20.54 -33.52
N ASN C 973 20.52 19.92 -33.77
CA ASN C 973 20.28 18.58 -33.27
C ASN C 973 21.06 17.55 -34.09
N VAL C 974 21.37 16.43 -33.46
CA VAL C 974 22.10 15.34 -34.10
C VAL C 974 21.37 14.03 -33.79
N ALA C 975 21.67 13.01 -34.59
CA ALA C 975 21.02 11.71 -34.47
C ALA C 975 22.07 10.61 -34.42
N THR C 976 21.87 9.65 -33.52
CA THR C 976 22.71 8.45 -33.42
C THR C 976 21.79 7.25 -33.42
N PRO C 977 21.63 6.56 -34.56
CA PRO C 977 20.75 5.38 -34.58
C PRO C 977 21.12 4.35 -33.51
N VAL C 978 20.25 3.36 -33.32
CA VAL C 978 20.36 2.50 -32.13
C VAL C 978 21.67 1.72 -32.16
N PHE C 979 21.83 0.84 -33.16
CA PHE C 979 23.01 0.00 -33.27
C PHE C 979 23.96 0.45 -34.37
N ASP C 980 23.78 1.66 -34.89
CA ASP C 980 24.63 2.22 -35.94
C ASP C 980 24.96 3.67 -35.64
N GLY C 981 25.32 3.95 -34.39
CA GLY C 981 25.50 5.32 -33.95
C GLY C 981 26.86 5.90 -34.27
N ALA C 982 27.40 6.68 -33.34
CA ALA C 982 28.67 7.37 -33.51
C ALA C 982 29.76 6.66 -32.70
N ARG C 983 30.86 6.35 -33.35
CA ARG C 983 31.97 5.69 -32.67
C ARG C 983 32.72 6.67 -31.77
N GLU C 984 33.32 6.14 -30.70
CA GLU C 984 34.01 6.99 -29.74
C GLU C 984 35.16 7.75 -30.38
N ASP C 985 35.76 7.18 -31.42
CA ASP C 985 36.87 7.85 -32.08
C ASP C 985 36.44 9.19 -32.66
N GLU C 986 35.26 9.24 -33.27
CA GLU C 986 34.77 10.48 -33.84
C GLU C 986 34.51 11.52 -32.76
N LEU C 987 33.93 11.12 -31.64
CA LEU C 987 33.71 12.06 -30.55
C LEU C 987 35.03 12.60 -30.01
N ALA C 988 36.00 11.70 -29.80
CA ALA C 988 37.29 12.14 -29.27
C ALA C 988 37.97 13.10 -30.24
N GLY C 989 37.86 12.85 -31.54
CA GLY C 989 38.41 13.78 -32.51
C GLY C 989 37.67 15.11 -32.53
N LEU C 990 36.35 15.07 -32.36
CA LEU C 990 35.55 16.29 -32.46
C LEU C 990 35.73 17.19 -31.25
N LEU C 991 36.05 16.61 -30.08
CA LEU C 991 36.20 17.44 -28.89
C LEU C 991 37.32 18.46 -29.02
N ASN C 992 38.22 18.28 -29.98
CA ASN C 992 39.31 19.23 -30.20
C ASN C 992 38.97 20.31 -31.21
N HIS C 993 37.82 20.23 -31.88
CA HIS C 993 37.49 21.12 -33.00
C HIS C 993 36.10 21.70 -32.87
N THR C 994 35.74 22.17 -31.68
CA THR C 994 34.49 22.88 -31.50
C THR C 994 34.68 24.36 -31.84
N ILE C 995 33.64 25.16 -31.63
CA ILE C 995 33.68 26.59 -31.90
C ILE C 995 34.07 27.29 -30.60
N PRO C 996 35.18 28.05 -30.56
CA PRO C 996 35.52 28.76 -29.33
C PRO C 996 34.48 29.80 -28.96
N ASN C 997 34.35 30.06 -27.67
CA ASN C 997 33.35 30.99 -27.17
C ASN C 997 33.79 32.43 -27.44
N ARG C 998 33.08 33.39 -26.86
CA ARG C 998 33.36 34.80 -27.12
C ARG C 998 34.78 35.17 -26.71
N ASP C 999 35.33 34.49 -25.70
CA ASP C 999 36.69 34.76 -25.24
C ASP C 999 37.73 33.92 -25.98
N GLY C 1000 37.33 33.15 -26.98
CA GLY C 1000 38.27 32.33 -27.71
C GLY C 1000 38.90 31.21 -26.91
N GLU C 1001 38.10 30.50 -26.12
CA GLU C 1001 38.60 29.42 -25.28
C GLU C 1001 37.62 28.26 -25.30
N ARG C 1002 38.14 27.05 -25.43
CA ARG C 1002 37.34 25.84 -25.31
C ARG C 1002 37.35 25.39 -23.85
N MET C 1003 36.17 25.40 -23.23
CA MET C 1003 36.09 25.16 -21.79
C MET C 1003 36.26 23.69 -21.43
N VAL C 1004 35.83 22.78 -22.30
CA VAL C 1004 35.92 21.34 -22.04
C VAL C 1004 37.18 20.81 -22.72
N LEU C 1005 38.03 20.16 -21.93
CA LEU C 1005 39.30 19.64 -22.42
C LEU C 1005 39.06 18.42 -23.31
N PRO C 1006 40.06 18.04 -24.11
CA PRO C 1006 39.89 16.87 -24.99
C PRO C 1006 39.58 15.57 -24.25
N THR C 1007 39.75 15.53 -22.94
CA THR C 1007 39.36 14.36 -22.16
C THR C 1007 37.88 14.38 -21.78
N GLY C 1008 37.15 15.42 -22.16
CA GLY C 1008 35.75 15.55 -21.82
C GLY C 1008 35.47 16.14 -20.46
N LYS C 1009 36.49 16.57 -19.73
CA LYS C 1009 36.34 17.11 -18.39
C LYS C 1009 36.67 18.60 -18.41
N ALA C 1010 35.93 19.36 -17.59
CA ALA C 1010 36.07 20.80 -17.52
C ALA C 1010 36.46 21.21 -16.10
N ARG C 1011 37.08 22.37 -15.98
CA ARG C 1011 37.50 22.93 -14.70
C ARG C 1011 36.39 23.81 -14.16
N LEU C 1012 35.82 23.41 -13.03
CA LEU C 1012 34.72 24.12 -12.40
C LEU C 1012 35.21 24.89 -11.17
N PHE C 1013 34.44 25.89 -10.79
CA PHE C 1013 34.64 26.63 -9.55
C PHE C 1013 33.63 26.18 -8.51
N ASP C 1014 33.82 26.66 -7.28
CA ASP C 1014 32.92 26.35 -6.18
C ASP C 1014 31.96 27.51 -5.96
N GLY C 1015 30.67 27.22 -5.92
CA GLY C 1015 29.69 28.28 -5.80
C GLY C 1015 29.75 28.99 -4.46
N ARG C 1016 29.94 28.23 -3.39
CA ARG C 1016 29.91 28.78 -2.03
C ARG C 1016 31.28 29.27 -1.59
N SER C 1017 32.26 28.37 -1.55
CA SER C 1017 33.59 28.74 -1.10
C SER C 1017 34.25 29.72 -2.06
N GLY C 1018 34.12 29.48 -3.35
CA GLY C 1018 34.75 30.29 -4.37
C GLY C 1018 36.07 29.74 -4.89
N GLU C 1019 36.70 28.83 -4.15
CA GLU C 1019 37.96 28.25 -4.60
C GLU C 1019 37.68 27.24 -5.71
N PRO C 1020 38.55 27.14 -6.71
CA PRO C 1020 38.34 26.15 -7.76
C PRO C 1020 38.46 24.73 -7.22
N PHE C 1021 37.70 23.82 -7.82
CA PHE C 1021 37.78 22.43 -7.39
C PHE C 1021 39.13 21.84 -7.82
N PRO C 1022 39.67 20.91 -7.03
CA PRO C 1022 41.05 20.46 -7.26
C PRO C 1022 41.27 19.83 -8.63
N ASP C 1023 40.30 19.11 -9.17
CA ASP C 1023 40.46 18.36 -10.41
C ASP C 1023 39.31 18.65 -11.35
N PRO C 1024 39.52 18.48 -12.66
CA PRO C 1024 38.44 18.73 -13.62
C PRO C 1024 37.31 17.73 -13.47
N ILE C 1025 36.11 18.15 -13.88
CA ILE C 1025 34.88 17.40 -13.68
C ILE C 1025 34.15 17.29 -15.00
N SER C 1026 33.51 16.13 -15.24
CA SER C 1026 32.75 15.93 -16.46
C SER C 1026 31.56 16.88 -16.51
N VAL C 1027 31.29 17.42 -17.70
CA VAL C 1027 30.16 18.31 -17.91
C VAL C 1027 29.59 18.07 -19.29
N GLY C 1028 28.28 18.26 -19.41
CA GLY C 1028 27.65 18.23 -20.72
C GLY C 1028 26.16 18.39 -20.60
N TYR C 1029 25.43 18.00 -21.64
CA TYR C 1029 23.99 18.18 -21.70
C TYR C 1029 23.28 16.84 -21.70
N MET C 1030 22.34 16.65 -20.78
CA MET C 1030 21.55 15.44 -20.70
C MET C 1030 20.07 15.77 -20.90
N TYR C 1031 19.36 14.83 -21.52
CA TYR C 1031 17.92 14.97 -21.78
C TYR C 1031 17.17 14.36 -20.62
N ILE C 1032 16.56 15.20 -19.79
CA ILE C 1032 15.96 14.79 -18.52
C ILE C 1032 14.44 14.84 -18.67
N LEU C 1033 13.77 13.79 -18.22
CA LEU C 1033 12.32 13.65 -18.25
C LEU C 1033 11.74 13.91 -16.87
N LYS C 1034 10.46 14.23 -16.82
CA LYS C 1034 9.73 14.44 -15.58
C LYS C 1034 8.65 13.37 -15.48
N LEU C 1035 8.76 12.50 -14.48
CA LEU C 1035 7.88 11.36 -14.37
C LEU C 1035 6.59 11.74 -13.65
N HIS C 1036 5.55 10.95 -13.90
CA HIS C 1036 4.22 11.17 -13.31
C HIS C 1036 4.11 10.51 -11.94
N HIS C 1037 5.06 10.82 -11.06
CA HIS C 1037 5.09 10.32 -9.69
C HIS C 1037 5.25 11.48 -8.71
N LEU C 1038 4.43 12.51 -8.91
CA LEU C 1038 4.55 13.73 -8.13
C LEU C 1038 4.22 13.47 -6.67
N VAL C 1039 4.93 14.16 -5.77
CA VAL C 1039 4.72 13.97 -4.34
C VAL C 1039 3.41 14.57 -3.87
N ASP C 1040 2.80 15.46 -4.64
CA ASP C 1040 1.53 16.04 -4.24
C ASP C 1040 0.47 14.97 -4.07
N ASP C 1041 0.49 13.95 -4.93
CA ASP C 1041 -0.50 12.88 -4.92
C ASP C 1041 -0.07 11.69 -4.10
N LYS C 1042 1.05 11.77 -3.38
CA LYS C 1042 1.55 10.67 -2.57
C LYS C 1042 1.34 10.88 -1.08
N LEU C 1043 1.18 12.11 -0.63
CA LEU C 1043 1.13 12.42 0.79
C LEU C 1043 -0.29 12.34 1.30
N HIS C 1044 -0.47 11.63 2.41
CA HIS C 1044 -1.74 11.64 3.13
C HIS C 1044 -1.48 11.33 4.60
N ALA C 1045 -2.36 11.84 5.46
CA ALA C 1045 -2.25 11.66 6.89
C ALA C 1045 -3.64 11.58 7.49
N ARG C 1046 -3.74 10.96 8.66
CA ARG C 1046 -5.03 10.74 9.31
C ARG C 1046 -4.85 10.79 10.82
N SER C 1047 -5.90 11.25 11.50
CA SER C 1047 -6.01 11.13 12.95
C SER C 1047 -7.36 10.51 13.30
N THR C 1048 -8.37 10.76 12.48
CA THR C 1048 -9.68 10.16 12.64
C THR C 1048 -10.48 10.41 11.37
N GLY C 1049 -11.24 9.41 10.96
CA GLY C 1049 -11.99 9.48 9.73
C GLY C 1049 -13.09 8.44 9.66
N PRO C 1050 -13.45 8.00 8.45
CA PRO C 1050 -14.50 6.99 8.33
C PRO C 1050 -14.05 5.63 8.82
N TYR C 1051 -15.04 4.81 9.20
CA TYR C 1051 -14.82 3.46 9.68
C TYR C 1051 -15.70 2.50 8.90
N SER C 1052 -15.30 1.23 8.87
CA SER C 1052 -16.03 0.21 8.13
C SER C 1052 -17.26 -0.25 8.91
N MET C 1053 -18.06 -1.10 8.28
CA MET C 1053 -19.38 -1.45 8.79
C MET C 1053 -19.36 -2.73 9.63
N ILE C 1054 -18.94 -3.85 9.03
CA ILE C 1054 -18.99 -5.13 9.74
C ILE C 1054 -17.96 -5.15 10.87
N THR C 1055 -16.69 -5.04 10.51
CA THR C 1055 -15.61 -4.81 11.47
C THR C 1055 -15.34 -3.31 11.51
N GLN C 1056 -15.15 -2.79 12.73
CA GLN C 1056 -15.16 -1.35 12.94
C GLN C 1056 -13.77 -0.72 12.84
N GLN C 1057 -12.91 -1.25 11.99
CA GLN C 1057 -11.57 -0.72 11.84
C GLN C 1057 -11.57 0.47 10.88
N PRO C 1058 -10.52 1.29 10.91
CA PRO C 1058 -10.44 2.42 9.98
C PRO C 1058 -10.49 1.95 8.53
N LEU C 1059 -11.09 2.80 7.70
CA LEU C 1059 -11.19 2.52 6.27
C LEU C 1059 -9.82 2.63 5.62
N GLY C 1060 -9.68 2.00 4.45
CA GLY C 1060 -8.42 1.94 3.74
C GLY C 1060 -8.49 2.62 2.40
N GLY C 1061 -7.41 3.30 2.03
CA GLY C 1061 -7.27 4.01 0.77
C GLY C 1061 -6.75 5.41 1.01
N LYS C 1062 -6.83 6.23 -0.05
CA LYS C 1062 -6.46 7.63 0.03
C LYS C 1062 -7.56 8.57 -0.39
N ALA C 1063 -8.54 8.12 -1.19
CA ALA C 1063 -9.69 8.97 -1.50
C ALA C 1063 -10.38 9.40 -0.21
N GLN C 1064 -10.52 8.48 0.73
CA GLN C 1064 -10.96 8.81 2.08
C GLN C 1064 -9.76 9.37 2.84
N PHE C 1065 -9.88 9.51 4.16
CA PHE C 1065 -8.69 9.81 4.96
C PHE C 1065 -7.78 8.59 5.05
N GLY C 1066 -8.36 7.43 5.37
CA GLY C 1066 -7.63 6.19 5.26
C GLY C 1066 -6.58 6.00 6.35
N GLY C 1067 -6.40 4.77 6.81
CA GLY C 1067 -5.39 4.45 7.79
C GLY C 1067 -4.34 3.52 7.22
N GLN C 1068 -3.11 3.69 7.67
CA GLN C 1068 -2.03 2.82 7.23
C GLN C 1068 -2.13 1.47 7.91
N ARG C 1069 -1.78 0.43 7.17
CA ARG C 1069 -1.93 -0.93 7.68
C ARG C 1069 -0.75 -1.31 8.58
N PHE C 1070 -1.04 -2.15 9.56
CA PHE C 1070 -0.04 -2.69 10.49
C PHE C 1070 -0.11 -4.21 10.38
N GLY C 1071 0.65 -4.76 9.44
CA GLY C 1071 0.55 -6.17 9.10
C GLY C 1071 1.24 -7.07 10.10
N GLU C 1072 1.43 -8.32 9.67
CA GLU C 1072 2.07 -9.32 10.53
C GLU C 1072 3.52 -8.97 10.82
N MET C 1073 4.25 -8.51 9.81
CA MET C 1073 5.68 -8.30 9.96
C MET C 1073 5.97 -7.19 10.98
N GLU C 1074 5.17 -6.13 10.97
CA GLU C 1074 5.37 -5.06 11.94
C GLU C 1074 5.07 -5.54 13.36
N VAL C 1075 4.06 -6.39 13.50
CA VAL C 1075 3.76 -6.99 14.80
C VAL C 1075 4.95 -7.81 15.28
N TRP C 1076 5.55 -8.59 14.38
CA TRP C 1076 6.73 -9.38 14.74
C TRP C 1076 7.87 -8.47 15.17
N ALA C 1077 8.07 -7.35 14.45
CA ALA C 1077 9.16 -6.44 14.80
C ALA C 1077 8.95 -5.86 16.20
N LEU C 1078 7.72 -5.42 16.50
CA LEU C 1078 7.46 -4.86 17.82
C LEU C 1078 7.59 -5.92 18.91
N GLU C 1079 7.18 -7.16 18.62
CA GLU C 1079 7.37 -8.24 19.59
C GLU C 1079 8.85 -8.51 19.83
N ALA C 1080 9.66 -8.46 18.77
CA ALA C 1080 11.10 -8.66 18.92
C ALA C 1080 11.72 -7.56 19.77
N TYR C 1081 11.30 -6.31 19.58
CA TYR C 1081 11.80 -5.23 20.42
C TYR C 1081 11.47 -5.46 21.89
N GLY C 1082 10.34 -6.10 22.18
CA GLY C 1082 9.86 -6.22 23.54
C GLY C 1082 8.85 -5.18 23.93
N ALA C 1083 8.29 -4.45 22.96
CA ALA C 1083 7.35 -3.37 23.23
C ALA C 1083 5.95 -3.95 23.27
N ALA C 1084 5.39 -4.10 24.48
CA ALA C 1084 4.08 -4.69 24.66
C ALA C 1084 2.98 -3.64 24.75
N TYR C 1085 3.22 -2.53 25.43
CA TYR C 1085 2.19 -1.51 25.60
C TYR C 1085 1.91 -0.80 24.27
N ALA C 1086 2.96 -0.49 23.50
CA ALA C 1086 2.76 0.13 22.20
C ALA C 1086 1.97 -0.77 21.27
N LEU C 1087 2.30 -2.06 21.25
CA LEU C 1087 1.54 -3.00 20.43
C LEU C 1087 0.09 -3.07 20.89
N GLN C 1088 -0.13 -3.11 22.20
CA GLN C 1088 -1.50 -3.20 22.70
C GLN C 1088 -2.31 -1.98 22.30
N GLU C 1089 -1.73 -0.78 22.38
CA GLU C 1089 -2.50 0.39 22.00
C GLU C 1089 -2.72 0.46 20.50
N LEU C 1090 -1.75 0.03 19.70
CA LEU C 1090 -1.96 -0.01 18.26
C LEU C 1090 -3.10 -0.95 17.89
N LEU C 1091 -3.18 -2.10 18.53
CA LEU C 1091 -4.16 -3.09 18.12
C LEU C 1091 -5.55 -2.89 18.70
N THR C 1092 -5.71 -2.07 19.75
CA THR C 1092 -6.98 -1.98 20.45
C THR C 1092 -7.65 -0.61 20.33
N ILE C 1093 -7.00 0.46 20.79
CA ILE C 1093 -7.67 1.75 20.92
C ILE C 1093 -7.45 2.60 19.68
N LYS C 1094 -6.84 2.02 18.65
CA LYS C 1094 -6.67 2.70 17.37
C LYS C 1094 -7.42 2.05 16.23
N SER C 1095 -7.80 0.77 16.36
CA SER C 1095 -8.53 0.07 15.32
C SER C 1095 -9.91 -0.38 15.76
N ASP C 1096 -10.01 -1.19 16.81
CA ASP C 1096 -11.21 -1.99 17.07
C ASP C 1096 -12.00 -1.58 18.30
N ASP C 1097 -11.35 -1.07 19.34
CA ASP C 1097 -12.06 -0.78 20.59
C ASP C 1097 -13.01 0.38 20.35
N VAL C 1098 -14.29 0.07 20.11
CA VAL C 1098 -15.23 1.08 19.65
C VAL C 1098 -15.48 2.13 20.73
N THR C 1099 -15.65 1.70 21.98
CA THR C 1099 -15.90 2.64 23.06
C THR C 1099 -14.63 3.31 23.58
N GLY C 1100 -13.46 2.86 23.13
CA GLY C 1100 -12.20 3.41 23.60
C GLY C 1100 -11.70 4.55 22.75
N ARG C 1101 -12.09 4.59 21.48
CA ARG C 1101 -11.63 5.66 20.59
C ARG C 1101 -12.11 7.03 21.08
N VAL C 1102 -13.42 7.14 21.37
CA VAL C 1102 -13.97 8.41 21.81
C VAL C 1102 -13.40 8.80 23.17
N LYS C 1103 -13.21 7.81 24.06
CA LYS C 1103 -12.64 8.11 25.36
C LYS C 1103 -11.20 8.60 25.25
N VAL C 1104 -10.42 8.00 24.34
CA VAL C 1104 -9.05 8.45 24.12
C VAL C 1104 -9.05 9.88 23.58
N TYR C 1105 -9.92 10.17 22.62
CA TYR C 1105 -9.98 11.53 22.08
C TYR C 1105 -10.34 12.54 23.16
N GLU C 1106 -11.34 12.20 23.99
CA GLU C 1106 -11.74 13.10 25.06
C GLU C 1106 -10.61 13.31 26.07
N ALA C 1107 -9.89 12.23 26.42
CA ALA C 1107 -8.80 12.35 27.36
C ALA C 1107 -7.68 13.23 26.80
N ILE C 1108 -7.38 13.07 25.51
CA ILE C 1108 -6.34 13.90 24.89
C ILE C 1108 -6.76 15.36 24.91
N VAL C 1109 -8.01 15.64 24.54
CA VAL C 1109 -8.46 17.02 24.43
C VAL C 1109 -8.51 17.68 25.81
N LYS C 1110 -8.96 16.95 26.83
CA LYS C 1110 -9.04 17.51 28.16
C LYS C 1110 -7.72 17.45 28.91
N GLY C 1111 -6.70 16.82 28.36
CA GLY C 1111 -5.39 16.80 28.97
C GLY C 1111 -5.33 15.97 30.24
N GLU C 1112 -5.48 14.66 30.11
CA GLU C 1112 -5.39 13.76 31.25
C GLU C 1112 -4.88 12.41 30.75
N ASN C 1113 -4.86 11.43 31.65
CA ASN C 1113 -4.27 10.13 31.33
C ASN C 1113 -5.12 9.37 30.33
N ILE C 1114 -4.45 8.71 29.39
CA ILE C 1114 -5.14 7.85 28.42
C ILE C 1114 -5.74 6.67 29.16
N PRO C 1115 -6.97 6.25 28.86
CA PRO C 1115 -7.58 5.14 29.62
C PRO C 1115 -7.01 3.80 29.19
N GLU C 1116 -7.43 2.76 29.91
CA GLU C 1116 -6.99 1.40 29.64
C GLU C 1116 -7.72 0.85 28.41
N PRO C 1117 -7.06 0.05 27.58
CA PRO C 1117 -7.75 -0.52 26.42
C PRO C 1117 -8.79 -1.56 26.83
N GLY C 1118 -9.75 -1.76 25.94
CA GLY C 1118 -10.81 -2.75 26.11
C GLY C 1118 -10.53 -4.02 25.34
N ILE C 1119 -11.56 -4.53 24.68
CA ILE C 1119 -11.49 -5.77 23.92
C ILE C 1119 -11.91 -5.46 22.50
N PRO C 1120 -11.14 -5.85 21.48
CA PRO C 1120 -11.48 -5.46 20.10
C PRO C 1120 -12.78 -6.10 19.63
N GLU C 1121 -13.45 -5.38 18.72
CA GLU C 1121 -14.69 -5.88 18.13
C GLU C 1121 -14.45 -7.07 17.21
N SER C 1122 -13.27 -7.16 16.60
CA SER C 1122 -12.99 -8.25 15.66
C SER C 1122 -13.06 -9.60 16.36
N PHE C 1123 -12.58 -9.67 17.60
CA PHE C 1123 -12.66 -10.92 18.35
C PHE C 1123 -14.10 -11.34 18.57
N LYS C 1124 -14.98 -10.38 18.90
CA LYS C 1124 -16.38 -10.69 19.10
C LYS C 1124 -17.03 -11.16 17.80
N VAL C 1125 -16.69 -10.51 16.68
CA VAL C 1125 -17.21 -10.97 15.39
C VAL C 1125 -16.75 -12.39 15.10
N LEU C 1126 -15.48 -12.69 15.41
CA LEU C 1126 -14.98 -14.04 15.20
C LEU C 1126 -15.74 -15.06 16.05
N ILE C 1127 -16.01 -14.72 17.30
CA ILE C 1127 -16.73 -15.63 18.18
C ILE C 1127 -18.13 -15.88 17.66
N LYS C 1128 -18.80 -14.83 17.20
CA LYS C 1128 -20.14 -15.02 16.63
C LYS C 1128 -20.09 -15.90 15.39
N GLU C 1129 -19.08 -15.69 14.54
CA GLU C 1129 -18.98 -16.48 13.32
C GLU C 1129 -18.75 -17.96 13.63
N MET C 1130 -17.91 -18.25 14.63
CA MET C 1130 -17.72 -19.65 15.01
C MET C 1130 -18.98 -20.23 15.66
N GLN C 1131 -19.66 -19.47 16.51
CA GLN C 1131 -20.87 -19.97 17.13
C GLN C 1131 -21.95 -20.27 16.10
N SER C 1132 -21.97 -19.52 14.99
CA SER C 1132 -22.94 -19.79 13.94
C SER C 1132 -22.69 -21.12 13.24
N LEU C 1133 -21.51 -21.73 13.43
CA LEU C 1133 -21.19 -23.04 12.88
C LEU C 1133 -21.46 -24.17 13.87
N CYS C 1134 -22.27 -23.91 14.89
CA CYS C 1134 -22.59 -24.92 15.91
C CYS C 1134 -21.33 -25.36 16.66
N LEU C 1135 -20.44 -24.41 16.92
CA LEU C 1135 -19.27 -24.62 17.76
C LEU C 1135 -19.49 -23.87 19.07
N ASN C 1136 -19.41 -24.59 20.19
CA ASN C 1136 -19.73 -24.03 21.50
C ASN C 1136 -18.49 -23.39 22.10
N VAL C 1137 -18.21 -22.18 21.67
CA VAL C 1137 -17.08 -21.41 22.19
C VAL C 1137 -17.51 -20.70 23.47
N GLU C 1138 -16.56 -20.52 24.38
CA GLU C 1138 -16.84 -19.87 25.65
C GLU C 1138 -15.54 -19.48 26.35
N VAL C 1139 -15.45 -18.23 26.80
CA VAL C 1139 -14.26 -17.73 27.50
C VAL C 1139 -14.51 -17.81 28.99
N LEU C 1140 -13.56 -18.40 29.71
CA LEU C 1140 -13.70 -18.67 31.13
C LEU C 1140 -12.89 -17.69 31.96
N SER C 1141 -13.19 -17.66 33.26
CA SER C 1141 -12.51 -16.82 34.22
C SER C 1141 -11.50 -17.67 34.99
N SER C 1142 -10.93 -17.09 36.06
CA SER C 1142 -9.97 -17.83 36.87
C SER C 1142 -10.56 -19.14 37.37
N ASP C 1143 -11.87 -19.11 37.71
CA ASP C 1143 -12.69 -20.31 37.84
C ASP C 1143 -13.49 -20.54 36.56
N GLY C 1144 -14.05 -21.74 36.44
CA GLY C 1144 -14.73 -22.12 35.22
C GLY C 1144 -16.15 -21.60 35.11
N MET C 1145 -16.29 -20.30 34.86
CA MET C 1145 -17.60 -19.69 34.64
C MET C 1145 -17.50 -18.71 33.49
N SER C 1146 -18.45 -18.80 32.55
CA SER C 1146 -18.39 -18.00 31.34
C SER C 1146 -18.52 -16.52 31.66
N ILE C 1147 -17.90 -15.68 30.83
CA ILE C 1147 -17.95 -14.24 31.03
C ILE C 1147 -19.11 -13.60 30.27
N GLU C 1148 -19.62 -14.27 29.24
CA GLU C 1148 -20.79 -13.91 28.44
C GLU C 1148 -20.50 -12.78 27.45
N MET C 1149 -19.35 -12.12 27.52
CA MET C 1149 -18.96 -11.09 26.55
C MET C 1149 -20.09 -10.06 26.36
N ARG C 1150 -20.61 -9.57 27.48
CA ARG C 1150 -21.72 -8.61 27.45
C ARG C 1150 -22.91 -9.21 26.72
N ASP D 1 -15.49 -8.42 29.82
CA ASP D 1 -15.40 -6.96 29.86
C ASP D 1 -13.95 -6.51 30.06
N ASP D 2 -13.20 -7.28 30.85
CA ASP D 2 -11.80 -6.99 31.13
C ASP D 2 -10.94 -8.11 30.58
N VAL D 3 -9.97 -7.77 29.74
CA VAL D 3 -9.12 -8.78 29.13
C VAL D 3 -8.29 -9.49 30.20
N ASN D 4 -7.95 -8.80 31.29
CA ASN D 4 -7.14 -9.41 32.34
C ASN D 4 -7.82 -10.63 32.94
N PHE D 5 -9.15 -10.65 32.98
CA PHE D 5 -9.88 -11.76 33.56
C PHE D 5 -9.88 -13.00 32.69
N PHE D 6 -9.71 -12.85 31.38
CA PHE D 6 -9.73 -13.99 30.47
C PHE D 6 -8.65 -15.00 30.84
N ASP D 7 -9.05 -16.17 31.29
CA ASP D 7 -8.11 -17.22 31.70
C ASP D 7 -8.01 -18.36 30.68
N GLU D 8 -9.11 -18.77 30.07
CA GLU D 8 -9.10 -19.85 29.11
C GLU D 8 -10.16 -19.60 28.05
N LEU D 9 -9.98 -20.25 26.90
CA LEU D 9 -10.87 -20.13 25.76
C LEU D 9 -11.18 -21.54 25.26
N ARG D 10 -12.34 -22.06 25.66
CA ARG D 10 -12.68 -23.46 25.42
C ARG D 10 -13.58 -23.58 24.19
N ILE D 11 -13.46 -24.72 23.50
CA ILE D 11 -14.27 -25.02 22.33
C ILE D 11 -14.97 -26.35 22.57
N GLY D 12 -16.05 -26.57 21.85
CA GLY D 12 -16.83 -27.77 22.04
C GLY D 12 -17.68 -28.11 20.84
N LEU D 13 -18.78 -28.82 21.10
CA LEU D 13 -19.68 -29.34 20.08
C LEU D 13 -21.09 -28.96 20.49
N ALA D 14 -21.61 -27.88 19.91
CA ALA D 14 -22.90 -27.35 20.33
C ALA D 14 -24.01 -28.36 20.10
N THR D 15 -24.84 -28.56 21.13
CA THR D 15 -26.01 -29.40 21.03
C THR D 15 -27.25 -28.55 20.76
N ALA D 16 -28.38 -29.23 20.54
CA ALA D 16 -29.61 -28.51 20.23
C ALA D 16 -30.01 -27.60 21.38
N ASP D 17 -29.87 -28.07 22.62
CA ASP D 17 -30.26 -27.27 23.77
C ASP D 17 -29.45 -25.98 23.83
N ASP D 18 -28.13 -26.06 23.62
CA ASP D 18 -27.32 -24.86 23.59
C ASP D 18 -27.73 -23.94 22.45
N ILE D 19 -28.01 -24.52 21.28
CA ILE D 19 -28.33 -23.71 20.11
C ILE D 19 -29.61 -22.91 20.34
N ARG D 20 -30.60 -23.51 20.99
CA ARG D 20 -31.84 -22.81 21.28
C ARG D 20 -31.82 -22.12 22.64
N GLN D 21 -30.72 -22.20 23.38
CA GLN D 21 -30.50 -21.36 24.53
C GLN D 21 -29.80 -20.05 24.18
N TRP D 22 -28.94 -20.07 23.15
CA TRP D 22 -28.40 -18.82 22.63
C TRP D 22 -29.50 -17.93 22.07
N SER D 23 -30.45 -18.53 21.34
CA SER D 23 -31.37 -17.77 20.51
C SER D 23 -32.38 -16.99 21.34
N HIS D 24 -32.80 -15.85 20.80
CA HIS D 24 -33.85 -15.03 21.38
C HIS D 24 -35.19 -15.22 20.68
N GLY D 25 -35.28 -16.15 19.75
CA GLY D 25 -36.52 -16.41 19.06
C GLY D 25 -36.28 -17.10 17.74
N GLU D 26 -37.33 -17.72 17.22
CA GLU D 26 -37.25 -18.46 15.97
C GLU D 26 -37.52 -17.54 14.78
N VAL D 27 -36.84 -17.81 13.68
CA VAL D 27 -37.05 -17.11 12.41
C VAL D 27 -37.87 -18.04 11.52
N LYS D 28 -39.09 -17.62 11.18
CA LYS D 28 -40.04 -18.50 10.50
C LYS D 28 -40.60 -17.90 9.21
N LYS D 29 -40.00 -16.85 8.67
CA LYS D 29 -40.35 -16.34 7.36
C LYS D 29 -39.08 -15.93 6.64
N PRO D 30 -39.04 -16.02 5.31
CA PRO D 30 -37.84 -15.64 4.56
C PRO D 30 -37.74 -14.17 4.18
N GLU D 31 -38.58 -13.30 4.73
CA GLU D 31 -38.57 -11.90 4.35
C GLU D 31 -37.47 -11.14 5.09
N THR D 32 -36.99 -10.07 4.46
CA THR D 32 -35.95 -9.23 5.04
C THR D 32 -36.43 -7.82 5.35
N ILE D 33 -36.93 -7.10 4.36
CA ILE D 33 -37.28 -5.69 4.51
C ILE D 33 -38.44 -5.37 3.57
N ASN D 34 -39.30 -4.46 4.01
CA ASN D 34 -40.41 -4.03 3.18
C ASN D 34 -39.91 -3.25 1.97
N TYR D 35 -40.58 -3.44 0.83
CA TYR D 35 -40.15 -2.82 -0.41
C TYR D 35 -40.54 -1.36 -0.53
N ARG D 36 -41.42 -0.86 0.33
CA ARG D 36 -41.88 0.52 0.29
C ARG D 36 -41.47 1.31 1.53
N THR D 37 -41.78 0.80 2.72
CA THR D 37 -41.41 1.49 3.94
C THR D 37 -39.93 1.33 4.27
N LEU D 38 -39.31 0.25 3.81
CA LEU D 38 -37.90 -0.05 4.10
C LEU D 38 -37.69 -0.23 5.60
N LYS D 39 -38.58 -0.99 6.23
CA LYS D 39 -38.46 -1.34 7.64
C LYS D 39 -38.51 -2.85 7.79
N PRO D 40 -37.88 -3.40 8.82
CA PRO D 40 -37.84 -4.87 8.95
C PRO D 40 -39.24 -5.47 9.01
N GLU D 41 -39.39 -6.64 8.39
CA GLU D 41 -40.66 -7.34 8.37
C GLU D 41 -40.74 -8.30 9.55
N LYS D 42 -41.95 -8.46 10.09
CA LYS D 42 -42.16 -9.29 11.26
C LYS D 42 -41.73 -10.73 10.98
N ASP D 43 -41.05 -11.34 11.94
CA ASP D 43 -40.61 -12.72 11.90
C ASP D 43 -39.60 -13.01 10.79
N GLY D 44 -39.12 -11.98 10.10
CA GLY D 44 -38.17 -12.17 9.03
C GLY D 44 -36.76 -12.33 9.54
N LEU D 45 -35.81 -12.34 8.59
CA LEU D 45 -34.40 -12.43 8.96
C LEU D 45 -33.92 -11.18 9.67
N PHE D 46 -34.67 -10.08 9.61
CA PHE D 46 -34.28 -8.82 10.21
C PHE D 46 -35.26 -8.36 11.29
N CYS D 47 -36.13 -9.26 11.76
CA CYS D 47 -37.16 -8.88 12.72
C CYS D 47 -36.54 -8.17 13.93
N GLU D 48 -37.32 -7.28 14.52
CA GLU D 48 -36.85 -6.50 15.67
C GLU D 48 -37.23 -7.13 16.99
N LYS D 49 -38.33 -7.89 17.04
CA LYS D 49 -38.67 -8.60 18.27
C LYS D 49 -37.62 -9.63 18.64
N ILE D 50 -36.84 -10.09 17.66
CA ILE D 50 -35.83 -11.11 17.89
C ILE D 50 -34.47 -10.45 18.02
N PHE D 51 -34.05 -9.72 17.00
CA PHE D 51 -32.70 -9.22 16.90
C PHE D 51 -32.49 -7.84 17.51
N GLY D 52 -33.54 -7.23 18.07
CA GLY D 52 -33.40 -5.98 18.77
C GLY D 52 -33.86 -4.79 17.94
N PRO D 53 -34.03 -3.63 18.59
CA PRO D 53 -34.55 -2.46 17.88
C PRO D 53 -33.53 -1.86 16.94
N THR D 54 -34.03 -1.16 15.93
CA THR D 54 -33.21 -0.49 14.93
C THR D 54 -33.05 1.00 15.19
N ARG D 55 -33.68 1.54 16.24
CA ARG D 55 -33.53 2.94 16.63
C ARG D 55 -33.25 2.99 18.13
N ASP D 56 -32.25 3.77 18.52
CA ASP D 56 -31.90 3.86 19.94
C ASP D 56 -33.09 4.35 20.75
N TRP D 57 -33.43 3.61 21.80
CA TRP D 57 -34.51 3.96 22.71
C TRP D 57 -35.82 4.18 21.95
N GLU D 58 -36.28 3.10 21.32
CA GLU D 58 -37.50 3.15 20.53
C GLU D 58 -37.95 1.73 20.21
N CYS D 59 -39.23 1.57 20.00
CA CYS D 59 -39.83 0.28 19.63
C CYS D 59 -40.43 0.38 18.23
N TYR D 60 -40.98 -0.74 17.76
CA TYR D 60 -41.47 -0.80 16.38
C TYR D 60 -42.63 0.17 16.17
N CYS D 61 -43.74 -0.04 16.88
CA CYS D 61 -44.92 0.79 16.66
C CYS D 61 -44.64 2.25 17.01
N GLY D 62 -43.93 2.49 18.11
CA GLY D 62 -43.53 3.82 18.50
C GLY D 62 -44.21 4.40 19.72
N LYS D 63 -44.95 3.59 20.48
CA LYS D 63 -45.60 4.12 21.68
C LYS D 63 -44.58 4.61 22.68
N TYR D 64 -43.51 3.85 22.91
CA TYR D 64 -42.43 4.23 23.81
C TYR D 64 -41.27 4.75 22.98
N LYS D 65 -40.81 5.97 23.27
CA LYS D 65 -39.91 6.66 22.36
C LYS D 65 -38.79 7.43 23.05
N ARG D 66 -38.43 7.10 24.29
CA ARG D 66 -37.37 7.83 24.99
C ARG D 66 -36.71 6.93 26.01
N VAL D 67 -35.58 7.42 26.55
CA VAL D 67 -34.77 6.63 27.46
C VAL D 67 -35.49 6.32 28.76
N ARG D 68 -36.42 7.18 29.17
CA ARG D 68 -37.09 6.97 30.45
C ARG D 68 -37.70 5.58 30.53
N PHE D 69 -38.28 5.10 29.42
CA PHE D 69 -38.74 3.73 29.31
C PHE D 69 -37.57 2.89 28.82
N LYS D 70 -36.78 2.39 29.75
CA LYS D 70 -35.61 1.57 29.44
C LYS D 70 -35.85 0.15 29.93
N GLY D 71 -35.61 -0.81 29.04
CA GLY D 71 -35.81 -2.21 29.39
C GLY D 71 -37.26 -2.57 29.65
N ILE D 72 -38.18 -2.07 28.83
CA ILE D 72 -39.61 -2.37 28.95
C ILE D 72 -40.07 -3.01 27.66
N ILE D 73 -40.76 -4.14 27.77
CA ILE D 73 -41.27 -4.86 26.61
C ILE D 73 -42.59 -4.23 26.21
N CYS D 74 -42.60 -3.54 25.06
CA CYS D 74 -43.83 -2.98 24.54
C CYS D 74 -44.81 -4.10 24.21
N GLU D 75 -46.04 -3.97 24.72
CA GLU D 75 -47.03 -5.02 24.50
C GLU D 75 -47.58 -5.00 23.08
N ARG D 76 -47.59 -3.83 22.44
CA ARG D 76 -48.14 -3.74 21.10
C ARG D 76 -47.32 -4.54 20.10
N CYS D 77 -45.99 -4.43 20.18
CA CYS D 77 -45.10 -5.06 19.22
C CYS D 77 -44.13 -6.06 19.84
N GLY D 78 -43.83 -5.96 21.12
CA GLY D 78 -42.92 -6.88 21.77
C GLY D 78 -41.47 -6.45 21.79
N VAL D 79 -41.12 -5.39 21.06
CA VAL D 79 -39.75 -4.90 21.06
C VAL D 79 -39.45 -4.23 22.40
N GLU D 80 -38.25 -4.44 22.90
CA GLU D 80 -37.81 -3.78 24.13
C GLU D 80 -37.05 -2.51 23.79
N VAL D 81 -37.18 -1.51 24.66
CA VAL D 81 -36.55 -0.22 24.47
C VAL D 81 -35.11 -0.31 24.95
N THR D 82 -34.17 -0.28 24.02
CA THR D 82 -32.75 -0.34 24.34
C THR D 82 -31.97 0.18 23.13
N ARG D 83 -30.65 0.06 23.20
CA ARG D 83 -29.79 0.58 22.14
C ARG D 83 -29.91 -0.29 20.89
N ALA D 84 -29.47 0.27 19.77
CA ALA D 84 -29.51 -0.41 18.49
C ALA D 84 -28.25 -1.21 18.19
N LYS D 85 -27.26 -1.17 19.08
CA LYS D 85 -26.04 -1.97 18.87
C LYS D 85 -26.25 -3.43 19.26
N VAL D 86 -27.30 -3.74 20.00
CA VAL D 86 -27.60 -5.12 20.37
C VAL D 86 -27.92 -5.99 19.16
N ARG D 87 -28.10 -5.37 17.99
CA ARG D 87 -28.27 -6.14 16.76
C ARG D 87 -26.97 -6.81 16.32
N ARG D 88 -25.84 -6.48 16.95
CA ARG D 88 -24.57 -7.15 16.67
C ARG D 88 -24.31 -8.32 17.60
N GLU D 89 -25.25 -8.66 18.49
CA GLU D 89 -24.99 -9.63 19.54
C GLU D 89 -26.08 -10.68 19.71
N ARG D 90 -27.24 -10.53 19.06
CA ARG D 90 -28.38 -11.42 19.27
C ARG D 90 -28.52 -12.38 18.11
N MET D 91 -28.67 -13.67 18.41
CA MET D 91 -28.81 -14.71 17.41
C MET D 91 -30.26 -15.15 17.30
N GLY D 92 -30.53 -15.97 16.29
CA GLY D 92 -31.84 -16.60 16.16
C GLY D 92 -31.67 -18.09 15.89
N HIS D 93 -32.75 -18.81 15.61
CA HIS D 93 -32.60 -20.20 15.23
C HIS D 93 -33.75 -20.62 14.34
N ILE D 94 -33.49 -21.66 13.54
CA ILE D 94 -34.46 -22.24 12.61
C ILE D 94 -34.69 -23.68 13.01
N GLU D 95 -35.95 -24.06 13.20
CA GLU D 95 -36.31 -25.41 13.61
C GLU D 95 -36.52 -26.27 12.38
N LEU D 96 -35.56 -27.15 12.09
CA LEU D 96 -35.65 -28.01 10.92
C LEU D 96 -36.76 -29.04 11.11
N ALA D 97 -37.51 -29.27 10.03
CA ALA D 97 -38.57 -30.29 10.06
C ALA D 97 -38.02 -31.70 10.04
N ALA D 98 -36.79 -31.89 9.54
CA ALA D 98 -36.12 -33.17 9.56
C ALA D 98 -34.67 -32.97 9.97
N PRO D 99 -34.07 -33.93 10.70
CA PRO D 99 -32.67 -33.76 11.09
C PRO D 99 -31.75 -33.72 9.87
N VAL D 100 -30.65 -32.98 10.02
CA VAL D 100 -29.63 -32.88 8.99
C VAL D 100 -28.26 -33.10 9.64
N THR D 101 -27.28 -33.43 8.80
CA THR D 101 -25.94 -33.69 9.28
C THR D 101 -25.05 -32.46 9.12
N HIS D 102 -23.98 -32.43 9.90
CA HIS D 102 -22.98 -31.37 9.81
C HIS D 102 -21.92 -31.78 8.81
N ILE D 103 -21.69 -30.93 7.80
CA ILE D 103 -20.80 -31.29 6.71
C ILE D 103 -19.38 -31.48 7.20
N TRP D 104 -18.97 -30.77 8.25
CA TRP D 104 -17.60 -30.87 8.73
C TRP D 104 -17.28 -32.28 9.24
N TYR D 105 -18.22 -32.89 9.95
CA TYR D 105 -18.00 -34.20 10.56
C TYR D 105 -18.42 -35.35 9.65
N PHE D 106 -18.80 -35.06 8.42
CA PHE D 106 -19.12 -36.06 7.41
C PHE D 106 -18.12 -36.11 6.28
N LYS D 107 -17.79 -34.96 5.69
CA LYS D 107 -17.03 -34.94 4.44
C LYS D 107 -15.53 -34.88 4.66
N GLY D 108 -15.06 -34.06 5.60
CA GLY D 108 -13.63 -33.86 5.78
C GLY D 108 -12.88 -35.16 6.01
N VAL D 109 -11.79 -35.34 5.26
CA VAL D 109 -11.00 -36.57 5.38
C VAL D 109 -10.11 -36.47 6.62
N PRO D 110 -10.13 -37.46 7.52
CA PRO D 110 -10.91 -38.70 7.52
C PRO D 110 -12.37 -38.47 7.92
N SER D 111 -13.28 -39.23 7.34
CA SER D 111 -14.69 -39.10 7.67
C SER D 111 -14.90 -39.52 9.12
N ARG D 112 -15.17 -38.54 9.99
CA ARG D 112 -15.27 -38.84 11.42
C ARG D 112 -16.45 -39.77 11.70
N LEU D 113 -17.59 -39.54 11.04
CA LEU D 113 -18.72 -40.44 11.21
C LEU D 113 -18.36 -41.85 10.74
N GLY D 114 -17.67 -41.97 9.61
CA GLY D 114 -17.27 -43.28 9.14
C GLY D 114 -16.37 -43.99 10.13
N TYR D 115 -15.39 -43.28 10.69
CA TYR D 115 -14.50 -43.89 11.66
C TYR D 115 -15.25 -44.31 12.92
N LEU D 116 -16.15 -43.46 13.41
CA LEU D 116 -16.87 -43.78 14.64
C LEU D 116 -17.80 -44.97 14.44
N LEU D 117 -18.61 -44.94 13.39
CA LEU D 117 -19.58 -46.00 13.13
C LEU D 117 -19.02 -47.13 12.29
N ASP D 118 -17.81 -47.00 11.76
CA ASP D 118 -17.22 -48.02 10.90
C ASP D 118 -18.05 -48.22 9.64
N LEU D 119 -18.29 -47.13 8.92
CA LEU D 119 -18.97 -47.15 7.64
C LEU D 119 -18.05 -46.51 6.60
N ALA D 120 -17.92 -47.15 5.44
CA ALA D 120 -17.15 -46.57 4.38
C ALA D 120 -17.80 -45.26 3.94
N PRO D 121 -17.01 -44.26 3.53
CA PRO D 121 -17.61 -42.96 3.17
C PRO D 121 -18.65 -43.07 2.06
N LYS D 122 -18.46 -43.99 1.11
CA LYS D 122 -19.46 -44.13 0.04
C LYS D 122 -20.79 -44.62 0.60
N ASP D 123 -20.76 -45.58 1.53
CA ASP D 123 -22.01 -46.06 2.13
C ASP D 123 -22.69 -44.94 2.92
N LEU D 124 -21.92 -44.18 3.68
CA LEU D 124 -22.49 -43.08 4.45
C LEU D 124 -23.13 -42.04 3.53
N GLU D 125 -22.43 -41.67 2.46
CA GLU D 125 -22.99 -40.71 1.52
C GLU D 125 -24.25 -41.24 0.87
N LYS D 126 -24.27 -42.55 0.57
CA LYS D 126 -25.48 -43.16 0.02
C LYS D 126 -26.64 -43.07 1.00
N VAL D 127 -26.37 -43.30 2.28
CA VAL D 127 -27.44 -43.34 3.28
C VAL D 127 -28.00 -41.94 3.52
N ILE D 128 -27.13 -40.97 3.80
CA ILE D 128 -27.63 -39.66 4.22
C ILE D 128 -28.36 -38.96 3.09
N TYR D 129 -27.92 -39.13 1.85
CA TYR D 129 -28.53 -38.45 0.71
C TYR D 129 -29.63 -39.28 0.05
N PHE D 130 -30.30 -40.15 0.82
CA PHE D 130 -31.53 -40.81 0.40
C PHE D 130 -31.31 -41.61 -0.89
N ALA D 131 -30.46 -42.64 -0.77
CA ALA D 131 -30.20 -43.55 -1.87
C ALA D 131 -30.20 -45.01 -1.45
N ALA D 132 -30.39 -45.32 -0.18
CA ALA D 132 -30.40 -46.70 0.30
C ALA D 132 -30.83 -46.71 1.75
N TYR D 133 -31.49 -47.79 2.15
CA TYR D 133 -31.95 -47.89 3.52
C TYR D 133 -30.81 -48.32 4.44
N MET D 134 -31.07 -48.22 5.75
CA MET D 134 -30.15 -48.71 6.76
C MET D 134 -30.97 -49.38 7.86
N ILE D 135 -30.53 -50.56 8.28
CA ILE D 135 -31.20 -51.28 9.36
C ILE D 135 -30.65 -50.76 10.68
N THR D 136 -31.54 -50.22 11.51
CA THR D 136 -31.15 -49.61 12.78
C THR D 136 -31.56 -50.43 13.99
N TYR D 137 -32.20 -51.58 13.79
CA TYR D 137 -32.62 -52.42 14.90
C TYR D 137 -33.05 -53.80 14.42
N VAL D 138 -32.60 -54.85 15.11
CA VAL D 138 -32.99 -56.22 14.80
C VAL D 138 -33.08 -56.99 16.11
N ASP D 139 -34.10 -57.85 16.21
CA ASP D 139 -34.31 -58.69 17.39
C ASP D 139 -33.74 -60.06 17.09
N ASP D 140 -32.51 -60.31 17.55
CA ASP D 140 -31.83 -61.56 17.22
C ASP D 140 -32.43 -62.74 17.96
N GLU D 141 -32.67 -62.60 19.26
CA GLU D 141 -33.16 -63.73 20.05
C GLU D 141 -34.53 -64.17 19.57
N ARG D 142 -35.42 -63.21 19.27
CA ARG D 142 -36.76 -63.56 18.84
C ARG D 142 -36.74 -64.31 17.51
N ARG D 143 -35.94 -63.84 16.56
CA ARG D 143 -35.87 -64.51 15.26
C ARG D 143 -35.24 -65.89 15.39
N THR D 144 -34.21 -66.01 16.23
CA THR D 144 -33.61 -67.33 16.43
C THR D 144 -34.61 -68.30 17.05
N ARG D 145 -35.40 -67.84 18.02
CA ARG D 145 -36.41 -68.70 18.63
C ARG D 145 -37.49 -69.09 17.62
N ASP D 146 -37.95 -68.14 16.81
CA ASP D 146 -39.07 -68.36 15.92
C ASP D 146 -38.67 -68.88 14.54
N LEU D 147 -37.39 -69.14 14.32
CA LEU D 147 -36.94 -69.69 13.05
C LEU D 147 -37.72 -70.90 12.58
N PRO D 148 -38.06 -71.89 13.43
CA PRO D 148 -38.80 -73.06 12.91
C PRO D 148 -40.12 -72.69 12.25
N SER D 149 -40.85 -71.72 12.80
CA SER D 149 -42.13 -71.34 12.20
C SER D 149 -41.93 -70.74 10.82
N LEU D 150 -40.93 -69.86 10.66
CA LEU D 150 -40.66 -69.26 9.37
C LEU D 150 -40.19 -70.30 8.37
N GLU D 151 -39.37 -71.25 8.81
CA GLU D 151 -38.93 -72.33 7.94
C GLU D 151 -40.12 -73.16 7.47
N ALA D 152 -41.04 -73.47 8.38
CA ALA D 152 -42.24 -74.21 7.99
C ALA D 152 -43.07 -73.41 6.99
N HIS D 153 -43.20 -72.11 7.21
CA HIS D 153 -43.99 -71.27 6.30
C HIS D 153 -43.39 -71.28 4.91
N VAL D 154 -42.07 -71.09 4.81
CA VAL D 154 -41.44 -71.04 3.48
C VAL D 154 -41.49 -72.40 2.80
N SER D 155 -41.32 -73.48 3.57
CA SER D 155 -41.43 -74.80 2.97
C SER D 155 -42.83 -75.05 2.44
N VAL D 156 -43.85 -74.63 3.20
CA VAL D 156 -45.23 -74.77 2.73
C VAL D 156 -45.44 -73.94 1.46
N GLU D 157 -44.90 -72.73 1.43
CA GLU D 157 -45.03 -71.89 0.24
C GLU D 157 -44.39 -72.56 -0.97
N ARG D 158 -43.19 -73.13 -0.79
CA ARG D 158 -42.52 -73.79 -1.92
C ARG D 158 -43.30 -75.02 -2.37
N GLN D 159 -43.85 -75.78 -1.43
CA GLN D 159 -44.63 -76.96 -1.81
C GLN D 159 -45.89 -76.53 -2.58
N GLN D 160 -46.55 -75.46 -2.14
CA GLN D 160 -47.71 -74.97 -2.87
C GLN D 160 -47.31 -74.47 -4.26
N ILE D 161 -46.14 -73.83 -4.36
CA ILE D 161 -45.66 -73.38 -5.66
C ILE D 161 -45.46 -74.57 -6.59
N GLU D 162 -44.86 -75.65 -6.08
CA GLU D 162 -44.66 -76.84 -6.91
C GLU D 162 -45.99 -77.48 -7.28
N ASN D 163 -46.95 -77.46 -6.37
CA ASN D 163 -48.28 -77.98 -6.68
C ASN D 163 -48.90 -77.21 -7.83
N ARG D 164 -48.83 -75.87 -7.76
CA ARG D 164 -49.35 -75.04 -8.84
C ARG D 164 -48.58 -75.29 -10.13
N ARG D 165 -47.28 -75.53 -10.04
CA ARG D 165 -46.48 -75.82 -11.22
C ARG D 165 -46.95 -77.09 -11.91
N ASP D 166 -47.16 -78.16 -11.15
CA ASP D 166 -47.61 -79.41 -11.77
C ASP D 166 -49.05 -79.29 -12.27
N SER D 167 -49.89 -78.50 -11.58
CA SER D 167 -51.22 -78.25 -12.10
C SER D 167 -51.17 -77.52 -13.43
N ASP D 168 -50.28 -76.53 -13.55
CA ASP D 168 -50.11 -75.83 -14.82
C ASP D 168 -49.60 -76.78 -15.89
N LEU D 169 -48.68 -77.68 -15.54
CA LEU D 169 -48.19 -78.65 -16.50
C LEU D 169 -49.31 -79.54 -17.00
N GLU D 170 -50.16 -80.02 -16.09
CA GLU D 170 -51.28 -80.87 -16.50
C GLU D 170 -52.26 -80.11 -17.37
N ALA D 171 -52.54 -78.85 -17.02
CA ALA D 171 -53.44 -78.04 -17.85
C ALA D 171 -52.86 -77.83 -19.23
N ARG D 172 -51.55 -77.58 -19.32
CA ARG D 172 -50.91 -77.40 -20.63
C ARG D 172 -50.96 -78.69 -21.43
N ALA D 173 -50.77 -79.83 -20.78
CA ALA D 173 -50.88 -81.11 -21.48
C ALA D 173 -52.29 -81.33 -22.01
N LYS D 174 -53.30 -81.01 -21.20
CA LYS D 174 -54.68 -81.13 -21.66
C LYS D 174 -54.95 -80.22 -22.84
N LYS D 175 -54.46 -78.98 -22.77
CA LYS D 175 -54.65 -78.05 -23.89
C LYS D 175 -53.96 -78.54 -25.15
N LEU D 176 -52.75 -79.09 -25.02
CA LEU D 176 -52.04 -79.63 -26.18
C LEU D 176 -52.80 -80.81 -26.77
N GLU D 177 -53.34 -81.68 -25.93
CA GLU D 177 -54.14 -82.79 -26.43
C GLU D 177 -55.39 -82.31 -27.14
N ASN D 178 -56.04 -81.28 -26.59
CA ASN D 178 -57.20 -80.70 -27.25
C ASN D 178 -56.83 -80.13 -28.61
N ASP D 179 -55.70 -79.43 -28.69
CA ASP D 179 -55.25 -78.89 -29.97
C ASP D 179 -54.95 -80.00 -30.96
N LEU D 180 -54.30 -81.07 -30.51
CA LEU D 180 -54.02 -82.20 -31.39
C LEU D 180 -55.30 -82.82 -31.92
N GLY D 181 -56.29 -83.00 -31.05
CA GLY D 181 -57.56 -83.54 -31.50
C GLY D 181 -58.27 -82.62 -32.47
N GLU D 182 -58.17 -81.31 -32.24
CA GLU D 182 -58.81 -80.35 -33.12
C GLU D 182 -58.18 -80.35 -34.51
N LEU D 183 -56.88 -80.59 -34.60
CA LEU D 183 -56.15 -80.49 -35.86
C LEU D 183 -55.42 -81.78 -36.19
N GLU D 184 -56.11 -82.92 -36.07
CA GLU D 184 -55.51 -84.21 -36.41
C GLU D 184 -55.81 -84.60 -37.85
N ALA D 185 -57.09 -84.54 -38.25
CA ALA D 185 -57.48 -84.87 -39.61
C ALA D 185 -57.16 -83.78 -40.62
N GLU D 186 -56.79 -82.59 -40.16
CA GLU D 186 -56.48 -81.50 -41.07
C GLU D 186 -55.21 -81.82 -41.86
N GLY D 187 -55.27 -81.63 -43.18
CA GLY D 187 -54.13 -81.86 -44.05
C GLY D 187 -53.53 -80.58 -44.55
N ALA D 188 -52.37 -80.20 -44.01
CA ALA D 188 -51.69 -78.97 -44.39
C ALA D 188 -50.20 -79.15 -44.15
N LYS D 189 -49.43 -78.13 -44.52
CA LYS D 189 -47.98 -78.19 -44.34
C LYS D 189 -47.63 -78.27 -42.86
N ALA D 190 -46.42 -78.76 -42.59
CA ALA D 190 -46.01 -79.00 -41.21
C ALA D 190 -46.00 -77.70 -40.40
N ASP D 191 -45.46 -76.63 -40.97
CA ASP D 191 -45.34 -75.38 -40.23
C ASP D 191 -46.72 -74.82 -39.86
N VAL D 192 -47.67 -74.92 -40.78
CA VAL D 192 -48.99 -74.33 -40.55
C VAL D 192 -49.65 -74.94 -39.32
N ARG D 193 -49.59 -76.27 -39.20
CA ARG D 193 -50.18 -76.95 -38.06
C ARG D 193 -49.28 -76.98 -36.84
N ARG D 194 -47.99 -76.69 -37.00
CA ARG D 194 -47.04 -76.73 -35.89
C ARG D 194 -46.79 -75.37 -35.25
N LYS D 195 -47.25 -74.28 -35.87
CA LYS D 195 -47.04 -72.96 -35.28
C LYS D 195 -47.71 -72.84 -33.92
N VAL D 196 -48.94 -73.33 -33.80
CA VAL D 196 -49.66 -73.24 -32.53
C VAL D 196 -48.98 -74.09 -31.47
N ARG D 197 -48.51 -75.28 -31.85
CA ARG D 197 -47.81 -76.13 -30.89
C ARG D 197 -46.51 -75.50 -30.44
N GLU D 198 -45.78 -74.87 -31.36
CA GLU D 198 -44.56 -74.16 -30.99
C GLU D 198 -44.87 -73.02 -30.02
N GLY D 199 -45.95 -72.27 -30.29
CA GLY D 199 -46.34 -71.20 -29.39
C GLY D 199 -46.69 -71.72 -28.00
N ALA D 200 -47.43 -72.83 -27.94
CA ALA D 200 -47.77 -73.42 -26.65
C ALA D 200 -46.53 -73.89 -25.90
N GLU D 201 -45.59 -74.51 -26.62
CA GLU D 201 -44.36 -74.97 -25.99
C GLU D 201 -43.55 -73.79 -25.45
N ARG D 202 -43.49 -72.70 -26.21
CA ARG D 202 -42.78 -71.51 -25.74
C ARG D 202 -43.47 -70.91 -24.53
N GLU D 203 -44.81 -70.92 -24.51
CA GLU D 203 -45.55 -70.44 -23.36
C GLU D 203 -45.23 -71.27 -22.13
N MET D 204 -45.19 -72.60 -22.28
CA MET D 204 -44.83 -73.46 -21.16
C MET D 204 -43.41 -73.18 -20.69
N LYS D 205 -42.49 -73.01 -21.63
CA LYS D 205 -41.09 -72.75 -21.28
C LYS D 205 -40.97 -71.46 -20.48
N GLN D 206 -41.62 -70.39 -20.94
CA GLN D 206 -41.52 -69.13 -20.21
C GLN D 206 -42.28 -69.18 -18.89
N LEU D 207 -43.36 -69.96 -18.81
CA LEU D 207 -44.05 -70.13 -17.54
C LEU D 207 -43.15 -70.81 -16.51
N ARG D 208 -42.48 -71.89 -16.91
CA ARG D 208 -41.57 -72.55 -15.97
C ARG D 208 -40.36 -71.68 -15.66
N ASP D 209 -39.91 -70.87 -16.62
CA ASP D 209 -38.83 -69.92 -16.34
C ASP D 209 -39.26 -68.90 -15.29
N ARG D 210 -40.49 -68.40 -15.40
CA ARG D 210 -41.01 -67.49 -14.38
C ARG D 210 -41.10 -68.15 -13.02
N ALA D 211 -41.58 -69.41 -13.00
CA ALA D 211 -41.64 -70.14 -11.73
C ALA D 211 -40.26 -70.30 -11.11
N GLN D 212 -39.27 -70.65 -11.93
CA GLN D 212 -37.91 -70.78 -11.44
C GLN D 212 -37.38 -69.45 -10.90
N ARG D 213 -37.65 -68.36 -11.63
CA ARG D 213 -37.18 -67.05 -11.18
C ARG D 213 -37.80 -66.66 -9.86
N GLU D 214 -39.11 -66.90 -9.70
CA GLU D 214 -39.77 -66.45 -8.47
C GLU D 214 -39.36 -67.32 -7.29
N ILE D 215 -39.16 -68.63 -7.49
CA ILE D 215 -38.66 -69.44 -6.37
C ILE D 215 -37.23 -69.03 -6.02
N ASP D 216 -36.42 -68.69 -7.03
CA ASP D 216 -35.07 -68.23 -6.76
C ASP D 216 -35.07 -66.93 -5.97
N ARG D 217 -35.98 -66.01 -6.31
CA ARG D 217 -36.03 -64.75 -5.58
C ARG D 217 -36.60 -64.94 -4.17
N LEU D 218 -37.51 -65.90 -4.00
CA LEU D 218 -37.95 -66.25 -2.65
C LEU D 218 -36.78 -66.76 -1.82
N ASP D 219 -35.94 -67.62 -2.41
CA ASP D 219 -34.75 -68.08 -1.70
C ASP D 219 -33.81 -66.92 -1.40
N GLU D 220 -33.68 -65.98 -2.34
CA GLU D 220 -32.84 -64.81 -2.12
C GLU D 220 -33.33 -64.00 -0.93
N VAL D 221 -34.64 -63.77 -0.86
CA VAL D 221 -35.21 -63.03 0.26
C VAL D 221 -34.97 -63.77 1.57
N TRP D 222 -35.16 -65.09 1.54
CA TRP D 222 -34.93 -65.90 2.74
C TRP D 222 -33.49 -65.76 3.23
N SER D 223 -32.53 -65.90 2.31
CA SER D 223 -31.13 -65.78 2.69
C SER D 223 -30.82 -64.37 3.19
N ARG D 224 -31.37 -63.35 2.55
CA ARG D 224 -31.15 -61.98 2.99
C ARG D 224 -31.67 -61.78 4.40
N PHE D 225 -32.83 -62.35 4.71
CA PHE D 225 -33.37 -62.22 6.06
C PHE D 225 -32.51 -62.95 7.08
N LYS D 226 -31.93 -64.09 6.69
CA LYS D 226 -31.11 -64.85 7.63
C LYS D 226 -29.93 -64.04 8.14
N ASN D 227 -29.23 -63.34 7.25
CA ASN D 227 -27.97 -62.69 7.58
C ASN D 227 -28.12 -61.17 7.66
N LEU D 228 -29.23 -60.70 8.22
CA LEU D 228 -29.47 -59.28 8.41
C LEU D 228 -28.88 -58.83 9.74
N LYS D 229 -28.16 -57.72 9.73
CA LYS D 229 -27.55 -57.16 10.92
C LYS D 229 -27.59 -55.64 10.85
N VAL D 230 -27.35 -55.01 12.01
CA VAL D 230 -27.44 -53.56 12.08
C VAL D 230 -26.38 -52.91 11.18
N GLN D 231 -26.66 -51.68 10.76
CA GLN D 231 -25.78 -50.93 9.87
C GLN D 231 -25.53 -51.69 8.57
N ASP D 232 -26.56 -52.37 8.07
CA ASP D 232 -26.51 -53.10 6.81
C ASP D 232 -27.27 -52.30 5.77
N LEU D 233 -26.54 -51.63 4.89
CA LEU D 233 -27.19 -50.85 3.83
C LEU D 233 -27.99 -51.77 2.93
N GLU D 234 -29.06 -51.22 2.35
CA GLU D 234 -30.01 -52.04 1.60
C GLU D 234 -30.61 -51.17 0.50
N GLY D 235 -30.10 -51.29 -0.70
CA GLY D 235 -30.69 -50.68 -1.88
C GLY D 235 -31.73 -51.59 -2.48
N ASP D 236 -32.07 -51.32 -3.74
CA ASP D 236 -33.08 -52.09 -4.45
C ASP D 236 -34.43 -52.02 -3.71
N GLU D 237 -34.98 -50.80 -3.72
CA GLU D 237 -36.22 -50.46 -3.03
C GLU D 237 -37.26 -51.57 -3.06
N LEU D 238 -37.46 -52.19 -4.22
CA LEU D 238 -38.46 -53.25 -4.33
C LEU D 238 -38.19 -54.39 -3.36
N LEU D 239 -36.91 -54.80 -3.27
CA LEU D 239 -36.56 -55.87 -2.35
C LEU D 239 -36.85 -55.47 -0.91
N TYR D 240 -36.56 -54.22 -0.56
CA TYR D 240 -36.84 -53.76 0.80
C TYR D 240 -38.33 -53.80 1.10
N ARG D 241 -39.16 -53.33 0.16
CA ARG D 241 -40.60 -53.36 0.38
C ARG D 241 -41.10 -54.78 0.52
N GLU D 242 -40.59 -55.69 -0.32
CA GLU D 242 -40.98 -57.09 -0.21
C GLU D 242 -40.64 -57.65 1.16
N LEU D 243 -39.40 -57.42 1.61
CA LEU D 243 -38.96 -57.97 2.88
C LEU D 243 -39.73 -57.35 4.05
N ARG D 244 -40.01 -56.05 3.96
CA ARG D 244 -40.79 -55.37 4.99
C ARG D 244 -42.19 -55.95 5.09
N ASP D 245 -42.88 -56.12 3.96
CA ASP D 245 -44.24 -56.63 4.03
C ASP D 245 -44.26 -58.09 4.47
N ARG D 246 -43.24 -58.87 4.09
CA ARG D 246 -43.19 -60.25 4.53
C ARG D 246 -42.95 -60.36 6.04
N PHE D 247 -41.94 -59.66 6.55
CA PHE D 247 -41.51 -59.80 7.94
C PHE D 247 -41.26 -58.43 8.55
N GLY D 248 -42.22 -57.51 8.41
CA GLY D 248 -42.02 -56.16 8.89
C GLY D 248 -41.64 -56.07 10.35
N THR D 249 -42.11 -57.00 11.16
CA THR D 249 -41.74 -57.05 12.57
C THR D 249 -40.37 -57.73 12.71
N TYR D 250 -39.76 -57.59 13.89
CA TYR D 250 -38.43 -58.08 14.26
C TYR D 250 -37.30 -57.15 13.82
N PHE D 251 -37.57 -56.04 13.14
CA PHE D 251 -36.50 -55.09 12.84
C PHE D 251 -37.09 -53.75 12.44
N ASP D 252 -36.20 -52.76 12.32
CA ASP D 252 -36.55 -51.42 11.87
C ASP D 252 -35.48 -50.90 10.92
N GLY D 253 -35.91 -50.18 9.88
CA GLY D 253 -35.00 -49.55 8.97
C GLY D 253 -35.43 -48.13 8.67
N SER D 254 -34.49 -47.35 8.13
CA SER D 254 -34.73 -45.93 7.93
C SER D 254 -33.83 -45.40 6.81
N MET D 255 -33.96 -44.11 6.53
CA MET D 255 -33.16 -43.42 5.54
C MET D 255 -32.73 -42.07 6.09
N GLY D 256 -31.71 -41.48 5.46
CA GLY D 256 -31.34 -40.13 5.76
C GLY D 256 -30.66 -39.97 7.11
N ALA D 257 -30.50 -38.71 7.51
CA ALA D 257 -29.84 -38.40 8.77
C ALA D 257 -30.61 -38.93 9.97
N ALA D 258 -31.89 -39.23 9.82
CA ALA D 258 -32.66 -39.80 10.93
C ALA D 258 -32.12 -41.17 11.32
N ALA D 259 -31.73 -41.99 10.35
CA ALA D 259 -31.15 -43.28 10.66
C ALA D 259 -29.84 -43.14 11.42
N LEU D 260 -28.98 -42.22 10.97
CA LEU D 260 -27.72 -42.00 11.68
C LEU D 260 -27.97 -41.47 13.08
N GLN D 261 -28.96 -40.60 13.26
CA GLN D 261 -29.30 -40.12 14.59
C GLN D 261 -29.74 -41.27 15.49
N LYS D 262 -30.60 -42.15 14.97
CA LYS D 262 -31.06 -43.28 15.76
C LYS D 262 -29.90 -44.19 16.14
N ARG D 263 -28.96 -44.41 15.21
CA ARG D 263 -27.81 -45.25 15.52
C ARG D 263 -26.93 -44.59 16.58
N LEU D 264 -26.60 -43.32 16.39
CA LEU D 264 -25.73 -42.62 17.35
C LEU D 264 -26.35 -42.59 18.73
N GLU D 265 -27.68 -42.50 18.82
CA GLU D 265 -28.32 -42.49 20.13
C GLU D 265 -28.05 -43.78 20.89
N SER D 266 -28.31 -44.93 20.25
CA SER D 266 -28.11 -46.23 20.88
C SER D 266 -26.78 -46.83 20.39
N PHE D 267 -25.70 -46.23 20.86
CA PHE D 267 -24.35 -46.68 20.53
C PHE D 267 -23.55 -46.79 21.82
N ASP D 268 -22.93 -47.95 22.03
CA ASP D 268 -22.12 -48.22 23.23
C ASP D 268 -20.67 -47.93 22.89
N LEU D 269 -20.17 -46.78 23.36
CA LEU D 269 -18.79 -46.40 23.08
C LEU D 269 -17.81 -47.29 23.82
N GLU D 270 -18.10 -47.62 25.08
CA GLU D 270 -17.14 -48.35 25.90
C GLU D 270 -16.87 -49.74 25.34
N GLU D 271 -17.91 -50.44 24.89
CA GLU D 271 -17.71 -51.79 24.35
C GLU D 271 -16.87 -51.76 23.08
N GLU D 272 -17.16 -50.83 22.18
CA GLU D 272 -16.38 -50.72 20.95
C GLU D 272 -14.94 -50.34 21.25
N ALA D 273 -14.73 -49.45 22.23
CA ALA D 273 -13.38 -49.08 22.60
C ALA D 273 -12.62 -50.28 23.16
N GLU D 274 -13.28 -51.07 24.00
CA GLU D 274 -12.63 -52.27 24.55
C GLU D 274 -12.29 -53.26 23.43
N ARG D 275 -13.20 -53.44 22.48
CA ARG D 275 -12.92 -54.33 21.35
C ARG D 275 -11.73 -53.83 20.55
N LEU D 276 -11.68 -52.51 20.29
CA LEU D 276 -10.56 -51.96 19.54
C LEU D 276 -9.25 -52.15 20.29
N ARG D 277 -9.26 -51.93 21.60
CA ARG D 277 -8.04 -52.11 22.39
C ARG D 277 -7.58 -53.56 22.36
N GLU D 278 -8.52 -54.50 22.49
CA GLU D 278 -8.15 -55.91 22.43
C GLU D 278 -7.57 -56.28 21.07
N ILE D 279 -8.19 -55.80 19.99
CA ILE D 279 -7.67 -56.10 18.66
C ILE D 279 -6.28 -55.50 18.48
N ILE D 280 -6.06 -54.29 19.00
CA ILE D 280 -4.75 -53.67 18.91
C ILE D 280 -3.72 -54.50 19.65
N ARG D 281 -4.08 -54.97 20.85
CA ARG D 281 -3.15 -55.78 21.63
C ARG D 281 -2.80 -57.08 20.91
N THR D 282 -3.81 -57.74 20.33
CA THR D 282 -3.63 -59.06 19.72
C THR D 282 -3.37 -59.00 18.22
N GLY D 283 -4.21 -58.29 17.48
CA GLY D 283 -4.09 -58.28 16.03
C GLY D 283 -2.84 -57.57 15.55
N LYS D 284 -2.48 -57.87 14.31
CA LYS D 284 -1.33 -57.25 13.65
C LYS D 284 -1.64 -57.07 12.17
N GLY D 285 -0.96 -56.11 11.56
CA GLY D 285 -1.13 -55.79 10.16
C GLY D 285 -1.89 -54.49 9.96
N GLN D 286 -2.42 -54.33 8.74
CA GLN D 286 -3.20 -53.14 8.42
C GLN D 286 -4.43 -53.03 9.32
N LYS D 287 -4.94 -54.17 9.80
CA LYS D 287 -6.05 -54.13 10.75
C LYS D 287 -5.68 -53.34 11.99
N LYS D 288 -4.44 -53.52 12.48
CA LYS D 288 -4.01 -52.79 13.67
C LYS D 288 -3.99 -51.29 13.42
N THR D 289 -3.48 -50.87 12.26
CA THR D 289 -3.43 -49.44 11.95
C THR D 289 -4.84 -48.86 11.83
N ARG D 290 -5.74 -49.59 11.16
CA ARG D 290 -7.12 -49.12 11.06
C ARG D 290 -7.76 -49.02 12.43
N ALA D 291 -7.52 -50.00 13.30
CA ALA D 291 -8.07 -49.96 14.65
C ALA D 291 -7.51 -48.78 15.44
N LEU D 292 -6.21 -48.50 15.29
CA LEU D 292 -5.63 -47.36 15.98
C LEU D 292 -6.25 -46.05 15.51
N LYS D 293 -6.42 -45.90 14.20
CA LYS D 293 -7.04 -44.69 13.68
C LYS D 293 -8.47 -44.55 14.18
N ARG D 294 -9.21 -45.66 14.24
CA ARG D 294 -10.57 -45.61 14.76
C ARG D 294 -10.58 -45.25 16.24
N LEU D 295 -9.66 -45.81 17.02
CA LEU D 295 -9.63 -45.57 18.45
C LEU D 295 -9.23 -44.14 18.77
N LYS D 296 -8.47 -43.50 17.88
CA LYS D 296 -8.19 -42.08 18.07
C LYS D 296 -9.46 -41.25 18.16
N VAL D 297 -10.53 -41.70 17.51
CA VAL D 297 -11.79 -40.96 17.47
C VAL D 297 -12.79 -41.50 18.48
N VAL D 298 -12.88 -42.82 18.62
CA VAL D 298 -13.85 -43.40 19.55
C VAL D 298 -13.52 -42.99 20.98
N SER D 299 -12.24 -42.86 21.31
CA SER D 299 -11.87 -42.53 22.68
C SER D 299 -12.17 -41.08 23.03
N ALA D 300 -12.19 -40.19 22.05
CA ALA D 300 -12.43 -38.78 22.33
C ALA D 300 -13.79 -38.56 22.97
N PHE D 301 -14.83 -39.22 22.46
CA PHE D 301 -16.17 -39.08 23.01
C PHE D 301 -16.35 -39.87 24.30
N LEU D 302 -15.48 -40.84 24.57
CA LEU D 302 -15.60 -41.63 25.79
C LEU D 302 -15.10 -40.86 27.01
N GLN D 303 -14.08 -40.01 26.83
CA GLN D 303 -13.47 -39.28 27.94
C GLN D 303 -14.09 -37.91 28.15
N THR D 304 -14.23 -37.12 27.09
CA THR D 304 -14.69 -35.74 27.23
C THR D 304 -16.19 -35.70 27.53
N ALA D 305 -16.70 -34.49 27.71
CA ALA D 305 -18.13 -34.27 27.94
C ALA D 305 -18.94 -34.28 26.66
N ASN D 306 -18.30 -34.35 25.50
CA ASN D 306 -19.01 -34.34 24.24
C ASN D 306 -19.82 -35.62 24.08
N SER D 307 -20.82 -35.56 23.20
CA SER D 307 -21.63 -36.71 22.84
C SER D 307 -21.72 -36.79 21.32
N PRO D 308 -21.79 -38.00 20.77
CA PRO D 308 -21.87 -38.11 19.30
C PRO D 308 -23.12 -37.47 18.72
N LYS D 309 -24.20 -37.35 19.50
CA LYS D 309 -25.44 -36.82 18.98
C LYS D 309 -25.29 -35.41 18.42
N GLY D 310 -24.25 -34.69 18.84
CA GLY D 310 -24.02 -33.35 18.32
C GLY D 310 -23.60 -33.30 16.86
N MET D 311 -23.36 -34.46 16.23
CA MET D 311 -23.02 -34.48 14.81
C MET D 311 -24.23 -34.31 13.91
N VAL D 312 -25.44 -34.53 14.41
CA VAL D 312 -26.66 -34.38 13.63
C VAL D 312 -27.46 -33.23 14.23
N LEU D 313 -27.84 -32.27 13.38
CA LEU D 313 -28.50 -31.06 13.83
C LEU D 313 -30.01 -31.23 13.81
N ASP D 314 -30.68 -30.41 14.62
CA ASP D 314 -32.13 -30.33 14.63
C ASP D 314 -32.59 -28.89 14.52
N CYS D 315 -31.76 -27.96 14.98
CA CYS D 315 -31.99 -26.53 14.83
C CYS D 315 -30.71 -25.86 14.36
N VAL D 316 -30.85 -24.83 13.55
CA VAL D 316 -29.73 -24.14 12.92
C VAL D 316 -29.66 -22.72 13.46
N PRO D 317 -28.54 -22.28 14.05
CA PRO D 317 -28.47 -20.90 14.53
C PRO D 317 -28.38 -19.90 13.38
N VAL D 318 -28.80 -18.67 13.69
CA VAL D 318 -28.85 -17.58 12.72
C VAL D 318 -28.02 -16.41 13.27
N ILE D 319 -27.07 -15.95 12.46
CA ILE D 319 -26.09 -14.94 12.84
C ILE D 319 -26.78 -13.59 12.98
N PRO D 320 -26.30 -12.69 13.84
CA PRO D 320 -27.02 -11.43 14.05
C PRO D 320 -27.04 -10.59 12.79
N PRO D 321 -28.06 -9.75 12.61
CA PRO D 321 -28.23 -9.04 11.33
C PRO D 321 -27.08 -8.11 10.99
N ASP D 322 -26.44 -7.49 11.97
CA ASP D 322 -25.44 -6.47 11.69
C ASP D 322 -24.10 -7.06 11.27
N LEU D 323 -23.93 -8.38 11.32
CA LEU D 323 -22.78 -9.05 10.74
C LEU D 323 -23.05 -9.54 9.33
N ARG D 324 -24.28 -9.35 8.83
CA ARG D 324 -24.63 -9.58 7.42
C ARG D 324 -25.45 -8.39 6.96
N PRO D 325 -24.85 -7.20 6.89
CA PRO D 325 -25.64 -5.99 6.73
C PRO D 325 -26.31 -5.90 5.37
N MET D 326 -27.38 -5.09 5.34
CA MET D 326 -28.15 -4.80 4.13
C MET D 326 -28.16 -3.29 3.98
N VAL D 327 -27.17 -2.76 3.27
CA VAL D 327 -26.93 -1.33 3.19
C VAL D 327 -27.65 -0.75 1.98
N GLN D 328 -28.10 0.49 2.10
CA GLN D 328 -28.67 1.24 1.00
C GLN D 328 -27.63 2.24 0.50
N LEU D 329 -27.13 2.02 -0.70
CA LEU D 329 -26.13 2.92 -1.26
C LEU D 329 -26.78 4.24 -1.66
N ASP D 330 -25.97 5.13 -2.21
CA ASP D 330 -26.50 6.38 -2.73
C ASP D 330 -27.22 6.12 -4.04
N GLY D 331 -28.47 6.58 -4.14
CA GLY D 331 -29.30 6.33 -5.30
C GLY D 331 -30.31 5.22 -5.14
N GLY D 332 -30.41 4.63 -3.95
CA GLY D 332 -31.37 3.58 -3.69
C GLY D 332 -30.89 2.17 -3.93
N ARG D 333 -29.69 1.99 -4.47
CA ARG D 333 -29.17 0.65 -4.69
C ARG D 333 -28.89 -0.03 -3.35
N PHE D 334 -29.22 -1.32 -3.29
CA PHE D 334 -29.02 -2.12 -2.08
C PHE D 334 -27.89 -3.11 -2.30
N ALA D 335 -27.21 -3.45 -1.20
CA ALA D 335 -26.12 -4.41 -1.22
C ALA D 335 -26.30 -5.41 -0.08
N THR D 336 -26.12 -6.69 -0.40
CA THR D 336 -26.26 -7.78 0.55
C THR D 336 -24.92 -8.48 0.75
N SER D 337 -24.93 -9.55 1.57
CA SER D 337 -23.69 -10.23 1.94
C SER D 337 -23.69 -11.72 1.64
N ASP D 338 -24.65 -12.22 0.85
CA ASP D 338 -24.66 -13.60 0.36
C ASP D 338 -25.03 -14.62 1.44
N LEU D 339 -25.16 -14.19 2.70
CA LEU D 339 -25.67 -15.06 3.73
C LEU D 339 -27.19 -14.99 3.82
N ASN D 340 -27.76 -13.85 3.44
CA ASN D 340 -29.21 -13.74 3.38
C ASN D 340 -29.79 -14.72 2.37
N ASP D 341 -29.13 -14.89 1.22
CA ASP D 341 -29.62 -15.83 0.21
C ASP D 341 -29.60 -17.25 0.74
N LEU D 342 -28.52 -17.66 1.40
CA LEU D 342 -28.44 -19.03 1.92
C LEU D 342 -29.46 -19.26 3.02
N TYR D 343 -29.63 -18.30 3.92
CA TYR D 343 -30.66 -18.45 4.95
C TYR D 343 -32.05 -18.52 4.34
N ARG D 344 -32.30 -17.74 3.29
CA ARG D 344 -33.60 -17.78 2.63
C ARG D 344 -33.83 -19.14 1.98
N ARG D 345 -32.81 -19.71 1.33
CA ARG D 345 -32.95 -21.04 0.76
C ARG D 345 -33.31 -22.05 1.84
N VAL D 346 -32.59 -22.01 2.96
CA VAL D 346 -32.84 -22.97 4.04
C VAL D 346 -34.28 -22.82 4.53
N ILE D 347 -34.73 -21.59 4.76
CA ILE D 347 -36.05 -21.38 5.33
C ILE D 347 -37.14 -21.78 4.34
N ASN D 348 -36.94 -21.47 3.06
CA ASN D 348 -37.93 -21.85 2.05
C ASN D 348 -38.08 -23.36 1.97
N ARG D 349 -36.95 -24.07 1.87
CA ARG D 349 -37.03 -25.52 1.81
C ARG D 349 -37.67 -26.10 3.07
N ASN D 350 -37.32 -25.56 4.24
CA ASN D 350 -37.89 -26.07 5.48
C ASN D 350 -39.40 -25.85 5.52
N ASN D 351 -39.87 -24.68 5.13
CA ASN D 351 -41.30 -24.40 5.17
C ASN D 351 -42.05 -25.28 4.18
N ARG D 352 -41.50 -25.47 2.97
CA ARG D 352 -42.15 -26.34 2.00
C ARG D 352 -42.22 -27.77 2.51
N LEU D 353 -41.14 -28.25 3.14
CA LEU D 353 -41.17 -29.59 3.72
C LEU D 353 -42.22 -29.70 4.81
N LYS D 354 -42.32 -28.66 5.65
CA LYS D 354 -43.31 -28.68 6.72
C LYS D 354 -44.72 -28.78 6.15
N ARG D 355 -45.00 -28.03 5.07
CA ARG D 355 -46.31 -28.13 4.44
C ARG D 355 -46.54 -29.51 3.83
N LEU D 356 -45.54 -30.05 3.16
CA LEU D 356 -45.70 -31.34 2.50
C LEU D 356 -45.97 -32.44 3.52
N LEU D 357 -45.26 -32.43 4.64
CA LEU D 357 -45.36 -33.54 5.60
C LEU D 357 -46.79 -33.66 6.13
N ASP D 358 -47.40 -32.55 6.54
CA ASP D 358 -48.74 -32.60 7.10
C ASP D 358 -49.82 -32.55 6.05
N LEU D 359 -49.50 -32.21 4.80
CA LEU D 359 -50.49 -32.31 3.73
C LEU D 359 -50.79 -33.76 3.41
N GLY D 360 -49.77 -34.61 3.41
CA GLY D 360 -49.92 -36.00 3.02
C GLY D 360 -49.51 -36.22 1.58
N ALA D 361 -48.32 -36.79 1.35
CA ALA D 361 -47.74 -36.88 0.03
C ALA D 361 -47.01 -38.20 -0.12
N PRO D 362 -46.76 -38.63 -1.35
CA PRO D 362 -45.96 -39.84 -1.57
C PRO D 362 -44.51 -39.63 -1.16
N GLU D 363 -43.83 -40.75 -0.90
CA GLU D 363 -42.49 -40.70 -0.34
C GLU D 363 -41.48 -40.06 -1.29
N ILE D 364 -41.78 -40.06 -2.59
CA ILE D 364 -40.79 -39.59 -3.57
C ILE D 364 -40.51 -38.11 -3.38
N ILE D 365 -41.54 -37.28 -3.47
CA ILE D 365 -41.35 -35.84 -3.39
C ILE D 365 -40.91 -35.44 -1.98
N VAL D 366 -41.41 -36.13 -0.95
CA VAL D 366 -40.99 -35.83 0.42
C VAL D 366 -39.48 -36.08 0.57
N ASN D 367 -39.01 -37.21 0.06
CA ASN D 367 -37.58 -37.53 0.15
C ASN D 367 -36.76 -36.54 -0.65
N ASN D 368 -37.26 -36.13 -1.83
CA ASN D 368 -36.54 -35.14 -2.61
C ASN D 368 -36.43 -33.82 -1.87
N GLU D 369 -37.53 -33.41 -1.20
CA GLU D 369 -37.48 -32.18 -0.43
C GLU D 369 -36.49 -32.28 0.72
N LYS D 370 -36.46 -33.44 1.40
CA LYS D 370 -35.51 -33.62 2.50
C LYS D 370 -34.08 -33.55 1.99
N ARG D 371 -33.80 -34.17 0.85
CA ARG D 371 -32.47 -34.09 0.27
C ARG D 371 -32.10 -32.66 -0.07
N MET D 372 -33.05 -31.90 -0.63
CA MET D 372 -32.78 -30.50 -0.92
C MET D 372 -32.48 -29.72 0.34
N LEU D 373 -33.22 -29.99 1.42
CA LEU D 373 -32.98 -29.29 2.67
C LEU D 373 -31.58 -29.58 3.21
N GLN D 374 -31.17 -30.84 3.18
CA GLN D 374 -29.83 -31.17 3.64
C GLN D 374 -28.77 -30.50 2.78
N GLU D 375 -28.96 -30.50 1.46
CA GLU D 375 -28.00 -29.85 0.58
C GLU D 375 -27.95 -28.34 0.84
N ALA D 376 -29.09 -27.74 1.14
CA ALA D 376 -29.11 -26.31 1.44
C ALA D 376 -28.34 -26.00 2.71
N VAL D 377 -28.53 -26.79 3.76
CA VAL D 377 -27.79 -26.57 5.00
C VAL D 377 -26.29 -26.78 4.75
N ASP D 378 -25.95 -27.81 3.98
CA ASP D 378 -24.54 -28.06 3.68
C ASP D 378 -23.92 -26.89 2.92
N ALA D 379 -24.65 -26.33 1.96
CA ALA D 379 -24.16 -25.16 1.24
C ALA D 379 -24.04 -23.96 2.15
N LEU D 380 -24.93 -23.85 3.15
CA LEU D 380 -24.82 -22.77 4.11
C LEU D 380 -23.51 -22.87 4.90
N PHE D 381 -23.23 -24.04 5.47
CA PHE D 381 -22.04 -24.18 6.30
C PHE D 381 -20.77 -24.14 5.46
N ASP D 382 -20.61 -25.10 4.54
CA ASP D 382 -19.43 -25.17 3.70
C ASP D 382 -19.88 -25.36 2.25
N ASN D 383 -19.51 -24.40 1.40
CA ASN D 383 -20.01 -24.34 0.03
C ASN D 383 -18.94 -24.82 -0.94
N GLY D 384 -19.30 -25.78 -1.79
CA GLY D 384 -18.38 -26.35 -2.75
C GLY D 384 -17.59 -27.54 -2.24
N ARG D 385 -17.69 -27.86 -0.95
CA ARG D 385 -16.99 -29.02 -0.42
C ARG D 385 -17.51 -30.31 -1.06
N ARG D 386 -18.83 -30.42 -1.22
CA ARG D 386 -19.47 -31.58 -1.82
C ARG D 386 -20.29 -31.11 -3.01
N GLY D 387 -20.11 -31.75 -4.16
CA GLY D 387 -20.83 -31.35 -5.34
C GLY D 387 -20.27 -30.05 -5.92
N ARG D 388 -21.12 -29.37 -6.67
CA ARG D 388 -20.73 -28.11 -7.29
C ARG D 388 -21.17 -26.92 -6.46
N PRO D 389 -20.38 -25.85 -6.39
CA PRO D 389 -20.78 -24.71 -5.56
C PRO D 389 -22.01 -24.01 -6.11
N VAL D 390 -22.78 -23.43 -5.20
CA VAL D 390 -23.93 -22.60 -5.58
C VAL D 390 -23.42 -21.25 -6.03
N THR D 391 -24.04 -20.70 -7.08
CA THR D 391 -23.58 -19.47 -7.70
C THR D 391 -24.72 -18.46 -7.78
N GLY D 392 -24.36 -17.19 -7.86
CA GLY D 392 -25.32 -16.11 -7.97
C GLY D 392 -25.15 -15.36 -9.27
N PRO D 393 -25.62 -14.11 -9.32
CA PRO D 393 -25.42 -13.30 -10.52
C PRO D 393 -23.94 -13.13 -10.82
N GLY D 394 -23.60 -13.16 -12.11
CA GLY D 394 -22.22 -13.09 -12.54
C GLY D 394 -21.50 -14.41 -12.57
N ASN D 395 -22.15 -15.50 -12.18
CA ASN D 395 -21.55 -16.83 -12.17
C ASN D 395 -20.29 -16.83 -11.30
N ARG D 396 -20.49 -16.60 -10.01
CA ARG D 396 -19.44 -16.72 -9.02
C ARG D 396 -20.00 -17.45 -7.80
N PRO D 397 -19.20 -18.26 -7.12
CA PRO D 397 -19.72 -19.01 -5.97
C PRO D 397 -20.10 -18.09 -4.83
N LEU D 398 -21.16 -18.46 -4.14
CA LEU D 398 -21.57 -17.70 -2.95
C LEU D 398 -20.61 -17.97 -1.80
N LYS D 399 -20.42 -16.94 -0.98
CA LYS D 399 -19.53 -17.04 0.18
C LYS D 399 -20.31 -17.58 1.36
N SER D 400 -19.80 -18.64 1.97
CA SER D 400 -20.46 -19.33 3.06
C SER D 400 -19.80 -18.98 4.39
N LEU D 401 -20.29 -19.61 5.47
CA LEU D 401 -19.76 -19.31 6.79
C LEU D 401 -18.30 -19.73 6.91
N SER D 402 -17.95 -20.90 6.37
CA SER D 402 -16.57 -21.37 6.47
C SER D 402 -15.61 -20.46 5.73
N ASP D 403 -16.01 -19.94 4.58
CA ASP D 403 -15.12 -19.12 3.77
C ASP D 403 -14.70 -17.85 4.46
N MET D 404 -15.40 -17.44 5.52
CA MET D 404 -15.07 -16.22 6.23
C MET D 404 -13.96 -16.40 7.26
N LEU D 405 -13.56 -17.65 7.54
CA LEU D 405 -12.48 -17.93 8.48
C LEU D 405 -11.21 -18.43 7.81
N LYS D 406 -11.33 -19.11 6.67
CA LYS D 406 -10.18 -19.73 6.01
C LYS D 406 -9.40 -18.72 5.18
N GLY D 407 -8.23 -19.14 4.74
CA GLY D 407 -7.52 -18.45 3.68
C GLY D 407 -6.77 -17.21 4.14
N LYS D 408 -6.08 -16.62 3.18
CA LYS D 408 -5.32 -15.39 3.39
C LYS D 408 -6.22 -14.17 3.53
N GLN D 409 -7.52 -14.30 3.26
CA GLN D 409 -8.46 -13.19 3.34
C GLN D 409 -9.55 -13.44 4.38
N GLY D 410 -9.28 -14.31 5.35
CA GLY D 410 -10.25 -14.60 6.39
C GLY D 410 -10.09 -13.68 7.59
N ARG D 411 -10.89 -13.98 8.62
CA ARG D 411 -10.82 -13.19 9.84
C ARG D 411 -9.45 -13.32 10.50
N PHE D 412 -8.91 -14.54 10.55
CA PHE D 412 -7.71 -14.80 11.34
C PHE D 412 -6.52 -14.00 10.81
N ARG D 413 -6.30 -14.02 9.49
CA ARG D 413 -5.07 -13.50 8.92
C ARG D 413 -5.18 -12.07 8.43
N GLN D 414 -6.39 -11.55 8.21
CA GLN D 414 -6.57 -10.22 7.66
C GLN D 414 -7.02 -9.19 8.69
N ASN D 415 -7.83 -9.59 9.67
CA ASN D 415 -8.44 -8.64 10.61
C ASN D 415 -7.91 -8.74 12.02
N LEU D 416 -7.39 -9.89 12.44
CA LEU D 416 -6.98 -10.10 13.83
C LEU D 416 -5.49 -9.98 14.05
N LEU D 417 -4.67 -10.41 13.09
CA LEU D 417 -3.23 -10.30 13.22
C LEU D 417 -2.69 -9.00 12.66
N GLY D 418 -3.36 -8.41 11.68
CA GLY D 418 -2.98 -7.12 11.14
C GLY D 418 -4.19 -6.22 10.95
N LYS D 419 -4.04 -4.93 11.22
CA LYS D 419 -5.16 -4.00 11.23
C LYS D 419 -4.76 -2.69 10.60
N ARG D 420 -5.77 -1.86 10.32
CA ARG D 420 -5.58 -0.46 9.99
C ARG D 420 -5.65 0.36 11.28
N VAL D 421 -4.87 1.44 11.34
CA VAL D 421 -4.70 2.20 12.56
C VAL D 421 -4.92 3.68 12.31
N ASP D 422 -5.30 4.40 13.36
CA ASP D 422 -5.43 5.84 13.35
C ASP D 422 -4.08 6.48 13.64
N TYR D 423 -4.04 7.82 13.57
CA TYR D 423 -2.83 8.58 13.86
C TYR D 423 -1.62 8.03 13.10
N SER D 424 -1.74 8.04 11.77
CA SER D 424 -0.72 7.44 10.93
C SER D 424 -0.69 8.17 9.59
N ALA D 425 0.51 8.29 9.03
CA ALA D 425 0.73 9.00 7.77
C ALA D 425 1.70 8.21 6.91
N ARG D 426 1.83 8.64 5.65
CA ARG D 426 2.72 7.99 4.70
C ARG D 426 3.16 9.01 3.67
N SER D 427 4.42 8.92 3.23
CA SER D 427 4.89 9.85 2.21
C SER D 427 6.25 9.41 1.70
N VAL D 428 6.71 10.09 0.64
CA VAL D 428 7.97 9.78 -0.01
C VAL D 428 9.11 10.39 0.79
N ILE D 429 10.26 9.70 0.81
CA ILE D 429 11.41 10.09 1.62
C ILE D 429 12.46 10.74 0.74
N VAL D 430 13.11 11.77 1.27
CA VAL D 430 14.27 12.40 0.64
C VAL D 430 15.42 12.32 1.64
N VAL D 431 16.56 12.90 1.30
CA VAL D 431 17.77 12.81 2.10
C VAL D 431 17.99 14.15 2.80
N GLY D 432 18.22 14.10 4.11
CA GLY D 432 18.66 15.26 4.86
C GLY D 432 19.97 14.97 5.56
N PRO D 433 21.07 15.57 5.10
CA PRO D 433 22.37 15.30 5.73
C PRO D 433 22.70 16.18 6.93
N GLN D 434 21.90 17.22 7.21
CA GLN D 434 22.15 18.07 8.35
C GLN D 434 21.55 17.53 9.64
N LEU D 435 20.67 16.53 9.55
CA LEU D 435 20.00 16.01 10.73
C LEU D 435 20.97 15.23 11.60
N LYS D 436 20.61 15.06 12.87
CA LYS D 436 21.33 14.20 13.77
C LYS D 436 20.80 12.77 13.67
N LEU D 437 21.50 11.84 14.32
CA LEU D 437 21.14 10.43 14.19
C LEU D 437 19.81 10.10 14.84
N HIS D 438 19.25 11.00 15.65
CA HIS D 438 18.02 10.76 16.39
C HIS D 438 16.92 11.73 15.99
N GLN D 439 16.93 12.21 14.75
CA GLN D 439 16.01 13.24 14.30
C GLN D 439 15.42 12.88 12.96
N CYS D 440 14.22 13.40 12.68
CA CYS D 440 13.58 13.24 11.39
C CYS D 440 12.83 14.52 11.07
N GLY D 441 12.61 14.73 9.77
CA GLY D 441 11.90 15.91 9.31
C GLY D 441 10.55 15.57 8.73
N LEU D 442 9.49 16.16 9.28
CA LEU D 442 8.12 15.92 8.84
C LEU D 442 7.57 17.14 8.12
N PRO D 443 6.82 16.98 7.03
CA PRO D 443 6.12 18.13 6.46
C PRO D 443 5.08 18.66 7.43
N LYS D 444 4.87 19.97 7.40
CA LYS D 444 4.00 20.59 8.39
C LYS D 444 2.53 20.24 8.19
N ALA D 445 2.12 19.87 6.97
CA ALA D 445 0.75 19.40 6.76
C ALA D 445 0.53 18.07 7.46
N MET D 446 1.44 17.12 7.27
CA MET D 446 1.34 15.84 7.96
C MET D 446 1.41 16.02 9.47
N ALA D 447 2.33 16.86 9.94
CA ALA D 447 2.45 17.08 11.37
C ALA D 447 1.18 17.68 11.96
N LEU D 448 0.58 18.64 11.25
CA LEU D 448 -0.65 19.25 11.76
C LEU D 448 -1.81 18.27 11.72
N GLU D 449 -1.83 17.35 10.75
CA GLU D 449 -2.91 16.39 10.69
C GLU D 449 -2.79 15.33 11.79
N LEU D 450 -1.58 14.82 12.03
CA LEU D 450 -1.40 13.82 13.07
C LEU D 450 -1.68 14.37 14.45
N PHE D 451 -1.22 15.60 14.72
CA PHE D 451 -1.28 16.20 16.05
C PHE D 451 -2.48 17.13 16.22
N LYS D 452 -3.60 16.85 15.57
CA LYS D 452 -4.75 17.75 15.67
C LYS D 452 -5.27 17.88 17.09
N PRO D 453 -5.55 16.80 17.83
CA PRO D 453 -6.12 16.98 19.18
C PRO D 453 -5.19 17.71 20.13
N PHE D 454 -3.89 17.39 20.08
CA PHE D 454 -2.93 18.06 20.96
C PHE D 454 -2.87 19.55 20.65
N VAL D 455 -2.84 19.90 19.36
CA VAL D 455 -2.79 21.30 18.99
C VAL D 455 -4.04 22.02 19.44
N MET D 456 -5.21 21.38 19.27
CA MET D 456 -6.46 22.01 19.71
C MET D 456 -6.44 22.29 21.21
N LYS D 457 -6.03 21.29 21.99
CA LYS D 457 -5.94 21.47 23.44
C LYS D 457 -4.98 22.59 23.78
N ARG D 458 -3.81 22.62 23.14
CA ARG D 458 -2.80 23.61 23.49
C ARG D 458 -3.28 25.03 23.17
N LEU D 459 -3.87 25.23 21.99
CA LEU D 459 -4.28 26.59 21.64
C LEU D 459 -5.62 26.98 22.25
N VAL D 460 -6.34 26.05 22.88
CA VAL D 460 -7.38 26.47 23.80
C VAL D 460 -6.77 26.84 25.15
N ASP D 461 -5.63 26.24 25.50
CA ASP D 461 -5.02 26.50 26.79
C ASP D 461 -4.37 27.88 26.84
N LEU D 462 -3.81 28.35 25.72
CA LEU D 462 -3.12 29.62 25.68
C LEU D 462 -4.06 30.81 25.45
N ASN D 463 -5.36 30.56 25.34
CA ASN D 463 -6.40 31.56 25.16
C ASN D 463 -6.44 32.05 23.72
N HIS D 464 -5.72 31.39 22.80
CA HIS D 464 -5.87 31.73 21.39
C HIS D 464 -7.27 31.40 20.87
N ALA D 465 -7.97 30.48 21.52
CA ALA D 465 -9.33 30.11 21.15
C ALA D 465 -10.20 30.06 22.41
N GLN D 466 -11.49 30.32 22.21
CA GLN D 466 -12.42 30.35 23.35
C GLN D 466 -12.88 28.96 23.75
N ASN D 467 -13.04 28.05 22.80
CA ASN D 467 -13.53 26.71 23.08
C ASN D 467 -12.96 25.74 22.05
N ILE D 468 -13.39 24.49 22.13
CA ILE D 468 -12.90 23.48 21.21
C ILE D 468 -13.41 23.73 19.80
N LYS D 469 -14.68 24.15 19.67
CA LYS D 469 -15.26 24.36 18.35
C LYS D 469 -14.47 25.39 17.55
N SER D 470 -14.22 26.55 18.14
CA SER D 470 -13.44 27.58 17.45
C SER D 470 -12.01 27.11 17.21
N ALA D 471 -11.44 26.37 18.16
CA ALA D 471 -10.09 25.83 17.96
C ALA D 471 -10.06 24.86 16.79
N LYS D 472 -11.05 23.98 16.68
CA LYS D 472 -11.10 23.07 15.55
C LYS D 472 -11.27 23.83 14.24
N ARG D 473 -12.12 24.85 14.23
CA ARG D 473 -12.29 25.66 13.03
C ARG D 473 -10.98 26.32 12.62
N MET D 474 -10.27 26.89 13.58
CA MET D 474 -9.00 27.55 13.30
C MET D 474 -7.96 26.57 12.77
N VAL D 475 -7.91 25.37 13.36
CA VAL D 475 -6.96 24.36 12.89
C VAL D 475 -7.31 23.94 11.46
N GLU D 476 -8.59 23.70 11.20
CA GLU D 476 -8.98 23.24 9.87
C GLU D 476 -8.70 24.28 8.80
N ARG D 477 -9.01 25.54 9.08
CA ARG D 477 -8.80 26.59 8.08
C ARG D 477 -7.33 26.97 7.92
N GLY D 478 -6.45 26.50 8.78
CA GLY D 478 -5.02 26.74 8.62
C GLY D 478 -4.63 28.18 8.85
N ARG D 479 -4.75 28.65 10.09
CA ARG D 479 -4.34 30.01 10.43
C ARG D 479 -2.82 30.03 10.63
N THR D 480 -2.30 31.14 11.15
CA THR D 480 -0.86 31.30 11.33
C THR D 480 -0.40 30.82 12.70
N VAL D 481 -1.12 31.18 13.76
CA VAL D 481 -0.72 30.80 15.11
C VAL D 481 -0.73 29.28 15.29
N VAL D 482 -1.53 28.57 14.50
CA VAL D 482 -1.65 27.13 14.66
C VAL D 482 -0.30 26.45 14.44
N TYR D 483 0.47 26.91 13.46
CA TYR D 483 1.77 26.30 13.20
C TYR D 483 2.78 26.65 14.29
N ASP D 484 2.71 27.86 14.84
CA ASP D 484 3.58 28.21 15.95
C ASP D 484 3.30 27.34 17.15
N VAL D 485 2.03 27.04 17.43
CA VAL D 485 1.70 26.14 18.53
C VAL D 485 2.12 24.71 18.20
N LEU D 486 1.94 24.29 16.95
CA LEU D 486 2.30 22.94 16.55
C LEU D 486 3.79 22.70 16.74
N GLU D 487 4.60 23.70 16.43
CA GLU D 487 6.04 23.52 16.52
C GLU D 487 6.55 23.36 17.95
N GLU D 488 5.71 23.62 18.96
CA GLU D 488 6.09 23.40 20.34
C GLU D 488 5.35 22.25 21.00
N VAL D 489 4.14 21.91 20.55
CA VAL D 489 3.52 20.68 21.05
C VAL D 489 4.27 19.46 20.52
N ILE D 490 4.90 19.58 19.35
CA ILE D 490 5.56 18.46 18.70
C ILE D 490 6.90 18.11 19.32
N ALA D 491 7.34 18.83 20.34
CA ALA D 491 8.69 18.67 20.88
C ALA D 491 8.76 17.52 21.86
N GLU D 492 9.83 16.72 21.76
CA GLU D 492 10.06 15.58 22.64
C GLU D 492 8.91 14.59 22.58
N HIS D 493 8.36 14.40 21.39
CA HIS D 493 7.29 13.43 21.17
C HIS D 493 7.73 12.50 20.04
N PRO D 494 8.29 11.32 20.34
CA PRO D 494 8.84 10.47 19.29
C PRO D 494 7.76 9.93 18.36
N VAL D 495 8.16 9.66 17.12
CA VAL D 495 7.29 9.03 16.13
C VAL D 495 8.01 7.81 15.59
N LEU D 496 7.25 6.75 15.33
CA LEU D 496 7.81 5.51 14.81
C LEU D 496 7.76 5.53 13.28
N LEU D 497 8.92 5.39 12.64
CA LEU D 497 9.03 5.34 11.20
C LEU D 497 9.25 3.90 10.77
N ASN D 498 8.60 3.52 9.66
CA ASN D 498 8.57 2.14 9.20
C ASN D 498 8.59 2.12 7.67
N ARG D 499 9.19 1.06 7.12
CA ARG D 499 9.20 0.83 5.69
C ARG D 499 8.90 -0.63 5.42
N ALA D 500 7.91 -0.89 4.56
CA ALA D 500 7.55 -2.26 4.24
C ALA D 500 8.32 -2.75 3.03
N PRO D 501 8.78 -4.01 3.00
CA PRO D 501 8.60 -5.07 4.01
C PRO D 501 9.53 -4.92 5.21
N THR D 502 9.04 -5.27 6.39
CA THR D 502 9.82 -5.18 7.63
C THR D 502 10.47 -6.54 7.85
N LEU D 503 11.67 -6.71 7.30
CA LEU D 503 12.34 -8.01 7.35
C LEU D 503 12.94 -8.31 8.72
N HIS D 504 13.45 -7.29 9.42
CA HIS D 504 13.99 -7.46 10.75
C HIS D 504 13.59 -6.28 11.61
N ARG D 505 13.84 -6.38 12.91
CA ARG D 505 13.27 -5.41 13.84
C ARG D 505 13.83 -4.01 13.66
N LEU D 506 14.94 -3.87 12.94
CA LEU D 506 15.44 -2.53 12.63
C LEU D 506 14.66 -1.85 11.51
N GLY D 507 13.58 -2.45 11.03
CA GLY D 507 12.70 -1.80 10.08
C GLY D 507 11.72 -0.83 10.68
N ILE D 508 11.60 -0.82 12.01
CA ILE D 508 10.80 0.14 12.74
C ILE D 508 11.71 0.86 13.72
N GLN D 509 11.73 2.19 13.67
CA GLN D 509 12.61 2.93 14.56
C GLN D 509 11.98 4.25 14.96
N ALA D 510 12.32 4.71 16.16
CA ALA D 510 11.72 5.92 16.73
C ALA D 510 12.63 7.11 16.51
N PHE D 511 12.07 8.19 15.98
CA PHE D 511 12.81 9.42 15.73
C PHE D 511 12.08 10.60 16.35
N GLU D 512 12.85 11.63 16.71
CA GLU D 512 12.26 12.87 17.18
C GLU D 512 11.88 13.74 15.98
N PRO D 513 10.64 14.19 15.85
CA PRO D 513 10.23 14.93 14.66
C PRO D 513 10.49 16.42 14.76
N GLN D 514 10.80 17.02 13.62
CA GLN D 514 10.90 18.46 13.49
C GLN D 514 10.27 18.88 12.16
N LEU D 515 9.64 20.05 12.16
CA LEU D 515 8.92 20.50 10.98
C LEU D 515 9.87 20.96 9.89
N VAL D 516 9.54 20.65 8.65
CA VAL D 516 10.29 21.11 7.49
C VAL D 516 9.31 21.60 6.44
N GLU D 517 9.82 22.39 5.49
CA GLU D 517 9.03 22.93 4.41
C GLU D 517 9.09 21.98 3.22
N GLY D 518 7.94 21.53 2.76
CA GLY D 518 7.85 20.62 1.64
C GLY D 518 6.74 19.62 1.87
N LYS D 519 6.82 18.50 1.12
CA LYS D 519 5.84 17.43 1.23
C LYS D 519 6.51 16.06 1.28
N ALA D 520 7.80 16.01 1.60
CA ALA D 520 8.54 14.76 1.65
C ALA D 520 9.27 14.65 2.98
N ILE D 521 9.37 13.43 3.48
CA ILE D 521 10.00 13.16 4.77
C ILE D 521 11.52 13.15 4.58
N GLN D 522 12.23 13.79 5.50
CA GLN D 522 13.69 13.81 5.49
C GLN D 522 14.22 12.73 6.43
N ILE D 523 15.16 11.93 5.95
CA ILE D 523 15.68 10.78 6.66
C ILE D 523 17.19 10.90 6.74
N HIS D 524 17.76 10.53 7.89
CA HIS D 524 19.20 10.61 8.05
C HIS D 524 19.88 9.65 7.07
N PRO D 525 21.00 10.04 6.47
CA PRO D 525 21.66 9.12 5.52
C PRO D 525 22.17 7.84 6.16
N LEU D 526 22.45 7.82 7.47
CA LEU D 526 23.05 6.65 8.09
C LEU D 526 22.06 5.51 8.28
N VAL D 527 20.80 5.81 8.56
CA VAL D 527 19.83 4.76 8.87
C VAL D 527 19.31 4.03 7.64
N CYS D 528 19.63 4.53 6.43
CA CYS D 528 19.07 3.93 5.22
C CYS D 528 19.37 2.44 5.15
N THR D 529 20.62 2.06 5.36
CA THR D 529 20.99 0.65 5.27
C THR D 529 20.16 -0.22 6.21
N ALA D 530 19.76 0.34 7.36
CA ALA D 530 18.90 -0.41 8.27
C ALA D 530 17.53 -0.65 7.65
N PHE D 531 16.93 0.39 7.08
CA PHE D 531 15.64 0.27 6.42
C PHE D 531 15.75 -0.35 5.02
N ASN D 532 16.95 -0.51 4.50
CA ASN D 532 17.15 -0.88 3.09
C ASN D 532 16.44 0.12 2.18
N ALA D 533 16.57 1.40 2.51
CA ALA D 533 15.85 2.47 1.83
C ALA D 533 16.72 3.10 0.77
N ASP D 534 16.16 3.26 -0.42
CA ASP D 534 16.78 3.99 -1.51
C ASP D 534 16.00 5.28 -1.73
N PHE D 535 16.60 6.21 -2.47
CA PHE D 535 15.98 7.48 -2.78
C PHE D 535 15.62 7.57 -4.26
N ASP D 536 15.11 6.47 -4.81
CA ASP D 536 14.60 6.42 -6.18
C ASP D 536 13.08 6.38 -6.21
N GLY D 537 12.43 6.89 -5.16
CA GLY D 537 10.98 6.97 -5.12
C GLY D 537 10.35 6.06 -4.08
N ASP D 538 11.05 5.77 -3.00
CA ASP D 538 10.50 4.94 -1.94
C ASP D 538 9.57 5.75 -1.05
N GLN D 539 8.73 5.05 -0.29
CA GLN D 539 7.79 5.67 0.63
C GLN D 539 7.93 5.04 2.00
N MET D 540 7.62 5.82 3.03
CA MET D 540 7.71 5.36 4.41
C MET D 540 6.49 5.84 5.18
N ALA D 541 6.18 5.10 6.24
CA ALA D 541 5.00 5.33 7.07
C ALA D 541 5.41 5.79 8.46
N VAL D 542 4.57 6.64 9.05
CA VAL D 542 4.81 7.28 10.33
C VAL D 542 3.64 6.97 11.26
N HIS D 543 3.94 6.51 12.47
CA HIS D 543 2.95 6.21 13.49
C HIS D 543 3.26 7.02 14.75
N LEU D 544 2.22 7.31 15.52
CA LEU D 544 2.32 8.21 16.68
C LEU D 544 1.92 7.49 17.96
N PRO D 545 2.86 7.20 18.88
CA PRO D 545 2.44 6.66 20.18
C PRO D 545 1.70 7.69 21.01
N LEU D 546 0.78 7.20 21.85
CA LEU D 546 -0.12 8.06 22.61
C LEU D 546 0.13 7.99 24.12
N SER D 547 0.07 6.80 24.71
CA SER D 547 0.12 6.68 26.16
C SER D 547 1.54 6.91 26.67
N ALA D 548 1.66 7.02 27.99
CA ALA D 548 2.99 7.22 28.59
C ALA D 548 3.86 5.98 28.43
N GLU D 549 3.27 4.80 28.52
CA GLU D 549 4.04 3.57 28.32
C GLU D 549 4.55 3.46 26.89
N ALA D 550 3.70 3.78 25.90
CA ALA D 550 4.13 3.72 24.52
C ALA D 550 5.26 4.71 24.24
N GLN D 551 5.15 5.92 24.78
CA GLN D 551 6.22 6.90 24.61
C GLN D 551 7.50 6.43 25.29
N ALA D 552 7.40 5.87 26.49
CA ALA D 552 8.58 5.38 27.19
C ALA D 552 9.26 4.27 26.40
N GLU D 553 8.48 3.37 25.81
CA GLU D 553 9.06 2.31 25.00
C GLU D 553 9.71 2.87 23.74
N ALA D 554 9.01 3.74 23.01
CA ALA D 554 9.58 4.32 21.80
C ALA D 554 10.78 5.20 22.09
N ARG D 555 10.95 5.64 23.34
CA ARG D 555 12.04 6.53 23.69
C ARG D 555 13.22 5.83 24.34
N ILE D 556 13.01 4.66 24.93
CA ILE D 556 14.05 3.93 25.64
C ILE D 556 14.46 2.66 24.90
N LEU D 557 13.51 1.95 24.31
CA LEU D 557 13.78 0.69 23.64
C LEU D 557 14.08 0.87 22.16
N MET D 558 13.27 1.66 21.46
CA MET D 558 13.29 1.71 20.00
C MET D 558 14.00 2.92 19.43
N LEU D 559 14.72 3.69 20.25
CA LEU D 559 15.33 4.91 19.75
C LEU D 559 16.36 4.59 18.66
N SER D 560 16.56 5.56 17.77
CA SER D 560 17.38 5.33 16.59
C SER D 560 18.87 5.30 16.93
N SER D 561 19.31 6.07 17.92
CA SER D 561 20.72 6.16 18.29
C SER D 561 21.12 5.13 19.34
N ASN D 562 20.39 4.01 19.43
CA ASN D 562 20.74 2.92 20.35
C ASN D 562 20.81 1.58 19.64
N ASN D 563 20.72 1.55 18.30
CA ASN D 563 20.60 0.32 17.53
C ASN D 563 21.68 0.24 16.48
N ILE D 564 22.93 0.45 16.90
CA ILE D 564 24.05 0.42 15.95
C ILE D 564 24.23 -0.99 15.39
N LEU D 565 24.19 -2.01 16.24
CA LEU D 565 24.55 -3.36 15.86
C LEU D 565 23.37 -4.10 15.26
N LYS D 566 23.68 -5.12 14.43
CA LYS D 566 22.67 -5.92 13.75
C LYS D 566 22.38 -7.19 14.56
N PRO D 567 21.12 -7.55 14.78
CA PRO D 567 20.83 -8.74 15.61
C PRO D 567 21.30 -10.05 15.01
N ALA D 568 21.55 -10.11 13.70
CA ALA D 568 21.85 -11.39 13.07
C ALA D 568 23.24 -11.90 13.44
N ASP D 569 24.24 -11.02 13.40
CA ASP D 569 25.61 -11.40 13.68
C ASP D 569 26.36 -10.45 14.60
N GLY D 570 25.80 -9.28 14.91
CA GLY D 570 26.45 -8.35 15.82
C GLY D 570 27.39 -7.37 15.17
N ARG D 571 27.38 -7.24 13.85
CA ARG D 571 28.21 -6.26 13.17
C ARG D 571 27.41 -5.01 12.86
N PRO D 572 28.01 -3.82 12.92
CA PRO D 572 27.21 -2.59 12.79
C PRO D 572 26.58 -2.45 11.41
N VAL D 573 25.40 -1.84 11.40
CA VAL D 573 24.70 -1.51 10.15
C VAL D 573 24.56 0.00 10.03
N THR D 574 24.53 0.70 11.17
CA THR D 574 24.50 2.16 11.18
C THR D 574 25.94 2.63 11.05
N MET D 575 26.40 2.78 9.81
CA MET D 575 27.79 3.04 9.51
C MET D 575 27.85 3.87 8.23
N PRO D 576 28.84 4.75 8.09
CA PRO D 576 29.01 5.46 6.82
C PRO D 576 29.30 4.46 5.68
N THR D 577 28.51 4.56 4.62
CA THR D 577 28.50 3.54 3.58
C THR D 577 29.04 4.03 2.24
N GLN D 578 28.43 5.06 1.65
CA GLN D 578 28.78 5.54 0.33
C GLN D 578 28.98 7.04 0.39
N ASP D 579 29.99 7.53 -0.32
CA ASP D 579 30.30 8.96 -0.40
C ASP D 579 30.91 9.46 0.91
N MET D 580 30.89 8.63 1.95
CA MET D 580 31.60 8.88 3.20
C MET D 580 32.82 7.98 3.34
N VAL D 581 32.67 6.70 2.97
CA VAL D 581 33.84 5.83 2.85
C VAL D 581 34.81 6.39 1.83
N LEU D 582 34.29 6.92 0.73
CA LEU D 582 35.16 7.51 -0.29
C LEU D 582 35.90 8.71 0.25
N GLY D 583 35.22 9.59 0.99
CA GLY D 583 35.87 10.75 1.56
C GLY D 583 36.92 10.38 2.58
N LEU D 584 36.60 9.44 3.48
CA LEU D 584 37.56 9.04 4.51
C LEU D 584 38.72 8.24 3.92
N PHE D 585 38.50 7.59 2.77
CA PHE D 585 39.59 6.91 2.09
C PHE D 585 40.52 7.90 1.40
N PHE D 586 39.95 8.90 0.72
CA PHE D 586 40.78 9.93 0.11
C PHE D 586 41.58 10.69 1.15
N LEU D 587 40.94 11.01 2.28
CA LEU D 587 41.63 11.72 3.35
C LEU D 587 42.83 10.93 3.85
N THR D 588 42.60 9.66 4.21
CA THR D 588 43.62 8.81 4.82
C THR D 588 44.07 7.76 3.79
N THR D 589 45.07 8.10 2.99
CA THR D 589 45.62 7.16 2.02
C THR D 589 47.00 7.64 1.62
N ASP D 590 47.77 6.72 1.04
CA ASP D 590 49.16 7.00 0.70
C ASP D 590 49.28 7.61 -0.68
N GLY D 591 50.25 8.51 -0.84
CA GLY D 591 50.47 9.19 -2.10
C GLY D 591 51.36 8.42 -3.05
N GLU D 592 50.84 7.33 -3.62
CA GLU D 592 51.64 6.51 -4.53
C GLU D 592 51.88 7.23 -5.85
N LEU D 593 50.79 7.62 -6.54
CA LEU D 593 50.89 8.38 -7.77
C LEU D 593 50.44 9.82 -7.60
N ARG D 594 50.15 10.25 -6.38
CA ARG D 594 49.71 11.62 -6.13
C ARG D 594 50.90 12.57 -6.22
N ASP D 595 50.58 13.86 -6.36
CA ASP D 595 51.60 14.90 -6.34
C ASP D 595 51.79 15.34 -4.90
N THR D 596 52.81 14.80 -4.25
CA THR D 596 53.07 15.05 -2.84
C THR D 596 54.06 16.21 -2.72
N LYS D 597 53.54 17.39 -2.40
CA LYS D 597 54.38 18.53 -2.09
C LYS D 597 54.78 18.51 -0.63
N GLY D 598 55.90 19.15 -0.33
CA GLY D 598 56.44 19.10 1.02
C GLY D 598 57.31 17.88 1.20
N GLU D 599 56.76 16.84 1.84
CA GLU D 599 57.38 15.52 1.88
C GLU D 599 58.57 15.46 2.83
N GLY D 600 58.94 16.59 3.42
CA GLY D 600 60.00 16.60 4.42
C GLY D 600 59.82 17.64 5.51
N ARG D 601 58.76 18.44 5.43
CA ARG D 601 58.58 19.54 6.37
C ARG D 601 58.23 19.02 7.75
N ALA D 602 58.56 19.82 8.76
CA ALA D 602 58.24 19.54 10.15
C ALA D 602 57.39 20.68 10.69
N PHE D 603 56.25 20.34 11.30
CA PHE D 603 55.29 21.31 11.78
C PHE D 603 55.12 21.18 13.29
N GLY D 604 54.86 22.30 13.95
CA GLY D 604 54.66 22.32 15.38
C GLY D 604 53.27 22.01 15.85
N SER D 605 52.32 21.85 14.93
CA SER D 605 50.94 21.54 15.30
C SER D 605 50.16 21.28 14.02
N THR D 606 48.90 20.87 14.19
CA THR D 606 48.02 20.66 13.05
C THR D 606 47.51 21.97 12.47
N ALA D 607 47.38 23.01 13.30
CA ALA D 607 46.94 24.30 12.78
C ALA D 607 47.94 24.87 11.78
N GLU D 608 49.23 24.75 12.10
CA GLU D 608 50.25 25.22 11.15
C GLU D 608 50.23 24.41 9.87
N ALA D 609 50.00 23.10 9.98
CA ALA D 609 49.90 22.26 8.79
C ALA D 609 48.72 22.69 7.93
N ILE D 610 47.59 23.01 8.56
CA ILE D 610 46.43 23.48 7.80
C ILE D 610 46.73 24.81 7.13
N MET D 611 47.42 25.71 7.84
CA MET D 611 47.77 27.01 7.26
C MET D 611 48.68 26.83 6.06
N ALA D 612 49.62 25.88 6.13
CA ALA D 612 50.46 25.60 4.98
C ALA D 612 49.66 24.96 3.85
N PHE D 613 48.67 24.13 4.20
CA PHE D 613 47.85 23.49 3.19
C PHE D 613 47.02 24.51 2.42
N ASP D 614 46.49 25.51 3.11
CA ASP D 614 45.69 26.53 2.44
C ASP D 614 46.45 27.15 1.28
N ALA D 615 47.67 27.61 1.54
CA ALA D 615 48.56 27.97 0.45
C ALA D 615 48.99 26.71 -0.30
N GLY D 616 49.33 26.87 -1.57
CA GLY D 616 49.70 25.72 -2.38
C GLY D 616 51.08 25.19 -2.05
N GLU D 617 51.30 24.80 -0.80
CA GLU D 617 52.60 24.34 -0.33
C GLU D 617 52.61 22.91 0.18
N LEU D 618 51.46 22.36 0.53
CA LEU D 618 51.40 21.03 1.13
C LEU D 618 50.24 20.25 0.51
N ALA D 619 50.40 18.93 0.46
CA ALA D 619 49.36 18.03 -0.02
C ALA D 619 48.73 17.30 1.16
N LEU D 620 47.50 16.83 0.95
CA LEU D 620 46.78 16.12 2.00
C LEU D 620 47.34 14.73 2.26
N GLN D 621 48.25 14.23 1.43
CA GLN D 621 48.76 12.88 1.55
C GLN D 621 50.27 12.79 1.70
N SER D 622 50.99 13.92 1.64
CA SER D 622 52.43 13.90 1.78
C SER D 622 52.84 13.59 3.22
N GLN D 623 54.00 12.96 3.36
CA GLN D 623 54.48 12.55 4.67
C GLN D 623 55.27 13.68 5.33
N ILE D 624 54.89 14.01 6.57
CA ILE D 624 55.48 15.11 7.32
C ILE D 624 55.52 14.73 8.79
N ASP D 625 56.38 15.40 9.54
CA ASP D 625 56.51 15.19 10.98
C ASP D 625 55.67 16.23 11.70
N ILE D 626 54.71 15.78 12.50
CA ILE D 626 53.81 16.66 13.24
C ILE D 626 53.97 16.37 14.73
N ARG D 627 54.02 17.44 15.53
CA ARG D 627 54.10 17.33 16.98
C ARG D 627 52.71 17.50 17.56
N PHE D 628 52.35 16.61 18.49
CA PHE D 628 51.02 16.61 19.07
C PHE D 628 51.06 17.01 20.54
N PRO D 629 49.97 17.56 21.09
CA PRO D 629 50.01 18.03 22.49
C PRO D 629 49.99 16.90 23.49
N VAL D 630 49.91 17.25 24.78
CA VAL D 630 49.97 16.26 25.85
C VAL D 630 48.75 15.34 25.83
N GLY D 631 47.58 15.87 25.47
CA GLY D 631 46.36 15.09 25.62
C GLY D 631 46.31 13.84 24.77
N THR D 632 46.89 13.88 23.58
CA THR D 632 46.71 12.80 22.62
C THR D 632 47.30 11.49 23.14
N VAL D 633 46.72 10.38 22.67
CA VAL D 633 47.18 9.05 23.00
C VAL D 633 47.98 8.50 21.82
N ALA D 634 49.17 7.98 22.10
CA ALA D 634 50.05 7.51 21.04
C ALA D 634 49.44 6.28 20.36
N PRO D 635 49.86 5.99 19.13
CA PRO D 635 49.25 4.88 18.40
C PRO D 635 49.48 3.55 19.10
N ARG D 636 48.52 2.64 18.94
CA ARG D 636 48.73 1.28 19.41
C ARG D 636 49.97 0.69 18.73
N GLY D 637 50.78 0.00 19.51
CA GLY D 637 52.12 -0.33 19.07
C GLY D 637 53.08 0.73 19.54
N TRP D 638 53.47 1.65 18.66
CA TRP D 638 54.33 2.78 19.01
C TRP D 638 55.50 2.30 19.86
N VAL D 639 56.20 1.29 19.32
CA VAL D 639 57.18 0.57 20.12
C VAL D 639 58.23 1.50 20.73
N PRO D 640 58.76 2.50 20.04
CA PRO D 640 59.74 3.37 20.68
C PRO D 640 59.07 4.55 21.37
N PRO D 641 59.09 4.61 22.69
CA PRO D 641 59.21 5.91 23.35
C PRO D 641 60.62 6.42 23.12
N VAL D 642 60.74 7.63 22.55
CA VAL D 642 62.00 8.11 22.00
C VAL D 642 63.15 7.79 22.94
N THR D 643 64.20 7.18 22.40
CA THR D 643 65.30 6.68 23.23
C THR D 643 65.89 7.82 24.05
N GLU D 644 66.13 7.54 25.32
CA GLU D 644 66.53 8.58 26.27
C GLU D 644 67.40 7.94 27.35
N GLU D 645 67.73 8.73 28.37
CA GLU D 645 68.52 8.24 29.50
C GLU D 645 68.12 9.05 30.72
N GLY D 646 67.25 8.48 31.56
CA GLY D 646 66.84 9.12 32.79
C GLY D 646 65.60 9.97 32.71
N GLU D 647 64.80 9.85 31.64
CA GLU D 647 63.58 10.62 31.49
C GLU D 647 62.48 9.73 30.93
N PRO D 648 61.49 9.33 31.72
CA PRO D 648 60.47 8.39 31.24
C PRO D 648 59.41 9.11 30.41
N GLU D 649 58.45 8.31 29.92
CA GLU D 649 57.29 8.82 29.20
C GLU D 649 56.06 8.07 29.67
N TRP D 650 54.93 8.76 29.66
CA TRP D 650 53.64 8.19 30.02
C TRP D 650 52.84 7.91 28.75
N GLN D 651 51.97 6.90 28.83
CA GLN D 651 51.13 6.56 27.68
C GLN D 651 50.28 7.73 27.25
N GLN D 652 49.86 8.57 28.20
CA GLN D 652 49.13 9.80 27.91
C GLN D 652 49.80 10.94 28.64
N GLY D 653 49.69 12.14 28.06
CA GLY D 653 50.26 13.32 28.67
C GLY D 653 51.70 13.61 28.29
N ASP D 654 52.19 13.04 27.19
CA ASP D 654 53.53 13.32 26.70
C ASP D 654 53.45 13.75 25.23
N SER D 655 54.14 14.83 24.90
CA SER D 655 54.16 15.33 23.53
C SER D 655 55.17 14.52 22.72
N PHE D 656 54.74 14.06 21.54
CA PHE D 656 55.56 13.23 20.68
C PHE D 656 55.44 13.70 19.24
N ARG D 657 56.49 13.46 18.47
CA ARG D 657 56.48 13.73 17.03
C ARG D 657 56.16 12.45 16.28
N LEU D 658 55.20 12.54 15.36
CA LEU D 658 54.80 11.39 14.55
C LEU D 658 54.90 11.77 13.08
N ARG D 659 55.40 10.83 12.27
CA ARG D 659 55.54 11.03 10.84
C ARG D 659 54.31 10.44 10.15
N THR D 660 53.42 11.30 9.70
CA THR D 660 52.18 10.89 9.04
C THR D 660 51.80 11.95 8.02
N SER D 661 50.62 11.79 7.44
CA SER D 661 50.08 12.78 6.51
C SER D 661 49.11 13.70 7.24
N LEU D 662 48.85 14.86 6.64
CA LEU D 662 47.87 15.76 7.21
C LEU D 662 46.48 15.13 7.23
N GLY D 663 46.19 14.27 6.27
CA GLY D 663 44.87 13.64 6.23
C GLY D 663 44.60 12.78 7.45
N ARG D 664 45.59 12.01 7.89
CA ARG D 664 45.40 11.17 9.07
C ARG D 664 45.28 12.03 10.32
N ALA D 665 46.04 13.12 10.40
CA ALA D 665 45.91 14.03 11.53
C ALA D 665 44.51 14.62 11.60
N LEU D 666 43.94 14.97 10.44
CA LEU D 666 42.58 15.50 10.41
C LEU D 666 41.56 14.41 10.74
N PHE D 667 41.81 13.18 10.29
CA PHE D 667 40.88 12.08 10.56
C PHE D 667 40.85 11.76 12.05
N ASN D 668 41.99 11.88 12.73
CA ASN D 668 42.03 11.55 14.15
C ASN D 668 41.39 12.61 15.03
N GLU D 669 41.02 13.77 14.48
CA GLU D 669 40.28 14.76 15.24
C GLU D 669 38.79 14.43 15.31
N LEU D 670 38.32 13.44 14.56
CA LEU D 670 36.92 13.03 14.61
C LEU D 670 36.66 11.99 15.69
N LEU D 671 37.62 11.11 15.95
CA LEU D 671 37.46 10.06 16.94
C LEU D 671 37.57 10.64 18.35
N PRO D 672 37.10 9.91 19.35
CA PRO D 672 37.14 10.43 20.73
C PRO D 672 38.55 10.81 21.15
N GLU D 673 38.62 11.49 22.29
CA GLU D 673 39.90 12.00 22.78
C GLU D 673 40.79 10.87 23.29
N ASP D 674 40.21 9.78 23.78
CA ASP D 674 40.97 8.69 24.36
C ASP D 674 41.37 7.62 23.36
N TYR D 675 40.86 7.69 22.13
CA TYR D 675 41.15 6.64 21.17
C TYR D 675 42.60 6.75 20.70
N PRO D 676 43.34 5.64 20.62
CA PRO D 676 44.72 5.72 20.12
C PRO D 676 44.78 6.20 18.67
N PHE D 677 45.88 6.84 18.34
CA PHE D 677 46.09 7.31 16.97
C PHE D 677 46.01 6.16 15.99
N VAL D 678 45.33 6.39 14.86
CA VAL D 678 45.03 5.33 13.91
C VAL D 678 46.23 5.09 12.99
N ASP D 679 46.56 6.07 12.15
CA ASP D 679 47.75 6.03 11.31
C ASP D 679 47.78 4.81 10.39
N TYR D 680 46.76 4.71 9.54
CA TYR D 680 46.79 3.78 8.42
C TYR D 680 45.56 4.02 7.56
N SER D 681 45.67 3.65 6.28
CA SER D 681 44.61 3.90 5.32
C SER D 681 43.33 3.20 5.74
N VAL D 682 42.21 3.93 5.69
CA VAL D 682 40.92 3.47 6.19
C VAL D 682 40.02 3.20 5.01
N GLY D 683 39.84 1.92 4.67
CA GLY D 683 38.89 1.53 3.65
C GLY D 683 37.49 1.43 4.24
N LYS D 684 36.81 0.32 3.99
CA LYS D 684 35.55 0.03 4.66
C LYS D 684 35.65 -1.07 5.70
N LYS D 685 36.61 -1.98 5.58
CA LYS D 685 36.83 -2.97 6.63
C LYS D 685 37.42 -2.33 7.87
N GLN D 686 38.41 -1.46 7.69
CA GLN D 686 39.02 -0.78 8.83
C GLN D 686 38.01 0.10 9.56
N LEU D 687 37.15 0.78 8.79
CA LEU D 687 36.11 1.59 9.41
C LEU D 687 35.14 0.74 10.21
N SER D 688 34.80 -0.44 9.69
CA SER D 688 33.93 -1.35 10.44
C SER D 688 34.59 -1.79 11.73
N GLU D 689 35.88 -2.12 11.68
CA GLU D 689 36.60 -2.50 12.90
C GLU D 689 36.58 -1.35 13.91
N ILE D 690 36.84 -0.13 13.46
CA ILE D 690 36.89 1.01 14.37
C ILE D 690 35.52 1.25 14.99
N VAL D 691 34.46 1.18 14.18
CA VAL D 691 33.12 1.42 14.70
C VAL D 691 32.73 0.34 15.69
N ASN D 692 33.09 -0.91 15.42
CA ASN D 692 32.80 -1.99 16.36
C ASN D 692 33.54 -1.77 17.67
N ASP D 693 34.80 -1.36 17.62
CA ASP D 693 35.55 -1.09 18.84
C ASP D 693 34.91 0.05 19.63
N LEU D 694 34.49 1.12 18.94
CA LEU D 694 33.84 2.23 19.62
C LEU D 694 32.56 1.77 20.31
N ALA D 695 31.73 1.00 19.59
CA ALA D 695 30.49 0.52 20.19
C ALA D 695 30.77 -0.40 21.37
N GLU D 696 31.86 -1.16 21.31
CA GLU D 696 32.17 -2.12 22.37
C GLU D 696 32.67 -1.42 23.64
N ARG D 697 33.45 -0.34 23.48
CA ARG D 697 34.19 0.21 24.62
C ARG D 697 33.62 1.52 25.17
N TYR D 698 32.69 2.16 24.48
CA TYR D 698 32.27 3.51 24.81
C TYR D 698 30.76 3.58 25.02
N PRO D 699 30.27 4.61 25.71
CA PRO D 699 28.82 4.79 25.84
C PRO D 699 28.18 5.16 24.51
N LYS D 700 26.85 5.16 24.51
CA LYS D 700 26.11 5.32 23.26
C LYS D 700 26.11 6.75 22.75
N VAL D 701 26.10 7.73 23.65
CA VAL D 701 26.08 9.12 23.22
C VAL D 701 27.38 9.47 22.49
N ILE D 702 28.51 9.02 23.04
CA ILE D 702 29.80 9.30 22.41
C ILE D 702 29.88 8.63 21.05
N VAL D 703 29.38 7.39 20.95
CA VAL D 703 29.40 6.69 19.67
C VAL D 703 28.55 7.42 18.64
N ALA D 704 27.37 7.89 19.04
CA ALA D 704 26.52 8.62 18.10
C ALA D 704 27.19 9.92 17.66
N ALA D 705 27.81 10.65 18.58
CA ALA D 705 28.51 11.87 18.21
C ALA D 705 29.65 11.59 17.25
N THR D 706 30.41 10.53 17.50
CA THR D 706 31.51 10.19 16.62
C THR D 706 31.01 9.81 15.24
N LEU D 707 29.88 9.09 15.16
CA LEU D 707 29.33 8.75 13.86
C LEU D 707 28.91 9.99 13.09
N ASP D 708 28.30 10.96 13.79
CA ASP D 708 27.93 12.20 13.12
C ASP D 708 29.16 12.95 12.62
N ASN D 709 30.21 13.00 13.42
CA ASN D 709 31.45 13.65 13.00
C ASN D 709 32.01 12.98 11.75
N LEU D 710 32.06 11.65 11.75
CA LEU D 710 32.58 10.92 10.60
C LEU D 710 31.74 11.18 9.36
N LYS D 711 30.42 11.21 9.51
CA LYS D 711 29.55 11.49 8.37
C LYS D 711 29.85 12.86 7.78
N ALA D 712 29.92 13.88 8.63
CA ALA D 712 30.14 15.23 8.14
C ALA D 712 31.49 15.35 7.43
N ALA D 713 32.55 14.83 8.06
CA ALA D 713 33.87 14.91 7.44
C ALA D 713 33.92 14.12 6.14
N GLY D 714 33.27 12.96 6.10
CA GLY D 714 33.26 12.17 4.89
C GLY D 714 32.61 12.90 3.73
N PHE D 715 31.45 13.49 3.96
CA PHE D 715 30.81 14.26 2.89
C PHE D 715 31.68 15.42 2.45
N TYR D 716 32.22 16.17 3.43
CA TYR D 716 33.00 17.36 3.09
C TYR D 716 34.20 17.01 2.23
N TRP D 717 34.93 15.95 2.58
CA TRP D 717 36.12 15.59 1.82
C TRP D 717 35.82 14.72 0.61
N ALA D 718 34.61 14.18 0.50
CA ALA D 718 34.22 13.50 -0.73
C ALA D 718 33.86 14.49 -1.82
N THR D 719 33.30 15.65 -1.46
CA THR D 719 33.03 16.66 -2.48
C THR D 719 34.32 17.12 -3.17
N ARG D 720 35.39 17.32 -2.40
CA ARG D 720 36.68 17.77 -2.91
C ARG D 720 37.60 16.62 -3.29
N SER D 721 37.09 15.40 -3.34
CA SER D 721 37.96 14.25 -3.59
C SER D 721 38.53 14.28 -5.01
N GLY D 722 37.75 14.75 -5.97
CA GLY D 722 38.13 14.71 -7.36
C GLY D 722 37.59 13.52 -8.13
N VAL D 723 36.73 12.71 -7.52
CA VAL D 723 36.18 11.53 -8.16
C VAL D 723 35.07 11.95 -9.12
N THR D 724 35.18 11.49 -10.36
CA THR D 724 34.18 11.75 -11.37
C THR D 724 34.26 10.63 -12.41
N VAL D 725 33.23 10.51 -13.23
CA VAL D 725 33.14 9.46 -14.24
C VAL D 725 33.15 10.10 -15.62
N ALA D 726 34.05 9.62 -16.48
CA ALA D 726 34.13 10.05 -17.86
C ALA D 726 34.53 8.86 -18.71
N ILE D 727 34.15 8.89 -19.99
CA ILE D 727 34.40 7.75 -20.86
C ILE D 727 35.89 7.56 -21.15
N SER D 728 36.73 8.53 -20.79
CA SER D 728 38.17 8.34 -20.85
C SER D 728 38.74 7.69 -19.60
N ASP D 729 37.97 7.66 -18.50
CA ASP D 729 38.41 6.95 -17.30
C ASP D 729 38.24 5.44 -17.44
N VAL D 730 37.24 4.99 -18.20
CA VAL D 730 37.03 3.57 -18.45
C VAL D 730 38.07 3.15 -19.48
N VAL D 731 39.18 2.58 -19.02
CA VAL D 731 40.33 2.28 -19.86
C VAL D 731 40.37 0.79 -20.11
N VAL D 732 40.26 0.41 -21.38
CA VAL D 732 40.37 -0.99 -21.78
C VAL D 732 41.85 -1.34 -21.87
N PRO D 733 42.24 -2.60 -21.65
CA PRO D 733 43.66 -2.94 -21.76
C PRO D 733 44.17 -2.76 -23.18
N GLU D 734 45.41 -2.29 -23.30
CA GLU D 734 46.02 -2.18 -24.61
C GLU D 734 46.46 -3.54 -25.15
N ALA D 735 46.76 -4.48 -24.25
CA ALA D 735 47.20 -5.81 -24.65
C ALA D 735 46.05 -6.78 -24.89
N LYS D 736 44.81 -6.35 -24.66
CA LYS D 736 43.68 -7.23 -24.91
C LYS D 736 43.63 -7.66 -26.37
N LYS D 737 43.67 -6.68 -27.29
CA LYS D 737 43.50 -6.96 -28.70
C LYS D 737 44.34 -8.16 -29.14
N ALA D 738 45.65 -8.04 -29.02
CA ALA D 738 46.55 -9.12 -29.45
C ALA D 738 46.11 -10.44 -28.84
N ILE D 739 45.90 -10.46 -27.51
CA ILE D 739 45.48 -11.69 -26.85
C ILE D 739 44.33 -12.33 -27.62
N VAL D 740 43.25 -11.56 -27.79
CA VAL D 740 42.07 -12.12 -28.46
C VAL D 740 42.46 -12.67 -29.83
N LYS D 741 43.17 -11.87 -30.61
CA LYS D 741 43.55 -12.30 -31.95
C LYS D 741 44.24 -13.65 -31.88
N GLY D 742 45.22 -13.78 -30.98
CA GLY D 742 45.92 -15.03 -30.81
C GLY D 742 44.91 -16.15 -30.66
N TYR D 743 44.11 -16.09 -29.61
CA TYR D 743 43.18 -17.18 -29.35
C TYR D 743 42.22 -17.35 -30.51
N GLU D 744 41.86 -16.24 -31.18
CA GLU D 744 40.97 -16.34 -32.32
C GLU D 744 41.52 -17.34 -33.34
N GLU D 745 42.78 -17.19 -33.69
CA GLU D 745 43.40 -18.13 -34.63
C GLU D 745 43.22 -19.56 -34.13
N GLN D 746 43.54 -19.79 -32.87
CA GLN D 746 43.39 -21.13 -32.31
C GLN D 746 41.96 -21.63 -32.50
N ASP D 747 40.98 -20.79 -32.16
CA ASP D 747 39.59 -21.18 -32.34
C ASP D 747 39.35 -21.64 -33.77
N GLU D 748 39.81 -20.84 -34.74
CA GLU D 748 39.58 -21.17 -36.13
C GLU D 748 40.04 -22.60 -36.42
N LYS D 749 41.23 -22.95 -35.93
CA LYS D 749 41.76 -24.29 -36.18
C LYS D 749 40.74 -25.35 -35.79
N VAL D 750 40.20 -25.26 -34.56
CA VAL D 750 39.26 -26.27 -34.11
C VAL D 750 38.08 -26.36 -35.07
N GLN D 751 37.55 -25.21 -35.48
CA GLN D 751 36.41 -25.23 -36.40
C GLN D 751 36.77 -25.98 -37.67
N LYS D 752 37.96 -25.75 -38.20
CA LYS D 752 38.39 -26.46 -39.40
C LYS D 752 38.38 -27.97 -39.16
N GLN D 753 38.87 -28.40 -37.99
CA GLN D 753 38.90 -29.82 -37.69
C GLN D 753 37.50 -30.41 -37.68
N TYR D 754 36.49 -29.60 -37.38
CA TYR D 754 35.12 -30.10 -37.43
C TYR D 754 34.62 -30.21 -38.87
N GLU D 755 35.04 -29.31 -39.74
CA GLU D 755 34.62 -29.40 -41.14
C GLU D 755 35.32 -30.53 -41.87
N ARG D 756 36.41 -31.06 -41.31
CA ARG D 756 37.11 -32.19 -41.88
C ARG D 756 36.65 -33.53 -41.32
N GLY D 757 35.77 -33.52 -40.32
CA GLY D 757 35.19 -34.75 -39.81
C GLY D 757 36.03 -35.53 -38.84
N LEU D 758 37.12 -34.96 -38.31
CA LEU D 758 37.97 -35.67 -37.38
C LEU D 758 37.45 -35.66 -35.95
N ILE D 759 36.48 -34.80 -35.62
CA ILE D 759 35.97 -34.68 -34.25
C ILE D 759 34.45 -34.60 -34.28
N THR D 760 33.86 -34.84 -33.12
CA THR D 760 32.41 -34.78 -32.94
C THR D 760 32.00 -33.44 -32.33
N LYS D 761 30.68 -33.24 -32.25
CA LYS D 761 30.16 -31.94 -31.80
C LYS D 761 30.57 -31.64 -30.36
N GLU D 762 30.48 -32.63 -29.48
CA GLU D 762 30.78 -32.39 -28.07
C GLU D 762 32.23 -31.95 -27.88
N GLU D 763 33.16 -32.61 -28.58
CA GLU D 763 34.57 -32.22 -28.48
C GLU D 763 34.76 -30.78 -28.91
N ARG D 764 34.15 -30.39 -30.02
CA ARG D 764 34.28 -29.02 -30.51
C ARG D 764 33.74 -28.03 -29.48
N THR D 765 32.55 -28.30 -28.95
CA THR D 765 31.95 -27.37 -27.99
C THR D 765 32.82 -27.23 -26.75
N GLN D 766 33.30 -28.35 -26.20
CA GLN D 766 34.10 -28.30 -24.99
C GLN D 766 35.42 -27.58 -25.23
N GLU D 767 36.06 -27.85 -26.38
CA GLU D 767 37.33 -27.19 -26.68
C GLU D 767 37.14 -25.68 -26.81
N LEU D 768 36.09 -25.26 -27.51
CA LEU D 768 35.85 -23.82 -27.64
C LEU D 768 35.58 -23.18 -26.29
N ILE D 769 34.79 -23.86 -25.45
CA ILE D 769 34.49 -23.30 -24.13
C ILE D 769 35.77 -23.13 -23.33
N ALA D 770 36.64 -24.15 -23.34
CA ALA D 770 37.89 -24.06 -22.58
C ALA D 770 38.76 -22.93 -23.11
N ILE D 771 38.90 -22.84 -24.43
CA ILE D 771 39.75 -21.81 -25.03
C ILE D 771 39.27 -20.43 -24.61
N TRP D 772 37.96 -20.20 -24.69
CA TRP D 772 37.46 -18.85 -24.42
C TRP D 772 37.41 -18.55 -22.93
N THR D 773 37.29 -19.57 -22.08
CA THR D 773 37.48 -19.33 -20.64
C THR D 773 38.89 -18.88 -20.35
N LYS D 774 39.88 -19.52 -20.98
CA LYS D 774 41.27 -19.08 -20.80
C LYS D 774 41.45 -17.65 -21.29
N ALA D 775 40.87 -17.32 -22.45
CA ALA D 775 40.99 -15.96 -22.97
C ALA D 775 40.36 -14.95 -22.01
N THR D 776 39.18 -15.28 -21.49
CA THR D 776 38.52 -14.37 -20.56
C THR D 776 39.39 -14.12 -19.33
N ASN D 777 39.94 -15.18 -18.75
CA ASN D 777 40.76 -15.00 -17.56
C ASN D 777 42.00 -14.17 -17.86
N GLU D 778 42.65 -14.42 -19.00
CA GLU D 778 43.85 -13.66 -19.32
C GLU D 778 43.53 -12.18 -19.52
N VAL D 779 42.44 -11.87 -20.22
CA VAL D 779 42.07 -10.47 -20.42
C VAL D 779 41.71 -9.81 -19.10
N ALA D 780 41.06 -10.55 -18.20
CA ALA D 780 40.74 -10.01 -16.89
C ALA D 780 42.02 -9.66 -16.13
N GLU D 781 43.02 -10.53 -16.18
CA GLU D 781 44.28 -10.24 -15.52
C GLU D 781 44.93 -8.99 -16.11
N ALA D 782 44.93 -8.88 -17.44
CA ALA D 782 45.52 -7.70 -18.07
C ALA D 782 44.81 -6.43 -17.63
N MET D 783 43.48 -6.45 -17.61
CA MET D 783 42.73 -5.27 -17.18
C MET D 783 43.07 -4.92 -15.74
N ASN D 784 43.09 -5.93 -14.86
CA ASN D 784 43.40 -5.66 -13.46
C ASN D 784 44.77 -5.01 -13.32
N ALA D 785 45.74 -5.47 -14.12
CA ALA D 785 47.08 -4.88 -14.08
C ALA D 785 47.15 -3.51 -14.74
N ASN D 786 46.16 -3.13 -15.55
CA ASN D 786 46.23 -1.86 -16.26
C ASN D 786 45.69 -0.68 -15.48
N PHE D 787 44.76 -0.89 -14.56
CA PHE D 787 44.12 0.23 -13.87
C PHE D 787 45.11 0.94 -12.96
N PRO D 788 45.30 2.26 -13.09
CA PRO D 788 46.13 2.98 -12.13
C PRO D 788 45.44 3.10 -10.78
N LYS D 789 46.23 3.50 -9.78
CA LYS D 789 45.72 3.61 -8.42
C LYS D 789 44.83 4.83 -8.24
N THR D 790 45.04 5.89 -9.01
CA THR D 790 44.29 7.12 -8.86
C THR D 790 43.07 7.19 -9.77
N ASN D 791 42.76 6.13 -10.50
CA ASN D 791 41.58 6.15 -11.35
C ASN D 791 40.34 6.32 -10.48
N PRO D 792 39.37 7.16 -10.89
CA PRO D 792 38.16 7.30 -10.08
C PRO D 792 37.43 5.97 -9.86
N ILE D 793 37.29 5.16 -10.90
CA ILE D 793 36.55 3.91 -10.78
C ILE D 793 37.31 2.91 -9.90
N PHE D 794 38.62 2.84 -10.09
CA PHE D 794 39.43 1.99 -9.22
C PHE D 794 39.38 2.49 -7.78
N MET D 795 39.23 3.79 -7.57
CA MET D 795 39.07 4.30 -6.22
C MET D 795 37.73 3.87 -5.63
N MET D 796 36.66 3.90 -6.43
CA MET D 796 35.37 3.44 -5.94
C MET D 796 35.43 1.96 -5.55
N VAL D 797 36.07 1.14 -6.39
CA VAL D 797 36.12 -0.29 -6.13
C VAL D 797 37.03 -0.59 -4.94
N ASP D 798 38.19 0.09 -4.87
CA ASP D 798 39.20 -0.25 -3.88
C ASP D 798 38.76 0.14 -2.47
N SER D 799 38.19 1.33 -2.31
CA SER D 799 37.79 1.80 -0.99
C SER D 799 36.59 1.04 -0.43
N GLY D 800 35.93 0.22 -1.23
CA GLY D 800 34.75 -0.48 -0.77
C GLY D 800 33.48 0.35 -0.80
N ALA D 801 33.50 1.51 -1.46
CA ALA D 801 32.31 2.35 -1.50
C ALA D 801 31.17 1.67 -2.23
N ARG D 802 31.43 1.20 -3.45
CA ARG D 802 30.39 0.55 -4.24
C ARG D 802 30.98 -0.17 -5.44
N GLY D 803 30.61 -1.43 -5.64
CA GLY D 803 31.00 -2.20 -6.80
C GLY D 803 32.01 -3.28 -6.46
N ASN D 804 32.22 -4.15 -7.45
CA ASN D 804 33.16 -5.25 -7.33
C ASN D 804 33.91 -5.37 -8.67
N MET D 805 34.64 -6.46 -8.84
CA MET D 805 35.54 -6.60 -9.97
C MET D 805 34.87 -7.22 -11.19
N MET D 806 33.82 -8.03 -11.02
CA MET D 806 33.15 -8.62 -12.18
C MET D 806 32.50 -7.55 -13.04
N GLN D 807 31.83 -6.58 -12.43
CA GLN D 807 31.20 -5.51 -13.19
C GLN D 807 32.25 -4.69 -13.93
N MET D 808 33.36 -4.38 -13.26
CA MET D 808 34.40 -3.58 -13.89
C MET D 808 35.17 -4.38 -14.93
N ARG D 809 35.07 -5.72 -14.91
CA ARG D 809 35.58 -6.53 -16.00
C ARG D 809 34.63 -6.51 -17.19
N GLN D 810 33.33 -6.51 -16.93
CA GLN D 810 32.37 -6.44 -18.02
C GLN D 810 32.41 -5.09 -18.72
N ILE D 811 32.62 -4.01 -17.96
CA ILE D 811 32.62 -2.67 -18.56
C ILE D 811 33.85 -2.45 -19.42
N ALA D 812 35.01 -2.93 -18.97
CA ALA D 812 36.27 -2.73 -19.68
C ALA D 812 37.01 -4.07 -19.73
N GLY D 813 36.72 -4.86 -20.76
CA GLY D 813 37.32 -6.17 -20.90
C GLY D 813 36.53 -7.05 -21.85
N MET D 814 36.23 -8.27 -21.43
CA MET D 814 35.38 -9.19 -22.18
C MET D 814 34.21 -9.61 -21.30
N ARG D 815 32.99 -9.52 -21.85
CA ARG D 815 31.84 -9.96 -21.10
C ARG D 815 31.81 -11.47 -20.90
N GLY D 816 32.49 -12.22 -21.76
CA GLY D 816 32.69 -13.64 -21.54
C GLY D 816 31.69 -14.53 -22.26
N LEU D 817 31.40 -15.68 -21.67
CA LEU D 817 30.45 -16.65 -22.23
C LEU D 817 29.09 -16.47 -21.58
N VAL D 818 28.04 -16.74 -22.34
CA VAL D 818 26.67 -16.50 -21.91
C VAL D 818 25.85 -17.78 -22.11
N SER D 819 24.80 -17.92 -21.32
CA SER D 819 23.94 -19.10 -21.36
C SER D 819 22.86 -18.95 -22.41
N ASN D 820 22.28 -20.09 -22.80
CA ASN D 820 21.23 -20.15 -23.80
C ASN D 820 19.87 -20.02 -23.14
N ALA D 821 18.80 -20.13 -23.93
CA ALA D 821 17.46 -20.14 -23.37
C ALA D 821 17.28 -21.32 -22.44
N LYS D 822 17.73 -22.50 -22.87
CA LYS D 822 17.97 -23.60 -21.96
C LYS D 822 19.34 -23.39 -21.31
N ASN D 823 19.45 -23.73 -20.04
CA ASN D 823 20.66 -23.36 -19.31
C ASN D 823 21.84 -24.18 -19.82
N GLU D 824 22.56 -23.62 -20.80
CA GLU D 824 23.73 -24.27 -21.37
C GLU D 824 24.56 -23.23 -22.09
N THR D 825 25.87 -23.29 -21.89
CA THR D 825 26.77 -22.26 -22.40
C THR D 825 26.81 -22.26 -23.92
N ILE D 826 26.85 -21.07 -24.50
CA ILE D 826 27.00 -20.90 -25.94
C ILE D 826 28.49 -20.80 -26.24
N PRO D 827 29.04 -21.67 -27.11
CA PRO D 827 30.50 -21.64 -27.33
C PRO D 827 31.02 -20.30 -27.83
N ARG D 828 30.26 -19.60 -28.65
CA ARG D 828 30.72 -18.31 -29.19
C ARG D 828 30.56 -17.23 -28.14
N PRO D 829 31.64 -16.52 -27.76
CA PRO D 829 31.53 -15.57 -26.64
C PRO D 829 31.17 -14.16 -27.07
N ILE D 830 31.04 -13.28 -26.08
CA ILE D 830 30.87 -11.85 -26.31
C ILE D 830 32.23 -11.21 -26.08
N LYS D 831 32.88 -10.77 -27.16
CA LYS D 831 34.23 -10.26 -27.11
C LYS D 831 34.30 -8.74 -27.06
N ALA D 832 33.18 -8.06 -26.81
CA ALA D 832 33.13 -6.61 -26.78
C ALA D 832 32.53 -6.16 -25.46
N SER D 833 33.19 -5.23 -24.79
CA SER D 833 32.70 -4.69 -23.54
C SER D 833 31.68 -3.59 -23.80
N PHE D 834 31.03 -3.14 -22.72
CA PHE D 834 30.05 -2.07 -22.85
C PHE D 834 30.68 -0.74 -23.24
N ARG D 835 32.00 -0.61 -23.09
CA ARG D 835 32.67 0.61 -23.55
C ARG D 835 32.80 0.63 -25.06
N GLU D 836 33.08 -0.52 -25.67
CA GLU D 836 33.18 -0.62 -27.11
C GLU D 836 31.83 -0.83 -27.78
N GLY D 837 30.85 -1.35 -27.06
CA GLY D 837 29.52 -1.56 -27.61
C GLY D 837 29.35 -2.92 -28.22
N LEU D 838 28.23 -3.58 -27.93
CA LEU D 838 27.94 -4.90 -28.46
C LEU D 838 27.24 -4.78 -29.82
N THR D 839 27.34 -5.84 -30.61
CA THR D 839 26.62 -5.93 -31.87
C THR D 839 25.18 -6.37 -31.57
N VAL D 840 24.42 -6.66 -32.62
CA VAL D 840 23.01 -7.02 -32.43
C VAL D 840 22.88 -8.40 -31.83
N LEU D 841 23.60 -9.37 -32.39
CA LEU D 841 23.47 -10.75 -31.93
C LEU D 841 23.94 -10.90 -30.50
N GLU D 842 25.03 -10.22 -30.14
CA GLU D 842 25.53 -10.30 -28.76
C GLU D 842 24.49 -9.76 -27.77
N TYR D 843 23.86 -8.64 -28.11
CA TYR D 843 22.87 -8.06 -27.22
C TYR D 843 21.68 -9.01 -27.08
N PHE D 844 21.24 -9.60 -28.19
CA PHE D 844 20.15 -10.57 -28.13
C PHE D 844 20.53 -11.76 -27.26
N ILE D 845 21.79 -12.19 -27.33
CA ILE D 845 22.22 -13.33 -26.54
C ILE D 845 22.23 -12.98 -25.05
N SER D 846 22.58 -11.75 -24.70
CA SER D 846 22.63 -11.37 -23.28
C SER D 846 21.23 -11.20 -22.69
N THR D 847 20.25 -10.82 -23.52
CA THR D 847 18.90 -10.64 -22.99
C THR D 847 18.37 -11.91 -22.31
N HIS D 848 18.81 -13.09 -22.75
CA HIS D 848 18.37 -14.33 -22.14
C HIS D 848 18.65 -14.34 -20.65
N GLY D 849 19.93 -14.25 -20.29
CA GLY D 849 20.31 -14.24 -18.88
C GLY D 849 19.69 -13.08 -18.13
N ALA D 850 19.58 -11.92 -18.77
CA ALA D 850 18.95 -10.79 -18.10
C ALA D 850 17.53 -11.15 -17.63
N ARG D 851 16.71 -11.67 -18.54
CA ARG D 851 15.33 -11.99 -18.18
C ARG D 851 15.27 -13.11 -17.16
N LYS D 852 16.14 -14.11 -17.29
CA LYS D 852 16.13 -15.20 -16.31
C LYS D 852 16.41 -14.69 -14.91
N GLY D 853 17.40 -13.80 -14.77
CA GLY D 853 17.69 -13.23 -13.47
C GLY D 853 16.51 -12.44 -12.91
N LEU D 854 15.87 -11.64 -13.76
CA LEU D 854 14.73 -10.85 -13.28
C LEU D 854 13.62 -11.76 -12.77
N ALA D 855 13.30 -12.82 -13.50
CA ALA D 855 12.24 -13.72 -13.07
C ALA D 855 12.62 -14.42 -11.75
N ASP D 856 13.88 -14.84 -11.64
CA ASP D 856 14.34 -15.47 -10.40
C ASP D 856 14.11 -14.55 -9.21
N THR D 857 14.49 -13.29 -9.34
CA THR D 857 14.24 -12.33 -8.26
C THR D 857 12.76 -12.23 -7.94
N ALA D 858 11.93 -12.15 -8.99
CA ALA D 858 10.50 -11.97 -8.79
C ALA D 858 9.91 -13.10 -7.95
N LEU D 859 10.32 -14.35 -8.19
CA LEU D 859 9.75 -15.45 -7.41
C LEU D 859 10.41 -15.60 -6.04
N ARG D 860 11.71 -15.29 -5.94
CA ARG D 860 12.37 -15.32 -4.63
C ARG D 860 11.64 -14.41 -3.65
N THR D 861 11.16 -13.27 -4.13
CA THR D 861 10.51 -12.31 -3.25
C THR D 861 9.42 -12.97 -2.41
N ALA D 862 8.64 -13.87 -3.00
CA ALA D 862 7.54 -14.52 -2.29
C ALA D 862 7.97 -15.80 -1.57
N ASP D 863 8.89 -16.56 -2.17
CA ASP D 863 9.35 -17.78 -1.52
C ASP D 863 9.98 -17.48 -0.16
N SER D 864 10.81 -16.44 -0.11
CA SER D 864 11.46 -16.09 1.16
C SER D 864 10.44 -15.71 2.21
N GLY D 865 9.41 -14.95 1.83
CA GLY D 865 8.39 -14.56 2.79
C GLY D 865 7.63 -15.74 3.35
N TYR D 866 7.28 -16.70 2.49
CA TYR D 866 6.60 -17.89 2.97
C TYR D 866 7.47 -18.65 3.98
N LEU D 867 8.75 -18.81 3.66
CA LEU D 867 9.65 -19.50 4.58
C LEU D 867 9.73 -18.77 5.91
N THR D 868 9.82 -17.44 5.88
CA THR D 868 9.93 -16.69 7.13
C THR D 868 8.67 -16.81 7.96
N ARG D 869 7.49 -16.83 7.31
CA ARG D 869 6.25 -17.02 8.05
C ARG D 869 6.26 -18.34 8.79
N ARG D 870 6.63 -19.43 8.10
CA ARG D 870 6.67 -20.73 8.75
C ARG D 870 7.67 -20.73 9.91
N LEU D 871 8.85 -20.16 9.69
CA LEU D 871 9.88 -20.15 10.74
C LEU D 871 9.43 -19.37 11.95
N VAL D 872 8.76 -18.24 11.74
CA VAL D 872 8.28 -17.45 12.87
C VAL D 872 7.22 -18.21 13.64
N ASP D 873 6.36 -18.95 12.93
CA ASP D 873 5.29 -19.63 13.64
C ASP D 873 5.81 -20.80 14.45
N VAL D 874 6.76 -21.58 13.92
CA VAL D 874 7.19 -22.77 14.66
C VAL D 874 7.84 -22.39 15.98
N SER D 875 8.54 -21.26 16.03
CA SER D 875 9.40 -20.90 17.16
C SER D 875 9.02 -19.53 17.69
N GLN D 876 7.73 -19.32 17.96
CA GLN D 876 7.28 -18.05 18.54
C GLN D 876 7.30 -18.06 20.06
N ASP D 877 7.00 -19.20 20.68
CA ASP D 877 6.84 -19.29 22.13
C ASP D 877 8.14 -19.57 22.86
N VAL D 878 9.29 -19.30 22.24
CA VAL D 878 10.59 -19.47 22.87
C VAL D 878 11.02 -18.11 23.41
N ILE D 879 10.94 -17.93 24.72
CA ILE D 879 11.37 -16.70 25.38
C ILE D 879 12.21 -17.08 26.59
N ILE D 880 13.07 -16.14 27.00
CA ILE D 880 13.89 -16.35 28.19
C ILE D 880 13.02 -16.21 29.42
N ARG D 881 13.22 -17.12 30.39
CA ARG D 881 12.41 -17.09 31.60
C ARG D 881 13.22 -17.39 32.87
N GLU D 882 14.55 -17.33 32.81
CA GLU D 882 15.36 -17.62 33.98
C GLU D 882 16.67 -16.85 33.88
N GLU D 883 17.42 -16.88 34.98
CA GLU D 883 18.78 -16.36 35.01
C GLU D 883 19.83 -17.43 34.89
N ASP D 884 19.58 -18.63 35.44
CA ASP D 884 20.53 -19.73 35.38
C ASP D 884 19.87 -21.02 35.83
N CYS D 885 20.00 -22.08 35.04
CA CYS D 885 19.42 -23.37 35.39
C CYS D 885 20.39 -24.27 36.14
N GLY D 886 21.64 -23.87 36.31
CA GLY D 886 22.61 -24.65 37.05
C GLY D 886 23.15 -25.85 36.32
N THR D 887 22.83 -26.00 35.04
CA THR D 887 23.26 -27.18 34.30
C THR D 887 24.78 -27.19 34.11
N GLU D 888 25.33 -28.40 34.02
CA GLU D 888 26.74 -28.61 33.76
C GLU D 888 27.00 -29.24 32.39
N ARG D 889 25.97 -29.46 31.60
CA ARG D 889 26.10 -30.08 30.29
C ARG D 889 26.35 -29.02 29.22
N GLY D 890 27.02 -29.43 28.15
CA GLY D 890 27.37 -28.48 27.10
C GLY D 890 27.84 -29.20 25.85
N LEU D 891 28.03 -28.40 24.80
CA LEU D 891 28.51 -28.89 23.53
C LEU D 891 30.02 -28.77 23.45
N LYS D 892 30.67 -29.78 22.87
CA LYS D 892 32.10 -29.76 22.63
C LYS D 892 32.35 -29.10 21.28
N LEU D 893 32.79 -27.84 21.31
CA LEU D 893 33.05 -27.07 20.10
C LEU D 893 34.55 -26.95 19.89
N ARG D 894 34.98 -27.12 18.65
CA ARG D 894 36.39 -27.12 18.30
C ARG D 894 36.87 -25.72 17.93
N ILE D 895 38.08 -25.38 18.38
CA ILE D 895 38.76 -24.16 17.95
C ILE D 895 40.21 -24.52 17.68
N ALA D 896 40.89 -23.66 16.93
CA ALA D 896 42.32 -23.78 16.67
C ALA D 896 42.65 -25.13 16.02
N GLU D 897 42.13 -25.30 14.80
CA GLU D 897 42.45 -26.48 14.01
C GLU D 897 43.96 -26.55 13.78
N ARG D 898 44.52 -27.74 13.93
CA ARG D 898 45.96 -27.93 13.78
C ARG D 898 46.35 -27.71 12.32
N GLY D 899 47.38 -26.89 12.10
CA GLY D 899 47.86 -26.63 10.76
C GLY D 899 48.92 -27.64 10.32
N ALA D 900 49.27 -27.55 9.04
CA ALA D 900 50.31 -28.42 8.50
C ALA D 900 51.70 -28.04 8.99
N ASP D 901 51.86 -26.84 9.54
CA ASP D 901 53.14 -26.38 10.06
C ASP D 901 53.37 -26.76 11.52
N GLY D 902 52.39 -27.39 12.16
CA GLY D 902 52.51 -27.77 13.55
C GLY D 902 52.20 -26.68 14.54
N VAL D 903 51.77 -25.50 14.08
CA VAL D 903 51.45 -24.37 14.95
C VAL D 903 49.95 -24.15 14.92
N LEU D 904 49.34 -24.11 16.10
CA LEU D 904 47.90 -23.93 16.19
C LEU D 904 47.50 -22.58 15.62
N ARG D 905 46.47 -22.58 14.78
CA ARG D 905 45.93 -21.38 14.16
C ARG D 905 44.43 -21.35 14.37
N LYS D 906 43.91 -20.20 14.79
CA LYS D 906 42.49 -20.08 15.08
C LYS D 906 41.65 -20.46 13.86
N THR D 907 40.59 -21.22 14.11
CA THR D 907 39.74 -21.70 13.03
C THR D 907 39.03 -20.53 12.35
N ASP D 908 38.70 -20.73 11.07
CA ASP D 908 38.10 -19.66 10.29
C ASP D 908 36.71 -19.29 10.80
N ASP D 909 35.87 -20.29 11.02
CA ASP D 909 34.48 -20.05 11.44
C ASP D 909 34.38 -20.14 12.96
N VAL D 910 34.87 -19.08 13.61
CA VAL D 910 34.75 -18.95 15.05
C VAL D 910 33.89 -17.75 15.44
N GLU D 911 33.79 -16.73 14.59
CA GLU D 911 32.95 -15.58 14.91
C GLU D 911 31.47 -15.93 14.96
N THR D 912 31.07 -17.03 14.32
CA THR D 912 29.68 -17.46 14.29
C THR D 912 29.50 -18.87 14.85
N SER D 913 30.45 -19.35 15.64
CA SER D 913 30.35 -20.66 16.26
C SER D 913 30.63 -20.65 17.76
N VAL D 914 31.58 -19.84 18.22
CA VAL D 914 31.97 -19.84 19.62
C VAL D 914 31.92 -18.45 20.25
N TYR D 915 32.00 -17.36 19.50
CA TYR D 915 31.85 -16.05 20.09
C TYR D 915 30.44 -15.86 20.63
N ALA D 916 30.33 -15.07 21.69
CA ALA D 916 29.04 -14.80 22.34
C ALA D 916 28.42 -16.10 22.85
N ARG D 917 29.16 -16.77 23.73
CA ARG D 917 28.76 -18.08 24.23
C ARG D 917 29.56 -18.43 25.47
N MET D 918 28.89 -18.85 26.54
CA MET D 918 29.56 -19.07 27.81
C MET D 918 30.19 -20.46 27.86
N LEU D 919 31.03 -20.66 28.87
CA LEU D 919 31.72 -21.93 29.09
C LEU D 919 31.02 -22.71 30.19
N ALA D 920 30.66 -23.96 29.89
CA ALA D 920 29.96 -24.78 30.87
C ALA D 920 30.88 -25.16 32.03
N GLU D 921 32.11 -25.56 31.73
CA GLU D 921 33.06 -26.03 32.73
C GLU D 921 34.37 -25.28 32.57
N ASP D 922 35.04 -25.05 33.69
CA ASP D 922 36.29 -24.30 33.69
C ASP D 922 37.38 -25.05 32.94
N VAL D 923 38.27 -24.30 32.30
CA VAL D 923 39.39 -24.84 31.55
C VAL D 923 40.64 -24.75 32.42
N VAL D 924 41.33 -25.87 32.59
CA VAL D 924 42.51 -25.94 33.44
C VAL D 924 43.68 -26.44 32.60
N VAL D 925 44.76 -25.67 32.56
CA VAL D 925 45.98 -26.04 31.88
C VAL D 925 47.16 -25.62 32.76
N ASP D 926 48.12 -26.53 32.93
CA ASP D 926 49.30 -26.27 33.76
C ASP D 926 48.90 -25.90 35.18
N GLY D 927 47.85 -26.52 35.68
CA GLY D 927 47.40 -26.27 37.04
C GLY D 927 47.00 -24.84 37.29
N LYS D 928 46.34 -24.20 36.32
CA LYS D 928 45.88 -22.83 36.44
C LYS D 928 44.43 -22.77 35.96
N VAL D 929 43.90 -21.54 35.89
CA VAL D 929 42.57 -21.30 35.33
C VAL D 929 42.73 -20.37 34.14
N ILE D 930 42.83 -20.96 32.95
CA ILE D 930 43.02 -20.14 31.74
C ILE D 930 41.78 -19.28 31.49
N ALA D 931 40.59 -19.85 31.67
CA ALA D 931 39.35 -19.12 31.49
C ALA D 931 38.33 -19.58 32.52
N PRO D 932 37.88 -18.72 33.43
CA PRO D 932 36.88 -19.14 34.42
C PRO D 932 35.53 -19.42 33.77
N ALA D 933 34.74 -20.24 34.45
CA ALA D 933 33.44 -20.62 33.94
C ALA D 933 32.49 -19.43 33.92
N ASN D 934 31.51 -19.49 33.02
CA ASN D 934 30.49 -18.45 32.87
C ASN D 934 31.12 -17.09 32.59
N VAL D 935 31.75 -16.99 31.42
CA VAL D 935 32.30 -15.75 30.92
C VAL D 935 31.87 -15.57 29.47
N ASP D 936 31.91 -14.32 29.00
CA ASP D 936 31.36 -14.01 27.68
C ASP D 936 32.10 -14.73 26.56
N LEU D 937 33.36 -15.10 26.78
CA LEU D 937 34.15 -15.82 25.78
C LEU D 937 34.31 -14.99 24.51
N GLY D 938 34.96 -13.84 24.66
CA GLY D 938 35.24 -12.97 23.55
C GLY D 938 36.48 -13.39 22.79
N ASP D 939 37.04 -12.44 22.03
CA ASP D 939 38.22 -12.74 21.22
C ASP D 939 39.48 -12.86 22.08
N VAL D 940 39.56 -12.08 23.16
CA VAL D 940 40.74 -12.13 24.02
C VAL D 940 40.87 -13.51 24.66
N LEU D 941 39.76 -14.05 25.18
CA LEU D 941 39.80 -15.36 25.81
C LEU D 941 40.16 -16.44 24.79
N ILE D 942 39.61 -16.35 23.58
CA ILE D 942 39.93 -17.33 22.55
C ILE D 942 41.42 -17.26 22.19
N ASP D 943 41.96 -16.06 22.06
CA ASP D 943 43.39 -15.92 21.75
C ASP D 943 44.23 -16.52 22.87
N ALA D 944 43.87 -16.27 24.12
CA ALA D 944 44.62 -16.83 25.23
C ALA D 944 44.55 -18.35 25.22
N LEU D 945 43.36 -18.90 24.96
CA LEU D 945 43.22 -20.36 24.91
C LEU D 945 44.06 -20.96 23.80
N VAL D 946 44.05 -20.34 22.62
CA VAL D 946 44.84 -20.85 21.51
C VAL D 946 46.32 -20.79 21.84
N GLY D 947 46.76 -19.70 22.47
CA GLY D 947 48.15 -19.61 22.88
C GLY D 947 48.52 -20.69 23.88
N ALA D 948 47.64 -20.95 24.84
CA ALA D 948 47.92 -21.98 25.85
C ALA D 948 47.95 -23.39 25.25
N GLY D 949 47.42 -23.58 24.05
CA GLY D 949 47.43 -24.88 23.42
C GLY D 949 46.18 -25.70 23.71
N VAL D 950 45.01 -25.12 23.45
CA VAL D 950 43.73 -25.78 23.68
C VAL D 950 42.98 -25.83 22.35
N GLU D 951 42.22 -26.90 22.16
CA GLU D 951 41.50 -27.13 20.92
C GLU D 951 39.99 -27.17 21.07
N GLU D 952 39.47 -27.94 22.04
CA GLU D 952 38.04 -28.12 22.22
C GLU D 952 37.61 -27.49 23.54
N VAL D 953 36.43 -26.87 23.52
CA VAL D 953 35.87 -26.21 24.71
C VAL D 953 34.42 -26.67 24.87
N LYS D 954 34.01 -26.84 26.12
CA LYS D 954 32.67 -27.31 26.45
C LYS D 954 31.81 -26.09 26.77
N THR D 955 31.12 -25.58 25.76
CA THR D 955 30.30 -24.39 25.91
C THR D 955 28.86 -24.77 26.25
N ARG D 956 28.05 -23.75 26.56
CA ARG D 956 26.65 -23.94 26.91
C ARG D 956 25.77 -23.50 25.76
N SER D 957 24.75 -24.31 25.45
CA SER D 957 23.85 -24.02 24.35
C SER D 957 22.42 -24.38 24.76
N VAL D 958 21.46 -23.82 24.02
CA VAL D 958 20.05 -24.07 24.31
C VAL D 958 19.71 -25.55 24.13
N LEU D 959 20.46 -26.25 23.27
CA LEU D 959 20.17 -27.65 23.01
C LEU D 959 20.33 -28.53 24.24
N THR D 960 21.03 -28.05 25.27
CA THR D 960 21.32 -28.82 26.48
C THR D 960 20.94 -28.02 27.71
N CYS D 961 19.74 -27.45 27.71
CA CYS D 961 19.24 -26.64 28.83
C CYS D 961 18.24 -27.44 29.63
N GLU D 962 18.44 -27.49 30.94
CA GLU D 962 17.58 -28.23 31.85
C GLU D 962 16.54 -27.35 32.53
N SER D 963 16.39 -26.10 32.07
CA SER D 963 15.44 -25.19 32.69
C SER D 963 14.03 -25.78 32.63
N ALA D 964 13.33 -25.76 33.77
CA ALA D 964 11.98 -26.29 33.81
C ALA D 964 11.00 -25.41 33.04
N VAL D 965 11.32 -24.13 32.88
CA VAL D 965 10.47 -23.18 32.18
C VAL D 965 11.28 -22.60 31.03
N GLY D 966 10.89 -22.94 29.80
CA GLY D 966 11.54 -22.34 28.64
C GLY D 966 13.04 -22.58 28.65
N THR D 967 13.79 -21.50 28.43
CA THR D 967 15.24 -21.50 28.47
C THR D 967 15.71 -20.53 29.55
N CYS D 968 17.01 -20.31 29.63
CA CYS D 968 17.61 -19.39 30.58
C CYS D 968 18.66 -18.55 29.88
N ALA D 969 18.93 -17.38 30.46
CA ALA D 969 19.80 -16.41 29.81
C ALA D 969 21.22 -16.94 29.66
N PHE D 970 21.71 -17.67 30.67
CA PHE D 970 23.10 -18.11 30.65
C PHE D 970 23.36 -19.09 29.51
N CYS D 971 22.44 -20.02 29.27
CA CYS D 971 22.65 -20.98 28.19
C CYS D 971 22.53 -20.33 26.82
N TYR D 972 21.59 -19.39 26.66
CA TYR D 972 21.50 -18.66 25.39
C TYR D 972 22.79 -17.92 25.12
N GLY D 973 23.27 -17.16 26.10
CA GLY D 973 24.52 -16.44 25.97
C GLY D 973 24.32 -14.95 25.81
N ARG D 974 25.28 -14.29 25.17
CA ARG D 974 25.18 -12.86 24.93
C ARG D 974 24.15 -12.56 23.85
N SER D 975 23.58 -11.37 23.93
CA SER D 975 22.63 -10.88 22.92
C SER D 975 23.43 -10.10 21.87
N LEU D 976 23.44 -10.60 20.65
CA LEU D 976 24.28 -10.00 19.60
C LEU D 976 23.82 -8.60 19.23
N ALA D 977 22.57 -8.25 19.49
CA ALA D 977 22.05 -6.94 19.12
C ALA D 977 22.44 -5.85 20.10
N THR D 978 22.91 -6.19 21.30
CA THR D 978 23.27 -5.19 22.30
C THR D 978 24.56 -5.50 23.03
N GLY D 979 25.24 -6.59 22.73
CA GLY D 979 26.52 -6.89 23.35
C GLY D 979 26.46 -7.03 24.86
N LYS D 980 25.37 -7.59 25.38
CA LYS D 980 25.25 -7.84 26.81
C LYS D 980 24.42 -9.10 27.01
N LEU D 981 24.49 -9.65 28.22
CA LEU D 981 23.74 -10.86 28.52
C LEU D 981 22.24 -10.64 28.27
N VAL D 982 21.62 -11.62 27.64
CA VAL D 982 20.21 -11.49 27.27
C VAL D 982 19.37 -11.34 28.52
N ASP D 983 18.34 -10.50 28.43
CA ASP D 983 17.49 -10.20 29.57
C ASP D 983 16.48 -11.33 29.80
N ILE D 984 15.81 -11.26 30.97
CA ILE D 984 14.89 -12.33 31.37
C ILE D 984 13.55 -12.26 30.66
N GLY D 985 13.28 -11.19 29.91
CA GLY D 985 12.06 -11.09 29.13
C GLY D 985 12.24 -11.13 27.63
N GLU D 986 13.44 -11.40 27.14
CA GLU D 986 13.71 -11.32 25.71
C GLU D 986 12.91 -12.38 24.95
N ALA D 987 12.59 -12.04 23.70
CA ALA D 987 11.89 -12.95 22.78
C ALA D 987 12.91 -13.42 21.74
N VAL D 988 13.52 -14.57 22.00
CA VAL D 988 14.62 -15.03 21.15
C VAL D 988 14.12 -15.79 19.93
N GLY D 989 12.95 -16.43 20.01
CA GLY D 989 12.47 -17.20 18.87
C GLY D 989 12.16 -16.34 17.66
N ILE D 990 11.48 -15.21 17.88
CA ILE D 990 11.13 -14.34 16.76
C ILE D 990 12.40 -13.73 16.17
N ILE D 991 13.36 -13.36 17.01
CA ILE D 991 14.61 -12.81 16.50
C ILE D 991 15.33 -13.85 15.65
N ALA D 992 15.38 -15.10 16.11
CA ALA D 992 16.03 -16.15 15.34
C ALA D 992 15.33 -16.34 13.99
N ALA D 993 14.00 -16.38 14.00
CA ALA D 993 13.26 -16.58 12.76
C ALA D 993 13.51 -15.44 11.79
N GLN D 994 13.46 -14.19 12.28
CA GLN D 994 13.69 -13.05 11.40
C GLN D 994 15.10 -13.05 10.85
N SER D 995 16.10 -13.36 11.69
CA SER D 995 17.49 -13.35 11.24
C SER D 995 17.73 -14.44 10.19
N ILE D 996 17.13 -15.61 10.37
CA ILE D 996 17.31 -16.67 9.38
C ILE D 996 16.60 -16.31 8.08
N GLY D 997 15.41 -15.71 8.17
CA GLY D 997 14.62 -15.48 6.98
C GLY D 997 14.98 -14.24 6.19
N GLU D 998 15.59 -13.24 6.82
CA GLU D 998 15.89 -12.01 6.10
C GLU D 998 16.82 -12.21 4.92
N PRO D 999 17.95 -12.92 5.04
CA PRO D 999 18.87 -13.06 3.91
C PRO D 999 18.40 -14.02 2.82
N GLY D 1000 17.15 -14.50 2.88
CA GLY D 1000 16.67 -15.43 1.88
C GLY D 1000 16.41 -14.81 0.53
N THR D 1001 16.39 -13.48 0.45
CA THR D 1001 16.19 -12.79 -0.81
C THR D 1001 17.51 -12.54 -1.56
N GLN D 1002 18.64 -13.01 -1.03
CA GLN D 1002 19.92 -12.91 -1.71
C GLN D 1002 20.43 -14.26 -2.21
N LEU D 1003 19.87 -15.36 -1.74
CA LEU D 1003 20.30 -16.68 -2.17
C LEU D 1003 19.72 -16.97 -3.55
N THR D 1004 20.60 -17.26 -4.51
CA THR D 1004 20.14 -17.58 -5.86
C THR D 1004 19.19 -18.76 -5.82
N MET D 1005 18.05 -18.62 -6.48
CA MET D 1005 17.01 -19.64 -6.46
C MET D 1005 17.40 -20.83 -7.32
N ASP D 1017 20.80 -31.98 -10.32
CA ASP D 1017 20.22 -33.03 -9.51
C ASP D 1017 19.87 -32.50 -8.12
N ILE D 1018 20.87 -32.01 -7.40
CA ILE D 1018 20.69 -31.57 -6.03
C ILE D 1018 20.19 -30.13 -6.01
N THR D 1019 19.27 -29.85 -5.09
CA THR D 1019 18.87 -28.47 -4.84
C THR D 1019 20.05 -27.69 -4.26
N GLN D 1020 20.12 -26.40 -4.61
CA GLN D 1020 21.29 -25.60 -4.31
C GLN D 1020 21.01 -24.24 -3.67
N GLY D 1021 19.81 -23.70 -3.78
CA GLY D 1021 19.54 -22.37 -3.29
C GLY D 1021 18.55 -22.33 -2.14
N LEU D 1022 17.59 -21.41 -2.22
CA LEU D 1022 16.53 -21.37 -1.20
C LEU D 1022 15.77 -22.69 -1.10
N PRO D 1023 15.47 -23.40 -2.19
CA PRO D 1023 14.83 -24.71 -2.02
C PRO D 1023 15.64 -25.66 -1.17
N ARG D 1024 16.97 -25.57 -1.19
CA ARG D 1024 17.78 -26.42 -0.31
C ARG D 1024 17.49 -26.12 1.15
N VAL D 1025 17.41 -24.84 1.52
CA VAL D 1025 17.10 -24.48 2.90
C VAL D 1025 15.69 -24.93 3.26
N VAL D 1026 14.73 -24.73 2.35
CA VAL D 1026 13.36 -25.13 2.63
C VAL D 1026 13.28 -26.64 2.84
N GLU D 1027 14.06 -27.40 2.06
CA GLU D 1027 14.09 -28.85 2.23
C GLU D 1027 14.74 -29.23 3.55
N LEU D 1028 15.81 -28.53 3.93
CA LEU D 1028 16.49 -28.85 5.19
C LEU D 1028 15.59 -28.60 6.39
N PHE D 1029 14.87 -27.47 6.39
CA PHE D 1029 14.04 -27.13 7.53
C PHE D 1029 12.72 -27.90 7.57
N GLU D 1030 12.27 -28.44 6.45
CA GLU D 1030 11.06 -29.24 6.41
C GLU D 1030 11.32 -30.72 6.67
N ALA D 1031 12.58 -31.12 6.85
CA ALA D 1031 12.94 -32.51 7.10
C ALA D 1031 12.43 -33.42 5.99
N ARG D 1032 12.47 -32.92 4.76
CA ARG D 1032 12.04 -33.70 3.60
C ARG D 1032 13.15 -34.63 3.15
N GLN D 1033 12.76 -35.62 2.36
CA GLN D 1033 13.73 -36.54 1.77
C GLN D 1033 14.47 -35.81 0.64
N PRO D 1034 15.80 -35.76 0.66
CA PRO D 1034 16.51 -35.02 -0.39
C PRO D 1034 16.23 -35.60 -1.76
N LYS D 1035 16.67 -34.86 -2.80
CA LYS D 1035 16.50 -35.32 -4.16
C LYS D 1035 17.55 -36.37 -4.52
N GLY D 1036 18.82 -36.01 -4.46
CA GLY D 1036 19.90 -36.95 -4.68
C GLY D 1036 20.24 -37.71 -3.43
N VAL D 1037 19.40 -38.67 -3.04
CA VAL D 1037 19.59 -39.39 -1.80
C VAL D 1037 20.76 -40.35 -1.94
N ALA D 1038 21.64 -40.36 -0.95
CA ALA D 1038 22.79 -41.26 -0.92
C ALA D 1038 22.69 -42.18 0.29
N PRO D 1039 22.39 -43.47 0.11
CA PRO D 1039 22.25 -44.35 1.28
C PRO D 1039 23.54 -44.41 2.09
N ILE D 1040 23.40 -44.52 3.40
CA ILE D 1040 24.52 -44.64 4.32
C ILE D 1040 24.44 -46.00 4.98
N SER D 1041 25.61 -46.59 5.25
CA SER D 1041 25.66 -47.92 5.83
C SER D 1041 25.04 -47.94 7.22
N GLU D 1042 24.46 -49.08 7.59
CA GLU D 1042 23.82 -49.25 8.88
C GLU D 1042 24.70 -50.00 9.88
N ALA D 1043 25.64 -50.80 9.40
CA ALA D 1043 26.56 -51.53 10.28
C ALA D 1043 27.88 -51.70 9.56
N ALA D 1044 28.97 -51.60 10.33
CA ALA D 1044 30.30 -51.75 9.74
C ALA D 1044 30.58 -53.20 9.40
N GLY D 1045 31.31 -53.41 8.32
CA GLY D 1045 31.64 -54.76 7.90
C GLY D 1045 32.13 -54.77 6.46
N ARG D 1046 31.84 -55.87 5.77
CA ARG D 1046 32.25 -56.06 4.39
C ARG D 1046 31.12 -55.68 3.45
N VAL D 1047 31.49 -55.27 2.24
CA VAL D 1047 30.55 -54.78 1.24
C VAL D 1047 30.78 -55.49 -0.08
N ARG D 1048 29.69 -55.84 -0.77
CA ARG D 1048 29.77 -56.47 -2.08
C ARG D 1048 28.69 -55.87 -2.97
N ILE D 1049 28.90 -55.98 -4.28
CA ILE D 1049 28.03 -55.39 -5.28
C ILE D 1049 27.36 -56.52 -6.06
N GLU D 1050 26.04 -56.45 -6.19
CA GLU D 1050 25.26 -57.41 -6.96
C GLU D 1050 24.62 -56.66 -8.12
N GLU D 1051 25.12 -56.89 -9.34
CA GLU D 1051 24.60 -56.25 -10.53
C GLU D 1051 23.41 -57.07 -11.04
N THR D 1052 22.34 -56.37 -11.39
CA THR D 1052 21.11 -57.01 -11.85
C THR D 1052 20.61 -56.29 -13.09
N GLU D 1053 19.82 -57.01 -13.89
CA GLU D 1053 19.22 -56.40 -15.08
C GLU D 1053 18.29 -55.28 -14.65
N LYS D 1054 18.62 -54.05 -15.05
CA LYS D 1054 17.84 -52.85 -14.77
C LYS D 1054 17.83 -52.47 -13.29
N THR D 1055 18.85 -52.87 -12.53
CA THR D 1055 18.93 -52.52 -11.12
C THR D 1055 20.28 -52.96 -10.58
N LYS D 1056 20.77 -52.24 -9.58
CA LYS D 1056 22.00 -52.60 -8.89
C LYS D 1056 21.72 -52.68 -7.39
N LYS D 1057 22.50 -53.50 -6.68
CA LYS D 1057 22.32 -53.67 -5.26
C LYS D 1057 23.66 -53.69 -4.57
N ILE D 1058 23.69 -53.20 -3.33
CA ILE D 1058 24.87 -53.29 -2.46
C ILE D 1058 24.47 -54.10 -1.24
N VAL D 1059 25.23 -55.16 -0.97
CA VAL D 1059 24.97 -56.05 0.16
C VAL D 1059 26.09 -55.86 1.16
N VAL D 1060 25.72 -55.54 2.40
CA VAL D 1060 26.67 -55.29 3.48
C VAL D 1060 26.51 -56.40 4.51
N THR D 1061 27.62 -57.08 4.81
CA THR D 1061 27.67 -58.12 5.82
C THR D 1061 28.37 -57.57 7.05
N PRO D 1062 27.69 -57.43 8.19
CA PRO D 1062 28.38 -56.93 9.39
C PRO D 1062 29.32 -57.96 9.96
N ASP D 1063 30.35 -57.48 10.67
CA ASP D 1063 31.27 -58.36 11.36
C ASP D 1063 30.60 -59.12 12.49
N ASP D 1064 29.47 -58.61 13.00
CA ASP D 1064 28.74 -59.31 14.05
C ASP D 1064 28.10 -60.60 13.54
N GLY D 1065 28.00 -60.77 12.23
CA GLY D 1065 27.36 -61.95 11.67
C GLY D 1065 25.85 -61.88 11.61
N THR D 1066 25.26 -60.71 11.82
CA THR D 1066 23.81 -60.56 11.81
C THR D 1066 23.32 -60.49 10.36
N ASP D 1067 22.06 -60.09 10.19
CA ASP D 1067 21.45 -60.09 8.86
C ASP D 1067 22.18 -59.12 7.93
N GLU D 1068 22.14 -59.44 6.64
CA GLU D 1068 22.73 -58.58 5.62
C GLU D 1068 21.86 -57.34 5.43
N THR D 1069 22.49 -56.28 4.92
CA THR D 1069 21.79 -55.04 4.60
C THR D 1069 21.86 -54.82 3.10
N ALA D 1070 20.69 -54.67 2.47
CA ALA D 1070 20.59 -54.56 1.02
C ALA D 1070 20.13 -53.15 0.64
N PHE D 1071 20.99 -52.42 -0.07
CA PHE D 1071 20.66 -51.10 -0.58
C PHE D 1071 20.48 -51.17 -2.09
N PRO D 1072 19.25 -51.00 -2.62
CA PRO D 1072 19.08 -50.98 -4.07
C PRO D 1072 19.26 -49.60 -4.66
N ILE D 1073 20.05 -49.49 -5.73
CA ILE D 1073 20.28 -48.23 -6.41
C ILE D 1073 20.19 -48.44 -7.92
N SER D 1074 20.03 -47.33 -8.63
CA SER D 1074 19.87 -47.33 -10.08
C SER D 1074 21.22 -47.36 -10.77
N LYS D 1075 21.20 -47.54 -12.09
CA LYS D 1075 22.42 -47.66 -12.88
C LYS D 1075 23.24 -46.38 -12.84
N ARG D 1076 22.58 -45.21 -12.93
CA ARG D 1076 23.29 -43.96 -13.15
C ARG D 1076 24.19 -43.61 -11.97
N ALA D 1077 23.73 -43.83 -10.74
CA ALA D 1077 24.47 -43.38 -9.57
C ALA D 1077 25.88 -43.97 -9.55
N ARG D 1078 26.85 -43.12 -9.22
CA ARG D 1078 28.25 -43.52 -9.16
C ARG D 1078 28.58 -44.02 -7.76
N LEU D 1079 29.10 -45.24 -7.66
CA LEU D 1079 29.51 -45.78 -6.38
C LEU D 1079 30.70 -45.01 -5.82
N LEU D 1080 30.78 -44.97 -4.50
CA LEU D 1080 31.87 -44.29 -3.80
C LEU D 1080 32.85 -45.25 -3.13
N VAL D 1081 32.44 -46.49 -2.87
CA VAL D 1081 33.28 -47.48 -2.22
C VAL D 1081 33.29 -48.74 -3.06
N GLY D 1082 34.48 -49.32 -3.26
CA GLY D 1082 34.61 -50.50 -4.08
C GLY D 1082 34.16 -51.77 -3.37
N GLU D 1083 34.17 -52.86 -4.14
CA GLU D 1083 33.72 -54.14 -3.61
C GLU D 1083 34.72 -54.70 -2.60
N GLY D 1084 34.20 -55.31 -1.55
CA GLY D 1084 35.06 -55.95 -0.56
C GLY D 1084 35.82 -55.02 0.33
N ASP D 1085 35.37 -53.77 0.48
CA ASP D 1085 36.04 -52.80 1.32
C ASP D 1085 35.44 -52.80 2.72
N HIS D 1086 36.08 -52.04 3.62
CA HIS D 1086 35.64 -51.90 5.00
C HIS D 1086 34.91 -50.56 5.15
N VAL D 1087 33.69 -50.62 5.65
CA VAL D 1087 32.82 -49.44 5.77
C VAL D 1087 32.51 -49.20 7.24
N GLU D 1088 32.45 -47.92 7.61
CA GLU D 1088 32.12 -47.53 8.98
C GLU D 1088 30.60 -47.51 9.18
N VAL D 1089 30.20 -47.33 10.43
CA VAL D 1089 28.79 -47.37 10.76
C VAL D 1089 28.04 -46.22 10.11
N GLY D 1090 28.68 -45.06 10.00
CA GLY D 1090 28.05 -43.87 9.42
C GLY D 1090 28.70 -43.43 8.13
N GLN D 1091 29.05 -44.38 7.27
CA GLN D 1091 29.77 -44.08 6.03
C GLN D 1091 28.82 -44.12 4.84
N LYS D 1092 28.88 -43.08 4.01
CA LYS D 1092 28.07 -43.03 2.81
C LYS D 1092 28.53 -44.08 1.81
N LEU D 1093 27.60 -44.55 0.99
CA LEU D 1093 27.87 -45.55 -0.03
C LEU D 1093 27.73 -45.01 -1.45
N THR D 1094 27.30 -43.76 -1.61
CA THR D 1094 27.06 -43.21 -2.94
C THR D 1094 27.18 -41.69 -2.86
N VAL D 1095 27.31 -41.06 -4.02
CA VAL D 1095 27.38 -39.60 -4.10
C VAL D 1095 25.97 -39.04 -4.10
N GLY D 1096 25.74 -38.06 -3.24
CA GLY D 1096 24.42 -37.46 -3.11
C GLY D 1096 24.32 -36.68 -1.81
N ALA D 1097 23.08 -36.53 -1.34
CA ALA D 1097 22.77 -35.80 -0.12
C ALA D 1097 22.21 -36.76 0.92
N THR D 1098 22.82 -36.77 2.10
CA THR D 1098 22.30 -37.60 3.19
C THR D 1098 20.99 -37.03 3.70
N ASN D 1099 20.08 -37.92 4.09
CA ASN D 1099 18.80 -37.45 4.61
C ASN D 1099 18.83 -37.42 6.14
N PRO D 1100 18.19 -36.44 6.78
CA PRO D 1100 18.31 -36.34 8.24
C PRO D 1100 17.80 -37.55 9.01
N HIS D 1101 16.77 -38.22 8.50
CA HIS D 1101 16.14 -39.29 9.27
C HIS D 1101 17.09 -40.46 9.49
N ASP D 1102 17.80 -40.87 8.42
CA ASP D 1102 18.71 -42.00 8.56
C ASP D 1102 19.86 -41.69 9.50
N VAL D 1103 20.47 -40.50 9.35
CA VAL D 1103 21.58 -40.13 10.22
C VAL D 1103 21.12 -40.05 11.66
N LEU D 1104 19.93 -39.49 11.90
CA LEU D 1104 19.41 -39.48 13.26
C LEU D 1104 19.25 -40.90 13.80
N ARG D 1105 18.54 -41.75 13.05
CA ARG D 1105 18.25 -43.10 13.54
C ARG D 1105 19.53 -43.89 13.80
N ILE D 1106 20.59 -43.63 13.05
CA ILE D 1106 21.80 -44.43 13.16
C ILE D 1106 22.84 -43.85 14.12
N LEU D 1107 22.82 -42.52 14.37
CA LEU D 1107 23.86 -41.90 15.19
C LEU D 1107 23.32 -40.97 16.28
N GLY D 1108 22.07 -41.10 16.68
CA GLY D 1108 21.60 -40.34 17.83
C GLY D 1108 21.19 -38.91 17.48
N GLN D 1109 21.10 -38.09 18.53
CA GLN D 1109 20.59 -36.73 18.38
C GLN D 1109 21.70 -35.74 18.07
N ARG D 1110 22.86 -35.87 18.71
CA ARG D 1110 23.94 -34.91 18.49
C ARG D 1110 24.42 -34.96 17.04
N ALA D 1111 24.49 -36.16 16.46
CA ALA D 1111 24.94 -36.27 15.08
C ALA D 1111 24.01 -35.53 14.13
N VAL D 1112 22.69 -35.71 14.31
CA VAL D 1112 21.75 -35.03 13.42
C VAL D 1112 21.76 -33.53 13.68
N GLN D 1113 21.95 -33.11 14.93
CA GLN D 1113 22.06 -31.68 15.20
C GLN D 1113 23.25 -31.07 14.45
N VAL D 1114 24.42 -31.69 14.56
CA VAL D 1114 25.60 -31.19 13.87
C VAL D 1114 25.37 -31.20 12.36
N HIS D 1115 24.80 -32.28 11.85
CA HIS D 1115 24.55 -32.39 10.41
C HIS D 1115 23.66 -31.25 9.93
N LEU D 1116 22.53 -31.03 10.61
CA LEU D 1116 21.60 -29.99 10.18
C LEU D 1116 22.24 -28.62 10.26
N VAL D 1117 22.95 -28.33 11.35
CA VAL D 1117 23.56 -27.00 11.50
C VAL D 1117 24.58 -26.77 10.39
N ALA D 1118 25.46 -27.75 10.15
CA ALA D 1118 26.48 -27.58 9.12
C ALA D 1118 25.87 -27.43 7.74
N GLU D 1119 24.86 -28.25 7.43
CA GLU D 1119 24.24 -28.18 6.10
C GLU D 1119 23.54 -26.85 5.89
N VAL D 1120 22.89 -26.33 6.94
CA VAL D 1120 22.23 -25.03 6.81
C VAL D 1120 23.26 -23.91 6.67
N GLN D 1121 24.38 -24.02 7.38
CA GLN D 1121 25.37 -22.95 7.32
C GLN D 1121 26.14 -22.94 6.01
N LYS D 1122 26.29 -24.10 5.35
CA LYS D 1122 27.00 -24.13 4.07
C LYS D 1122 26.29 -23.27 3.04
N VAL D 1123 24.96 -23.36 2.97
CA VAL D 1123 24.21 -22.61 1.96
C VAL D 1123 24.41 -21.12 2.15
N TYR D 1124 24.38 -20.66 3.40
CA TYR D 1124 24.50 -19.23 3.65
C TYR D 1124 25.94 -18.76 3.45
N ASN D 1125 26.92 -19.55 3.90
CA ASN D 1125 28.31 -19.18 3.68
C ASN D 1125 28.69 -19.18 2.21
N SER D 1126 27.96 -19.91 1.37
CA SER D 1126 28.26 -19.91 -0.06
C SER D 1126 28.14 -18.51 -0.64
N GLN D 1127 27.10 -17.77 -0.26
CA GLN D 1127 26.85 -16.43 -0.75
C GLN D 1127 27.39 -15.35 0.17
N GLY D 1128 28.25 -15.71 1.13
CA GLY D 1128 28.85 -14.72 2.01
C GLY D 1128 27.88 -14.05 2.95
N VAL D 1129 26.98 -14.81 3.57
CA VAL D 1129 26.04 -14.30 4.57
C VAL D 1129 26.46 -14.85 5.93
N SER D 1130 26.46 -13.99 6.93
CA SER D 1130 26.93 -14.34 8.27
C SER D 1130 25.76 -14.40 9.23
N ILE D 1131 25.58 -15.54 9.87
CA ILE D 1131 24.54 -15.75 10.88
C ILE D 1131 25.15 -16.57 12.01
N HIS D 1132 24.80 -16.23 13.24
CA HIS D 1132 25.29 -17.01 14.37
C HIS D 1132 24.55 -18.34 14.45
N ASP D 1133 25.18 -19.31 15.10
CA ASP D 1133 24.65 -20.66 15.15
C ASP D 1133 23.55 -20.84 16.21
N LYS D 1134 23.45 -19.93 17.17
CA LYS D 1134 22.35 -20.05 18.14
C LYS D 1134 21.00 -19.87 17.48
N HIS D 1135 20.93 -19.00 16.47
CA HIS D 1135 19.67 -18.80 15.76
C HIS D 1135 19.21 -20.08 15.08
N ILE D 1136 20.13 -20.80 14.46
CA ILE D 1136 19.77 -22.08 13.83
C ILE D 1136 19.47 -23.11 14.90
N GLU D 1137 20.23 -23.11 16.00
CA GLU D 1137 20.05 -24.11 17.05
C GLU D 1137 18.69 -24.01 17.70
N ILE D 1138 18.13 -22.80 17.81
CA ILE D 1138 16.79 -22.67 18.39
C ILE D 1138 15.78 -23.44 17.54
N ILE D 1139 15.82 -23.25 16.22
CA ILE D 1139 14.90 -23.95 15.34
C ILE D 1139 15.14 -25.46 15.39
N ILE D 1140 16.41 -25.86 15.35
CA ILE D 1140 16.72 -27.28 15.36
C ILE D 1140 16.21 -27.94 16.64
N ARG D 1141 16.32 -27.24 17.76
CA ARG D 1141 15.76 -27.75 19.01
C ARG D 1141 14.25 -27.86 18.92
N GLN D 1142 13.60 -26.87 18.33
CA GLN D 1142 12.15 -26.94 18.18
C GLN D 1142 11.72 -28.09 17.28
N MET D 1143 12.60 -28.56 16.40
CA MET D 1143 12.27 -29.67 15.51
C MET D 1143 12.45 -31.05 16.16
N LEU D 1144 13.10 -31.13 17.31
CA LEU D 1144 13.41 -32.42 17.94
C LEU D 1144 12.80 -32.54 19.33
N ARG D 1145 11.53 -32.16 19.47
CA ARG D 1145 10.89 -32.14 20.79
C ARG D 1145 10.15 -33.44 21.10
N ARG D 1146 9.51 -34.04 20.11
CA ARG D 1146 8.55 -35.12 20.33
C ARG D 1146 9.20 -36.48 20.10
N VAL D 1147 8.61 -37.50 20.73
CA VAL D 1147 9.08 -38.87 20.67
C VAL D 1147 7.91 -39.75 20.26
N THR D 1148 8.20 -40.79 19.48
CA THR D 1148 7.19 -41.69 18.96
C THR D 1148 7.17 -42.98 19.76
N ILE D 1149 5.98 -43.42 20.16
CA ILE D 1149 5.85 -44.59 21.03
C ILE D 1149 5.85 -45.85 20.17
N ILE D 1150 6.74 -46.78 20.50
CA ILE D 1150 6.81 -48.07 19.82
C ILE D 1150 6.38 -49.22 20.71
N GLU D 1151 6.42 -49.07 22.03
CA GLU D 1151 5.99 -50.10 22.97
C GLU D 1151 4.80 -49.58 23.76
N SER D 1152 3.71 -50.36 23.77
CA SER D 1152 2.50 -49.93 24.45
C SER D 1152 2.72 -49.78 25.95
N GLY D 1153 3.31 -50.79 26.58
CA GLY D 1153 3.44 -50.77 28.02
C GLY D 1153 2.08 -50.71 28.68
N ASP D 1154 2.03 -50.05 29.84
CA ASP D 1154 0.78 -49.79 30.54
C ASP D 1154 0.77 -48.36 31.06
N ALA D 1155 1.25 -47.43 30.24
CA ALA D 1155 1.31 -46.02 30.60
C ALA D 1155 0.23 -45.19 29.92
N GLU D 1156 -0.83 -45.83 29.43
CA GLU D 1156 -1.94 -45.15 28.76
C GLU D 1156 -1.45 -44.40 27.52
N LEU D 1157 -0.52 -44.99 26.77
CA LEU D 1157 -0.03 -44.44 25.52
C LEU D 1157 -0.14 -45.50 24.45
N LEU D 1158 -0.87 -45.20 23.38
CA LEU D 1158 -0.99 -46.12 22.26
C LEU D 1158 0.28 -46.10 21.42
N PRO D 1159 0.67 -47.22 20.82
CA PRO D 1159 1.82 -47.20 19.92
C PRO D 1159 1.61 -46.25 18.75
N GLY D 1160 2.68 -45.57 18.36
CA GLY D 1160 2.68 -44.75 17.15
C GLY D 1160 2.16 -43.33 17.31
N GLU D 1161 1.92 -42.86 18.53
CA GLU D 1161 1.47 -41.49 18.75
C GLU D 1161 2.64 -40.66 19.26
N LEU D 1162 2.84 -39.49 18.64
CA LEU D 1162 3.90 -38.59 19.08
C LEU D 1162 3.49 -37.89 20.37
N VAL D 1163 4.44 -37.80 21.30
CA VAL D 1163 4.22 -37.10 22.56
C VAL D 1163 5.46 -36.28 22.87
N GLU D 1164 5.27 -35.08 23.42
CA GLU D 1164 6.42 -34.28 23.80
C GLU D 1164 7.22 -35.01 24.88
N ARG D 1165 8.53 -34.81 24.87
CA ARG D 1165 9.41 -35.57 25.75
C ARG D 1165 9.05 -35.34 27.21
N SER D 1166 8.62 -34.13 27.57
CA SER D 1166 8.29 -33.86 28.96
C SER D 1166 7.11 -34.71 29.43
N LYS D 1167 6.04 -34.76 28.63
CA LYS D 1167 4.88 -35.56 29.02
C LYS D 1167 5.24 -37.04 29.11
N PHE D 1168 5.99 -37.54 28.13
CA PHE D 1168 6.37 -38.95 28.15
C PHE D 1168 7.23 -39.28 29.37
N GLU D 1169 8.19 -38.42 29.69
CA GLU D 1169 9.04 -38.66 30.85
C GLU D 1169 8.25 -38.61 32.15
N THR D 1170 7.33 -37.65 32.31
CA THR D 1170 6.58 -37.59 33.56
C THR D 1170 5.62 -38.78 33.66
N GLU D 1171 5.06 -39.22 32.54
CA GLU D 1171 4.23 -40.42 32.55
C GLU D 1171 5.04 -41.63 33.00
N ASN D 1172 6.23 -41.80 32.43
CA ASN D 1172 7.07 -42.93 32.81
C ASN D 1172 7.51 -42.81 34.27
N ARG D 1173 7.75 -41.59 34.74
CA ARG D 1173 8.15 -41.40 36.13
C ARG D 1173 7.02 -41.78 37.08
N ARG D 1174 5.79 -41.43 36.73
CA ARG D 1174 4.67 -41.86 37.56
C ARG D 1174 4.51 -43.38 37.52
N VAL D 1175 4.68 -43.97 36.33
CA VAL D 1175 4.42 -45.41 36.19
C VAL D 1175 5.49 -46.23 36.92
N VAL D 1176 6.77 -45.85 36.78
CA VAL D 1176 7.85 -46.66 37.33
C VAL D 1176 7.68 -46.82 38.83
N THR D 1177 7.38 -45.72 39.52
CA THR D 1177 6.98 -45.82 40.91
C THR D 1177 5.62 -46.50 41.00
N GLU D 1178 5.48 -47.42 41.96
CA GLU D 1178 4.26 -48.21 42.14
C GLU D 1178 3.75 -48.78 40.81
N GLY D 1179 4.69 -49.26 39.99
CA GLY D 1179 4.33 -49.86 38.72
C GLY D 1179 5.53 -50.57 38.12
N GLY D 1180 5.22 -51.53 37.23
CA GLY D 1180 6.24 -52.40 36.70
C GLY D 1180 6.80 -52.02 35.34
N HIS D 1181 5.92 -51.75 34.36
CA HIS D 1181 6.32 -51.64 32.98
C HIS D 1181 6.32 -50.19 32.52
N PRO D 1182 7.45 -49.59 32.18
CA PRO D 1182 7.45 -48.27 31.54
C PRO D 1182 7.12 -48.39 30.06
N ALA D 1183 7.06 -47.22 29.42
CA ALA D 1183 6.86 -47.12 27.98
C ALA D 1183 8.15 -46.68 27.30
N SER D 1184 8.49 -47.32 26.20
CA SER D 1184 9.72 -47.05 25.46
C SER D 1184 9.40 -46.40 24.13
N GLY D 1185 10.12 -45.32 23.81
CA GLY D 1185 9.89 -44.58 22.59
C GLY D 1185 11.18 -44.34 21.84
N ARG D 1186 11.04 -43.78 20.65
CA ARG D 1186 12.14 -43.48 19.76
C ARG D 1186 12.13 -42.00 19.38
N PRO D 1187 13.29 -41.35 19.28
CA PRO D 1187 13.29 -39.94 18.87
C PRO D 1187 12.71 -39.77 17.47
N GLN D 1188 12.04 -38.63 17.27
CA GLN D 1188 11.41 -38.31 16.01
C GLN D 1188 11.82 -36.92 15.57
N LEU D 1189 12.08 -36.77 14.27
CA LEU D 1189 12.39 -35.49 13.65
C LEU D 1189 11.25 -35.12 12.71
N MET D 1190 10.71 -33.92 12.88
CA MET D 1190 9.58 -33.46 12.09
C MET D 1190 9.83 -32.02 11.63
N GLY D 1191 9.25 -31.68 10.50
CA GLY D 1191 9.47 -30.39 9.89
C GLY D 1191 8.83 -29.26 10.67
N ILE D 1192 9.04 -28.05 10.18
CA ILE D 1192 8.52 -26.87 10.87
C ILE D 1192 6.99 -26.83 10.76
N THR D 1193 6.44 -27.21 9.61
CA THR D 1193 4.99 -27.14 9.43
C THR D 1193 4.27 -28.12 10.34
N LYS D 1194 4.69 -29.37 10.35
CA LYS D 1194 4.05 -30.37 11.19
C LYS D 1194 4.22 -30.04 12.66
N ALA D 1195 5.41 -29.56 13.04
CA ALA D 1195 5.64 -29.18 14.43
C ALA D 1195 4.75 -28.02 14.84
N SER D 1196 4.57 -27.05 13.94
CA SER D 1196 3.78 -25.87 14.29
C SER D 1196 2.29 -26.19 14.36
N LEU D 1197 1.79 -27.04 13.46
CA LEU D 1197 0.37 -27.36 13.46
C LEU D 1197 0.00 -28.34 14.58
N ALA D 1198 0.97 -29.09 15.10
CA ALA D 1198 0.72 -30.04 16.19
C ALA D 1198 1.00 -29.42 17.54
N THR D 1199 0.37 -28.28 17.82
CA THR D 1199 0.59 -27.53 19.06
C THR D 1199 -0.60 -27.71 20.01
N GLU D 1200 -0.42 -27.21 21.23
CA GLU D 1200 -1.42 -27.36 22.27
C GLU D 1200 -2.48 -26.26 22.26
N SER D 1201 -2.31 -25.22 21.45
CA SER D 1201 -3.24 -24.10 21.39
C SER D 1201 -3.96 -24.15 20.04
N TRP D 1202 -5.25 -24.50 20.07
CA TRP D 1202 -6.00 -24.57 18.82
C TRP D 1202 -6.15 -23.20 18.16
N LEU D 1203 -6.03 -22.12 18.91
CA LEU D 1203 -6.16 -20.79 18.33
C LEU D 1203 -4.99 -20.48 17.40
N SER D 1204 -3.76 -20.70 17.87
CA SER D 1204 -2.60 -20.45 17.04
C SER D 1204 -2.56 -21.39 15.83
N ALA D 1205 -2.86 -22.66 16.04
CA ALA D 1205 -2.87 -23.61 14.93
C ALA D 1205 -3.92 -23.22 13.90
N ALA D 1206 -5.10 -22.80 14.35
CA ALA D 1206 -6.14 -22.38 13.42
C ALA D 1206 -5.70 -21.13 12.64
N SER D 1207 -5.06 -20.18 13.32
CA SER D 1207 -4.62 -18.97 12.64
C SER D 1207 -3.40 -19.19 11.75
N PHE D 1208 -2.73 -20.34 11.86
CA PHE D 1208 -1.58 -20.60 10.98
C PHE D 1208 -2.05 -20.99 9.59
N GLN D 1209 -2.72 -22.13 9.47
CA GLN D 1209 -3.26 -22.61 8.20
C GLN D 1209 -4.03 -23.90 8.49
N GLU D 1210 -4.83 -24.32 7.50
CA GLU D 1210 -5.73 -25.46 7.65
C GLU D 1210 -6.70 -25.23 8.82
N THR D 1211 -7.44 -24.13 8.71
CA THR D 1211 -8.33 -23.73 9.79
C THR D 1211 -9.45 -24.73 10.00
N THR D 1212 -10.03 -25.24 8.91
CA THR D 1212 -11.18 -26.14 9.05
C THR D 1212 -10.79 -27.43 9.76
N ARG D 1213 -9.68 -28.05 9.34
CA ARG D 1213 -9.25 -29.30 9.96
C ARG D 1213 -8.90 -29.09 11.43
N VAL D 1214 -8.19 -28.00 11.74
CA VAL D 1214 -7.80 -27.73 13.12
C VAL D 1214 -9.04 -27.52 13.98
N LEU D 1215 -10.02 -26.76 13.47
CA LEU D 1215 -11.21 -26.47 14.26
C LEU D 1215 -12.05 -27.73 14.48
N THR D 1216 -12.22 -28.55 13.44
CA THR D 1216 -13.01 -29.76 13.62
C THR D 1216 -12.29 -30.80 14.46
N ASP D 1217 -10.96 -30.76 14.52
CA ASP D 1217 -10.23 -31.64 15.43
C ASP D 1217 -10.33 -31.14 16.87
N ALA D 1218 -10.28 -29.82 17.07
CA ALA D 1218 -10.34 -29.27 18.42
C ALA D 1218 -11.74 -29.36 19.00
N ALA D 1219 -12.78 -29.27 18.17
CA ALA D 1219 -14.13 -29.35 18.67
C ALA D 1219 -14.43 -30.71 19.28
N ILE D 1220 -13.98 -31.78 18.63
CA ILE D 1220 -14.29 -33.13 19.11
C ILE D 1220 -13.60 -33.41 20.43
N ASN D 1221 -12.33 -33.03 20.56
CA ASN D 1221 -11.58 -33.27 21.78
C ASN D 1221 -11.94 -32.30 22.90
N ALA D 1222 -12.71 -31.25 22.62
CA ALA D 1222 -13.06 -30.25 23.62
C ALA D 1222 -11.81 -29.63 24.23
N LYS D 1223 -10.84 -29.30 23.38
CA LYS D 1223 -9.59 -28.74 23.86
C LYS D 1223 -9.81 -27.36 24.45
N SER D 1224 -9.01 -27.04 25.48
CA SER D 1224 -9.06 -25.75 26.15
C SER D 1224 -7.74 -25.02 25.93
N ASP D 1225 -7.83 -23.76 25.53
CA ASP D 1225 -6.66 -22.92 25.29
C ASP D 1225 -6.36 -22.11 26.54
N SER D 1226 -5.11 -22.14 26.99
CA SER D 1226 -4.70 -21.46 28.22
C SER D 1226 -4.08 -20.10 27.98
N LEU D 1227 -3.90 -19.69 26.72
CA LEU D 1227 -3.40 -18.36 26.38
C LEU D 1227 -2.04 -18.10 27.02
N ILE D 1228 -1.05 -18.88 26.59
CA ILE D 1228 0.32 -18.72 27.06
C ILE D 1228 1.25 -18.17 25.98
N GLY D 1229 0.89 -18.27 24.70
CA GLY D 1229 1.77 -17.82 23.64
C GLY D 1229 1.59 -16.35 23.32
N LEU D 1230 2.31 -15.91 22.28
CA LEU D 1230 2.23 -14.52 21.85
C LEU D 1230 1.06 -14.29 20.91
N LYS D 1231 0.82 -15.23 20.00
CA LYS D 1231 -0.22 -15.04 18.98
C LYS D 1231 -1.60 -14.97 19.61
N GLU D 1232 -1.88 -15.82 20.60
CA GLU D 1232 -3.20 -15.79 21.23
C GLU D 1232 -3.44 -14.48 21.96
N ASN D 1233 -2.43 -14.00 22.69
CA ASN D 1233 -2.58 -12.74 23.41
C ASN D 1233 -2.73 -11.57 22.44
N VAL D 1234 -2.04 -11.63 21.31
CA VAL D 1234 -2.23 -10.60 20.29
C VAL D 1234 -3.66 -10.66 19.74
N ILE D 1235 -4.16 -11.85 19.48
CA ILE D 1235 -5.49 -11.99 18.88
C ILE D 1235 -6.55 -11.45 19.82
N ILE D 1236 -6.54 -11.88 21.09
CA ILE D 1236 -7.57 -11.42 22.02
C ILE D 1236 -7.34 -10.01 22.50
N GLY D 1237 -6.15 -9.45 22.29
CA GLY D 1237 -5.90 -8.06 22.57
C GLY D 1237 -5.52 -7.76 24.00
N LYS D 1238 -4.48 -8.42 24.50
CA LYS D 1238 -3.93 -8.12 25.83
C LYS D 1238 -2.42 -8.09 25.72
N LEU D 1239 -1.74 -7.97 26.87
CA LEU D 1239 -0.30 -7.80 26.90
C LEU D 1239 0.38 -9.14 26.64
N ILE D 1240 1.30 -9.15 25.67
CA ILE D 1240 2.06 -10.35 25.35
C ILE D 1240 2.91 -10.69 26.56
N PRO D 1241 3.18 -11.99 26.84
CA PRO D 1241 3.97 -12.37 28.02
C PRO D 1241 5.48 -12.32 27.79
N ALA D 1242 5.96 -11.18 27.27
CA ALA D 1242 7.37 -11.01 26.99
C ALA D 1242 7.72 -9.53 27.09
N GLY D 1243 8.99 -9.26 27.36
CA GLY D 1243 9.43 -7.87 27.43
C GLY D 1243 8.79 -7.15 28.61
N THR D 1244 8.13 -6.03 28.33
CA THR D 1244 7.52 -5.21 29.36
C THR D 1244 6.14 -5.71 29.77
N GLY D 1245 5.63 -6.78 29.16
CA GLY D 1245 4.37 -7.36 29.54
C GLY D 1245 4.45 -8.43 30.60
N LEU D 1246 5.62 -8.66 31.17
CA LEU D 1246 5.76 -9.66 32.22
C LEU D 1246 5.29 -9.12 33.56
N SER D 1247 4.90 -10.03 34.45
CA SER D 1247 4.45 -9.65 35.77
C SER D 1247 5.59 -9.33 36.74
N ARG D 1248 6.83 -9.70 36.38
CA ARG D 1248 7.96 -9.35 37.23
C ARG D 1248 8.17 -7.84 37.27
N TYR D 1249 7.97 -7.17 36.13
CA TYR D 1249 8.25 -5.76 36.01
C TYR D 1249 7.05 -4.87 36.34
N ARG D 1250 5.84 -5.33 36.07
CA ARG D 1250 4.66 -4.47 36.17
C ARG D 1250 4.09 -4.39 37.58
N ASN D 1251 4.57 -5.18 38.52
CA ASN D 1251 4.09 -5.15 39.90
C ASN D 1251 5.13 -4.43 40.75
N ILE D 1252 5.01 -3.11 40.84
CA ILE D 1252 5.94 -2.31 41.62
C ILE D 1252 5.21 -1.12 42.22
N ARG D 1253 5.93 -0.36 43.06
CA ARG D 1253 5.40 0.85 43.68
C ARG D 1253 6.45 1.94 43.56
N VAL D 1254 6.06 3.10 43.01
CA VAL D 1254 6.97 4.20 42.77
C VAL D 1254 6.55 5.34 43.70
N GLU D 1255 7.42 5.70 44.63
CA GLU D 1255 7.20 6.80 45.56
C GLU D 1255 8.49 7.59 45.70
N PRO D 1256 8.39 8.89 46.00
CA PRO D 1256 9.62 9.66 46.25
C PRO D 1256 10.31 9.25 47.53
N THR D 1257 11.61 9.51 47.58
CA THR D 1257 12.36 9.33 48.80
C THR D 1257 11.95 10.38 49.83
N GLU D 1258 12.17 10.06 51.10
CA GLU D 1258 11.82 11.00 52.17
C GLU D 1258 12.60 12.30 52.02
N GLU D 1259 13.89 12.21 51.69
CA GLU D 1259 14.70 13.40 51.53
C GLU D 1259 14.17 14.30 50.43
N ALA D 1260 13.81 13.70 49.28
CA ALA D 1260 13.32 14.49 48.15
C ALA D 1260 12.02 15.18 48.50
N LYS D 1261 11.10 14.48 49.17
CA LYS D 1261 9.84 15.11 49.56
C LYS D 1261 10.08 16.23 50.57
N ALA D 1262 11.00 16.01 51.52
CA ALA D 1262 11.29 17.04 52.51
C ALA D 1262 11.88 18.28 51.85
N ALA D 1263 12.74 18.09 50.86
CA ALA D 1263 13.40 19.23 50.22
C ALA D 1263 12.39 20.17 49.57
N MET D 1264 11.42 19.61 48.85
CA MET D 1264 10.43 20.42 48.15
C MET D 1264 9.17 20.58 49.01
N GLU E 9 20.51 17.33 23.33
CA GLU E 9 19.33 17.81 24.04
C GLU E 9 18.06 17.32 23.35
N GLY E 10 17.10 16.89 24.15
CA GLY E 10 15.84 16.38 23.63
C GLY E 10 15.62 14.94 24.01
N ILE E 11 15.26 14.11 23.02
CA ILE E 11 15.07 12.68 23.28
C ILE E 11 16.38 12.04 23.73
N ILE E 12 17.51 12.61 23.32
CA ILE E 12 18.81 12.00 23.63
C ILE E 12 19.10 12.06 25.12
N ASN E 13 18.69 13.17 25.79
CA ASN E 13 19.00 13.34 27.20
C ASN E 13 17.84 12.91 28.09
N PRO E 14 18.09 12.36 29.28
CA PRO E 14 19.41 12.02 29.84
C PRO E 14 19.98 10.75 29.24
N PRO E 15 21.30 10.56 29.31
CA PRO E 15 21.89 9.38 28.67
C PRO E 15 21.33 8.09 29.24
N ILE E 16 21.14 7.11 28.36
CA ILE E 16 20.49 5.87 28.76
C ILE E 16 21.35 5.09 29.76
N ASP E 17 22.67 5.17 29.63
CA ASP E 17 23.54 4.42 30.54
C ASP E 17 23.37 4.90 31.97
N GLU E 18 23.31 6.22 32.17
CA GLU E 18 23.13 6.76 33.51
C GLU E 18 21.82 6.29 34.12
N LEU E 19 20.75 6.24 33.32
CA LEU E 19 19.48 5.73 33.81
C LEU E 19 19.58 4.26 34.18
N LEU E 20 20.14 3.45 33.29
CA LEU E 20 20.25 2.02 33.55
C LEU E 20 21.12 1.73 34.76
N GLU E 21 22.03 2.63 35.12
CA GLU E 21 22.80 2.43 36.34
C GLU E 21 21.92 2.47 37.58
N ALA E 22 20.71 3.02 37.49
CA ALA E 22 19.79 3.15 38.61
C ALA E 22 18.71 2.08 38.64
N THR E 23 18.69 1.16 37.68
CA THR E 23 17.66 0.12 37.61
C THR E 23 18.33 -1.19 37.24
N ASP E 24 17.50 -2.20 36.94
CA ASP E 24 18.00 -3.53 36.59
C ASP E 24 18.19 -3.69 35.08
N SER E 25 17.17 -3.36 34.29
CA SER E 25 17.24 -3.50 32.85
C SER E 25 16.36 -2.43 32.22
N LYS E 26 16.26 -2.48 30.88
CA LYS E 26 15.41 -1.54 30.17
C LYS E 26 13.94 -1.80 30.47
N TYR E 27 13.57 -3.09 30.59
CA TYR E 27 12.15 -3.44 30.72
C TYR E 27 11.57 -2.89 32.01
N SER E 28 12.34 -2.89 33.10
CA SER E 28 11.87 -2.31 34.35
C SER E 28 11.90 -0.79 34.31
N LEU E 29 12.89 -0.21 33.64
CA LEU E 29 12.99 1.24 33.54
C LEU E 29 11.78 1.81 32.82
N VAL E 30 11.31 1.12 31.77
CA VAL E 30 10.14 1.60 31.04
C VAL E 30 8.96 1.75 31.97
N ILE E 31 8.66 0.70 32.74
CA ILE E 31 7.50 0.74 33.64
C ILE E 31 7.70 1.78 34.72
N TYR E 32 8.91 1.88 35.25
CA TYR E 32 9.19 2.81 36.35
C TYR E 32 8.96 4.26 35.90
N ALA E 33 9.55 4.62 34.76
CA ALA E 33 9.36 5.98 34.23
C ALA E 33 7.91 6.24 33.84
N ALA E 34 7.24 5.25 33.24
CA ALA E 34 5.86 5.45 32.83
C ALA E 34 4.95 5.68 34.02
N LYS E 35 5.14 4.91 35.09
CA LYS E 35 4.32 5.08 36.30
C LYS E 35 4.54 6.45 36.91
N ARG E 36 5.80 6.89 37.00
CA ARG E 36 6.05 8.21 37.56
C ARG E 36 5.43 9.31 36.68
N ALA E 37 5.51 9.14 35.36
CA ALA E 37 4.92 10.13 34.46
C ALA E 37 3.41 10.19 34.62
N ARG E 38 2.77 9.04 34.79
CA ARG E 38 1.32 9.05 35.03
C ARG E 38 0.99 9.75 36.34
N GLN E 39 1.81 9.54 37.37
CA GLN E 39 1.57 10.25 38.63
C GLN E 39 1.66 11.76 38.44
N ILE E 40 2.69 12.22 37.71
CA ILE E 40 2.86 13.66 37.51
C ILE E 40 1.70 14.23 36.72
N ASN E 41 1.30 13.55 35.65
CA ASN E 41 0.19 14.05 34.83
C ASN E 41 -1.10 14.08 35.62
N ALA E 42 -1.36 13.06 36.43
CA ALA E 42 -2.57 13.05 37.26
C ALA E 42 -2.54 14.21 38.25
N TYR E 43 -1.38 14.49 38.83
CA TYR E 43 -1.27 15.63 39.73
C TYR E 43 -1.59 16.93 39.01
N TYR E 44 -1.05 17.10 37.80
CA TYR E 44 -1.29 18.34 37.06
C TYR E 44 -2.75 18.50 36.69
N SER E 45 -3.40 17.41 36.24
CA SER E 45 -4.75 17.53 35.71
C SER E 45 -5.73 18.02 36.77
N GLN E 46 -5.63 17.49 37.99
CA GLN E 46 -6.53 17.83 39.08
C GLN E 46 -5.92 18.88 40.02
N LEU E 47 -5.09 19.77 39.49
CA LEU E 47 -4.50 20.83 40.31
C LEU E 47 -5.52 21.90 40.65
N GLY E 48 -6.52 22.13 39.79
CA GLY E 48 -7.53 23.13 40.10
C GLY E 48 -8.24 22.85 41.40
N GLU E 49 -8.58 21.58 41.64
CA GLU E 49 -9.17 21.19 42.91
C GLU E 49 -8.14 21.33 44.03
N GLY E 50 -8.64 21.59 45.24
CA GLY E 50 -7.77 21.59 46.40
C GLY E 50 -7.67 20.17 46.94
N LEU E 51 -6.60 19.48 46.57
CA LEU E 51 -6.48 18.04 46.80
C LEU E 51 -5.11 17.70 47.34
N LEU E 52 -5.05 16.65 48.15
CA LEU E 52 -3.81 16.09 48.68
C LEU E 52 -3.70 14.66 48.15
N GLU E 53 -3.13 14.53 46.95
CA GLU E 53 -2.94 13.24 46.31
C GLU E 53 -1.95 13.39 45.16
N TYR E 54 -1.02 12.44 45.04
CA TYR E 54 0.09 12.54 44.10
C TYR E 54 1.00 13.70 44.49
N VAL E 55 2.26 13.65 44.07
CA VAL E 55 3.25 14.63 44.47
C VAL E 55 4.21 14.88 43.30
N GLY E 56 4.75 16.09 43.26
CA GLY E 56 5.74 16.45 42.26
C GLY E 56 5.28 17.60 41.40
N PRO E 57 6.12 18.03 40.46
CA PRO E 57 7.46 17.49 40.21
C PRO E 57 8.47 17.87 41.28
N LEU E 58 9.55 17.09 41.39
CA LEU E 58 10.59 17.32 42.37
C LEU E 58 11.81 18.02 41.79
N VAL E 59 11.71 18.54 40.57
CA VAL E 59 12.80 19.26 39.92
C VAL E 59 12.22 20.48 39.23
N ASP E 60 13.11 21.41 38.85
CA ASP E 60 12.69 22.60 38.15
C ASP E 60 12.31 22.25 36.71
N THR E 61 11.13 22.68 36.29
CA THR E 61 10.57 22.34 34.99
C THR E 61 10.43 23.60 34.13
N HIS E 62 9.88 23.42 32.94
CA HIS E 62 9.65 24.49 32.00
C HIS E 62 8.18 24.90 32.02
N VAL E 63 7.79 25.78 31.10
CA VAL E 63 6.41 26.24 31.06
C VAL E 63 5.46 25.08 30.76
N HIS E 64 5.77 24.33 29.71
CA HIS E 64 4.97 23.16 29.30
C HIS E 64 5.95 22.07 28.89
N GLU E 65 6.28 21.19 29.84
CA GLU E 65 7.23 20.10 29.64
C GLU E 65 6.51 18.78 29.75
N LYS E 66 6.85 17.84 28.88
CA LYS E 66 6.21 16.54 28.90
C LYS E 66 6.48 15.85 30.23
N PRO E 67 5.47 15.29 30.89
CA PRO E 67 5.73 14.65 32.19
C PRO E 67 6.74 13.51 32.13
N LEU E 68 6.87 12.84 30.99
CA LEU E 68 7.83 11.75 30.88
C LEU E 68 9.26 12.25 31.02
N SER E 69 9.56 13.40 30.42
CA SER E 69 10.90 13.97 30.56
C SER E 69 11.21 14.31 32.01
N ILE E 70 10.25 14.89 32.72
CA ILE E 70 10.46 15.19 34.13
C ILE E 70 10.66 13.91 34.93
N ALA E 71 9.88 12.88 34.63
CA ALA E 71 10.02 11.62 35.34
C ALA E 71 11.42 11.05 35.14
N LEU E 72 11.92 11.07 33.90
CA LEU E 72 13.26 10.57 33.63
C LEU E 72 14.31 11.41 34.35
N ARG E 73 14.12 12.72 34.40
CA ARG E 73 15.09 13.57 35.09
C ARG E 73 15.15 13.25 36.58
N GLU E 74 13.98 13.08 37.22
CA GLU E 74 13.98 12.71 38.64
C GLU E 74 14.60 11.34 38.84
N ILE E 75 14.32 10.39 37.95
CA ILE E 75 14.88 9.05 38.09
C ILE E 75 16.41 9.13 38.02
N ASN E 76 16.93 9.90 37.07
CA ASN E 76 18.38 10.05 36.96
C ASN E 76 18.96 10.72 38.20
N ALA E 77 18.30 11.76 38.70
CA ALA E 77 18.81 12.48 39.86
C ALA E 77 18.81 11.61 41.11
N GLY E 78 17.96 10.58 41.16
CA GLY E 78 17.93 9.67 42.29
C GLY E 78 17.01 10.13 43.40
N LEU E 79 15.82 10.60 43.03
CA LEU E 79 14.83 11.09 43.98
C LEU E 79 13.62 10.17 44.10
N LEU E 80 13.74 8.92 43.64
CA LEU E 80 12.63 7.99 43.64
C LEU E 80 13.10 6.63 44.11
N THR E 81 12.14 5.78 44.49
CA THR E 81 12.41 4.42 44.90
C THR E 81 11.41 3.48 44.24
N SER E 82 11.83 2.23 44.05
CA SER E 82 10.98 1.19 43.48
C SER E 82 10.94 0.00 44.43
N GLU E 83 9.75 -0.47 44.74
CA GLU E 83 9.53 -1.66 45.54
C GLU E 83 8.75 -2.69 44.73
N ALA E 84 8.66 -3.90 45.26
CA ALA E 84 7.92 -4.99 44.64
C ALA E 84 6.74 -5.36 45.53
N ILE E 85 5.54 -5.33 44.95
CA ILE E 85 4.32 -5.62 45.69
C ILE E 85 3.78 -6.99 45.28
N ALA F 215 -26.72 -41.56 -4.50
CA ALA F 215 -26.12 -40.28 -4.17
C ALA F 215 -25.11 -39.87 -5.23
N THR F 216 -25.40 -38.78 -5.93
CA THR F 216 -24.53 -38.24 -6.95
C THR F 216 -24.44 -36.73 -6.79
N ALA F 217 -23.37 -36.16 -7.34
CA ALA F 217 -23.17 -34.72 -7.25
C ALA F 217 -24.30 -33.93 -7.92
N ASP F 218 -25.02 -34.56 -8.85
CA ASP F 218 -26.12 -33.91 -9.55
C ASP F 218 -27.45 -34.52 -9.10
N PRO F 219 -28.34 -33.76 -8.42
CA PRO F 219 -29.60 -34.37 -7.98
C PRO F 219 -30.69 -34.32 -9.03
N VAL F 220 -30.57 -33.40 -9.99
CA VAL F 220 -31.59 -33.29 -11.04
C VAL F 220 -31.65 -34.57 -11.85
N LYS F 221 -30.48 -35.10 -12.24
CA LYS F 221 -30.44 -36.36 -12.98
C LYS F 221 -31.04 -37.50 -12.16
N ASP F 222 -30.74 -37.54 -10.86
CA ASP F 222 -31.28 -38.60 -10.02
C ASP F 222 -32.80 -38.54 -9.98
N TYR F 223 -33.36 -37.35 -9.76
CA TYR F 223 -34.81 -37.22 -9.73
C TYR F 223 -35.43 -37.59 -11.09
N LEU F 224 -34.82 -37.12 -12.18
CA LEU F 224 -35.36 -37.40 -13.50
C LEU F 224 -35.38 -38.89 -13.78
N LYS F 225 -34.30 -39.60 -13.45
CA LYS F 225 -34.27 -41.03 -13.69
C LYS F 225 -35.19 -41.78 -12.74
N GLN F 226 -35.46 -41.21 -11.56
CA GLN F 226 -36.35 -41.88 -10.62
C GLN F 226 -37.81 -41.77 -11.04
N ILE F 227 -38.23 -40.60 -11.54
CA ILE F 227 -39.65 -40.40 -11.82
C ILE F 227 -40.13 -41.25 -13.00
N GLY F 228 -39.23 -41.70 -13.86
CA GLY F 228 -39.63 -42.38 -15.08
C GLY F 228 -39.97 -43.84 -14.93
N LYS F 229 -39.79 -44.42 -13.74
CA LYS F 229 -40.05 -45.85 -13.58
C LYS F 229 -41.53 -46.17 -13.71
N VAL F 230 -42.40 -45.29 -13.20
CA VAL F 230 -43.84 -45.52 -13.27
C VAL F 230 -44.32 -45.16 -14.68
N PRO F 231 -45.00 -46.07 -15.39
CA PRO F 231 -45.46 -45.76 -16.74
C PRO F 231 -46.65 -44.81 -16.73
N LEU F 232 -47.08 -44.43 -17.93
CA LEU F 232 -48.18 -43.47 -18.08
C LEU F 232 -49.52 -44.18 -17.89
N LEU F 233 -50.61 -43.45 -18.09
CA LEU F 233 -51.95 -43.98 -17.89
C LEU F 233 -52.85 -43.52 -19.03
N ASN F 234 -53.95 -44.26 -19.22
CA ASN F 234 -54.93 -43.98 -20.25
C ASN F 234 -56.21 -43.42 -19.61
N ALA F 235 -57.09 -42.93 -20.48
CA ALA F 235 -58.28 -42.22 -19.99
C ALA F 235 -59.16 -43.13 -19.14
N GLU F 236 -59.41 -44.36 -19.61
CA GLU F 236 -60.24 -45.28 -18.83
C GLU F 236 -59.59 -45.59 -17.49
N GLN F 237 -58.26 -45.75 -17.47
CA GLN F 237 -57.57 -45.96 -16.21
C GLN F 237 -57.76 -44.76 -15.27
N GLU F 238 -57.66 -43.55 -15.81
CA GLU F 238 -57.86 -42.36 -14.99
C GLU F 238 -59.27 -42.33 -14.40
N VAL F 239 -60.28 -42.63 -15.22
CA VAL F 239 -61.65 -42.63 -14.73
C VAL F 239 -61.83 -43.67 -13.64
N GLU F 240 -61.27 -44.87 -13.86
CA GLU F 240 -61.40 -45.92 -12.86
C GLU F 240 -60.72 -45.53 -11.55
N LEU F 241 -59.55 -44.91 -11.64
CA LEU F 241 -58.85 -44.47 -10.42
C LEU F 241 -59.66 -43.41 -9.70
N ALA F 242 -60.25 -42.47 -10.44
CA ALA F 242 -61.08 -41.45 -9.82
C ALA F 242 -62.29 -42.07 -9.12
N LYS F 243 -62.92 -43.05 -9.76
CA LYS F 243 -64.05 -43.75 -9.14
C LYS F 243 -63.60 -44.46 -7.87
N ARG F 244 -62.43 -45.10 -7.90
CA ARG F 244 -61.91 -45.75 -6.71
C ARG F 244 -61.71 -44.74 -5.59
N ILE F 245 -61.14 -43.57 -5.91
CA ILE F 245 -60.92 -42.55 -4.89
C ILE F 245 -62.24 -42.11 -4.29
N GLU F 246 -63.23 -41.86 -5.13
CA GLU F 246 -64.55 -41.41 -4.65
C GLU F 246 -65.16 -42.45 -3.72
N ALA F 247 -65.17 -43.71 -4.15
CA ALA F 247 -65.78 -44.76 -3.35
C ALA F 247 -65.03 -44.96 -2.04
N GLY F 248 -63.70 -44.90 -2.08
CA GLY F 248 -62.93 -45.05 -0.87
C GLY F 248 -63.21 -43.95 0.14
N LEU F 249 -63.30 -42.70 -0.33
CA LEU F 249 -63.61 -41.61 0.58
C LEU F 249 -65.02 -41.74 1.15
N PHE F 250 -65.98 -42.15 0.32
CA PHE F 250 -67.33 -42.29 0.85
C PHE F 250 -67.40 -43.42 1.89
N ALA F 251 -66.66 -44.50 1.65
CA ALA F 251 -66.55 -45.56 2.65
C ALA F 251 -65.89 -45.05 3.92
N GLU F 252 -64.88 -44.19 3.78
CA GLU F 252 -64.23 -43.60 4.95
C GLU F 252 -65.23 -42.78 5.76
N ASP F 253 -66.07 -41.99 5.08
CA ASP F 253 -67.10 -41.24 5.78
C ASP F 253 -68.09 -42.17 6.47
N LYS F 254 -68.49 -43.25 5.79
CA LYS F 254 -69.42 -44.20 6.40
C LYS F 254 -68.81 -44.83 7.65
N LEU F 255 -67.51 -45.11 7.62
CA LEU F 255 -66.81 -45.57 8.82
C LEU F 255 -66.82 -44.48 9.89
N ALA F 256 -66.63 -43.22 9.49
CA ALA F 256 -66.69 -42.12 10.45
C ALA F 256 -68.04 -42.09 11.15
N ASN F 257 -69.10 -42.42 10.43
CA ASN F 257 -70.39 -42.63 11.08
C ASN F 257 -70.30 -43.82 12.04
N SER F 258 -71.04 -43.75 13.14
CA SER F 258 -70.87 -44.68 14.25
C SER F 258 -71.73 -45.93 14.12
N ASP F 259 -72.08 -46.34 12.90
CA ASP F 259 -72.84 -47.57 12.71
C ASP F 259 -71.93 -48.78 12.87
N LYS F 260 -72.40 -49.76 13.64
CA LYS F 260 -71.59 -50.96 13.89
C LYS F 260 -71.44 -51.79 12.62
N LEU F 261 -72.55 -52.05 11.93
CA LEU F 261 -72.54 -52.86 10.70
C LEU F 261 -71.95 -54.23 11.05
N ALA F 262 -71.10 -54.80 10.20
CA ALA F 262 -70.51 -56.10 10.44
C ALA F 262 -69.00 -56.02 10.27
N PRO F 263 -68.23 -56.88 10.96
CA PRO F 263 -66.77 -56.83 10.80
C PRO F 263 -66.31 -57.04 9.36
N LYS F 264 -66.96 -57.95 8.62
CA LYS F 264 -66.56 -58.19 7.24
C LYS F 264 -66.81 -56.97 6.36
N LEU F 265 -67.96 -56.32 6.53
CA LEU F 265 -68.24 -55.11 5.77
C LEU F 265 -67.27 -54.00 6.13
N LYS F 266 -66.94 -53.86 7.41
CA LYS F 266 -65.96 -52.86 7.82
C LYS F 266 -64.60 -53.15 7.19
N ARG F 267 -64.19 -54.42 7.17
CA ARG F 267 -62.93 -54.79 6.54
C ARG F 267 -62.94 -54.44 5.06
N GLU F 268 -64.04 -54.75 4.37
CA GLU F 268 -64.11 -54.45 2.95
C GLU F 268 -64.06 -52.94 2.70
N LEU F 269 -64.75 -52.16 3.53
CA LEU F 269 -64.72 -50.71 3.38
C LEU F 269 -63.31 -50.17 3.60
N GLU F 270 -62.61 -50.67 4.61
CA GLU F 270 -61.23 -50.26 4.83
C GLU F 270 -60.35 -50.64 3.64
N ILE F 271 -60.57 -51.82 3.08
CA ILE F 271 -59.76 -52.27 1.94
C ILE F 271 -59.98 -51.35 0.75
N ILE F 272 -61.23 -50.99 0.46
CA ILE F 272 -61.47 -50.10 -0.67
C ILE F 272 -60.92 -48.71 -0.39
N ALA F 273 -60.95 -48.26 0.87
CA ALA F 273 -60.32 -46.98 1.19
C ALA F 273 -58.82 -47.00 0.92
N GLU F 274 -58.16 -48.09 1.31
CA GLU F 274 -56.74 -48.22 1.01
C GLU F 274 -56.49 -48.27 -0.49
N ASP F 275 -57.37 -48.96 -1.22
CA ASP F 275 -57.23 -49.00 -2.68
C ASP F 275 -57.37 -47.61 -3.28
N GLY F 276 -58.30 -46.81 -2.77
CA GLY F 276 -58.43 -45.44 -3.25
C GLY F 276 -57.21 -44.59 -2.95
N ARG F 277 -56.64 -44.76 -1.77
CA ARG F 277 -55.40 -44.07 -1.45
C ARG F 277 -54.29 -44.47 -2.41
N ARG F 278 -54.18 -45.77 -2.69
CA ARG F 278 -53.20 -46.24 -3.65
C ARG F 278 -53.44 -45.64 -5.03
N ALA F 279 -54.70 -45.53 -5.43
CA ALA F 279 -55.02 -44.95 -6.73
C ALA F 279 -54.60 -43.48 -6.80
N LYS F 280 -54.88 -42.72 -5.74
CA LYS F 280 -54.45 -41.32 -5.70
C LYS F 280 -52.94 -41.23 -5.83
N ASN F 281 -52.21 -42.03 -5.03
CA ASN F 281 -50.76 -42.02 -5.14
C ASN F 281 -50.33 -42.32 -6.57
N HIS F 282 -50.82 -43.42 -7.13
CA HIS F 282 -50.44 -43.85 -8.47
C HIS F 282 -50.66 -42.75 -9.48
N LEU F 283 -51.80 -42.06 -9.39
CA LEU F 283 -52.05 -40.94 -10.28
C LEU F 283 -50.98 -39.87 -10.12
N LEU F 284 -50.59 -39.58 -8.88
CA LEU F 284 -49.56 -38.57 -8.66
C LEU F 284 -48.22 -38.96 -9.28
N GLU F 285 -47.78 -40.22 -9.06
CA GLU F 285 -46.50 -40.62 -9.67
C GLU F 285 -46.61 -40.60 -11.19
N ALA F 286 -47.74 -41.02 -11.74
CA ALA F 286 -47.89 -41.01 -13.19
C ALA F 286 -47.79 -39.59 -13.75
N ASN F 287 -48.34 -38.61 -13.02
CA ASN F 287 -48.42 -37.26 -13.53
C ASN F 287 -47.23 -36.38 -13.17
N LEU F 288 -46.29 -36.85 -12.33
CA LEU F 288 -45.12 -36.03 -12.03
C LEU F 288 -44.36 -35.59 -13.28
N ARG F 289 -44.35 -36.42 -14.32
CA ARG F 289 -43.63 -36.06 -15.54
C ARG F 289 -44.22 -34.81 -16.19
N LEU F 290 -45.54 -34.64 -16.11
CA LEU F 290 -46.17 -33.43 -16.64
C LEU F 290 -45.67 -32.19 -15.91
N VAL F 291 -45.56 -32.27 -14.58
CA VAL F 291 -45.02 -31.15 -13.81
C VAL F 291 -43.59 -30.86 -14.23
N VAL F 292 -42.79 -31.90 -14.39
CA VAL F 292 -41.39 -31.69 -14.78
C VAL F 292 -41.32 -31.01 -16.15
N SER F 293 -42.16 -31.45 -17.09
CA SER F 293 -42.18 -30.82 -18.41
C SER F 293 -42.59 -29.36 -18.33
N LEU F 294 -43.63 -29.06 -17.56
CA LEU F 294 -44.12 -27.69 -17.48
C LEU F 294 -43.09 -26.76 -16.84
N ALA F 295 -42.41 -27.23 -15.78
CA ALA F 295 -41.59 -26.33 -14.98
C ALA F 295 -40.29 -25.92 -15.66
N LYS F 296 -39.91 -26.55 -16.77
CA LYS F 296 -38.60 -26.29 -17.35
C LYS F 296 -38.53 -24.99 -18.13
N ARG F 297 -39.67 -24.45 -18.58
CA ARG F 297 -39.68 -23.21 -19.35
C ARG F 297 -39.68 -21.97 -18.47
N TYR F 298 -39.76 -22.13 -17.15
CA TYR F 298 -39.62 -21.02 -16.22
C TYR F 298 -38.23 -20.95 -15.61
N THR F 299 -37.28 -21.73 -16.13
CA THR F 299 -35.96 -21.79 -15.55
C THR F 299 -35.30 -20.41 -15.55
N GLY F 300 -34.45 -20.17 -14.57
CA GLY F 300 -33.88 -18.87 -14.36
C GLY F 300 -34.78 -18.00 -13.51
N ARG F 301 -34.57 -16.69 -13.63
CA ARG F 301 -35.38 -15.71 -12.89
C ARG F 301 -35.30 -15.95 -11.39
N GLY F 302 -34.11 -16.29 -10.91
CA GLY F 302 -33.89 -16.49 -9.48
C GLY F 302 -34.06 -17.92 -9.02
N MET F 303 -35.29 -18.42 -9.01
CA MET F 303 -35.54 -19.76 -8.50
C MET F 303 -34.82 -20.80 -9.34
N LEU F 304 -34.39 -21.88 -8.69
CA LEU F 304 -33.69 -22.95 -9.36
C LEU F 304 -34.69 -23.95 -9.94
N PHE F 305 -34.17 -24.99 -10.59
CA PHE F 305 -35.02 -25.95 -11.30
C PHE F 305 -35.83 -26.80 -10.33
N LEU F 306 -35.16 -27.35 -9.31
CA LEU F 306 -35.86 -28.28 -8.41
C LEU F 306 -36.90 -27.57 -7.56
N ASP F 307 -36.66 -26.32 -7.17
CA ASP F 307 -37.67 -25.57 -6.44
C ASP F 307 -38.92 -25.40 -7.28
N LEU F 308 -38.76 -25.06 -8.55
CA LEU F 308 -39.90 -24.95 -9.45
C LEU F 308 -40.62 -26.29 -9.58
N ILE F 309 -39.85 -27.38 -9.68
CA ILE F 309 -40.48 -28.70 -9.80
C ILE F 309 -41.32 -29.01 -8.57
N GLN F 310 -40.80 -28.70 -7.38
CA GLN F 310 -41.55 -29.01 -6.16
C GLN F 310 -42.80 -28.14 -6.03
N GLU F 311 -42.70 -26.86 -6.40
CA GLU F 311 -43.88 -26.02 -6.38
C GLU F 311 -44.94 -26.53 -7.36
N GLY F 312 -44.50 -26.95 -8.55
CA GLY F 312 -45.42 -27.57 -9.49
C GLY F 312 -46.03 -28.85 -8.94
N ASN F 313 -45.26 -29.61 -8.17
CA ASN F 313 -45.80 -30.82 -7.55
C ASN F 313 -46.90 -30.47 -6.56
N LEU F 314 -46.70 -29.43 -5.75
CA LEU F 314 -47.76 -28.99 -4.86
C LEU F 314 -49.00 -28.57 -5.64
N GLY F 315 -48.80 -27.82 -6.74
CA GLY F 315 -49.93 -27.45 -7.57
C GLY F 315 -50.66 -28.65 -8.13
N LEU F 316 -49.91 -29.66 -8.56
CA LEU F 316 -50.51 -30.87 -9.11
C LEU F 316 -51.30 -31.63 -8.05
N ILE F 317 -50.77 -31.68 -6.82
CA ILE F 317 -51.52 -32.31 -5.74
C ILE F 317 -52.83 -31.57 -5.50
N ARG F 318 -52.76 -30.24 -5.48
CA ARG F 318 -53.98 -29.45 -5.32
C ARG F 318 -54.99 -29.76 -6.43
N ALA F 319 -54.50 -29.85 -7.68
CA ALA F 319 -55.39 -30.15 -8.79
C ALA F 319 -56.02 -31.52 -8.65
N VAL F 320 -55.23 -32.52 -8.27
CA VAL F 320 -55.75 -33.87 -8.09
C VAL F 320 -56.81 -33.89 -7.00
N GLU F 321 -56.65 -33.05 -5.97
CA GLU F 321 -57.63 -32.96 -4.91
C GLU F 321 -58.99 -32.46 -5.41
N LYS F 322 -59.05 -31.84 -6.59
CA LYS F 322 -60.25 -31.16 -7.07
C LYS F 322 -60.52 -31.47 -8.53
N PHE F 323 -60.48 -32.75 -8.90
CA PHE F 323 -60.69 -33.18 -10.28
C PHE F 323 -61.94 -34.05 -10.37
N ASP F 324 -62.61 -33.98 -11.51
CA ASP F 324 -63.82 -34.76 -11.77
C ASP F 324 -63.78 -35.27 -13.20
N TYR F 325 -64.41 -36.43 -13.42
CA TYR F 325 -64.40 -37.08 -14.73
C TYR F 325 -65.70 -36.89 -15.51
N THR F 326 -66.73 -36.29 -14.90
CA THR F 326 -67.98 -36.08 -15.62
C THR F 326 -67.83 -35.10 -16.77
N LYS F 327 -66.79 -34.27 -16.76
CA LYS F 327 -66.58 -33.29 -17.82
C LYS F 327 -66.00 -33.90 -19.09
N GLY F 328 -65.54 -35.16 -19.03
CA GLY F 328 -65.09 -35.86 -20.20
C GLY F 328 -63.91 -35.20 -20.90
N TYR F 329 -62.95 -34.70 -20.12
CA TYR F 329 -61.71 -34.14 -20.63
C TYR F 329 -60.54 -34.88 -20.01
N LYS F 330 -59.45 -34.97 -20.78
CA LYS F 330 -58.26 -35.64 -20.29
C LYS F 330 -57.69 -34.86 -19.10
N PHE F 331 -57.15 -35.61 -18.13
CA PHE F 331 -56.71 -35.02 -16.87
C PHE F 331 -55.60 -33.99 -17.06
N SER F 332 -54.89 -34.03 -18.19
CA SER F 332 -53.71 -33.19 -18.36
C SER F 332 -54.06 -31.69 -18.34
N THR F 333 -55.27 -31.33 -18.76
CA THR F 333 -55.61 -29.92 -18.90
C THR F 333 -55.70 -29.22 -17.54
N TYR F 334 -56.57 -29.72 -16.67
CA TYR F 334 -56.72 -29.15 -15.33
C TYR F 334 -55.38 -29.11 -14.60
N ALA F 335 -54.63 -30.21 -14.68
CA ALA F 335 -53.33 -30.26 -14.04
C ALA F 335 -52.40 -29.19 -14.60
N THR F 336 -52.41 -28.98 -15.92
CA THR F 336 -51.55 -27.97 -16.51
C THR F 336 -51.91 -26.58 -16.01
N TRP F 337 -53.20 -26.25 -16.00
CA TRP F 337 -53.61 -24.94 -15.49
C TRP F 337 -53.12 -24.74 -14.07
N TRP F 338 -53.41 -25.69 -13.18
CA TRP F 338 -53.05 -25.51 -11.78
C TRP F 338 -51.54 -25.49 -11.58
N ILE F 339 -50.81 -26.30 -12.34
CA ILE F 339 -49.35 -26.34 -12.22
C ILE F 339 -48.76 -24.99 -12.60
N ARG F 340 -49.21 -24.43 -13.72
CA ARG F 340 -48.69 -23.12 -14.13
C ARG F 340 -49.06 -22.05 -13.13
N GLN F 341 -50.29 -22.08 -12.61
CA GLN F 341 -50.69 -21.10 -11.60
C GLN F 341 -49.78 -21.18 -10.37
N ALA F 342 -49.57 -22.40 -9.86
CA ALA F 342 -48.74 -22.56 -8.67
C ALA F 342 -47.30 -22.10 -8.94
N ILE F 343 -46.75 -22.47 -10.09
CA ILE F 343 -45.37 -22.12 -10.39
C ILE F 343 -45.20 -20.60 -10.47
N THR F 344 -46.12 -19.93 -11.16
CA THR F 344 -45.99 -18.49 -11.30
C THR F 344 -46.20 -17.78 -9.96
N ARG F 345 -47.15 -18.25 -9.15
CA ARG F 345 -47.33 -17.64 -7.82
C ARG F 345 -46.07 -17.81 -6.98
N ALA F 346 -45.49 -19.02 -6.98
CA ALA F 346 -44.29 -19.25 -6.19
C ALA F 346 -43.14 -18.38 -6.67
N MET F 347 -42.97 -18.26 -7.98
CA MET F 347 -41.91 -17.39 -8.50
C MET F 347 -42.18 -15.93 -8.17
N ALA F 348 -43.45 -15.56 -8.00
CA ALA F 348 -43.76 -14.20 -7.58
C ALA F 348 -43.42 -13.97 -6.11
N ASP F 349 -43.51 -15.03 -5.29
CA ASP F 349 -43.31 -14.88 -3.85
C ASP F 349 -41.89 -15.20 -3.38
N GLN F 350 -41.10 -15.95 -4.15
CA GLN F 350 -39.79 -16.44 -3.69
C GLN F 350 -38.73 -16.23 -4.76
N ALA F 351 -38.65 -15.01 -5.31
CA ALA F 351 -37.69 -14.71 -6.36
C ALA F 351 -36.84 -13.48 -6.09
N ARG F 352 -37.16 -12.67 -5.08
CA ARG F 352 -36.44 -11.44 -4.80
C ARG F 352 -36.14 -11.35 -3.31
N THR F 353 -34.95 -10.81 -2.98
CA THR F 353 -34.59 -10.66 -1.58
C THR F 353 -35.54 -9.70 -0.88
N ILE F 354 -35.89 -8.60 -1.53
CA ILE F 354 -36.88 -7.65 -1.02
C ILE F 354 -38.19 -8.00 -1.72
N ARG F 355 -39.09 -8.66 -1.01
CA ARG F 355 -40.30 -9.19 -1.62
C ARG F 355 -41.20 -8.06 -2.12
N ILE F 356 -41.94 -8.36 -3.18
CA ILE F 356 -42.90 -7.42 -3.76
C ILE F 356 -44.24 -8.13 -3.87
N PRO F 357 -45.38 -7.45 -3.66
CA PRO F 357 -46.67 -8.12 -3.81
C PRO F 357 -46.87 -8.64 -5.21
N VAL F 358 -47.88 -9.51 -5.36
CA VAL F 358 -48.12 -10.16 -6.64
C VAL F 358 -48.49 -9.15 -7.71
N HIS F 359 -49.37 -8.20 -7.38
CA HIS F 359 -49.84 -7.26 -8.39
C HIS F 359 -48.71 -6.37 -8.88
N MET F 360 -47.82 -5.93 -7.99
CA MET F 360 -46.70 -5.11 -8.42
C MET F 360 -45.75 -5.90 -9.31
N VAL F 361 -45.55 -7.18 -9.02
CA VAL F 361 -44.71 -8.00 -9.89
C VAL F 361 -45.36 -8.14 -11.26
N GLU F 362 -46.68 -8.32 -11.30
CA GLU F 362 -47.38 -8.39 -12.58
C GLU F 362 -47.21 -7.09 -13.36
N VAL F 363 -47.33 -5.95 -12.68
CA VAL F 363 -47.16 -4.66 -13.34
C VAL F 363 -45.74 -4.53 -13.89
N ILE F 364 -44.74 -4.95 -13.11
CA ILE F 364 -43.36 -4.88 -13.56
C ILE F 364 -43.17 -5.75 -14.80
N ASN F 365 -43.72 -6.96 -14.79
CA ASN F 365 -43.59 -7.85 -15.95
C ASN F 365 -44.27 -7.24 -17.17
N LYS F 366 -45.45 -6.67 -16.99
CA LYS F 366 -46.15 -6.04 -18.11
C LYS F 366 -45.33 -4.90 -18.69
N LEU F 367 -44.79 -4.05 -17.82
CA LEU F 367 -43.99 -2.92 -18.29
C LEU F 367 -42.74 -3.40 -19.02
N ALA F 368 -42.07 -4.42 -18.49
CA ALA F 368 -40.87 -4.94 -19.14
C ALA F 368 -41.20 -5.51 -20.52
N ARG F 369 -42.29 -6.28 -20.62
CA ARG F 369 -42.67 -6.85 -21.90
C ARG F 369 -43.02 -5.75 -22.91
N VAL F 370 -43.76 -4.73 -22.48
CA VAL F 370 -44.13 -3.64 -23.38
C VAL F 370 -42.89 -2.90 -23.84
N GLN F 371 -41.95 -2.65 -22.92
CA GLN F 371 -40.72 -1.96 -23.29
C GLN F 371 -39.91 -2.77 -24.28
N ARG F 372 -39.81 -4.08 -24.06
CA ARG F 372 -39.07 -4.93 -24.99
C ARG F 372 -39.71 -4.91 -26.37
N GLN F 373 -41.04 -5.02 -26.43
CA GLN F 373 -41.72 -5.01 -27.73
C GLN F 373 -41.53 -3.68 -28.43
N MET F 374 -41.66 -2.58 -27.70
CA MET F 374 -41.47 -1.26 -28.30
C MET F 374 -40.04 -1.09 -28.82
N LEU F 375 -39.05 -1.52 -28.03
CA LEU F 375 -37.67 -1.41 -28.46
C LEU F 375 -37.41 -2.24 -29.71
N GLN F 376 -37.98 -3.45 -29.77
CA GLN F 376 -37.77 -4.31 -30.93
C GLN F 376 -38.43 -3.72 -32.18
N ASP F 377 -39.70 -3.31 -32.07
CA ASP F 377 -40.42 -2.86 -33.25
C ASP F 377 -39.94 -1.49 -33.73
N LEU F 378 -39.80 -0.53 -32.80
CA LEU F 378 -39.49 0.84 -33.19
C LEU F 378 -38.06 0.98 -33.66
N GLY F 379 -37.12 0.33 -32.99
CA GLY F 379 -35.71 0.45 -33.31
C GLY F 379 -34.93 1.42 -32.43
N ARG F 380 -35.56 2.01 -31.43
CA ARG F 380 -34.90 2.91 -30.50
C ARG F 380 -35.41 2.61 -29.09
N GLU F 381 -34.72 3.18 -28.10
CA GLU F 381 -35.15 3.03 -26.73
C GLU F 381 -36.37 3.91 -26.47
N PRO F 382 -37.52 3.37 -26.06
CA PRO F 382 -38.68 4.22 -25.82
C PRO F 382 -38.40 5.21 -24.69
N THR F 383 -38.92 6.42 -24.85
CA THR F 383 -38.84 7.43 -23.81
C THR F 383 -39.90 7.15 -22.74
N PRO F 384 -39.73 7.72 -21.54
CA PRO F 384 -40.74 7.49 -20.50
C PRO F 384 -42.14 7.92 -20.90
N GLU F 385 -42.26 8.99 -21.69
CA GLU F 385 -43.59 9.44 -22.11
C GLU F 385 -44.24 8.44 -23.06
N GLU F 386 -43.45 7.84 -23.96
CA GLU F 386 -44.01 6.86 -24.88
C GLU F 386 -44.58 5.66 -24.14
N LEU F 387 -43.83 5.13 -23.17
CA LEU F 387 -44.34 4.03 -22.37
C LEU F 387 -45.52 4.47 -21.53
N ALA F 388 -45.47 5.69 -20.98
CA ALA F 388 -46.56 6.19 -20.15
C ALA F 388 -47.86 6.24 -20.93
N LYS F 389 -47.81 6.73 -22.18
CA LYS F 389 -49.02 6.78 -23.00
C LYS F 389 -49.40 5.40 -23.50
N GLU F 390 -48.43 4.50 -23.68
CA GLU F 390 -48.75 3.13 -24.09
C GLU F 390 -49.33 2.34 -22.93
N LEU F 391 -48.79 2.51 -21.73
CA LEU F 391 -49.23 1.75 -20.56
C LEU F 391 -50.41 2.41 -19.85
N ASP F 392 -50.81 3.62 -20.25
CA ASP F 392 -51.92 4.32 -19.62
C ASP F 392 -51.64 4.56 -18.13
N MET F 393 -50.52 5.23 -17.88
CA MET F 393 -50.16 5.63 -16.52
C MET F 393 -49.24 6.83 -16.59
N THR F 394 -49.14 7.54 -15.48
CA THR F 394 -48.30 8.73 -15.42
C THR F 394 -46.82 8.35 -15.49
N PRO F 395 -45.97 9.22 -16.02
CA PRO F 395 -44.53 8.89 -16.07
C PRO F 395 -43.92 8.64 -14.70
N GLU F 396 -44.42 9.32 -13.66
CA GLU F 396 -43.91 9.06 -12.32
C GLU F 396 -44.14 7.61 -11.92
N LYS F 397 -45.32 7.07 -12.22
CA LYS F 397 -45.58 5.67 -11.94
C LYS F 397 -44.66 4.77 -12.74
N VAL F 398 -44.38 5.14 -13.99
CA VAL F 398 -43.49 4.32 -14.83
C VAL F 398 -42.10 4.25 -14.21
N ILE F 399 -41.56 5.40 -13.80
CA ILE F 399 -40.21 5.40 -13.23
C ILE F 399 -40.20 4.68 -11.89
N GLU F 400 -41.27 4.82 -11.11
CA GLU F 400 -41.34 4.11 -9.83
C GLU F 400 -41.35 2.60 -10.05
N VAL F 401 -42.12 2.12 -11.03
CA VAL F 401 -42.16 0.70 -11.33
C VAL F 401 -40.80 0.22 -11.85
N GLN F 402 -40.13 1.04 -12.64
CA GLN F 402 -38.79 0.69 -13.09
C GLN F 402 -37.83 0.57 -11.90
N LYS F 403 -37.95 1.49 -10.94
CA LYS F 403 -37.04 1.51 -9.80
C LYS F 403 -37.28 0.30 -8.89
N TYR F 404 -38.53 -0.08 -8.68
CA TYR F 404 -38.83 -1.14 -7.71
C TYR F 404 -38.18 -2.46 -8.10
N GLY F 405 -37.97 -2.71 -9.39
CA GLY F 405 -37.58 -4.02 -9.84
C GLY F 405 -36.10 -4.35 -9.81
N ARG F 406 -35.25 -3.44 -9.37
CA ARG F 406 -33.81 -3.67 -9.44
C ARG F 406 -33.37 -4.73 -8.43
N GLU F 407 -32.27 -5.42 -8.76
CA GLU F 407 -31.70 -6.50 -7.95
C GLU F 407 -30.52 -5.97 -7.13
N PRO F 408 -30.45 -6.22 -5.82
CA PRO F 408 -29.33 -5.70 -5.05
C PRO F 408 -28.01 -6.31 -5.48
N ILE F 409 -26.97 -5.48 -5.47
CA ILE F 409 -25.60 -5.93 -5.77
C ILE F 409 -25.10 -6.70 -4.56
N SER F 410 -23.98 -7.39 -4.71
CA SER F 410 -23.39 -8.18 -3.62
C SER F 410 -22.17 -7.45 -3.07
N LEU F 411 -22.02 -7.50 -1.74
CA LEU F 411 -20.89 -6.86 -1.08
C LEU F 411 -19.58 -7.60 -1.29
N HIS F 412 -19.61 -8.80 -1.85
CA HIS F 412 -18.43 -9.64 -1.99
C HIS F 412 -17.86 -9.63 -3.41
N THR F 413 -18.37 -8.79 -4.30
CA THR F 413 -17.85 -8.75 -5.66
C THR F 413 -16.43 -8.18 -5.62
N PRO F 414 -15.42 -8.89 -6.13
CA PRO F 414 -14.05 -8.36 -6.04
C PRO F 414 -13.82 -7.26 -7.07
N LEU F 415 -13.22 -6.16 -6.61
CA LEU F 415 -12.80 -5.06 -7.48
C LEU F 415 -11.29 -4.89 -7.52
N GLY F 416 -10.55 -5.63 -6.70
CA GLY F 416 -9.10 -5.57 -6.75
C GLY F 416 -8.56 -6.46 -7.86
N GLU F 417 -7.74 -5.86 -8.73
CA GLU F 417 -7.20 -6.61 -9.86
C GLU F 417 -6.42 -7.84 -9.39
N ASP F 418 -5.70 -7.74 -8.27
CA ASP F 418 -4.97 -8.87 -7.73
C ASP F 418 -5.86 -9.83 -6.95
N GLY F 419 -7.08 -9.43 -6.62
CA GLY F 419 -7.99 -10.31 -5.92
C GLY F 419 -7.82 -10.29 -4.42
N ASP F 420 -7.82 -9.11 -3.82
CA ASP F 420 -7.70 -8.95 -2.38
C ASP F 420 -8.81 -8.10 -1.79
N SER F 421 -9.29 -7.09 -2.50
CA SER F 421 -10.32 -6.19 -2.00
C SER F 421 -11.71 -6.69 -2.39
N GLU F 422 -12.72 -6.00 -1.88
CA GLU F 422 -14.11 -6.31 -2.18
C GLU F 422 -14.91 -5.02 -2.23
N PHE F 423 -16.07 -5.09 -2.87
CA PHE F 423 -16.92 -3.91 -2.96
C PHE F 423 -17.35 -3.42 -1.58
N GLY F 424 -17.49 -4.31 -0.62
CA GLY F 424 -17.98 -3.94 0.69
C GLY F 424 -16.95 -3.36 1.63
N ASP F 425 -15.68 -3.37 1.24
CA ASP F 425 -14.62 -2.84 2.08
C ASP F 425 -14.47 -1.32 1.97
N LEU F 426 -15.19 -0.68 1.04
CA LEU F 426 -15.08 0.75 0.79
C LEU F 426 -16.36 1.50 1.12
N ILE F 427 -17.30 0.86 1.81
CA ILE F 427 -18.54 1.49 2.22
C ILE F 427 -18.33 2.05 3.63
N GLU F 428 -18.58 3.35 3.79
CA GLU F 428 -18.39 4.00 5.07
C GLU F 428 -19.61 3.78 5.97
N ASP F 429 -19.35 3.44 7.22
CA ASP F 429 -20.44 3.31 8.19
C ASP F 429 -20.95 4.69 8.55
N SER F 430 -22.00 5.14 7.87
CA SER F 430 -22.44 6.53 8.01
C SER F 430 -22.91 6.81 9.44
N GLU F 431 -23.63 5.87 10.05
CA GLU F 431 -24.14 6.05 11.40
C GLU F 431 -23.13 5.58 12.46
N ALA F 432 -21.89 6.05 12.33
CA ALA F 432 -20.82 5.69 13.25
C ALA F 432 -20.50 6.89 14.14
N VAL F 433 -20.35 6.62 15.43
CA VAL F 433 -20.07 7.68 16.40
C VAL F 433 -18.72 8.30 16.06
N VAL F 434 -18.73 9.54 15.62
CA VAL F 434 -17.50 10.28 15.33
C VAL F 434 -17.01 10.86 16.65
N PRO F 435 -15.78 10.55 17.09
CA PRO F 435 -15.35 11.05 18.40
C PRO F 435 -15.38 12.56 18.50
N ALA F 436 -15.06 13.27 17.42
CA ALA F 436 -15.09 14.74 17.47
C ALA F 436 -16.48 15.25 17.80
N ASP F 437 -17.51 14.69 17.16
CA ASP F 437 -18.88 15.12 17.42
C ASP F 437 -19.29 14.80 18.86
N ALA F 438 -18.90 13.62 19.36
CA ALA F 438 -19.25 13.26 20.72
C ALA F 438 -18.61 14.21 21.74
N VAL F 439 -17.33 14.52 21.53
CA VAL F 439 -16.65 15.44 22.45
C VAL F 439 -17.26 16.83 22.34
N SER F 440 -17.64 17.25 21.12
CA SER F 440 -18.28 18.55 20.97
C SER F 440 -19.60 18.60 21.74
N PHE F 441 -20.41 17.55 21.64
CA PHE F 441 -21.67 17.53 22.37
C PHE F 441 -21.44 17.53 23.87
N THR F 442 -20.44 16.77 24.34
CA THR F 442 -20.14 16.78 25.77
C THR F 442 -19.74 18.16 26.24
N LEU F 443 -18.89 18.85 25.46
CA LEU F 443 -18.49 20.21 25.82
C LEU F 443 -19.68 21.15 25.83
N LEU F 444 -20.59 21.01 24.87
CA LEU F 444 -21.79 21.83 24.85
C LEU F 444 -22.62 21.59 26.11
N GLN F 445 -22.78 20.32 26.49
CA GLN F 445 -23.57 19.99 27.67
C GLN F 445 -22.93 20.61 28.92
N GLU F 446 -21.61 20.53 29.04
CA GLU F 446 -20.94 21.08 30.21
C GLU F 446 -21.01 22.61 30.23
N GLN F 447 -20.93 23.24 29.06
CA GLN F 447 -20.95 24.70 29.00
C GLN F 447 -22.35 25.26 29.23
N LEU F 448 -23.38 24.51 28.86
CA LEU F 448 -24.74 25.01 29.02
C LEU F 448 -25.08 25.23 30.50
N HIS F 449 -24.65 24.31 31.36
CA HIS F 449 -24.99 24.43 32.78
C HIS F 449 -24.37 25.68 33.39
N SER F 450 -23.14 26.01 33.00
CA SER F 450 -22.47 27.17 33.58
C SER F 450 -23.24 28.46 33.31
N VAL F 451 -23.74 28.62 32.08
CA VAL F 451 -24.50 29.81 31.75
C VAL F 451 -25.75 29.91 32.62
N LEU F 452 -26.39 28.78 32.90
CA LEU F 452 -27.54 28.78 33.80
C LEU F 452 -27.11 29.05 35.24
N ASP F 453 -25.85 28.79 35.60
CA ASP F 453 -25.41 28.98 36.98
C ASP F 453 -25.47 30.44 37.38
N THR F 454 -25.05 31.35 36.50
CA THR F 454 -25.06 32.77 36.84
C THR F 454 -26.48 33.30 37.04
N LEU F 455 -27.49 32.62 36.53
CA LEU F 455 -28.86 33.04 36.75
C LEU F 455 -29.28 32.76 38.18
N SER F 456 -30.37 33.43 38.60
CA SER F 456 -30.90 33.22 39.93
C SER F 456 -31.33 31.77 40.12
N GLU F 457 -31.54 31.39 41.38
CA GLU F 457 -31.90 30.01 41.70
C GLU F 457 -33.20 29.61 41.03
N ARG F 458 -34.26 30.42 41.20
CA ARG F 458 -35.56 30.07 40.66
C ARG F 458 -35.52 29.97 39.14
N GLU F 459 -34.82 30.92 38.49
CA GLU F 459 -34.77 30.92 37.03
C GLU F 459 -34.14 29.65 36.50
N ALA F 460 -32.96 29.29 37.01
CA ALA F 460 -32.30 28.08 36.56
C ALA F 460 -33.14 26.85 36.87
N GLY F 461 -33.73 26.80 38.05
CA GLY F 461 -34.55 25.65 38.41
C GLY F 461 -35.72 25.46 37.46
N VAL F 462 -36.47 26.52 37.21
CA VAL F 462 -37.65 26.40 36.36
C VAL F 462 -37.24 26.07 34.93
N VAL F 463 -36.16 26.67 34.44
CA VAL F 463 -35.71 26.35 33.08
C VAL F 463 -35.34 24.87 32.99
N SER F 464 -34.59 24.38 33.97
CA SER F 464 -34.16 22.98 33.94
C SER F 464 -35.34 22.04 33.99
N MET F 465 -36.30 22.32 34.87
CA MET F 465 -37.48 21.45 34.96
C MET F 465 -38.31 21.50 33.69
N ARG F 466 -38.50 22.69 33.12
CA ARG F 466 -39.31 22.82 31.91
C ARG F 466 -38.67 22.07 30.75
N PHE F 467 -37.36 22.20 30.58
CA PHE F 467 -36.65 21.52 29.50
C PHE F 467 -36.07 20.17 29.92
N GLY F 468 -36.18 19.80 31.19
CA GLY F 468 -35.75 18.49 31.63
C GLY F 468 -34.28 18.20 31.39
N LEU F 469 -33.43 19.21 31.54
CA LEU F 469 -32.00 18.99 31.36
C LEU F 469 -31.47 18.02 32.40
N THR F 470 -31.94 18.14 33.66
CA THR F 470 -31.43 17.31 34.73
C THR F 470 -31.95 15.87 34.66
N ASP F 471 -33.19 15.67 34.19
CA ASP F 471 -33.82 14.37 34.21
C ASP F 471 -34.28 13.87 32.84
N GLY F 472 -34.57 14.77 31.90
CA GLY F 472 -34.99 14.38 30.57
C GLY F 472 -36.49 14.35 30.35
N GLN F 473 -37.29 14.55 31.40
CA GLN F 473 -38.73 14.54 31.28
C GLN F 473 -39.24 15.97 31.36
N PRO F 474 -39.71 16.58 30.25
CA PRO F 474 -40.25 17.95 30.35
C PRO F 474 -41.57 17.98 31.11
N LYS F 475 -41.54 18.50 32.32
CA LYS F 475 -42.73 18.54 33.16
C LYS F 475 -43.63 19.71 32.77
N THR F 476 -44.88 19.63 33.20
CA THR F 476 -45.86 20.66 32.90
C THR F 476 -45.67 21.86 33.82
N LEU F 477 -46.34 22.96 33.48
CA LEU F 477 -46.21 24.18 34.26
C LEU F 477 -46.72 23.98 35.69
N ASP F 478 -47.82 23.23 35.84
CA ASP F 478 -48.33 22.95 37.17
C ASP F 478 -47.31 22.17 38.00
N GLU F 479 -46.62 21.21 37.37
CA GLU F 479 -45.60 20.46 38.08
C GLU F 479 -44.49 21.38 38.57
N ILE F 480 -44.05 22.30 37.73
CA ILE F 480 -42.98 23.23 38.13
C ILE F 480 -43.46 24.13 39.26
N GLY F 481 -44.68 24.67 39.14
CA GLY F 481 -45.20 25.56 40.16
C GLY F 481 -45.51 24.88 41.46
N LYS F 482 -45.71 23.56 41.46
CA LYS F 482 -45.97 22.84 42.70
C LYS F 482 -44.78 22.95 43.65
N VAL F 483 -43.56 22.84 43.13
CA VAL F 483 -42.38 22.88 43.99
C VAL F 483 -42.26 24.24 44.67
N TYR F 484 -42.38 25.32 43.89
CA TYR F 484 -42.23 26.67 44.42
C TYR F 484 -43.54 27.26 44.92
N GLY F 485 -44.69 26.67 44.56
CA GLY F 485 -45.97 27.15 45.01
C GLY F 485 -46.50 28.36 44.29
N VAL F 486 -45.79 28.87 43.29
CA VAL F 486 -46.24 30.04 42.54
C VAL F 486 -47.35 29.62 41.58
N THR F 487 -48.04 30.60 41.01
CA THR F 487 -49.14 30.30 40.11
C THR F 487 -48.64 29.86 38.74
N ARG F 488 -49.54 29.27 37.97
CA ARG F 488 -49.25 28.86 36.59
C ARG F 488 -48.77 30.05 35.78
N GLU F 489 -49.49 31.15 35.87
CA GLU F 489 -49.15 32.36 35.12
C GLU F 489 -47.77 32.86 35.53
N ARG F 490 -47.44 32.73 36.83
CA ARG F 490 -46.11 33.10 37.28
C ARG F 490 -45.05 32.26 36.60
N ILE F 491 -45.27 30.94 36.51
CA ILE F 491 -44.33 30.09 35.80
C ILE F 491 -44.21 30.52 34.34
N ARG F 492 -45.34 30.93 33.74
CA ARG F 492 -45.29 31.41 32.37
C ARG F 492 -44.40 32.64 32.25
N GLN F 493 -44.53 33.60 33.17
CA GLN F 493 -43.76 34.84 33.06
C GLN F 493 -42.29 34.63 33.42
N ILE F 494 -42.03 33.88 34.49
CA ILE F 494 -40.65 33.71 34.95
C ILE F 494 -39.80 33.07 33.86
N GLU F 495 -40.37 32.10 33.14
CA GLU F 495 -39.63 31.49 32.04
C GLU F 495 -39.32 32.51 30.95
N SER F 496 -40.28 33.38 30.63
CA SER F 496 -40.08 34.34 29.54
C SER F 496 -38.92 35.28 29.84
N LYS F 497 -38.82 35.75 31.08
CA LYS F 497 -37.74 36.66 31.43
C LYS F 497 -36.38 36.00 31.26
N THR F 498 -36.27 34.71 31.61
CA THR F 498 -35.02 34.01 31.43
C THR F 498 -34.64 33.94 29.96
N MET F 499 -35.60 33.63 29.09
CA MET F 499 -35.31 33.58 27.67
C MET F 499 -34.89 34.95 27.15
N SER F 500 -35.54 36.02 27.63
CA SER F 500 -35.11 37.36 27.25
C SER F 500 -33.68 37.62 27.69
N LYS F 501 -33.35 37.21 28.91
CA LYS F 501 -32.00 37.43 29.43
C LYS F 501 -30.96 36.69 28.59
N LEU F 502 -31.18 35.40 28.35
CA LEU F 502 -30.23 34.63 27.55
C LEU F 502 -30.20 35.13 26.10
N ARG F 503 -31.37 35.47 25.54
CA ARG F 503 -31.44 36.02 24.19
C ARG F 503 -31.18 37.53 24.25
N HIS F 504 -29.95 37.85 24.61
CA HIS F 504 -29.50 39.22 24.76
C HIS F 504 -28.09 39.32 24.22
N PRO F 505 -27.64 40.52 23.79
CA PRO F 505 -26.24 40.66 23.40
C PRO F 505 -25.30 40.82 24.57
N SER F 506 -25.49 40.03 25.62
CA SER F 506 -24.62 40.04 26.79
C SER F 506 -24.24 38.65 27.28
N ARG F 507 -25.02 37.61 26.98
CA ARG F 507 -24.67 36.25 27.33
C ARG F 507 -24.72 35.31 26.14
N SER F 508 -25.01 35.80 24.94
CA SER F 508 -25.15 34.93 23.78
C SER F 508 -23.80 34.45 23.27
N GLN F 509 -22.73 35.23 23.47
CA GLN F 509 -21.46 34.92 22.83
C GLN F 509 -20.93 33.56 23.28
N VAL F 510 -21.07 33.25 24.58
CA VAL F 510 -20.60 31.97 25.08
C VAL F 510 -21.28 30.80 24.39
N LEU F 511 -22.49 31.00 23.88
CA LEU F 511 -23.29 29.92 23.30
C LEU F 511 -23.48 30.05 21.80
N ARG F 512 -22.99 31.12 21.17
CA ARG F 512 -23.23 31.32 19.75
C ARG F 512 -22.51 30.25 18.91
N ASP F 513 -21.28 29.89 19.29
CA ASP F 513 -20.50 28.98 18.47
C ASP F 513 -21.18 27.62 18.34
N TYR F 514 -21.73 27.10 19.44
CA TYR F 514 -22.27 25.75 19.43
C TYR F 514 -23.50 25.60 18.56
N LEU F 515 -24.12 26.69 18.12
CA LEU F 515 -25.28 26.63 17.25
C LEU F 515 -24.85 26.72 15.79
N LEU G 6 -17.43 5.39 -2.01
CA LEU G 6 -18.86 5.10 -1.92
C LEU G 6 -19.41 5.51 -0.56
N ARG G 7 -20.72 5.73 -0.52
CA ARG G 7 -21.44 6.06 0.71
C ARG G 7 -22.57 5.08 0.90
N GLY G 8 -22.79 4.67 2.15
CA GLY G 8 -23.86 3.74 2.45
C GLY G 8 -24.31 3.91 3.88
N THR G 9 -25.55 3.48 4.15
CA THR G 9 -26.14 3.64 5.47
C THR G 9 -27.12 2.51 5.72
N ARG G 10 -26.85 1.71 6.75
CA ARG G 10 -27.86 0.81 7.27
C ARG G 10 -29.00 1.64 7.86
N LEU G 11 -30.22 1.16 7.69
CA LEU G 11 -31.41 1.92 8.09
C LEU G 11 -31.54 1.86 9.61
N VAL G 12 -30.61 2.53 10.28
CA VAL G 12 -30.52 2.55 11.74
C VAL G 12 -30.33 3.99 12.20
N VAL G 13 -31.01 4.35 13.28
CA VAL G 13 -30.93 5.69 13.85
C VAL G 13 -30.25 5.60 15.21
N THR G 14 -29.53 6.67 15.57
CA THR G 14 -28.81 6.75 16.83
C THR G 14 -29.04 8.11 17.46
N SER G 15 -28.84 8.19 18.78
CA SER G 15 -29.03 9.41 19.54
C SER G 15 -27.84 9.63 20.48
N TYR G 16 -27.43 10.88 20.62
CA TYR G 16 -26.37 11.25 21.56
C TYR G 16 -27.00 11.30 22.95
N GLU G 17 -26.92 10.19 23.66
CA GLU G 17 -27.64 10.05 24.91
C GLU G 17 -27.06 8.88 25.69
N THR G 18 -27.20 8.93 27.00
CA THR G 18 -26.49 8.03 27.90
C THR G 18 -27.43 7.42 28.91
N ASP G 19 -26.90 6.50 29.71
CA ASP G 19 -27.64 5.83 30.78
C ASP G 19 -27.43 6.46 32.14
N ARG G 20 -26.36 7.25 32.31
CA ARG G 20 -26.01 7.80 33.62
C ARG G 20 -26.82 9.05 33.89
N GLY G 21 -27.29 9.17 35.13
CA GLY G 21 -28.04 10.35 35.54
C GLY G 21 -29.48 10.39 35.08
N ILE G 22 -30.11 9.23 34.90
CA ILE G 22 -31.50 9.16 34.50
C ILE G 22 -32.27 8.33 35.52
N ASP G 23 -33.53 8.68 35.71
CA ASP G 23 -34.44 7.96 36.59
C ASP G 23 -35.45 7.17 35.76
N LEU G 24 -35.50 5.86 35.99
CA LEU G 24 -36.31 4.98 35.16
C LEU G 24 -37.77 5.05 35.59
N ALA G 25 -38.67 4.92 34.61
CA ALA G 25 -40.09 4.94 34.88
C ALA G 25 -40.51 3.66 35.60
N PRO G 26 -41.61 3.69 36.33
CA PRO G 26 -42.06 2.48 37.04
C PRO G 26 -42.51 1.40 36.07
N ARG G 27 -42.36 0.15 36.51
CA ARG G 27 -42.76 -1.01 35.72
C ARG G 27 -43.30 -2.09 36.64
N GLN G 28 -44.11 -2.97 36.08
CA GLN G 28 -44.71 -4.09 36.79
C GLN G 28 -44.32 -5.39 36.12
N ALA G 29 -44.01 -6.40 36.93
CA ALA G 29 -43.61 -7.71 36.44
C ALA G 29 -44.81 -8.64 36.43
N VAL G 30 -45.17 -9.14 35.25
CA VAL G 30 -46.27 -10.07 35.08
C VAL G 30 -45.69 -11.45 34.78
N GLU G 31 -46.25 -12.48 35.42
CA GLU G 31 -45.73 -13.84 35.31
C GLU G 31 -46.57 -14.63 34.31
N TYR G 32 -45.88 -15.44 33.50
CA TYR G 32 -46.51 -16.32 32.54
C TYR G 32 -45.96 -17.72 32.71
N ALA G 33 -46.80 -18.71 32.43
CA ALA G 33 -46.49 -20.12 32.63
C ALA G 33 -46.77 -20.90 31.35
N CYS G 34 -45.95 -21.93 31.12
CA CYS G 34 -46.07 -22.77 29.95
C CYS G 34 -46.71 -24.11 30.31
N GLU G 35 -47.11 -24.85 29.27
CA GLU G 35 -47.71 -26.16 29.48
C GLU G 35 -46.74 -27.13 30.12
N LYS G 36 -45.47 -27.09 29.70
CA LYS G 36 -44.47 -28.01 30.22
C LYS G 36 -43.87 -27.57 31.55
N GLY G 37 -44.29 -26.42 32.08
CA GLY G 37 -43.82 -25.94 33.36
C GLY G 37 -42.84 -24.79 33.32
N HIS G 38 -42.62 -24.18 32.15
CA HIS G 38 -41.71 -23.05 32.06
C HIS G 38 -42.42 -21.78 32.53
N ARG G 39 -41.79 -21.08 33.48
CA ARG G 39 -42.32 -19.84 34.04
C ARG G 39 -41.36 -18.70 33.70
N PHE G 40 -41.91 -17.51 33.48
CA PHE G 40 -41.07 -16.35 33.20
C PHE G 40 -41.80 -15.07 33.60
N GLU G 41 -41.02 -14.01 33.72
CA GLU G 41 -41.51 -12.69 34.10
C GLU G 41 -41.32 -11.72 32.94
N MET G 42 -42.22 -10.74 32.85
CA MET G 42 -42.18 -9.75 31.79
C MET G 42 -42.41 -8.37 32.40
N PRO G 43 -41.56 -7.37 32.11
CA PRO G 43 -41.82 -6.01 32.60
C PRO G 43 -42.69 -5.21 31.64
N PHE G 44 -43.75 -4.59 32.17
CA PHE G 44 -44.63 -3.75 31.39
C PHE G 44 -44.84 -2.42 32.11
N SER G 45 -45.09 -1.37 31.33
CA SER G 45 -45.36 -0.06 31.92
C SER G 45 -46.65 -0.11 32.73
N VAL G 46 -46.68 0.69 33.80
CA VAL G 46 -47.87 0.73 34.64
C VAL G 46 -49.07 1.21 33.85
N GLU G 47 -48.87 2.16 32.94
CA GLU G 47 -49.93 2.65 32.07
C GLU G 47 -50.05 1.79 30.81
N ALA G 48 -50.31 0.51 31.02
CA ALA G 48 -50.36 -0.46 29.93
C ALA G 48 -51.48 -1.46 30.18
N GLU G 49 -51.93 -2.08 29.10
CA GLU G 49 -52.91 -3.15 29.14
C GLU G 49 -52.20 -4.49 29.02
N ILE G 50 -52.69 -5.49 29.74
CA ILE G 50 -52.04 -6.79 29.81
C ILE G 50 -52.76 -7.73 28.85
N PRO G 51 -52.12 -8.21 27.79
CA PRO G 51 -52.78 -9.15 26.88
C PRO G 51 -52.93 -10.51 27.52
N PRO G 52 -53.88 -11.33 27.06
CA PRO G 52 -54.11 -12.62 27.71
C PRO G 52 -53.11 -13.70 27.31
N GLU G 53 -52.56 -13.60 26.10
CA GLU G 53 -51.72 -14.64 25.54
C GLU G 53 -50.37 -14.09 25.11
N TRP G 54 -49.35 -14.95 25.17
CA TRP G 54 -48.00 -14.56 24.77
C TRP G 54 -47.27 -15.81 24.28
N GLU G 55 -46.02 -15.62 23.87
CA GLU G 55 -45.13 -16.72 23.51
C GLU G 55 -44.12 -16.97 24.62
N CYS G 56 -43.69 -18.22 24.74
CA CYS G 56 -42.79 -18.60 25.81
C CYS G 56 -41.36 -18.14 25.51
N LYS G 57 -40.60 -17.94 26.58
CA LYS G 57 -39.19 -17.57 26.50
C LYS G 57 -38.26 -18.77 26.50
N VAL G 58 -38.80 -19.99 26.56
CA VAL G 58 -38.01 -21.21 26.69
C VAL G 58 -38.17 -22.12 25.48
N CYS G 59 -39.42 -22.46 25.14
CA CYS G 59 -39.70 -23.44 24.09
C CYS G 59 -40.53 -22.86 22.95
N GLY G 60 -40.81 -21.56 22.95
CA GLY G 60 -41.52 -20.94 21.84
C GLY G 60 -42.90 -21.51 21.60
N ILE G 61 -43.70 -21.65 22.66
CA ILE G 61 -45.06 -22.15 22.57
C ILE G 61 -45.99 -21.13 23.22
N GLN G 62 -47.27 -21.23 22.87
CA GLN G 62 -48.26 -20.31 23.42
C GLN G 62 -48.33 -20.47 24.94
N ALA G 63 -48.51 -19.34 25.64
CA ALA G 63 -48.60 -19.33 27.09
C ALA G 63 -49.63 -18.31 27.52
N LEU G 64 -50.25 -18.56 28.67
CA LEU G 64 -51.26 -17.70 29.26
C LEU G 64 -50.81 -17.19 30.61
N LEU G 65 -51.61 -16.28 31.17
CA LEU G 65 -51.31 -15.70 32.47
C LEU G 65 -51.38 -16.76 33.56
N VAL G 66 -50.96 -16.37 34.77
CA VAL G 66 -51.07 -17.26 35.91
C VAL G 66 -52.53 -17.60 36.19
N ASP G 67 -53.41 -16.60 36.10
CA ASP G 67 -54.85 -16.79 36.26
C ASP G 67 -55.48 -16.86 34.88
N GLY G 68 -56.21 -17.93 34.61
CA GLY G 68 -56.76 -18.17 33.29
C GLY G 68 -58.15 -17.60 33.08
N ASP G 69 -58.30 -16.73 32.08
CA ASP G 69 -59.59 -16.18 31.70
C ASP G 69 -59.71 -16.09 30.19
N GLY G 70 -59.05 -17.02 29.50
CA GLY G 70 -59.01 -17.00 28.05
C GLY G 70 -59.86 -18.09 27.42
N PRO G 71 -60.99 -17.73 26.81
CA PRO G 71 -61.78 -18.72 26.08
C PRO G 71 -61.32 -18.85 24.63
N GLU G 72 -61.93 -19.80 23.93
CA GLU G 72 -61.57 -20.12 22.56
C GLU G 72 -62.63 -19.58 21.61
N GLU G 73 -62.19 -18.85 20.59
CA GLU G 73 -63.04 -18.40 19.49
C GLU G 73 -62.60 -19.13 18.23
N LYS G 74 -63.53 -19.83 17.60
CA LYS G 74 -63.18 -20.68 16.46
C LYS G 74 -62.69 -19.83 15.29
N LYS G 75 -61.64 -20.32 14.63
CA LYS G 75 -61.12 -19.70 13.41
C LYS G 75 -61.70 -20.43 12.20
N GLY G 76 -62.02 -19.67 11.16
CA GLY G 76 -62.84 -20.14 10.07
C GLY G 76 -62.11 -20.79 8.91
N LYS G 77 -60.80 -21.02 9.00
CA LYS G 77 -60.04 -21.52 7.86
C LYS G 77 -59.38 -22.89 8.10
N PRO G 78 -60.08 -23.87 8.68
CA PRO G 78 -59.65 -25.27 8.52
C PRO G 78 -60.41 -26.04 7.44
N ALA G 79 -61.26 -25.36 6.65
CA ALA G 79 -62.25 -26.06 5.85
C ALA G 79 -61.61 -26.94 4.79
N ARG G 80 -60.51 -26.49 4.18
CA ARG G 80 -60.01 -27.13 2.98
C ARG G 80 -59.59 -28.58 3.23
N THR G 81 -60.41 -29.50 2.74
CA THR G 81 -60.09 -30.92 2.71
C THR G 81 -60.65 -31.48 1.40
N HIS G 82 -60.42 -32.77 1.17
CA HIS G 82 -60.95 -33.38 -0.05
C HIS G 82 -62.42 -33.77 0.15
N TRP G 83 -62.81 -34.03 1.40
CA TRP G 83 -64.18 -34.47 1.66
C TRP G 83 -65.20 -33.39 1.35
N ASP G 84 -64.99 -32.18 1.88
CA ASP G 84 -65.95 -31.11 1.66
C ASP G 84 -66.02 -30.74 0.18
N MET G 85 -64.88 -30.78 -0.51
CA MET G 85 -64.88 -30.57 -1.95
C MET G 85 -65.71 -31.65 -2.65
N LEU G 86 -65.62 -32.89 -2.17
CA LEU G 86 -66.44 -33.95 -2.73
C LEU G 86 -67.92 -33.66 -2.50
N MET G 87 -68.27 -33.18 -1.31
CA MET G 87 -69.64 -32.73 -1.06
C MET G 87 -70.03 -31.59 -1.99
N GLU G 88 -69.15 -30.60 -2.15
CA GLU G 88 -69.47 -29.46 -3.00
C GLU G 88 -69.60 -29.89 -4.46
N ARG G 89 -68.70 -30.77 -4.92
CA ARG G 89 -68.70 -31.16 -6.32
C ARG G 89 -69.80 -32.16 -6.66
N ARG G 90 -70.09 -33.09 -5.74
CA ARG G 90 -70.97 -34.21 -6.01
C ARG G 90 -72.07 -34.29 -4.96
N THR G 91 -73.22 -34.81 -5.36
CA THR G 91 -74.32 -35.08 -4.46
C THR G 91 -74.13 -36.45 -3.81
N ARG G 92 -75.02 -36.77 -2.87
CA ARG G 92 -74.89 -38.02 -2.12
C ARG G 92 -75.29 -39.24 -2.95
N GLU G 93 -76.28 -39.09 -3.84
CA GLU G 93 -76.74 -40.24 -4.61
C GLU G 93 -75.65 -40.78 -5.53
N GLU G 94 -74.87 -39.88 -6.13
CA GLU G 94 -73.77 -40.31 -7.00
C GLU G 94 -72.71 -41.07 -6.21
N LEU G 95 -72.37 -40.57 -5.02
CA LEU G 95 -71.42 -41.29 -4.19
C LEU G 95 -71.99 -42.65 -3.78
N GLU G 96 -73.28 -42.71 -3.47
CA GLU G 96 -73.88 -43.98 -3.09
C GLU G 96 -73.83 -44.99 -4.23
N GLU G 97 -74.12 -44.56 -5.46
CA GLU G 97 -74.15 -45.51 -6.56
C GLU G 97 -72.74 -45.95 -6.97
N VAL G 98 -71.77 -45.03 -6.97
CA VAL G 98 -70.40 -45.46 -7.25
C VAL G 98 -69.91 -46.40 -6.15
N LEU G 99 -70.29 -46.13 -4.89
CA LEU G 99 -69.96 -47.02 -3.80
C LEU G 99 -70.56 -48.41 -4.00
N ALA G 100 -71.83 -48.46 -4.38
CA ALA G 100 -72.48 -49.75 -4.60
C ALA G 100 -71.80 -50.52 -5.72
N GLU G 101 -71.47 -49.82 -6.82
CA GLU G 101 -70.77 -50.48 -7.92
C GLU G 101 -69.41 -51.01 -7.46
N ARG G 102 -68.68 -50.23 -6.67
CA ARG G 102 -67.36 -50.66 -6.24
C ARG G 102 -67.45 -51.88 -5.33
N LEU G 103 -68.40 -51.88 -4.39
CA LEU G 103 -68.61 -53.06 -3.56
C LEU G 103 -68.99 -54.27 -4.42
N ALA G 104 -69.88 -54.08 -5.40
CA ALA G 104 -70.30 -55.20 -6.23
C ALA G 104 -69.10 -55.81 -6.97
N VAL G 105 -68.30 -54.96 -7.61
CA VAL G 105 -67.16 -55.46 -8.37
C VAL G 105 -66.12 -56.08 -7.42
N LEU G 106 -65.95 -55.51 -6.23
CA LEU G 106 -64.97 -56.06 -5.30
C LEU G 106 -65.38 -57.44 -4.81
N ARG G 107 -66.63 -57.58 -4.37
CA ARG G 107 -67.09 -58.89 -3.90
C ARG G 107 -67.28 -59.88 -5.04
N SER G 108 -67.33 -59.41 -6.29
CA SER G 108 -67.45 -60.31 -7.43
C SER G 108 -66.22 -61.20 -7.53
N MET H 1 -3.57 58.20 23.54
CA MET H 1 -2.75 57.34 24.39
C MET H 1 -2.65 55.94 23.81
N THR H 2 -3.21 54.96 24.51
CA THR H 2 -3.19 53.56 24.07
C THR H 2 -4.39 53.28 23.17
N GLU H 3 -4.35 53.89 21.98
CA GLU H 3 -5.40 53.71 20.99
C GLU H 3 -5.01 52.76 19.87
N LEU H 4 -3.75 52.34 19.80
CA LEU H 4 -3.28 51.41 18.77
C LEU H 4 -3.51 51.96 17.36
N PHE H 5 -3.45 53.27 17.21
CA PHE H 5 -3.66 53.92 15.92
C PHE H 5 -5.01 53.53 15.33
N GLN H 6 -6.04 53.52 16.18
CA GLN H 6 -7.39 53.17 15.76
C GLN H 6 -7.44 51.75 15.18
N GLU H 7 -7.12 50.78 16.01
CA GLU H 7 -7.08 49.36 15.72
C GLU H 7 -5.81 48.95 14.99
N LEU H 8 -4.92 49.89 14.65
CA LEU H 8 -3.66 49.56 14.01
C LEU H 8 -3.89 48.86 12.68
N LEU H 9 -2.84 48.22 12.14
CA LEU H 9 -2.93 47.50 10.88
C LEU H 9 -2.53 46.04 11.03
N VAL H 10 -2.48 45.52 12.26
CA VAL H 10 -2.11 44.14 12.54
C VAL H 10 -3.36 43.38 12.93
N GLU H 11 -3.87 42.56 12.01
CA GLU H 11 -5.08 41.78 12.25
C GLU H 11 -5.03 40.53 11.38
N ASP H 12 -5.43 39.39 11.95
CA ASP H 12 -5.42 38.12 11.26
C ASP H 12 -6.75 37.39 11.30
N ALA H 13 -7.71 37.85 12.10
CA ALA H 13 -9.00 37.16 12.18
C ALA H 13 -9.74 37.24 10.85
N ASP H 14 -9.89 38.45 10.30
CA ASP H 14 -10.59 38.70 9.05
C ASP H 14 -11.86 37.86 8.94
N GLU H 15 -12.64 37.85 10.02
CA GLU H 15 -13.86 37.07 10.08
C GLU H 15 -14.73 37.58 11.22
N GLU H 16 -15.99 37.88 10.90
CA GLU H 16 -16.95 38.39 11.88
C GLU H 16 -18.26 37.64 11.72
N LEU H 17 -18.77 37.11 12.83
CA LEU H 17 -20.03 36.37 12.78
C LEU H 17 -21.22 37.31 12.58
N GLY H 18 -21.25 38.41 13.32
CA GLY H 18 -22.37 39.32 13.24
C GLY H 18 -22.13 40.52 14.13
N TRP H 19 -23.19 41.28 14.36
CA TRP H 19 -23.09 42.47 15.21
C TRP H 19 -23.19 42.14 16.68
N GLN H 20 -23.42 40.89 17.06
CA GLN H 20 -23.36 40.51 18.47
C GLN H 20 -21.97 40.77 19.04
N GLU H 21 -20.93 40.39 18.29
CA GLU H 21 -19.56 40.48 18.79
C GLU H 21 -19.14 41.90 19.10
N ARG H 22 -19.79 42.90 18.50
CA ARG H 22 -19.48 44.30 18.73
C ARG H 22 -20.38 44.91 19.81
N ALA H 23 -21.02 44.09 20.63
CA ALA H 23 -21.92 44.58 21.67
C ALA H 23 -21.10 45.03 22.87
N LEU H 24 -21.36 46.25 23.34
CA LEU H 24 -20.64 46.78 24.49
C LEU H 24 -21.14 46.19 25.80
N CYS H 25 -22.43 45.89 25.90
CA CYS H 25 -22.98 45.39 27.16
C CYS H 25 -22.38 44.03 27.52
N ALA H 26 -21.83 43.30 26.55
CA ALA H 26 -21.17 42.04 26.87
C ALA H 26 -19.98 42.25 27.80
N GLN H 27 -19.43 43.47 27.82
CA GLN H 27 -18.38 43.86 28.76
C GLN H 27 -18.95 44.43 30.04
N THR H 28 -20.17 44.07 30.39
CA THR H 28 -20.90 44.75 31.45
C THR H 28 -21.92 43.79 32.06
N ASP H 29 -22.19 43.99 33.35
CA ASP H 29 -23.14 43.21 34.12
C ASP H 29 -24.46 43.02 33.37
N PRO H 30 -24.79 41.80 32.95
CA PRO H 30 -26.11 41.60 32.32
C PRO H 30 -27.27 42.00 33.20
N GLU H 31 -27.15 41.80 34.51
CA GLU H 31 -28.28 41.98 35.40
C GLU H 31 -28.78 43.42 35.41
N SER H 32 -27.88 44.39 35.26
CA SER H 32 -28.28 45.79 35.31
C SER H 32 -29.22 46.17 34.17
N PHE H 33 -29.29 45.37 33.10
CA PHE H 33 -30.15 45.65 31.96
C PHE H 33 -31.55 45.10 32.12
N PHE H 34 -31.86 44.44 33.23
CA PHE H 34 -33.20 43.90 33.49
C PHE H 34 -33.61 44.33 34.89
N PRO H 35 -33.94 45.61 35.08
CA PRO H 35 -34.26 46.09 36.43
C PRO H 35 -35.46 45.39 37.03
N GLU H 36 -35.23 44.63 38.10
CA GLU H 36 -36.28 43.93 38.81
C GLU H 36 -36.90 44.85 39.86
N LYS H 37 -38.00 44.40 40.46
CA LYS H 37 -38.74 45.18 41.47
C LYS H 37 -39.07 46.52 40.81
N GLY H 38 -38.63 47.64 41.36
CA GLY H 38 -38.77 48.92 40.68
C GLY H 38 -37.57 49.20 39.80
N GLY H 39 -36.38 49.18 40.39
CA GLY H 39 -35.16 49.30 39.64
C GLY H 39 -34.95 50.70 39.08
N SER H 40 -33.98 50.78 38.18
CA SER H 40 -33.66 52.02 37.47
C SER H 40 -33.25 51.66 36.05
N THR H 41 -33.32 52.66 35.16
CA THR H 41 -33.05 52.44 33.74
C THR H 41 -32.23 53.57 33.12
N ARG H 42 -31.32 54.18 33.87
CA ARG H 42 -30.53 55.31 33.38
C ARG H 42 -29.05 54.99 33.23
N GLU H 43 -28.45 54.25 34.17
CA GLU H 43 -27.05 53.90 34.04
C GLU H 43 -26.81 53.02 32.82
N ALA H 44 -27.64 51.98 32.66
CA ALA H 44 -27.51 51.13 31.49
C ALA H 44 -27.90 51.88 30.22
N LYS H 45 -28.80 52.86 30.32
CA LYS H 45 -29.07 53.72 29.17
C LYS H 45 -27.81 54.47 28.77
N LYS H 46 -27.07 55.00 29.74
CA LYS H 46 -25.80 55.66 29.44
C LYS H 46 -24.82 54.69 28.81
N VAL H 47 -24.77 53.46 29.32
CA VAL H 47 -23.88 52.45 28.73
C VAL H 47 -24.24 52.20 27.27
N CYS H 48 -25.54 52.05 26.99
CA CYS H 48 -25.98 51.82 25.62
C CYS H 48 -25.70 53.03 24.74
N LEU H 49 -25.72 54.23 25.31
CA LEU H 49 -25.49 55.43 24.52
C LEU H 49 -24.15 55.37 23.77
N ALA H 50 -23.16 54.72 24.36
CA ALA H 50 -21.84 54.60 23.75
C ALA H 50 -21.69 53.33 22.92
N CYS H 51 -22.73 52.50 22.83
CA CYS H 51 -22.64 51.30 22.02
C CYS H 51 -22.50 51.67 20.55
N GLU H 52 -21.65 50.91 19.84
CA GLU H 52 -21.39 51.16 18.44
C GLU H 52 -22.39 50.46 17.51
N VAL H 53 -23.22 49.57 18.04
CA VAL H 53 -24.20 48.85 17.23
C VAL H 53 -25.59 49.09 17.82
N ARG H 54 -25.80 50.27 18.39
CA ARG H 54 -27.09 50.57 19.01
C ARG H 54 -28.23 50.45 18.02
N SER H 55 -28.05 50.96 16.80
CA SER H 55 -29.11 50.89 15.80
C SER H 55 -29.45 49.45 15.45
N GLU H 56 -28.43 48.60 15.26
CA GLU H 56 -28.68 47.20 14.93
C GLU H 56 -29.39 46.50 16.07
N CYS H 57 -28.96 46.77 17.31
CA CYS H 57 -29.62 46.16 18.46
C CYS H 57 -31.08 46.55 18.52
N LEU H 58 -31.36 47.84 18.33
CA LEU H 58 -32.74 48.31 18.37
C LEU H 58 -33.57 47.66 17.27
N GLU H 59 -33.01 47.58 16.05
CA GLU H 59 -33.75 47.00 14.94
C GLU H 59 -34.05 45.53 15.19
N TYR H 60 -33.06 44.77 15.65
CA TYR H 60 -33.28 43.35 15.91
C TYR H 60 -34.30 43.16 17.02
N ALA H 61 -34.20 43.96 18.09
CA ALA H 61 -35.16 43.84 19.19
C ALA H 61 -36.57 44.12 18.71
N LEU H 62 -36.76 45.18 17.91
CA LEU H 62 -38.08 45.51 17.41
C LEU H 62 -38.61 44.40 16.50
N GLN H 63 -37.76 43.89 15.60
CA GLN H 63 -38.22 42.86 14.68
C GLN H 63 -38.62 41.60 15.41
N ASN H 64 -37.83 41.16 16.40
CA ASN H 64 -38.19 40.00 17.19
C ASN H 64 -39.19 40.33 18.28
N ASP H 65 -39.33 41.61 18.65
CA ASP H 65 -40.36 42.08 19.57
C ASP H 65 -40.23 41.40 20.94
N GLU H 66 -39.13 41.72 21.62
CA GLU H 66 -38.95 41.37 23.02
C GLU H 66 -39.60 42.43 23.89
N ARG H 67 -40.38 41.98 24.89
CA ARG H 67 -41.08 42.87 25.81
C ARG H 67 -40.45 42.86 27.20
N PHE H 68 -39.12 42.72 27.27
CA PHE H 68 -38.41 42.71 28.53
C PHE H 68 -37.04 43.32 28.33
N GLY H 69 -36.52 43.94 29.39
CA GLY H 69 -35.20 44.51 29.35
C GLY H 69 -35.16 45.84 28.59
N ILE H 70 -33.94 46.34 28.43
CA ILE H 70 -33.68 47.60 27.75
C ILE H 70 -32.76 47.32 26.57
N TRP H 71 -33.22 47.66 25.37
CA TRP H 71 -32.48 47.39 24.14
C TRP H 71 -32.33 48.69 23.37
N GLY H 72 -31.18 48.84 22.71
CA GLY H 72 -30.93 50.03 21.91
C GLY H 72 -31.03 51.32 22.69
N GLY H 73 -30.76 51.29 23.99
CA GLY H 73 -30.89 52.46 24.82
C GLY H 73 -32.31 52.85 25.16
N LEU H 74 -33.29 51.97 24.88
CA LEU H 74 -34.69 52.26 25.14
C LEU H 74 -35.29 51.12 25.95
N SER H 75 -36.29 51.45 26.77
CA SER H 75 -36.95 50.47 27.61
C SER H 75 -38.25 50.00 26.94
N GLU H 76 -39.06 49.24 27.68
CA GLU H 76 -40.17 48.52 27.08
C GLU H 76 -41.20 49.47 26.46
N ARG H 77 -41.61 50.51 27.20
CA ARG H 77 -42.69 51.35 26.70
C ARG H 77 -42.23 52.31 25.62
N GLU H 78 -40.97 52.72 25.60
CA GLU H 78 -40.46 53.47 24.45
C GLU H 78 -40.57 52.62 23.19
N ARG H 79 -40.18 51.35 23.28
CA ARG H 79 -40.34 50.44 22.15
C ARG H 79 -41.81 50.28 21.78
N ARG H 80 -42.68 50.18 22.79
CA ARG H 80 -44.10 49.99 22.52
C ARG H 80 -44.69 51.19 21.79
N ARG H 81 -44.38 52.41 22.23
CA ARG H 81 -44.90 53.59 21.57
C ARG H 81 -44.32 53.75 20.17
N LEU H 82 -43.03 53.41 20.00
CA LEU H 82 -42.45 53.46 18.66
C LEU H 82 -43.15 52.45 17.74
N LYS H 83 -43.48 51.27 18.26
CA LYS H 83 -44.22 50.29 17.49
C LYS H 83 -45.63 50.77 17.16
N LYS H 84 -46.28 51.46 18.09
CA LYS H 84 -47.64 51.96 17.91
C LYS H 84 -47.67 53.25 17.09
N LYS H 85 -46.53 53.89 16.89
CA LYS H 85 -46.47 55.12 16.12
C LYS H 85 -46.01 54.85 14.69
N MET I 27 -1.03 51.19 55.79
CA MET I 27 -2.52 51.16 55.74
C MET I 27 -3.00 50.08 54.77
N THR I 28 -2.55 50.18 53.53
CA THR I 28 -2.87 49.19 52.51
C THR I 28 -1.66 48.36 52.08
N ALA I 29 -0.45 48.73 52.47
CA ALA I 29 0.73 47.98 52.08
C ALA I 29 0.66 46.56 52.61
N ALA I 30 0.30 46.39 53.87
CA ALA I 30 0.18 45.05 54.45
C ALA I 30 -0.93 44.26 53.75
N VAL I 31 -2.06 44.91 53.46
CA VAL I 31 -3.16 44.23 52.79
C VAL I 31 -2.70 43.70 51.44
N LYS I 32 -2.07 44.57 50.63
CA LYS I 32 -1.64 44.15 49.30
C LYS I 32 -0.53 43.10 49.38
N ASP I 33 0.34 43.18 50.39
CA ASP I 33 1.35 42.13 50.58
C ASP I 33 0.68 40.79 50.84
N GLU I 34 -0.32 40.78 51.73
CA GLU I 34 -1.01 39.53 52.04
C GLU I 34 -1.71 38.98 50.80
N ILE I 35 -2.37 39.85 50.03
CA ILE I 35 -3.04 39.39 48.82
C ILE I 35 -2.04 38.82 47.82
N SER I 36 -0.90 39.49 47.65
CA SER I 36 0.10 39.01 46.71
C SER I 36 0.66 37.65 47.14
N ARG I 37 0.87 37.48 48.45
CA ARG I 37 1.45 36.23 48.94
C ARG I 37 0.47 35.05 48.89
N LEU I 38 -0.79 35.30 48.58
CA LEU I 38 -1.79 34.23 48.56
C LEU I 38 -1.49 33.25 47.43
N PRO I 39 -1.33 31.95 47.70
CA PRO I 39 -1.18 31.00 46.59
C PRO I 39 -2.47 30.85 45.80
N VAL I 40 -2.30 30.57 44.51
CA VAL I 40 -3.41 30.36 43.59
C VAL I 40 -3.13 29.14 42.73
N THR I 41 -4.16 28.34 42.46
CA THR I 41 -4.02 27.08 41.75
C THR I 41 -4.78 27.08 40.42
N ARG I 42 -6.06 27.42 40.43
CA ARG I 42 -6.87 27.30 39.22
C ARG I 42 -6.36 28.23 38.13
N THR I 43 -6.39 27.73 36.89
CA THR I 43 -5.84 28.47 35.77
C THR I 43 -6.74 29.63 35.36
N CYS I 44 -8.05 29.39 35.32
CA CYS I 44 -8.97 30.44 34.87
C CYS I 44 -8.90 31.67 35.77
N CYS I 45 -8.81 31.46 37.09
CA CYS I 45 -8.71 32.58 38.01
C CYS I 45 -7.41 33.35 37.79
N ARG I 46 -6.31 32.64 37.53
CA ARG I 46 -5.06 33.33 37.22
C ARG I 46 -5.18 34.17 35.96
N LYS I 47 -5.82 33.63 34.93
CA LYS I 47 -6.04 34.39 33.70
C LYS I 47 -6.85 35.64 33.98
N ALA I 48 -7.92 35.50 34.76
CA ALA I 48 -8.76 36.64 35.08
C ALA I 48 -8.00 37.70 35.86
N GLU I 49 -7.19 37.28 36.82
CA GLU I 49 -6.40 38.23 37.60
C GLU I 49 -5.41 38.98 36.72
N VAL I 50 -4.73 38.25 35.81
CA VAL I 50 -3.78 38.89 34.91
C VAL I 50 -4.50 39.91 34.03
N SER I 51 -5.64 39.51 33.47
CA SER I 51 -6.38 40.43 32.61
C SER I 51 -6.82 41.68 33.37
N SER I 52 -7.30 41.50 34.60
CA SER I 52 -7.75 42.65 35.39
C SER I 52 -6.60 43.61 35.65
N ILE I 53 -5.46 43.08 36.13
CA ILE I 53 -4.34 43.97 36.46
C ILE I 53 -3.83 44.67 35.21
N LEU I 54 -3.75 43.94 34.09
CA LEU I 54 -3.29 44.57 32.85
C LEU I 54 -4.25 45.67 32.41
N ARG I 55 -5.56 45.42 32.51
CA ARG I 55 -6.52 46.44 32.09
C ARG I 55 -6.45 47.67 32.97
N PHE I 56 -6.34 47.49 34.28
CA PHE I 56 -6.42 48.64 35.18
C PHE I 56 -5.11 49.42 35.22
N ALA I 57 -4.02 48.78 35.63
CA ALA I 57 -2.73 49.44 35.77
C ALA I 57 -1.79 49.14 34.60
N GLY I 58 -2.34 49.00 33.38
CA GLY I 58 -1.54 48.70 32.24
C GLY I 58 -2.02 49.44 31.00
N GLY I 59 -1.17 49.42 29.98
CA GLY I 59 -1.48 50.10 28.74
C GLY I 59 -0.60 49.60 27.61
N LEU I 60 -0.94 50.06 26.40
CA LEU I 60 -0.26 49.65 25.19
C LEU I 60 0.30 50.87 24.47
N HIS I 61 1.44 50.69 23.81
CA HIS I 61 2.07 51.75 23.04
C HIS I 61 2.51 51.19 21.70
N LEU I 62 2.17 51.89 20.62
CA LEU I 62 2.57 51.51 19.27
C LEU I 62 3.81 52.33 18.93
N VAL I 63 4.98 51.73 19.10
CA VAL I 63 6.26 52.38 18.87
C VAL I 63 7.11 51.51 17.95
N SER I 64 7.83 52.15 17.03
CA SER I 64 8.70 51.45 16.09
C SER I 64 7.93 50.41 15.28
N GLY I 65 6.64 50.64 15.09
CA GLY I 65 5.81 49.72 14.33
C GLY I 65 5.37 48.49 15.08
N ARG I 66 5.63 48.40 16.38
CA ARG I 66 5.20 47.24 17.16
C ARG I 66 4.54 47.71 18.45
N ILE I 67 3.67 46.85 18.98
CA ILE I 67 2.90 47.15 20.18
C ILE I 67 3.65 46.60 21.38
N VAL I 68 3.82 47.44 22.41
CA VAL I 68 4.51 47.08 23.63
C VAL I 68 3.56 47.33 24.80
N ILE I 69 3.51 46.38 25.73
CA ILE I 69 2.63 46.45 26.89
C ILE I 69 3.45 46.90 28.10
N GLU I 70 2.95 47.92 28.80
CA GLU I 70 3.61 48.43 30.00
C GLU I 70 2.60 48.44 31.13
N ALA I 71 2.95 47.82 32.25
CA ALA I 71 2.08 47.79 33.43
C ALA I 71 2.85 48.31 34.63
N GLU I 72 2.30 49.32 35.30
CA GLU I 72 2.97 49.99 36.41
C GLU I 72 2.29 49.57 37.72
N LEU I 73 3.09 49.00 38.62
CA LEU I 73 2.62 48.60 39.94
C LEU I 73 3.47 49.27 41.00
N ASP I 74 2.87 49.49 42.17
CA ASP I 74 3.54 50.12 43.31
C ASP I 74 3.62 49.15 44.48
N THR I 75 3.83 47.88 44.19
CA THR I 75 3.96 46.85 45.21
C THR I 75 5.14 45.93 44.86
N ALA I 76 5.77 45.39 45.90
CA ALA I 76 6.97 44.59 45.70
C ALA I 76 6.63 43.25 45.05
N MET I 77 5.80 42.44 45.71
CA MET I 77 5.53 41.09 45.24
C MET I 77 4.53 41.05 44.08
N ALA I 78 3.70 42.08 43.94
CA ALA I 78 2.65 42.04 42.90
C ALA I 78 3.26 42.00 41.50
N ALA I 79 4.31 42.80 41.26
CA ALA I 79 4.92 42.80 39.94
C ALA I 79 5.52 41.44 39.61
N ARG I 80 6.21 40.83 40.58
CA ARG I 80 6.77 39.50 40.34
C ARG I 80 5.66 38.49 40.07
N ARG I 81 4.57 38.58 40.82
CA ARG I 81 3.46 37.66 40.61
C ARG I 81 2.88 37.82 39.20
N LEU I 82 2.70 39.06 38.75
CA LEU I 82 2.17 39.28 37.41
C LEU I 82 3.12 38.74 36.35
N LYS I 83 4.42 38.98 36.51
CA LYS I 83 5.39 38.49 35.53
C LYS I 83 5.38 36.97 35.49
N ARG I 84 5.34 36.32 36.66
CA ARG I 84 5.31 34.86 36.70
C ARG I 84 4.05 34.33 36.05
N ASP I 85 2.90 34.96 36.31
CA ASP I 85 1.66 34.51 35.71
C ASP I 85 1.73 34.63 34.18
N ILE I 86 2.24 35.75 33.68
CA ILE I 86 2.36 35.91 32.24
C ILE I 86 3.24 34.81 31.66
N LEU I 87 4.42 34.61 32.25
CA LEU I 87 5.35 33.62 31.73
C LEU I 87 4.75 32.23 31.75
N GLU I 88 4.04 31.89 32.83
CA GLU I 88 3.52 30.54 32.98
C GLU I 88 2.37 30.29 32.01
N ILE I 89 1.29 31.06 32.11
CA ILE I 89 0.10 30.71 31.34
C ILE I 89 0.18 31.22 29.91
N PHE I 90 0.61 32.47 29.71
CA PHE I 90 0.59 33.06 28.38
C PHE I 90 1.87 32.82 27.60
N GLY I 91 2.94 32.36 28.25
CA GLY I 91 4.18 32.07 27.56
C GLY I 91 4.84 33.29 26.98
N HIS I 92 5.33 34.17 27.84
CA HIS I 92 6.00 35.39 27.40
C HIS I 92 7.02 35.81 28.43
N SER I 93 7.96 36.64 28.01
CA SER I 93 9.06 37.11 28.84
C SER I 93 8.87 38.60 29.14
N SER I 94 9.28 39.01 30.35
CA SER I 94 9.17 40.39 30.79
C SER I 94 10.52 40.86 31.33
N GLU I 95 10.63 42.16 31.53
CA GLU I 95 11.89 42.81 31.93
C GLU I 95 11.96 43.15 33.40
N LEU I 96 10.87 43.65 33.99
CA LEU I 96 10.82 44.00 35.42
C LEU I 96 11.88 45.05 35.74
N ILE I 97 11.68 46.23 35.16
CA ILE I 97 12.54 47.37 35.45
C ILE I 97 12.05 48.04 36.73
N VAL I 98 12.98 48.67 37.45
CA VAL I 98 12.67 49.31 38.73
C VAL I 98 12.78 50.83 38.66
N MET I 99 13.20 51.39 37.53
CA MET I 99 13.28 52.83 37.40
C MET I 99 11.89 53.45 37.48
N ALA I 100 11.78 54.54 38.22
CA ALA I 100 10.47 55.13 38.50
C ALA I 100 10.04 56.01 37.32
N PRO I 101 8.91 55.69 36.66
CA PRO I 101 8.39 56.65 35.66
C PRO I 101 8.03 57.99 36.28
N GLY I 102 7.58 58.01 37.53
CA GLY I 102 7.35 59.28 38.20
C GLY I 102 8.61 60.10 38.36
N GLY I 103 9.75 59.44 38.56
CA GLY I 103 11.03 60.08 38.69
C GLY I 103 11.51 60.24 40.12
N LEU I 104 10.62 60.14 41.10
CA LEU I 104 11.03 60.29 42.50
C LEU I 104 11.94 59.14 42.92
N ARG I 105 11.64 57.92 42.48
CA ARG I 105 12.42 56.73 42.81
C ARG I 105 12.29 56.37 44.28
N ARG I 106 11.39 57.04 45.01
CA ARG I 106 11.16 56.72 46.41
C ARG I 106 10.00 55.74 46.58
N GLY I 107 8.98 55.83 45.73
CA GLY I 107 7.84 54.95 45.80
C GLY I 107 8.04 53.59 45.17
N SER I 108 9.22 53.34 44.60
CA SER I 108 9.52 52.05 43.97
C SER I 108 8.47 51.70 42.92
N ARG I 109 8.25 52.61 41.98
CA ARG I 109 7.22 52.46 40.96
C ARG I 109 7.68 51.43 39.94
N PHE I 110 7.46 50.16 40.27
CA PHE I 110 7.86 49.08 39.38
C PHE I 110 7.07 49.14 38.09
N VAL I 111 7.74 48.84 36.98
CA VAL I 111 7.11 48.79 35.67
C VAL I 111 7.53 47.51 34.98
N VAL I 112 6.57 46.66 34.63
CA VAL I 112 6.82 45.42 33.92
C VAL I 112 6.45 45.61 32.46
N ARG I 113 7.34 45.18 31.58
CA ARG I 113 7.25 45.44 30.15
C ARG I 113 7.19 44.14 29.38
N VAL I 114 6.43 44.15 28.28
CA VAL I 114 6.36 43.03 27.36
C VAL I 114 6.45 43.59 25.95
N VAL I 115 7.54 43.27 25.25
CA VAL I 115 7.79 43.78 23.91
C VAL I 115 7.78 42.66 22.86
N ALA I 116 8.34 41.50 23.18
CA ALA I 116 8.36 40.38 22.26
C ALA I 116 6.98 39.71 22.27
N GLY I 117 6.34 39.66 21.11
CA GLY I 117 5.01 39.10 21.02
C GLY I 117 3.95 39.94 21.72
N GLY I 118 4.17 41.24 21.83
CA GLY I 118 3.20 42.09 22.51
C GLY I 118 1.82 42.03 21.89
N ASP I 119 1.76 41.99 20.56
CA ASP I 119 0.46 41.91 19.89
C ASP I 119 -0.26 40.63 20.27
N GLN I 120 0.45 39.51 20.30
CA GLN I 120 -0.19 38.24 20.66
C GLN I 120 -0.71 38.27 22.09
N LEU I 121 0.09 38.81 23.02
CA LEU I 121 -0.36 38.92 24.41
C LEU I 121 -1.59 39.81 24.52
N ALA I 122 -1.58 40.94 23.82
CA ALA I 122 -2.72 41.85 23.88
C ALA I 122 -3.98 41.19 23.31
N ARG I 123 -3.84 40.46 22.21
CA ARG I 123 -5.00 39.85 21.58
C ARG I 123 -5.52 38.65 22.36
N GLN I 124 -4.63 37.92 23.05
CA GLN I 124 -5.00 36.69 23.73
C GLN I 124 -5.22 36.89 25.22
N THR I 125 -5.22 38.14 25.70
CA THR I 125 -5.51 38.43 27.09
C THR I 125 -6.76 39.28 27.29
N GLY I 126 -7.38 39.74 26.20
CA GLY I 126 -8.67 40.40 26.26
C GLY I 126 -8.63 41.91 26.12
N LEU I 127 -7.45 42.54 26.13
CA LEU I 127 -7.39 43.99 26.00
C LEU I 127 -7.93 44.43 24.63
N VAL I 128 -7.57 43.73 23.57
CA VAL I 128 -7.99 44.05 22.21
C VAL I 128 -8.56 42.78 21.58
N ASP I 129 -9.71 42.90 20.94
CA ASP I 129 -10.34 41.76 20.30
C ASP I 129 -11.15 42.24 19.11
N GLY I 130 -11.38 41.32 18.17
CA GLY I 130 -12.13 41.65 16.98
C GLY I 130 -11.38 42.48 15.96
N ARG I 131 -10.05 42.52 16.06
CA ARG I 131 -9.23 43.32 15.15
C ARG I 131 -9.69 44.78 15.17
N GLY I 132 -9.97 45.29 16.37
CA GLY I 132 -10.51 46.63 16.51
C GLY I 132 -9.97 47.39 17.70
N ARG I 133 -10.78 48.32 18.21
CA ARG I 133 -10.33 49.21 19.27
C ARG I 133 -10.18 48.47 20.59
N PRO I 134 -9.36 49.00 21.50
CA PRO I 134 -9.26 48.39 22.83
C PRO I 134 -10.60 48.36 23.54
N ILE I 135 -10.81 47.30 24.31
CA ILE I 135 -12.08 47.09 25.00
C ILE I 135 -12.10 47.94 26.26
N ARG I 136 -13.13 48.79 26.38
CA ARG I 136 -13.21 49.71 27.50
C ARG I 136 -13.37 48.95 28.82
N GLY I 137 -14.36 48.06 28.89
CA GLY I 137 -14.61 47.31 30.10
C GLY I 137 -13.67 46.12 30.23
N LEU I 138 -13.95 45.29 31.21
CA LEU I 138 -13.18 44.08 31.40
C LEU I 138 -13.47 43.11 30.25
N PRO I 139 -12.56 42.17 29.99
CA PRO I 139 -12.77 41.25 28.88
C PRO I 139 -14.04 40.45 29.10
N PRO I 140 -14.75 40.10 28.02
CA PRO I 140 -15.96 39.27 28.20
C PRO I 140 -15.68 37.94 28.87
N GLN I 141 -14.48 37.38 28.71
CA GLN I 141 -14.18 36.11 29.34
C GLN I 141 -14.27 36.21 30.86
N VAL I 142 -13.75 37.30 31.44
CA VAL I 142 -13.80 37.46 32.89
C VAL I 142 -15.25 37.55 33.35
N VAL I 143 -16.07 38.33 32.64
CA VAL I 143 -17.49 38.42 32.98
C VAL I 143 -18.19 37.13 32.56
N SER I 144 -19.30 36.83 33.21
CA SER I 144 -20.08 35.63 32.92
C SER I 144 -19.26 34.37 33.17
N GLY I 145 -18.42 34.42 34.20
CA GLY I 145 -17.65 33.26 34.61
C GLY I 145 -18.06 32.78 35.98
N ALA I 146 -17.30 31.85 36.56
CA ALA I 146 -17.61 31.36 37.89
C ALA I 146 -17.33 32.46 38.92
N THR I 147 -17.93 32.30 40.10
CA THR I 147 -17.71 33.26 41.17
C THR I 147 -16.24 33.37 41.55
N CYS I 148 -15.49 32.28 41.41
CA CYS I 148 -14.06 32.32 41.69
C CYS I 148 -13.37 33.30 40.76
N ASP I 149 -13.71 33.29 39.48
CA ASP I 149 -13.10 34.23 38.55
C ASP I 149 -13.53 35.66 38.82
N ALA I 150 -14.78 35.87 39.25
CA ALA I 150 -15.21 37.22 39.61
C ALA I 150 -14.40 37.76 40.79
N GLU I 151 -14.25 36.94 41.83
CA GLU I 151 -13.48 37.41 42.98
C GLU I 151 -12.00 37.55 42.64
N ALA I 152 -11.47 36.72 41.74
CA ALA I 152 -10.10 36.90 41.29
C ALA I 152 -9.93 38.21 40.53
N ALA I 153 -10.90 38.56 39.69
CA ALA I 153 -10.84 39.84 38.98
C ALA I 153 -10.89 41.00 39.96
N TRP I 154 -11.75 40.91 40.97
CA TRP I 154 -11.80 41.97 41.98
C TRP I 154 -10.47 42.05 42.74
N ARG I 155 -9.87 40.90 43.05
CA ARG I 155 -8.57 40.88 43.71
C ARG I 155 -7.52 41.59 42.87
N GLY I 156 -7.48 41.28 41.57
CA GLY I 156 -6.53 41.94 40.69
C GLY I 156 -6.77 43.43 40.60
N ALA I 157 -8.04 43.84 40.53
CA ALA I 157 -8.36 45.26 40.51
C ALA I 157 -7.88 45.96 41.77
N PHE I 158 -8.08 45.33 42.93
CA PHE I 158 -7.63 45.92 44.19
C PHE I 158 -6.11 46.01 44.24
N LEU I 159 -5.42 44.97 43.76
CA LEU I 159 -3.97 45.01 43.74
C LEU I 159 -3.45 46.11 42.84
N ALA I 160 -4.04 46.27 41.66
CA ALA I 160 -3.59 47.28 40.71
C ALA I 160 -3.74 48.68 41.31
N HIS I 161 -4.98 49.10 41.56
CA HIS I 161 -5.26 50.39 42.15
C HIS I 161 -6.29 50.21 43.26
N GLY I 162 -6.29 51.14 44.20
CA GLY I 162 -7.23 51.10 45.29
C GLY I 162 -6.63 51.71 46.54
N SER I 163 -7.47 51.79 47.58
CA SER I 163 -7.03 52.34 48.85
C SER I 163 -7.99 51.87 49.94
N LEU I 164 -7.52 51.96 51.18
CA LEU I 164 -8.31 51.64 52.37
C LEU I 164 -8.05 52.79 53.35
N THR I 165 -8.97 53.76 53.36
CA THR I 165 -8.69 55.03 54.01
C THR I 165 -8.99 54.99 55.50
N GLU I 166 -10.20 54.58 55.88
CA GLU I 166 -10.68 54.67 57.25
C GLU I 166 -10.48 56.08 57.81
N PRO I 167 -10.93 57.12 57.10
CA PRO I 167 -10.76 58.48 57.61
C PRO I 167 -11.65 58.74 58.82
N GLY I 168 -12.92 58.41 58.69
CA GLY I 168 -13.89 58.60 59.75
C GLY I 168 -14.49 57.30 60.25
N ARG I 169 -15.76 57.06 59.89
CA ARG I 169 -16.52 55.94 60.41
C ARG I 169 -16.37 54.67 59.59
N SER I 170 -16.02 54.78 58.31
CA SER I 170 -15.96 53.64 57.41
C SER I 170 -14.68 53.68 56.59
N SER I 171 -14.27 52.51 56.11
CA SER I 171 -13.02 52.39 55.36
C SER I 171 -13.08 53.18 54.06
N SER I 172 -14.23 53.14 53.38
CA SER I 172 -14.34 53.62 52.01
C SER I 172 -13.36 52.86 51.11
N LEU I 173 -13.63 51.55 50.99
CA LEU I 173 -12.78 50.66 50.23
C LEU I 173 -12.90 50.98 48.75
N GLU I 174 -12.40 52.14 48.35
CA GLU I 174 -12.59 52.67 47.01
C GLU I 174 -11.48 52.19 46.09
N VAL I 175 -11.86 51.76 44.89
CA VAL I 175 -10.90 51.46 43.84
C VAL I 175 -11.33 52.20 42.58
N THR I 176 -10.41 52.96 41.99
CA THR I 176 -10.70 53.76 40.81
C THR I 176 -10.58 52.92 39.55
N CYS I 177 -11.32 53.32 38.52
CA CYS I 177 -11.30 52.59 37.25
C CYS I 177 -11.26 53.59 36.11
N PRO I 178 -10.68 53.20 34.96
CA PRO I 178 -10.72 54.07 33.77
C PRO I 178 -12.03 53.92 33.03
N GLY I 179 -12.88 54.93 33.09
CA GLY I 179 -14.14 54.93 32.38
C GLY I 179 -15.25 54.29 33.18
N PRO I 180 -16.51 54.68 32.92
CA PRO I 180 -17.62 54.07 33.68
C PRO I 180 -17.75 52.58 33.48
N GLU I 181 -17.29 52.05 32.34
CA GLU I 181 -17.54 50.65 32.01
C GLU I 181 -16.83 49.72 32.98
N ALA I 182 -15.54 49.95 33.23
CA ALA I 182 -14.81 49.10 34.15
C ALA I 182 -15.40 49.17 35.56
N ALA I 183 -15.76 50.39 36.00
CA ALA I 183 -16.32 50.54 37.34
C ALA I 183 -17.63 49.77 37.48
N LEU I 184 -18.54 49.94 36.53
CA LEU I 184 -19.81 49.24 36.64
C LEU I 184 -19.66 47.75 36.45
N ALA I 185 -18.68 47.30 35.66
CA ALA I 185 -18.40 45.87 35.58
C ALA I 185 -17.91 45.33 36.92
N LEU I 186 -17.07 46.09 37.61
CA LEU I 186 -16.64 45.67 38.95
C LEU I 186 -17.81 45.62 39.91
N VAL I 187 -18.73 46.59 39.82
CA VAL I 187 -19.92 46.55 40.66
C VAL I 187 -20.71 45.28 40.38
N GLY I 188 -20.91 44.97 39.10
CA GLY I 188 -21.63 43.76 38.75
C GLY I 188 -20.96 42.50 39.27
N ALA I 189 -19.64 42.43 39.15
CA ALA I 189 -18.90 41.28 39.68
C ALA I 189 -19.08 41.17 41.19
N ALA I 190 -19.03 42.29 41.89
CA ALA I 190 -19.24 42.27 43.33
C ALA I 190 -20.65 41.80 43.69
N ARG I 191 -21.64 42.15 42.85
CA ARG I 191 -23.00 41.73 43.12
C ARG I 191 -23.12 40.20 43.13
N ARG I 192 -22.40 39.54 42.21
CA ARG I 192 -22.46 38.08 42.16
C ARG I 192 -21.92 37.44 43.43
N LEU I 193 -21.16 38.17 44.24
CA LEU I 193 -20.68 37.69 45.52
C LEU I 193 -21.65 37.98 46.65
N SER I 194 -22.83 38.52 46.35
CA SER I 194 -23.80 38.91 47.38
C SER I 194 -23.22 39.97 48.30
N ILE I 195 -22.44 40.89 47.72
CA ILE I 195 -21.78 41.96 48.47
C ILE I 195 -22.19 43.29 47.85
N ALA I 196 -22.66 44.20 48.69
CA ALA I 196 -23.13 45.50 48.22
C ALA I 196 -21.96 46.35 47.73
N ALA I 197 -22.20 47.11 46.67
CA ALA I 197 -21.20 48.01 46.11
C ALA I 197 -21.91 49.15 45.41
N LYS I 198 -21.17 50.25 45.22
CA LYS I 198 -21.74 51.43 44.57
C LYS I 198 -20.68 52.10 43.70
N ALA I 199 -21.05 52.36 42.45
CA ALA I 199 -20.20 53.13 41.56
C ALA I 199 -20.42 54.62 41.80
N ARG I 200 -19.34 55.40 41.62
CA ARG I 200 -19.41 56.83 41.86
C ARG I 200 -18.47 57.53 40.89
N GLU I 201 -18.80 58.79 40.58
CA GLU I 201 -17.98 59.62 39.70
C GLU I 201 -17.81 60.99 40.35
N VAL I 202 -16.59 61.49 40.37
CA VAL I 202 -16.29 62.79 40.95
C VAL I 202 -15.10 63.38 40.21
N ARG I 203 -15.22 64.66 39.83
CA ARG I 203 -14.13 65.41 39.20
C ARG I 203 -13.66 64.74 37.91
N GLY I 204 -14.54 64.01 37.25
CA GLY I 204 -14.20 63.33 36.00
C GLY I 204 -13.55 61.98 36.18
N VAL I 205 -13.25 61.56 37.41
CA VAL I 205 -12.66 60.26 37.69
C VAL I 205 -13.67 59.44 38.47
N ASP I 206 -13.81 58.17 38.10
CA ASP I 206 -14.83 57.31 38.66
C ASP I 206 -14.23 56.07 39.32
N ARG I 207 -14.92 55.60 40.34
CA ARG I 207 -14.44 54.50 41.17
C ARG I 207 -15.64 53.68 41.63
N VAL I 208 -15.35 52.59 42.32
CA VAL I 208 -16.35 51.78 43.00
C VAL I 208 -15.97 51.70 44.47
N VAL I 209 -16.96 51.90 45.34
CA VAL I 209 -16.75 51.96 46.78
C VAL I 209 -17.82 51.13 47.47
N VAL I 210 -17.48 50.64 48.66
CA VAL I 210 -18.42 50.00 49.57
C VAL I 210 -18.19 50.60 50.94
N ARG I 211 -19.27 51.02 51.60
CA ARG I 211 -19.18 51.83 52.80
C ARG I 211 -19.42 51.05 54.09
N ASP I 212 -20.52 50.31 54.18
CA ASP I 212 -20.85 49.63 55.43
C ASP I 212 -19.77 48.62 55.82
N GLY I 213 -19.54 48.50 57.12
CA GLY I 213 -18.43 47.68 57.59
C GLY I 213 -18.59 46.20 57.29
N ASP I 214 -19.82 45.69 57.37
CA ASP I 214 -20.05 44.26 57.19
C ASP I 214 -19.62 43.82 55.79
N ALA I 215 -20.03 44.58 54.76
CA ALA I 215 -19.64 44.25 53.40
C ALA I 215 -18.13 44.35 53.22
N ILE I 216 -17.51 45.36 53.84
CA ILE I 216 -16.06 45.50 53.76
C ILE I 216 -15.38 44.25 54.32
N GLY I 217 -15.82 43.81 55.49
CA GLY I 217 -15.21 42.64 56.11
C GLY I 217 -15.41 41.39 55.29
N ALA I 218 -16.64 41.16 54.82
CA ALA I 218 -16.90 39.97 54.02
C ALA I 218 -16.08 39.98 52.73
N LEU I 219 -16.02 41.13 52.06
CA LEU I 219 -15.26 41.24 50.83
C LEU I 219 -13.79 40.97 51.07
N LEU I 220 -13.21 41.60 52.09
CA LEU I 220 -11.79 41.38 52.36
C LEU I 220 -11.52 39.93 52.76
N THR I 221 -12.46 39.29 53.46
CA THR I 221 -12.31 37.88 53.78
C THR I 221 -12.31 37.03 52.51
N ARG I 222 -13.20 37.35 51.57
CA ARG I 222 -13.30 36.55 50.35
C ARG I 222 -12.03 36.67 49.51
N LEU I 223 -11.42 37.86 49.47
CA LEU I 223 -10.23 38.04 48.66
C LEU I 223 -9.06 37.17 49.13
N GLY I 224 -9.05 36.75 50.39
CA GLY I 224 -8.07 35.82 50.92
C GLY I 224 -7.28 36.36 52.10
N ALA I 225 -7.21 37.68 52.24
CA ALA I 225 -6.52 38.26 53.37
C ALA I 225 -7.18 37.80 54.67
N HIS I 226 -6.36 37.40 55.64
CA HIS I 226 -6.86 36.95 56.95
C HIS I 226 -6.39 37.86 58.07
N GLU I 227 -5.08 38.05 58.23
CA GLU I 227 -4.58 38.84 59.36
C GLU I 227 -5.06 40.28 59.27
N SER I 228 -5.02 40.87 58.08
CA SER I 228 -5.54 42.22 57.91
C SER I 228 -7.03 42.28 58.23
N VAL I 229 -7.77 41.25 57.83
CA VAL I 229 -9.21 41.20 58.14
C VAL I 229 -9.42 41.23 59.64
N LEU I 230 -8.68 40.41 60.38
CA LEU I 230 -8.81 40.45 61.83
C LEU I 230 -8.47 41.83 62.37
N ALA I 231 -7.28 42.34 62.03
CA ALA I 231 -6.85 43.64 62.56
C ALA I 231 -7.93 44.69 62.33
N TRP I 232 -8.49 44.72 61.12
CA TRP I 232 -9.58 45.65 60.84
C TRP I 232 -10.79 45.38 61.72
N GLU I 233 -11.11 44.10 61.94
CA GLU I 233 -12.28 43.76 62.75
C GLU I 233 -12.14 44.26 64.18
N GLU I 234 -11.01 43.93 64.83
CA GLU I 234 -10.81 44.44 66.19
C GLU I 234 -10.73 45.96 66.22
N ARG I 235 -10.06 46.58 65.25
CA ARG I 235 -9.98 48.04 65.24
C ARG I 235 -11.37 48.66 65.18
N ARG I 236 -12.21 48.17 64.25
CA ARG I 236 -13.55 48.73 64.11
C ARG I 236 -14.39 48.48 65.36
N MET I 237 -14.36 47.26 65.90
CA MET I 237 -15.18 46.95 67.07
C MET I 237 -14.76 47.79 68.26
N ARG I 238 -13.46 47.97 68.48
CA ARG I 238 -13.01 48.74 69.62
C ARG I 238 -13.31 50.22 69.44
N ARG I 239 -13.04 50.77 68.25
CA ARG I 239 -13.30 52.19 68.02
C ARG I 239 -14.79 52.48 67.96
N GLU I 240 -15.56 51.60 67.33
CA GLU I 240 -17.01 51.78 67.25
C GLU I 240 -17.72 51.00 68.34
ZN ZN L . 20.03 -23.25 30.96
ZN ZN M . -44.16 -0.76 20.54
MG MG N . 14.61 2.09 -4.71
FE1 SF4 O . -26.05 45.94 24.36
FE2 SF4 O . -27.23 48.39 24.62
FE3 SF4 O . -27.97 46.73 22.58
FE4 SF4 O . -25.51 47.92 22.55
S1 SF4 O . -27.53 48.96 22.44
S2 SF4 O . -25.98 45.74 22.09
S3 SF4 O . -25.01 47.93 24.77
S4 SF4 O . -28.24 46.36 24.81
ZN ZN P . -12.03 30.85 37.98
#